data_6TVF
#
_entry.id   6TVF
#
_cell.length_a   69.815
_cell.length_b   214.138
_cell.length_c   158.394
_cell.angle_alpha   90.000
_cell.angle_beta   101.070
_cell.angle_gamma   90.000
#
_symmetry.space_group_name_H-M   'P 1 21 1'
#
loop_
_entity.id
_entity.type
_entity.pdbx_description
1 polymer 'Hemagglutinin HA1'
2 polymer 'Hemagglutinin HA2'
3 branched 'N-acetyl-alpha-neuraminic acid-(2-6)-beta-D-galactopyranose-(1-4)-2-acetamido-2-deoxy-beta-D-glucopyranose'
4 branched 'N-acetyl-alpha-neuraminic acid-(2-6)-beta-D-galactopyranose'
5 branched 2-acetamido-2-deoxy-beta-D-glucopyranose-(1-4)-2-acetamido-2-deoxy-beta-D-glucopyranose
6 non-polymer 'CALCIUM ION'
7 non-polymer 2-acetamido-2-deoxy-beta-D-glucopyranose
8 non-polymer 'N-acetyl-alpha-neuraminic acid'
9 water water
#
loop_
_entity_poly.entity_id
_entity_poly.type
_entity_poly.pdbx_seq_one_letter_code
_entity_poly.pdbx_strand_id
1 'polypeptide(L)'
;DPDKICLGHHAVANGTIVKTLTNEQEEVTNATETVESTSLNRLCMKGRNHKDLGNCHPIGMLIGTPACDLHLTGTWDTLI
ERKNAIAYCYPGATVNEEALRQKIMESGGISKINTGFTYGSSINSAGTTKACMRNGGNSFYAELKWLVSKNKGQNFPQTT
NTYRNADTAEHLIMWGIHHPSSTQEKNDLYGTQSLSISVGSSTYKNNFVPVVGARPQVNGQSGRIDFHWTLVQPGDKITF
SHNGGLIAPSRVSKLIGRGLGIQSEAPIDNSCESKCFWRGGSINTRLPFQNLSPRTVGQCPKYVNKKSLMLATGMRNVPE
LVQGR
;
A,C,E,G,I,K
2 'polypeptide(L)'
;GLFGAIAGFIENGWEGMVDGWYGFRHQNAQGTGQAADYKSTQAAIDQITGKLNRIIKKTNTEFESIESEFSEIDHQIGNV
INWTKDSITDIWTYQAELLVAMENQHTIDMADSEMLNLYERVRKQLRQNAEEDGKGCFEIYHACDDSCMESIRNNTYDHS
QYREEALLNRLNINPVK
;
B,D,F,H,J,L
#
loop_
_chem_comp.id
_chem_comp.type
_chem_comp.name
_chem_comp.formula
CA non-polymer 'CALCIUM ION' 'Ca 2'
GAL D-saccharide, beta linking beta-D-galactopyranose 'C6 H12 O6'
NAG D-saccharide, beta linking 2-acetamido-2-deoxy-beta-D-glucopyranose 'C8 H15 N O6'
SIA D-saccharide, alpha linking 'N-acetyl-alpha-neuraminic acid' 'C11 H19 N O9'
#
# COMPACT_ATOMS: atom_id res chain seq x y z
N ASP A 1 -13.84 70.07 10.97
CA ASP A 1 -12.72 70.20 11.96
C ASP A 1 -12.04 68.84 12.14
N PRO A 2 -12.74 67.78 12.60
CA PRO A 2 -12.06 66.54 12.98
C PRO A 2 -11.90 65.54 11.82
N ASP A 3 -10.73 64.89 11.76
CA ASP A 3 -10.46 63.66 10.95
C ASP A 3 -11.40 62.55 11.47
N LYS A 4 -11.94 61.71 10.60
CA LYS A 4 -12.83 60.59 11.01
C LYS A 4 -12.38 59.32 10.31
N ILE A 5 -12.59 58.17 10.97
CA ILE A 5 -12.46 56.81 10.35
C ILE A 5 -13.79 56.08 10.51
N CYS A 6 -14.38 55.68 9.38
CA CYS A 6 -15.69 54.99 9.30
C CYS A 6 -15.48 53.52 9.02
N LEU A 7 -16.27 52.66 9.66
CA LEU A 7 -16.23 51.19 9.47
C LEU A 7 -17.50 50.79 8.72
N GLY A 8 -17.38 49.79 7.85
CA GLY A 8 -18.50 49.35 7.00
C GLY A 8 -18.24 48.00 6.39
N HIS A 9 -19.20 47.55 5.57
CA HIS A 9 -19.21 46.21 4.93
C HIS A 9 -19.63 46.37 3.47
N HIS A 10 -19.31 45.38 2.65
CA HIS A 10 -19.60 45.39 1.19
C HIS A 10 -21.11 45.25 0.97
N ALA A 11 -21.54 45.51 -0.25
CA ALA A 11 -22.91 45.28 -0.76
C ALA A 11 -22.82 45.02 -2.26
N VAL A 12 -23.95 44.67 -2.87
CA VAL A 12 -24.04 44.40 -4.33
C VAL A 12 -25.37 44.98 -4.81
N ALA A 13 -25.46 45.34 -6.09
CA ALA A 13 -26.67 45.96 -6.67
C ALA A 13 -27.76 44.89 -6.75
N ASN A 14 -27.40 43.71 -7.28
CA ASN A 14 -28.29 42.55 -7.55
C ASN A 14 -28.08 41.50 -6.44
N GLY A 15 -28.89 41.58 -5.38
CA GLY A 15 -28.88 40.63 -4.24
C GLY A 15 -29.74 39.41 -4.51
N THR A 16 -29.73 38.43 -3.60
CA THR A 16 -30.48 37.14 -3.69
C THR A 16 -31.40 36.97 -2.48
N ILE A 17 -32.63 36.50 -2.72
CA ILE A 17 -33.65 36.23 -1.65
C ILE A 17 -33.39 34.83 -1.10
N VAL A 18 -33.39 34.68 0.22
CA VAL A 18 -33.29 33.38 0.95
C VAL A 18 -34.30 33.40 2.10
N LYS A 19 -34.67 32.23 2.61
CA LYS A 19 -35.58 32.05 3.77
C LYS A 19 -34.71 31.85 5.02
N THR A 20 -35.09 32.50 6.13
CA THR A 20 -34.50 32.32 7.47
C THR A 20 -35.59 31.80 8.41
N LEU A 21 -35.28 31.61 9.70
CA LEU A 21 -36.26 31.10 10.69
C LEU A 21 -37.42 32.11 10.82
N THR A 22 -37.13 33.40 10.64
CA THR A 22 -38.04 34.52 11.01
C THR A 22 -38.55 35.28 9.79
N ASN A 23 -37.91 35.16 8.62
CA ASN A 23 -38.20 36.03 7.45
C ASN A 23 -38.17 35.19 6.18
N GLU A 24 -39.24 35.27 5.38
CA GLU A 24 -39.44 34.51 4.12
C GLU A 24 -38.70 35.19 2.97
N GLN A 25 -38.50 36.52 3.05
CA GLN A 25 -37.93 37.37 1.97
C GLN A 25 -36.70 38.13 2.49
N GLU A 26 -35.59 37.44 2.74
CA GLU A 26 -34.35 38.06 3.26
C GLU A 26 -33.33 38.19 2.12
N GLU A 27 -32.90 39.41 1.81
CA GLU A 27 -31.92 39.68 0.71
C GLU A 27 -30.50 39.56 1.27
N VAL A 28 -29.65 38.76 0.62
CA VAL A 28 -28.21 38.56 1.02
C VAL A 28 -27.33 38.76 -0.21
N THR A 29 -26.01 38.84 -0.03
CA THR A 29 -25.03 39.21 -1.08
C THR A 29 -24.85 38.07 -2.06
N ASN A 30 -24.95 36.81 -1.61
CA ASN A 30 -24.74 35.60 -2.44
C ASN A 30 -25.52 34.45 -1.79
N ALA A 31 -25.86 33.43 -2.58
CA ALA A 31 -26.50 32.17 -2.11
C ALA A 31 -26.19 31.06 -3.11
N THR A 32 -26.30 29.79 -2.71
CA THR A 32 -26.15 28.61 -3.59
C THR A 32 -27.34 27.67 -3.35
N GLU A 33 -27.71 26.90 -4.38
CA GLU A 33 -28.84 25.94 -4.37
C GLU A 33 -28.42 24.69 -3.60
N THR A 34 -29.34 24.06 -2.87
CA THR A 34 -29.14 22.79 -2.13
C THR A 34 -29.98 21.65 -2.73
N VAL A 35 -30.93 21.95 -3.61
CA VAL A 35 -31.85 20.95 -4.25
C VAL A 35 -31.57 20.86 -5.75
N GLU A 36 -31.17 19.68 -6.24
CA GLU A 36 -30.90 19.42 -7.68
C GLU A 36 -32.23 19.19 -8.43
N SER A 37 -32.43 19.94 -9.53
CA SER A 37 -33.60 19.89 -10.43
C SER A 37 -33.20 19.28 -11.78
N THR A 38 -31.93 19.39 -12.17
CA THR A 38 -31.38 18.98 -13.48
C THR A 38 -31.08 17.48 -13.44
N SER A 39 -31.42 16.77 -14.53
CA SER A 39 -31.15 15.32 -14.73
C SER A 39 -30.27 15.15 -15.97
N LEU A 40 -29.53 14.05 -16.03
CA LEU A 40 -28.85 13.54 -17.25
C LEU A 40 -29.65 12.34 -17.76
N ASN A 41 -30.27 12.43 -18.95
CA ASN A 41 -31.02 11.31 -19.59
C ASN A 41 -30.02 10.33 -20.23
N ARG A 42 -29.06 9.84 -19.44
CA ARG A 42 -28.10 8.77 -19.84
C ARG A 42 -27.68 7.98 -18.61
N LEU A 43 -27.16 6.76 -18.79
CA LEU A 43 -26.63 5.93 -17.69
C LEU A 43 -25.10 6.05 -17.69
N CYS A 44 -24.56 6.86 -16.79
CA CYS A 44 -23.09 7.10 -16.65
C CYS A 44 -22.42 5.84 -16.10
N MET A 45 -21.67 5.14 -16.95
CA MET A 45 -21.18 3.75 -16.69
C MET A 45 -19.65 3.68 -16.80
N LYS A 46 -18.96 4.80 -16.62
CA LYS A 46 -17.47 4.81 -16.62
C LYS A 46 -16.99 4.19 -15.32
N GLY A 47 -15.92 3.39 -15.39
CA GLY A 47 -15.34 2.67 -14.24
C GLY A 47 -16.25 1.56 -13.71
N ARG A 48 -17.24 1.17 -14.51
CA ARG A 48 -18.23 0.10 -14.17
C ARG A 48 -18.18 -1.01 -15.22
N ASN A 49 -17.92 -2.25 -14.80
CA ASN A 49 -18.08 -3.48 -15.62
C ASN A 49 -19.58 -3.78 -15.72
N HIS A 50 -20.29 -3.05 -16.56
CA HIS A 50 -21.78 -3.09 -16.70
C HIS A 50 -22.20 -4.14 -17.73
N LYS A 51 -23.47 -4.52 -17.70
CA LYS A 51 -24.12 -5.47 -18.65
C LYS A 51 -25.53 -4.95 -18.95
N ASP A 52 -25.75 -4.49 -20.20
CA ASP A 52 -27.08 -4.06 -20.70
C ASP A 52 -27.81 -5.30 -21.22
N LEU A 53 -28.87 -5.72 -20.55
CA LEU A 53 -29.67 -6.91 -20.94
C LEU A 53 -30.47 -6.60 -22.20
N GLY A 54 -30.81 -5.34 -22.43
CA GLY A 54 -31.64 -4.91 -23.57
C GLY A 54 -32.96 -5.67 -23.60
N ASN A 55 -33.13 -6.52 -24.61
CA ASN A 55 -34.38 -7.28 -24.91
C ASN A 55 -34.57 -8.40 -23.88
N CYS A 56 -33.50 -8.83 -23.20
CA CYS A 56 -33.48 -9.98 -22.25
C CYS A 56 -33.95 -9.55 -20.85
N HIS A 57 -34.90 -10.30 -20.27
CA HIS A 57 -35.39 -10.13 -18.87
C HIS A 57 -34.47 -10.94 -17.95
N PRO A 58 -34.15 -10.45 -16.74
CA PRO A 58 -33.17 -11.14 -15.89
C PRO A 58 -33.51 -12.61 -15.63
N ILE A 59 -34.79 -12.93 -15.40
CA ILE A 59 -35.28 -14.33 -15.16
C ILE A 59 -34.95 -15.18 -16.39
N GLY A 60 -35.04 -14.60 -17.58
CA GLY A 60 -34.74 -15.26 -18.86
C GLY A 60 -33.33 -15.81 -18.93
N MET A 61 -32.37 -15.21 -18.22
CA MET A 61 -30.95 -15.63 -18.26
C MET A 61 -30.81 -16.97 -17.52
N LEU A 62 -31.72 -17.28 -16.59
CA LEU A 62 -31.65 -18.49 -15.74
C LEU A 62 -32.22 -19.70 -16.49
N ILE A 63 -33.28 -19.48 -17.27
CA ILE A 63 -34.01 -20.55 -18.02
C ILE A 63 -33.51 -20.59 -19.47
N GLY A 64 -32.93 -19.51 -19.96
CA GLY A 64 -32.28 -19.47 -21.29
C GLY A 64 -33.28 -19.27 -22.41
N THR A 65 -34.03 -18.17 -22.37
CA THR A 65 -34.91 -17.70 -23.46
C THR A 65 -34.04 -17.35 -24.67
N PRO A 66 -34.52 -17.57 -25.93
CA PRO A 66 -33.78 -17.16 -27.12
C PRO A 66 -33.15 -15.77 -27.02
N ALA A 67 -33.93 -14.78 -26.57
CA ALA A 67 -33.51 -13.37 -26.40
C ALA A 67 -32.28 -13.25 -25.49
N CYS A 68 -32.06 -14.21 -24.58
CA CYS A 68 -31.03 -14.14 -23.51
C CYS A 68 -29.81 -15.01 -23.83
N ASP A 69 -29.63 -15.41 -25.08
CA ASP A 69 -28.55 -16.37 -25.47
C ASP A 69 -27.17 -15.75 -25.18
N LEU A 70 -27.01 -14.45 -25.40
CA LEU A 70 -25.74 -13.71 -25.16
C LEU A 70 -25.49 -13.53 -23.67
N HIS A 71 -26.55 -13.63 -22.85
CA HIS A 71 -26.56 -13.26 -21.40
C HIS A 71 -26.75 -14.50 -20.49
N LEU A 72 -26.39 -15.70 -20.94
CA LEU A 72 -26.60 -16.95 -20.16
C LEU A 72 -25.60 -17.05 -19.01
N THR A 73 -24.43 -16.43 -19.13
CA THR A 73 -23.36 -16.39 -18.11
C THR A 73 -22.64 -15.03 -18.17
N GLY A 74 -21.63 -14.84 -17.32
CA GLY A 74 -20.79 -13.63 -17.30
C GLY A 74 -20.66 -13.04 -15.90
N THR A 75 -19.86 -11.99 -15.75
CA THR A 75 -19.66 -11.24 -14.49
C THR A 75 -19.86 -9.76 -14.76
N TRP A 76 -20.45 -9.04 -13.80
CA TRP A 76 -20.73 -7.58 -13.88
C TRP A 76 -20.75 -7.00 -12.46
N ASP A 77 -20.65 -5.68 -12.33
CA ASP A 77 -20.89 -4.95 -11.04
C ASP A 77 -22.18 -4.14 -11.17
N THR A 78 -22.70 -3.99 -12.39
CA THR A 78 -23.96 -3.24 -12.68
C THR A 78 -24.75 -4.00 -13.75
N LEU A 79 -26.05 -4.17 -13.54
CA LEU A 79 -26.95 -4.91 -14.46
C LEU A 79 -28.15 -4.04 -14.79
N ILE A 80 -28.43 -3.83 -16.08
CA ILE A 80 -29.47 -2.87 -16.56
C ILE A 80 -30.61 -3.66 -17.22
N GLU A 81 -31.81 -3.57 -16.66
CA GLU A 81 -33.06 -4.17 -17.18
C GLU A 81 -33.83 -3.08 -17.92
N ARG A 82 -34.47 -3.42 -19.04
CA ARG A 82 -35.20 -2.48 -19.93
C ARG A 82 -36.70 -2.79 -19.88
N LYS A 83 -37.51 -1.94 -20.50
CA LYS A 83 -38.99 -2.08 -20.57
C LYS A 83 -39.32 -3.17 -21.58
N ASN A 84 -40.38 -3.95 -21.31
CA ASN A 84 -40.92 -5.00 -22.21
C ASN A 84 -39.83 -6.03 -22.54
N ALA A 85 -38.89 -6.26 -21.63
CA ALA A 85 -37.86 -7.32 -21.74
C ALA A 85 -38.57 -8.68 -21.72
N ILE A 86 -38.09 -9.64 -22.52
CA ILE A 86 -38.73 -10.97 -22.72
C ILE A 86 -38.12 -11.98 -21.74
N ALA A 87 -38.96 -12.61 -20.93
CA ALA A 87 -38.57 -13.68 -19.99
C ALA A 87 -39.07 -15.02 -20.53
N TYR A 88 -40.34 -15.08 -20.95
CA TYR A 88 -41.01 -16.34 -21.36
C TYR A 88 -41.45 -16.24 -22.82
N CYS A 89 -40.82 -17.02 -23.71
CA CYS A 89 -41.25 -17.17 -25.12
C CYS A 89 -42.59 -17.93 -25.13
N TYR A 90 -42.64 -19.07 -24.46
CA TYR A 90 -43.88 -19.87 -24.23
C TYR A 90 -44.61 -19.28 -23.03
N PRO A 91 -45.94 -19.06 -23.09
CA PRO A 91 -46.65 -18.33 -22.04
C PRO A 91 -46.57 -19.04 -20.68
N GLY A 92 -46.39 -18.27 -19.62
CA GLY A 92 -46.30 -18.77 -18.23
C GLY A 92 -45.89 -17.67 -17.27
N ALA A 93 -45.84 -18.00 -15.98
CA ALA A 93 -45.43 -17.11 -14.89
C ALA A 93 -44.47 -17.88 -13.97
N THR A 94 -43.72 -17.15 -13.15
CA THR A 94 -42.81 -17.72 -12.12
C THR A 94 -43.40 -17.43 -10.74
N VAL A 95 -43.51 -18.44 -9.89
CA VAL A 95 -43.94 -18.27 -8.47
C VAL A 95 -42.82 -17.51 -7.76
N ASN A 96 -43.18 -16.46 -7.01
CA ASN A 96 -42.21 -15.50 -6.39
C ASN A 96 -41.36 -14.89 -7.49
N GLU A 97 -42.00 -14.42 -8.57
CA GLU A 97 -41.33 -13.80 -9.75
C GLU A 97 -40.48 -12.63 -9.25
N GLU A 98 -41.09 -11.72 -8.49
CA GLU A 98 -40.45 -10.44 -8.08
C GLU A 98 -39.26 -10.72 -7.15
N ALA A 99 -39.41 -11.66 -6.22
CA ALA A 99 -38.33 -12.10 -5.30
C ALA A 99 -37.12 -12.58 -6.10
N LEU A 100 -37.34 -13.36 -7.16
CA LEU A 100 -36.26 -13.96 -8.00
C LEU A 100 -35.58 -12.86 -8.81
N ARG A 101 -36.34 -11.96 -9.44
CA ARG A 101 -35.81 -10.84 -10.26
C ARG A 101 -34.91 -9.97 -9.39
N GLN A 102 -35.38 -9.58 -8.20
CA GLN A 102 -34.62 -8.72 -7.24
C GLN A 102 -33.31 -9.42 -6.88
N LYS A 103 -33.34 -10.75 -6.71
CA LYS A 103 -32.15 -11.57 -6.33
C LYS A 103 -31.10 -11.51 -7.43
N ILE A 104 -31.54 -11.60 -8.70
CA ILE A 104 -30.64 -11.59 -9.90
C ILE A 104 -30.02 -10.20 -10.03
N MET A 105 -30.82 -9.14 -9.85
CA MET A 105 -30.39 -7.73 -10.04
C MET A 105 -29.39 -7.33 -8.94
N GLU A 106 -29.48 -7.98 -7.78
CA GLU A 106 -28.55 -7.81 -6.61
C GLU A 106 -27.19 -8.46 -6.91
N SER A 107 -27.17 -9.47 -7.79
CA SER A 107 -25.98 -10.32 -8.08
C SER A 107 -24.96 -9.55 -8.93
N GLY A 108 -23.73 -10.05 -8.97
CA GLY A 108 -22.63 -9.53 -9.79
C GLY A 108 -22.08 -10.55 -10.77
N GLY A 109 -22.96 -11.43 -11.28
CA GLY A 109 -22.57 -12.49 -12.25
C GLY A 109 -23.42 -13.75 -12.12
N ILE A 110 -23.42 -14.57 -13.18
CA ILE A 110 -24.08 -15.91 -13.23
C ILE A 110 -23.10 -16.92 -13.84
N SER A 111 -22.90 -18.06 -13.17
CA SER A 111 -22.24 -19.28 -13.72
C SER A 111 -23.31 -20.37 -13.87
N LYS A 112 -23.12 -21.26 -14.85
CA LYS A 112 -24.03 -22.41 -15.09
C LYS A 112 -23.29 -23.70 -14.77
N ILE A 113 -24.01 -24.70 -14.25
CA ILE A 113 -23.49 -26.05 -13.88
C ILE A 113 -24.46 -27.09 -14.44
N ASN A 114 -23.92 -28.09 -15.15
CA ASN A 114 -24.72 -29.19 -15.75
C ASN A 114 -25.32 -30.04 -14.62
N THR A 115 -26.60 -30.39 -14.74
CA THR A 115 -27.34 -31.18 -13.72
C THR A 115 -27.02 -32.67 -13.96
N GLY A 116 -26.77 -33.05 -15.22
CA GLY A 116 -26.33 -34.40 -15.62
C GLY A 116 -27.50 -35.34 -15.91
N PHE A 117 -28.74 -34.88 -15.67
CA PHE A 117 -30.00 -35.66 -15.74
C PHE A 117 -30.10 -36.48 -17.03
N THR A 118 -30.38 -37.77 -16.90
CA THR A 118 -30.59 -38.75 -18.01
C THR A 118 -31.99 -39.37 -17.87
N TYR A 119 -32.57 -39.80 -18.99
CA TYR A 119 -33.98 -40.29 -19.09
C TYR A 119 -34.03 -41.62 -19.87
N GLY A 120 -35.05 -42.44 -19.62
CA GLY A 120 -35.28 -43.72 -20.31
C GLY A 120 -35.53 -43.54 -21.80
N SER A 121 -35.63 -44.64 -22.56
CA SER A 121 -35.94 -44.65 -24.01
C SER A 121 -37.41 -44.26 -24.24
N SER A 122 -38.28 -44.52 -23.26
CA SER A 122 -39.74 -44.22 -23.33
C SER A 122 -40.01 -42.73 -23.08
N ILE A 123 -39.02 -41.94 -22.66
CA ILE A 123 -39.12 -40.46 -22.49
C ILE A 123 -38.42 -39.79 -23.69
N ASN A 124 -39.07 -38.78 -24.30
CA ASN A 124 -38.48 -37.85 -25.30
C ASN A 124 -38.17 -36.51 -24.60
N SER A 125 -36.88 -36.14 -24.54
CA SER A 125 -36.37 -34.97 -23.79
C SER A 125 -36.14 -33.78 -24.73
N ALA A 126 -36.38 -33.93 -26.04
CA ALA A 126 -36.05 -32.91 -27.06
C ALA A 126 -37.33 -32.20 -27.52
N GLY A 127 -38.40 -32.24 -26.72
CA GLY A 127 -39.69 -31.59 -26.99
C GLY A 127 -39.52 -30.10 -27.18
N THR A 128 -39.92 -29.56 -28.33
CA THR A 128 -39.78 -28.14 -28.71
C THR A 128 -41.15 -27.53 -28.95
N THR A 129 -41.18 -26.21 -29.19
CA THR A 129 -42.42 -25.41 -29.45
C THR A 129 -42.10 -24.32 -30.49
N LYS A 130 -43.14 -23.79 -31.13
CA LYS A 130 -43.01 -22.74 -32.17
C LYS A 130 -42.91 -21.37 -31.49
N ALA A 131 -43.30 -21.30 -30.21
CA ALA A 131 -43.25 -20.07 -29.38
C ALA A 131 -41.81 -19.67 -29.09
N CYS A 132 -40.88 -20.62 -29.00
CA CYS A 132 -39.42 -20.38 -28.73
C CYS A 132 -38.61 -20.77 -29.97
N MET A 133 -38.46 -19.85 -30.94
CA MET A 133 -37.74 -20.09 -32.21
C MET A 133 -36.27 -19.75 -32.04
N ARG A 134 -35.38 -20.59 -32.58
CA ARG A 134 -33.91 -20.42 -32.52
C ARG A 134 -33.32 -21.03 -33.80
N ASN A 135 -32.49 -20.26 -34.52
CA ASN A 135 -31.78 -20.72 -35.75
C ASN A 135 -32.81 -21.06 -36.85
N GLY A 136 -33.96 -20.36 -36.85
CA GLY A 136 -35.01 -20.53 -37.86
C GLY A 136 -36.05 -21.58 -37.49
N GLY A 137 -35.66 -22.61 -36.71
CA GLY A 137 -36.51 -23.77 -36.39
C GLY A 137 -37.08 -23.74 -34.98
N ASN A 138 -38.09 -24.57 -34.70
CA ASN A 138 -38.71 -24.77 -33.36
C ASN A 138 -37.63 -25.19 -32.37
N SER A 139 -37.74 -24.72 -31.11
CA SER A 139 -36.74 -24.94 -30.04
C SER A 139 -37.39 -24.73 -28.67
N PHE A 140 -36.58 -24.74 -27.61
CA PHE A 140 -37.04 -24.61 -26.21
C PHE A 140 -36.03 -23.81 -25.40
N TYR A 141 -36.38 -23.52 -24.15
CA TYR A 141 -35.48 -22.88 -23.15
C TYR A 141 -34.18 -23.68 -23.09
N ALA A 142 -33.04 -22.99 -23.18
CA ALA A 142 -31.69 -23.59 -23.33
C ALA A 142 -31.26 -24.35 -22.07
N GLU A 143 -31.80 -24.00 -20.91
CA GLU A 143 -31.33 -24.55 -19.60
C GLU A 143 -32.35 -25.56 -19.06
N LEU A 144 -33.40 -25.86 -19.83
CA LEU A 144 -34.45 -26.84 -19.44
C LEU A 144 -34.69 -27.81 -20.61
N LYS A 145 -35.32 -28.94 -20.32
CA LYS A 145 -35.74 -29.97 -21.31
C LYS A 145 -37.22 -30.26 -21.10
N TRP A 146 -38.00 -30.29 -22.19
CA TRP A 146 -39.44 -30.67 -22.16
C TRP A 146 -39.53 -32.19 -22.29
N LEU A 147 -39.93 -32.87 -21.21
CA LEU A 147 -40.06 -34.34 -21.15
C LEU A 147 -41.51 -34.72 -21.48
N VAL A 148 -41.67 -35.55 -22.52
CA VAL A 148 -42.96 -36.07 -23.04
C VAL A 148 -42.76 -37.56 -23.37
N SER A 149 -43.84 -38.35 -23.42
CA SER A 149 -43.78 -39.80 -23.78
C SER A 149 -43.44 -39.92 -25.27
N LYS A 150 -42.60 -40.89 -25.64
CA LYS A 150 -42.08 -41.02 -27.04
C LYS A 150 -43.21 -41.55 -27.93
N ASN A 151 -43.98 -42.51 -27.41
CA ASN A 151 -45.18 -43.09 -28.07
C ASN A 151 -46.39 -42.27 -27.61
N LYS A 152 -46.97 -41.48 -28.52
CA LYS A 152 -48.14 -40.61 -28.24
C LYS A 152 -49.24 -41.41 -27.52
N GLY A 153 -49.78 -40.88 -26.41
CA GLY A 153 -50.89 -41.48 -25.66
C GLY A 153 -50.43 -42.43 -24.57
N GLN A 154 -49.21 -42.99 -24.71
CA GLN A 154 -48.58 -43.92 -23.74
C GLN A 154 -48.33 -43.18 -22.42
N ASN A 155 -48.53 -43.86 -21.29
CA ASN A 155 -48.28 -43.34 -19.93
C ASN A 155 -46.78 -43.05 -19.74
N PHE A 156 -46.47 -41.84 -19.26
CA PHE A 156 -45.11 -41.37 -18.93
C PHE A 156 -44.55 -42.21 -17.77
N PRO A 157 -43.32 -42.75 -17.88
CA PRO A 157 -42.75 -43.56 -16.80
C PRO A 157 -42.46 -42.75 -15.54
N GLN A 158 -42.64 -43.37 -14.37
CA GLN A 158 -42.35 -42.77 -13.03
C GLN A 158 -40.83 -42.66 -12.85
N THR A 159 -40.19 -41.61 -13.40
CA THR A 159 -38.72 -41.45 -13.33
C THR A 159 -38.34 -40.58 -12.12
N THR A 160 -37.09 -40.69 -11.66
CA THR A 160 -36.53 -39.97 -10.48
C THR A 160 -35.14 -39.45 -10.84
N ASN A 161 -34.96 -38.12 -10.79
CA ASN A 161 -33.68 -37.42 -11.06
C ASN A 161 -33.26 -36.65 -9.81
N THR A 162 -31.97 -36.68 -9.46
CA THR A 162 -31.42 -36.05 -8.23
C THR A 162 -30.16 -35.26 -8.59
N TYR A 163 -30.17 -33.96 -8.30
CA TYR A 163 -29.00 -33.06 -8.46
C TYR A 163 -28.35 -32.86 -7.09
N ARG A 164 -27.02 -33.03 -7.02
CA ARG A 164 -26.20 -32.77 -5.81
C ARG A 164 -25.35 -31.54 -6.08
N ASN A 165 -25.24 -30.66 -5.07
CA ASN A 165 -24.37 -29.46 -5.11
C ASN A 165 -22.96 -29.85 -4.64
N ALA A 166 -22.05 -30.04 -5.58
CA ALA A 166 -20.64 -30.43 -5.36
C ALA A 166 -19.80 -29.20 -4.96
N ASP A 167 -20.35 -28.00 -5.18
CA ASP A 167 -19.68 -26.68 -5.01
C ASP A 167 -19.67 -26.30 -3.53
N THR A 168 -18.97 -25.22 -3.18
CA THR A 168 -18.84 -24.68 -1.79
C THR A 168 -19.84 -23.53 -1.56
N ALA A 169 -20.53 -23.07 -2.62
CA ALA A 169 -21.52 -21.96 -2.58
C ALA A 169 -22.91 -22.46 -2.99
N GLU A 170 -23.97 -21.77 -2.59
CA GLU A 170 -25.39 -22.17 -2.87
C GLU A 170 -25.68 -22.02 -4.37
N HIS A 171 -26.50 -22.93 -4.90
CA HIS A 171 -26.88 -23.01 -6.34
C HIS A 171 -28.39 -22.77 -6.46
N LEU A 172 -28.81 -22.03 -7.49
CA LEU A 172 -30.23 -21.67 -7.74
C LEU A 172 -30.76 -22.59 -8.84
N ILE A 173 -31.63 -23.52 -8.47
CA ILE A 173 -32.24 -24.50 -9.42
C ILE A 173 -33.64 -24.01 -9.79
N MET A 174 -33.94 -23.97 -11.09
CA MET A 174 -35.28 -23.64 -11.63
C MET A 174 -35.82 -24.84 -12.40
N TRP A 175 -37.11 -25.12 -12.26
CA TRP A 175 -37.84 -26.11 -13.08
C TRP A 175 -39.20 -25.51 -13.44
N GLY A 176 -39.87 -26.12 -14.42
CA GLY A 176 -41.22 -25.73 -14.87
C GLY A 176 -42.19 -26.88 -14.74
N ILE A 177 -43.48 -26.54 -14.61
CA ILE A 177 -44.62 -27.50 -14.66
C ILE A 177 -45.48 -27.10 -15.85
N HIS A 178 -45.64 -27.99 -16.82
CA HIS A 178 -46.52 -27.78 -18.00
C HIS A 178 -47.97 -27.98 -17.57
N HIS A 179 -48.85 -27.06 -17.96
CA HIS A 179 -50.32 -27.09 -17.73
C HIS A 179 -51.03 -27.21 -19.07
N PRO A 180 -51.45 -28.42 -19.51
CA PRO A 180 -52.10 -28.60 -20.81
C PRO A 180 -53.45 -27.87 -20.96
N SER A 181 -53.84 -27.59 -22.21
CA SER A 181 -55.02 -26.77 -22.61
C SER A 181 -56.31 -27.60 -22.61
N SER A 182 -56.22 -28.91 -22.86
CA SER A 182 -57.38 -29.85 -22.93
C SER A 182 -56.98 -31.19 -22.31
N THR A 183 -57.97 -32.05 -22.01
CA THR A 183 -57.75 -33.45 -21.52
C THR A 183 -57.10 -34.28 -22.63
N GLN A 184 -57.47 -34.04 -23.89
CA GLN A 184 -56.93 -34.74 -25.10
C GLN A 184 -55.42 -34.50 -25.17
N GLU A 185 -55.00 -33.24 -25.06
CA GLU A 185 -53.59 -32.78 -25.13
C GLU A 185 -52.79 -33.46 -24.01
N LYS A 186 -53.35 -33.51 -22.78
CA LYS A 186 -52.70 -34.10 -21.60
C LYS A 186 -52.38 -35.57 -21.89
N ASN A 187 -53.36 -36.32 -22.41
CA ASN A 187 -53.31 -37.79 -22.62
C ASN A 187 -52.27 -38.13 -23.68
N ASP A 188 -52.16 -37.32 -24.75
CA ASP A 188 -51.21 -37.57 -25.86
C ASP A 188 -49.76 -37.41 -25.34
N LEU A 189 -49.52 -36.46 -24.41
CA LEU A 189 -48.14 -36.09 -23.96
C LEU A 189 -47.70 -36.95 -22.77
N TYR A 190 -48.55 -37.11 -21.75
CA TYR A 190 -48.16 -37.74 -20.45
C TYR A 190 -49.00 -38.99 -20.14
N GLY A 191 -50.02 -39.29 -20.96
CA GLY A 191 -50.86 -40.49 -20.80
C GLY A 191 -52.09 -40.23 -19.95
N THR A 192 -52.85 -41.30 -19.72
CA THR A 192 -54.19 -41.30 -19.08
C THR A 192 -54.07 -41.19 -17.55
N GLN A 193 -52.93 -41.60 -16.97
CA GLN A 193 -52.67 -41.65 -15.51
C GLN A 193 -52.80 -40.26 -14.90
N SER A 194 -53.16 -40.19 -13.61
CA SER A 194 -53.13 -38.96 -12.78
C SER A 194 -51.67 -38.52 -12.58
N LEU A 195 -51.38 -37.24 -12.80
CA LEU A 195 -49.99 -36.70 -12.80
C LEU A 195 -49.66 -36.14 -11.42
N SER A 196 -48.45 -36.42 -10.92
CA SER A 196 -47.88 -35.86 -9.68
C SER A 196 -46.38 -35.59 -9.88
N ILE A 197 -45.96 -34.34 -9.65
CA ILE A 197 -44.52 -33.94 -9.61
C ILE A 197 -44.18 -33.56 -8.18
N SER A 198 -43.32 -34.35 -7.54
CA SER A 198 -42.80 -34.12 -6.16
C SER A 198 -41.34 -33.66 -6.25
N VAL A 199 -41.03 -32.55 -5.59
CA VAL A 199 -39.65 -32.00 -5.48
C VAL A 199 -39.27 -32.04 -3.99
N GLY A 200 -38.04 -32.46 -3.70
CA GLY A 200 -37.59 -32.69 -2.32
C GLY A 200 -36.10 -32.41 -2.16
N SER A 201 -35.77 -31.56 -1.18
CA SER A 201 -34.39 -31.34 -0.67
C SER A 201 -34.43 -31.37 0.87
N SER A 202 -33.32 -31.07 1.53
CA SER A 202 -33.25 -30.93 3.01
C SER A 202 -34.03 -29.70 3.48
N THR A 203 -34.07 -28.63 2.67
CA THR A 203 -34.62 -27.29 3.04
C THR A 203 -35.90 -26.97 2.26
N TYR A 204 -36.28 -27.79 1.27
CA TYR A 204 -37.44 -27.52 0.37
C TYR A 204 -38.20 -28.82 0.12
N LYS A 205 -39.52 -28.71 0.00
CA LYS A 205 -40.46 -29.83 -0.26
C LYS A 205 -41.75 -29.25 -0.85
N ASN A 206 -42.28 -29.86 -1.90
CA ASN A 206 -43.51 -29.38 -2.58
C ASN A 206 -44.01 -30.44 -3.57
N ASN A 207 -45.33 -30.53 -3.74
CA ASN A 207 -45.99 -31.32 -4.80
C ASN A 207 -46.63 -30.37 -5.81
N PHE A 208 -46.62 -30.75 -7.08
CA PHE A 208 -47.22 -29.98 -8.20
C PHE A 208 -48.13 -30.92 -9.00
N VAL A 209 -49.40 -30.53 -9.13
CA VAL A 209 -50.40 -31.20 -10.02
C VAL A 209 -50.60 -30.31 -11.24
N PRO A 210 -50.31 -30.79 -12.47
CA PRO A 210 -50.64 -30.05 -13.69
C PRO A 210 -52.15 -29.79 -13.76
N VAL A 211 -52.56 -28.51 -13.71
CA VAL A 211 -53.96 -28.06 -13.94
C VAL A 211 -54.21 -28.09 -15.46
N VAL A 212 -55.33 -28.72 -15.86
CA VAL A 212 -55.72 -28.94 -17.28
C VAL A 212 -57.11 -28.32 -17.47
N GLY A 213 -57.20 -27.32 -18.35
CA GLY A 213 -58.42 -26.51 -18.56
C GLY A 213 -58.26 -25.55 -19.72
N ALA A 214 -59.36 -25.27 -20.44
CA ALA A 214 -59.41 -24.34 -21.60
C ALA A 214 -59.11 -22.91 -21.12
N ARG A 215 -58.31 -22.18 -21.90
CA ARG A 215 -57.91 -20.78 -21.61
C ARG A 215 -57.47 -20.11 -22.92
N PRO A 216 -57.51 -18.76 -22.98
CA PRO A 216 -57.07 -18.02 -24.17
C PRO A 216 -55.66 -18.39 -24.66
N GLN A 217 -55.40 -18.16 -25.94
CA GLN A 217 -54.04 -18.29 -26.55
C GLN A 217 -53.21 -17.04 -26.21
N VAL A 218 -51.96 -17.25 -25.82
CA VAL A 218 -50.89 -16.20 -25.68
C VAL A 218 -49.70 -16.68 -26.52
N ASN A 219 -49.22 -15.84 -27.46
CA ASN A 219 -48.18 -16.23 -28.46
C ASN A 219 -48.61 -17.51 -29.18
N GLY A 220 -49.93 -17.66 -29.43
CA GLY A 220 -50.52 -18.78 -30.19
C GLY A 220 -50.46 -20.11 -29.46
N GLN A 221 -50.46 -20.09 -28.11
CA GLN A 221 -50.43 -21.30 -27.26
C GLN A 221 -51.45 -21.18 -26.12
N SER A 222 -52.38 -22.13 -26.00
CA SER A 222 -53.36 -22.22 -24.88
C SER A 222 -52.70 -22.89 -23.67
N GLY A 223 -51.64 -23.68 -23.89
CA GLY A 223 -50.83 -24.30 -22.82
C GLY A 223 -50.03 -23.27 -22.04
N ARG A 224 -49.71 -23.57 -20.78
CA ARG A 224 -48.93 -22.69 -19.87
C ARG A 224 -47.76 -23.49 -19.28
N ILE A 225 -46.58 -22.90 -19.18
CA ILE A 225 -45.44 -23.48 -18.41
C ILE A 225 -45.09 -22.50 -17.28
N ASP A 226 -45.51 -22.83 -16.06
CA ASP A 226 -45.22 -22.03 -14.85
CA ASP A 226 -45.22 -22.03 -14.85
C ASP A 226 -43.90 -22.51 -14.24
N PHE A 227 -43.01 -21.58 -13.89
CA PHE A 227 -41.67 -21.88 -13.34
C PHE A 227 -41.70 -21.82 -11.81
N HIS A 228 -40.89 -22.65 -11.19
CA HIS A 228 -40.63 -22.66 -9.73
C HIS A 228 -39.12 -22.69 -9.52
N TRP A 229 -38.66 -22.24 -8.35
CA TRP A 229 -37.22 -22.15 -8.04
C TRP A 229 -37.01 -22.31 -6.53
N THR A 230 -35.80 -22.69 -6.17
CA THR A 230 -35.32 -22.81 -4.77
C THR A 230 -33.79 -22.77 -4.79
N LEU A 231 -33.19 -22.48 -3.64
CA LEU A 231 -31.72 -22.55 -3.45
C LEU A 231 -31.37 -23.93 -2.91
N VAL A 232 -30.30 -24.54 -3.45
CA VAL A 232 -29.75 -25.84 -3.00
C VAL A 232 -28.41 -25.57 -2.31
N GLN A 233 -28.33 -25.85 -1.01
CA GLN A 233 -27.15 -25.53 -0.17
C GLN A 233 -25.99 -26.44 -0.55
N PRO A 234 -24.72 -26.03 -0.30
CA PRO A 234 -23.55 -26.88 -0.59
C PRO A 234 -23.66 -28.27 0.08
N GLY A 235 -23.38 -29.33 -0.69
CA GLY A 235 -23.35 -30.72 -0.24
C GLY A 235 -24.73 -31.36 -0.19
N ASP A 236 -25.78 -30.60 -0.46
CA ASP A 236 -27.20 -31.04 -0.37
C ASP A 236 -27.66 -31.52 -1.75
N LYS A 237 -28.68 -32.38 -1.79
CA LYS A 237 -29.26 -32.92 -3.04
C LYS A 237 -30.73 -32.50 -3.14
N ILE A 238 -31.23 -32.33 -4.35
CA ILE A 238 -32.67 -32.07 -4.65
C ILE A 238 -33.16 -33.15 -5.62
N THR A 239 -34.27 -33.81 -5.28
CA THR A 239 -34.81 -34.99 -5.99
C THR A 239 -36.16 -34.64 -6.63
N PHE A 240 -36.31 -34.90 -7.93
CA PHE A 240 -37.56 -34.75 -8.70
C PHE A 240 -38.18 -36.13 -8.92
N SER A 241 -39.30 -36.41 -8.24
CA SER A 241 -40.20 -37.56 -8.53
C SER A 241 -41.32 -37.06 -9.42
N HIS A 242 -41.39 -37.51 -10.67
CA HIS A 242 -42.41 -37.06 -11.66
C HIS A 242 -42.88 -38.23 -12.53
N ASN A 243 -44.16 -38.19 -12.96
CA ASN A 243 -44.77 -39.14 -13.93
C ASN A 243 -45.35 -38.33 -15.09
N GLY A 244 -44.70 -37.24 -15.48
CA GLY A 244 -45.07 -36.40 -16.63
C GLY A 244 -45.58 -35.04 -16.20
N GLY A 245 -45.27 -34.00 -16.98
CA GLY A 245 -45.67 -32.61 -16.69
C GLY A 245 -44.53 -31.78 -16.16
N LEU A 246 -43.39 -32.42 -15.83
CA LEU A 246 -42.19 -31.70 -15.34
C LEU A 246 -41.38 -31.19 -16.53
N ILE A 247 -41.00 -29.91 -16.49
CA ILE A 247 -39.95 -29.31 -17.36
C ILE A 247 -38.65 -29.28 -16.55
N ALA A 248 -37.73 -30.21 -16.83
CA ALA A 248 -36.57 -30.53 -15.97
C ALA A 248 -35.41 -29.64 -16.36
N PRO A 249 -34.57 -29.23 -15.38
CA PRO A 249 -33.38 -28.43 -15.69
C PRO A 249 -32.23 -29.25 -16.27
N SER A 250 -31.66 -28.82 -17.41
CA SER A 250 -30.38 -29.33 -17.97
C SER A 250 -29.23 -28.71 -17.17
N ARG A 251 -29.31 -27.41 -16.86
CA ARG A 251 -28.30 -26.68 -16.05
C ARG A 251 -28.97 -25.94 -14.87
N VAL A 252 -28.24 -25.81 -13.77
CA VAL A 252 -28.61 -24.92 -12.62
C VAL A 252 -27.71 -23.69 -12.66
N SER A 253 -28.12 -22.62 -11.96
CA SER A 253 -27.45 -21.30 -11.99
C SER A 253 -26.76 -21.08 -10.63
N LYS A 254 -25.64 -20.36 -10.63
CA LYS A 254 -24.95 -19.87 -9.41
C LYS A 254 -24.76 -18.36 -9.54
N LEU A 255 -25.39 -17.59 -8.64
CA LEU A 255 -25.25 -16.10 -8.59
C LEU A 255 -23.93 -15.78 -7.89
N ILE A 256 -23.10 -14.91 -8.48
CA ILE A 256 -21.72 -14.60 -7.99
C ILE A 256 -21.71 -13.17 -7.46
N GLY A 257 -21.32 -12.99 -6.19
CA GLY A 257 -21.00 -11.69 -5.60
C GLY A 257 -22.16 -10.72 -5.65
N ARG A 258 -21.84 -9.42 -5.68
CA ARG A 258 -22.81 -8.30 -5.49
C ARG A 258 -22.71 -7.33 -6.68
N GLY A 259 -23.84 -6.73 -7.04
CA GLY A 259 -23.93 -5.73 -8.11
C GLY A 259 -25.09 -4.77 -7.93
N LEU A 260 -25.11 -3.70 -8.71
CA LEU A 260 -26.17 -2.67 -8.68
C LEU A 260 -27.16 -2.93 -9.81
N GLY A 261 -28.44 -3.10 -9.47
CA GLY A 261 -29.53 -3.37 -10.42
C GLY A 261 -30.30 -2.10 -10.78
N ILE A 262 -30.23 -1.70 -12.05
CA ILE A 262 -30.89 -0.47 -12.57
C ILE A 262 -31.99 -0.85 -13.57
N GLN A 263 -33.22 -0.39 -13.31
CA GLN A 263 -34.34 -0.41 -14.29
C GLN A 263 -34.47 0.98 -14.89
N SER A 264 -34.11 1.15 -16.17
CA SER A 264 -34.11 2.45 -16.88
C SER A 264 -34.37 2.25 -18.38
N GLU A 265 -34.77 3.33 -19.07
CA GLU A 265 -34.99 3.35 -20.54
C GLU A 265 -33.87 4.17 -21.21
N ALA A 266 -32.98 4.77 -20.43
CA ALA A 266 -32.00 5.78 -20.90
C ALA A 266 -30.80 5.09 -21.55
N PRO A 267 -30.22 5.70 -22.61
CA PRO A 267 -29.01 5.16 -23.25
C PRO A 267 -27.77 5.18 -22.35
N ILE A 268 -26.78 4.36 -22.67
CA ILE A 268 -25.50 4.24 -21.91
C ILE A 268 -24.51 5.27 -22.45
N ASP A 269 -23.81 5.96 -21.53
CA ASP A 269 -22.66 6.87 -21.81
C ASP A 269 -21.47 6.37 -20.99
N ASN A 270 -20.41 5.92 -21.66
CA ASN A 270 -19.22 5.31 -21.00
C ASN A 270 -18.20 6.38 -20.59
N SER A 271 -18.48 7.67 -20.87
CA SER A 271 -17.55 8.80 -20.63
C SER A 271 -17.75 9.39 -19.22
N CYS A 272 -18.99 9.55 -18.74
CA CYS A 272 -19.31 10.12 -17.40
C CYS A 272 -19.42 9.01 -16.34
N GLU A 273 -19.11 9.35 -15.08
CA GLU A 273 -19.29 8.51 -13.86
C GLU A 273 -20.53 8.97 -13.09
N SER A 274 -21.14 8.06 -12.33
CA SER A 274 -22.28 8.34 -11.42
C SER A 274 -22.41 7.22 -10.38
N LYS A 275 -22.97 7.52 -9.22
CA LYS A 275 -23.27 6.54 -8.15
C LYS A 275 -24.78 6.52 -7.88
N CYS A 276 -25.56 7.37 -8.56
CA CYS A 276 -27.02 7.52 -8.36
C CYS A 276 -27.73 7.40 -9.71
N PHE A 277 -28.79 6.59 -9.77
CA PHE A 277 -29.56 6.31 -11.00
C PHE A 277 -31.05 6.27 -10.70
N TRP A 278 -31.86 6.49 -11.74
CA TRP A 278 -33.34 6.37 -11.71
C TRP A 278 -33.84 6.05 -13.12
N ARG A 279 -35.15 5.80 -13.26
CA ARG A 279 -35.80 5.45 -14.56
C ARG A 279 -35.30 6.39 -15.65
N GLY A 280 -35.29 7.70 -15.37
CA GLY A 280 -34.97 8.77 -16.33
C GLY A 280 -33.48 8.94 -16.58
N GLY A 281 -32.59 8.38 -15.76
CA GLY A 281 -31.14 8.40 -16.03
C GLY A 281 -30.28 8.44 -14.77
N SER A 282 -29.27 9.32 -14.74
CA SER A 282 -28.27 9.47 -13.66
C SER A 282 -28.39 10.83 -12.98
N ILE A 283 -27.76 10.97 -11.80
CA ILE A 283 -27.78 12.17 -10.93
C ILE A 283 -26.37 12.35 -10.35
N ASN A 284 -25.61 13.33 -10.86
CA ASN A 284 -24.14 13.47 -10.62
C ASN A 284 -23.86 14.57 -9.59
N THR A 285 -24.88 15.10 -8.93
CA THR A 285 -24.80 16.31 -8.08
C THR A 285 -24.02 16.08 -6.78
N ARG A 286 -23.30 17.10 -6.33
CA ARG A 286 -22.64 17.14 -5.01
C ARG A 286 -23.66 17.62 -3.97
N LEU A 287 -24.80 18.14 -4.41
CA LEU A 287 -25.87 18.71 -3.56
C LEU A 287 -26.49 17.62 -2.70
N PRO A 288 -27.01 17.96 -1.49
CA PRO A 288 -27.53 16.97 -0.55
C PRO A 288 -28.96 16.49 -0.80
N PHE A 289 -29.74 17.23 -1.61
CA PHE A 289 -31.17 16.95 -1.90
C PHE A 289 -31.41 16.99 -3.42
N GLN A 290 -32.56 16.45 -3.84
CA GLN A 290 -32.98 16.33 -5.26
C GLN A 290 -34.51 16.25 -5.29
N ASN A 291 -35.15 16.72 -6.37
CA ASN A 291 -36.64 16.62 -6.55
C ASN A 291 -36.97 16.02 -7.93
N LEU A 292 -36.16 15.08 -8.41
CA LEU A 292 -36.36 14.39 -9.73
C LEU A 292 -37.28 13.19 -9.56
N SER A 293 -37.01 12.31 -8.59
CA SER A 293 -37.75 11.05 -8.34
C SER A 293 -37.49 10.49 -6.94
N PRO A 294 -38.53 9.99 -6.25
CA PRO A 294 -38.35 9.23 -5.02
C PRO A 294 -37.86 7.79 -5.23
N ARG A 295 -38.01 7.25 -6.45
CA ARG A 295 -37.46 5.93 -6.85
C ARG A 295 -36.06 6.12 -7.43
N THR A 296 -35.02 5.93 -6.63
CA THR A 296 -33.59 5.99 -7.04
C THR A 296 -32.85 4.79 -6.47
N VAL A 297 -31.63 4.52 -6.97
CA VAL A 297 -30.76 3.39 -6.54
C VAL A 297 -29.30 3.87 -6.54
N GLY A 298 -28.51 3.35 -5.60
CA GLY A 298 -27.10 3.73 -5.38
C GLY A 298 -26.99 4.70 -4.21
N GLN A 299 -25.85 5.41 -4.13
CA GLN A 299 -25.61 6.50 -3.14
C GLN A 299 -26.21 7.78 -3.72
N CYS A 300 -27.32 8.25 -3.14
CA CYS A 300 -28.20 9.27 -3.75
C CYS A 300 -28.48 10.43 -2.80
N PRO A 301 -28.61 11.66 -3.34
CA PRO A 301 -29.24 12.76 -2.61
C PRO A 301 -30.65 12.34 -2.20
N LYS A 302 -31.13 12.83 -1.07
CA LYS A 302 -32.45 12.46 -0.52
C LYS A 302 -33.52 13.25 -1.30
N TYR A 303 -34.62 12.60 -1.63
CA TYR A 303 -35.76 13.23 -2.34
C TYR A 303 -36.49 14.17 -1.38
N VAL A 304 -36.78 15.39 -1.84
CA VAL A 304 -37.57 16.43 -1.10
C VAL A 304 -38.66 16.97 -2.02
N ASN A 305 -39.78 17.44 -1.45
CA ASN A 305 -40.89 18.11 -2.19
C ASN A 305 -40.63 19.62 -2.19
N LYS A 306 -39.57 20.05 -2.88
CA LYS A 306 -39.14 21.47 -2.93
C LYS A 306 -38.54 21.76 -4.31
N LYS A 307 -39.05 22.78 -5.00
CA LYS A 307 -38.46 23.31 -6.26
C LYS A 307 -37.01 23.72 -5.97
N SER A 308 -36.79 24.52 -4.92
CA SER A 308 -35.51 25.21 -4.61
C SER A 308 -35.39 25.48 -3.10
N LEU A 309 -34.18 25.36 -2.56
CA LEU A 309 -33.79 25.81 -1.19
C LEU A 309 -32.46 26.53 -1.27
N MET A 310 -32.48 27.86 -1.17
CA MET A 310 -31.27 28.72 -1.34
C MET A 310 -30.58 28.89 0.02
N LEU A 311 -29.29 28.54 0.08
CA LEU A 311 -28.43 28.62 1.28
C LEU A 311 -27.54 29.86 1.20
N ALA A 312 -27.78 30.85 2.07
CA ALA A 312 -27.00 32.11 2.13
C ALA A 312 -25.50 31.79 2.25
N THR A 313 -24.68 32.41 1.42
CA THR A 313 -23.19 32.31 1.42
C THR A 313 -22.58 33.70 1.59
N GLY A 314 -23.32 34.63 2.19
CA GLY A 314 -22.88 36.02 2.42
C GLY A 314 -23.84 36.74 3.35
N MET A 315 -23.42 37.92 3.84
CA MET A 315 -24.17 38.73 4.83
C MET A 315 -25.43 39.30 4.19
N ARG A 316 -26.31 39.90 5.00
CA ARG A 316 -27.44 40.74 4.54
C ARG A 316 -26.91 41.73 3.50
N ASN A 317 -27.64 41.92 2.41
CA ASN A 317 -27.35 42.95 1.40
C ASN A 317 -28.16 44.19 1.78
N VAL A 318 -27.48 45.28 2.13
CA VAL A 318 -28.11 46.60 2.37
C VAL A 318 -27.50 47.57 1.36
N PRO A 319 -28.21 47.85 0.23
CA PRO A 319 -27.63 48.66 -0.85
C PRO A 319 -27.83 50.17 -0.64
N GLU A 320 -27.11 50.98 -1.44
CA GLU A 320 -26.95 52.46 -1.30
C GLU A 320 -28.09 53.18 -2.03
N GLY B 1 -30.49 43.45 13.20
CA GLY B 1 -30.22 42.01 13.50
C GLY B 1 -29.76 41.83 14.93
N LEU B 2 -29.33 40.61 15.28
CA LEU B 2 -28.94 40.25 16.67
C LEU B 2 -27.90 41.24 17.24
N PHE B 3 -26.87 41.58 16.48
CA PHE B 3 -25.68 42.32 16.97
C PHE B 3 -25.78 43.82 16.66
N GLY B 4 -26.75 44.23 15.84
CA GLY B 4 -27.09 45.64 15.64
C GLY B 4 -26.20 46.36 14.64
N ALA B 5 -25.12 45.73 14.15
CA ALA B 5 -24.12 46.39 13.28
C ALA B 5 -24.68 46.51 11.86
N ILE B 6 -25.04 45.40 11.22
CA ILE B 6 -25.46 45.34 9.79
C ILE B 6 -26.98 45.43 9.75
N ALA B 7 -27.53 46.24 8.83
CA ALA B 7 -28.94 46.68 8.83
C ALA B 7 -29.28 47.21 10.22
N GLY B 8 -28.32 47.88 10.86
CA GLY B 8 -28.47 48.48 12.19
C GLY B 8 -27.86 49.88 12.22
N PHE B 9 -26.91 50.14 13.14
CA PHE B 9 -26.30 51.48 13.33
C PHE B 9 -25.48 51.86 12.10
N ILE B 10 -24.93 50.88 11.37
CA ILE B 10 -24.39 51.09 9.99
C ILE B 10 -25.56 51.11 9.01
N GLU B 11 -25.82 52.26 8.38
CA GLU B 11 -27.08 52.58 7.67
C GLU B 11 -27.18 51.74 6.40
N ASN B 12 -26.05 51.45 5.74
CA ASN B 12 -26.04 50.67 4.47
C ASN B 12 -24.64 50.13 4.19
N GLY B 13 -24.54 49.21 3.22
CA GLY B 13 -23.26 48.64 2.77
C GLY B 13 -22.63 49.49 1.69
N TRP B 14 -21.41 49.14 1.28
CA TRP B 14 -20.58 49.88 0.29
C TRP B 14 -20.40 49.04 -0.97
N GLU B 15 -21.08 49.40 -2.07
CA GLU B 15 -20.88 48.72 -3.39
C GLU B 15 -19.48 49.04 -3.91
N GLY B 16 -18.90 50.18 -3.51
CA GLY B 16 -17.53 50.60 -3.84
C GLY B 16 -16.48 49.58 -3.40
N MET B 17 -16.68 48.96 -2.23
CA MET B 17 -15.66 48.07 -1.60
C MET B 17 -15.78 46.67 -2.18
N VAL B 18 -14.88 46.31 -3.10
CA VAL B 18 -14.98 45.05 -3.90
C VAL B 18 -13.80 44.12 -3.56
N ASP B 19 -12.86 44.54 -2.69
CA ASP B 19 -11.61 43.77 -2.38
C ASP B 19 -11.71 43.11 -1.00
N GLY B 20 -12.90 43.13 -0.37
CA GLY B 20 -13.15 42.53 0.96
C GLY B 20 -14.59 42.73 1.42
N TRP B 21 -14.98 42.11 2.53
CA TRP B 21 -16.37 42.10 3.04
C TRP B 21 -16.57 43.27 4.00
N TYR B 22 -15.59 43.48 4.89
CA TYR B 22 -15.56 44.54 5.90
C TYR B 22 -14.35 45.43 5.61
N GLY B 23 -14.43 46.72 5.96
CA GLY B 23 -13.29 47.63 5.84
C GLY B 23 -13.57 49.03 6.34
N PHE B 24 -12.65 49.95 6.01
CA PHE B 24 -12.58 51.33 6.53
C PHE B 24 -12.64 52.33 5.39
N ARG B 25 -13.31 53.46 5.63
CA ARG B 25 -13.13 54.75 4.92
C ARG B 25 -12.67 55.78 5.95
N HIS B 26 -11.66 56.60 5.60
CA HIS B 26 -11.19 57.71 6.46
C HIS B 26 -11.27 59.03 5.69
N GLN B 27 -11.42 60.15 6.39
CA GLN B 27 -11.23 61.52 5.84
C GLN B 27 -10.32 62.29 6.80
N ASN B 28 -9.27 62.91 6.26
CA ASN B 28 -8.35 63.81 7.00
C ASN B 28 -7.97 64.98 6.06
N ALA B 29 -7.16 65.92 6.54
CA ALA B 29 -6.64 67.07 5.76
C ALA B 29 -6.11 66.56 4.42
N GLN B 30 -5.34 65.48 4.46
CA GLN B 30 -4.60 64.84 3.35
C GLN B 30 -5.55 64.31 2.25
N GLY B 31 -6.83 64.10 2.56
CA GLY B 31 -7.87 63.63 1.62
C GLY B 31 -8.63 62.42 2.13
N THR B 32 -9.20 61.63 1.22
CA THR B 32 -10.08 60.46 1.50
C THR B 32 -9.35 59.16 1.13
N GLY B 33 -9.78 58.03 1.73
CA GLY B 33 -9.21 56.70 1.47
C GLY B 33 -10.21 55.60 1.76
N GLN B 34 -9.95 54.41 1.20
CA GLN B 34 -10.75 53.16 1.44
C GLN B 34 -9.80 51.97 1.49
N ALA B 35 -10.01 51.04 2.42
CA ALA B 35 -9.21 49.80 2.54
C ALA B 35 -10.06 48.72 3.20
N ALA B 36 -9.99 47.49 2.68
CA ALA B 36 -10.69 46.30 3.23
C ALA B 36 -9.88 45.77 4.41
N ASP B 37 -10.56 45.14 5.39
CA ASP B 37 -9.93 44.38 6.50
C ASP B 37 -9.88 42.90 6.11
N TYR B 38 -8.68 42.33 6.03
CA TYR B 38 -8.45 40.93 5.62
C TYR B 38 -8.91 39.98 6.74
N LYS B 39 -8.36 40.13 7.94
CA LYS B 39 -8.54 39.19 9.09
C LYS B 39 -10.04 38.92 9.32
N SER B 40 -10.86 39.97 9.35
CA SER B 40 -12.31 39.90 9.65
C SER B 40 -13.07 39.33 8.44
N THR B 41 -12.65 39.69 7.22
CA THR B 41 -13.23 39.16 5.96
C THR B 41 -13.00 37.64 5.91
N GLN B 42 -11.78 37.20 6.16
CA GLN B 42 -11.37 35.77 6.04
C GLN B 42 -12.07 34.97 7.14
N ALA B 43 -12.30 35.58 8.31
CA ALA B 43 -12.99 34.94 9.46
C ALA B 43 -14.43 34.57 9.04
N ALA B 44 -15.12 35.47 8.33
CA ALA B 44 -16.51 35.27 7.86
C ALA B 44 -16.52 34.21 6.76
N ILE B 45 -15.61 34.31 5.79
CA ILE B 45 -15.54 33.39 4.61
C ILE B 45 -15.20 31.98 5.11
N ASP B 46 -14.27 31.85 6.05
CA ASP B 46 -13.85 30.54 6.60
C ASP B 46 -15.06 29.85 7.25
N GLN B 47 -15.88 30.60 7.99
CA GLN B 47 -17.07 30.05 8.70
C GLN B 47 -18.11 29.58 7.68
N ILE B 48 -18.27 30.28 6.56
CA ILE B 48 -19.25 29.93 5.49
C ILE B 48 -18.74 28.70 4.72
N THR B 49 -17.44 28.65 4.41
CA THR B 49 -16.77 27.46 3.81
C THR B 49 -17.09 26.23 4.66
N GLY B 50 -16.90 26.32 5.97
CA GLY B 50 -17.15 25.23 6.94
C GLY B 50 -18.56 24.69 6.83
N LYS B 51 -19.56 25.57 6.71
CA LYS B 51 -20.98 25.19 6.54
C LYS B 51 -21.15 24.40 5.24
N LEU B 52 -20.63 24.94 4.14
CA LEU B 52 -20.76 24.31 2.81
C LEU B 52 -20.12 22.92 2.85
N ASN B 53 -19.00 22.75 3.56
CA ASN B 53 -18.31 21.43 3.68
C ASN B 53 -19.25 20.43 4.36
N ARG B 54 -19.97 20.85 5.39
CA ARG B 54 -20.86 19.97 6.18
C ARG B 54 -22.14 19.67 5.39
N ILE B 55 -22.69 20.65 4.66
CA ILE B 55 -24.07 20.60 4.09
C ILE B 55 -24.05 20.02 2.67
N ILE B 56 -23.09 20.41 1.83
CA ILE B 56 -22.96 19.88 0.43
C ILE B 56 -22.30 18.50 0.51
N LYS B 57 -23.14 17.47 0.70
CA LYS B 57 -22.77 16.06 1.00
C LYS B 57 -24.02 15.19 0.82
N LYS B 58 -23.83 13.95 0.38
CA LYS B 58 -24.87 12.88 0.44
C LYS B 58 -24.31 11.75 1.31
N THR B 59 -25.17 10.86 1.81
CA THR B 59 -24.76 9.67 2.58
C THR B 59 -24.08 8.68 1.62
N ASN B 60 -23.17 7.84 2.13
CA ASN B 60 -22.46 6.83 1.32
C ASN B 60 -23.20 5.48 1.39
N THR B 61 -24.45 5.49 1.89
CA THR B 61 -25.36 4.31 1.99
C THR B 61 -25.82 3.91 0.59
N GLU B 62 -25.61 2.64 0.23
CA GLU B 62 -26.04 2.03 -1.06
C GLU B 62 -27.49 1.57 -0.90
N PHE B 63 -28.40 2.07 -1.72
CA PHE B 63 -29.84 1.69 -1.71
C PHE B 63 -30.14 0.84 -2.96
N GLU B 64 -30.95 -0.21 -2.76
CA GLU B 64 -31.46 -1.08 -3.86
C GLU B 64 -32.90 -0.67 -4.18
N SER B 65 -33.37 -1.05 -5.37
CA SER B 65 -34.78 -0.89 -5.81
C SER B 65 -35.65 -1.81 -4.95
N ILE B 66 -36.82 -1.34 -4.51
CA ILE B 66 -37.85 -2.15 -3.80
C ILE B 66 -39.18 -2.09 -4.56
N GLU B 67 -39.41 -1.02 -5.33
CA GLU B 67 -40.50 -0.91 -6.34
C GLU B 67 -39.91 -1.30 -7.70
N SER B 68 -40.64 -2.08 -8.51
CA SER B 68 -40.30 -2.38 -9.92
C SER B 68 -40.89 -1.30 -10.84
N GLU B 69 -40.11 -0.82 -11.80
CA GLU B 69 -40.53 0.22 -12.77
C GLU B 69 -41.47 -0.39 -13.80
N PHE B 70 -41.18 -1.63 -14.23
CA PHE B 70 -41.74 -2.25 -15.46
C PHE B 70 -42.74 -3.39 -15.15
N SER B 71 -43.22 -3.53 -13.90
CA SER B 71 -44.19 -4.59 -13.51
C SER B 71 -44.98 -4.19 -12.26
N GLU B 72 -46.18 -4.75 -12.10
CA GLU B 72 -47.09 -4.53 -10.94
C GLU B 72 -46.50 -5.24 -9.71
N ILE B 73 -46.42 -4.54 -8.59
CA ILE B 73 -46.02 -5.08 -7.26
C ILE B 73 -47.29 -5.53 -6.53
N ASP B 74 -47.20 -6.53 -5.66
CA ASP B 74 -48.30 -6.95 -4.75
C ASP B 74 -48.95 -5.69 -4.17
N HIS B 75 -50.29 -5.59 -4.24
CA HIS B 75 -51.06 -4.38 -3.87
C HIS B 75 -50.85 -4.02 -2.39
N GLN B 76 -50.70 -5.01 -1.51
CA GLN B 76 -50.63 -4.77 -0.04
C GLN B 76 -49.26 -4.17 0.30
N ILE B 77 -48.18 -4.82 -0.17
CA ILE B 77 -46.78 -4.37 0.10
C ILE B 77 -46.55 -3.04 -0.65
N GLY B 78 -47.17 -2.86 -1.81
CA GLY B 78 -47.11 -1.61 -2.60
C GLY B 78 -47.62 -0.43 -1.80
N ASN B 79 -48.74 -0.62 -1.09
CA ASN B 79 -49.36 0.44 -0.23
C ASN B 79 -48.43 0.74 0.96
N VAL B 80 -47.85 -0.30 1.56
CA VAL B 80 -46.90 -0.15 2.70
C VAL B 80 -45.70 0.67 2.21
N ILE B 81 -45.12 0.30 1.07
CA ILE B 81 -43.93 0.99 0.50
C ILE B 81 -44.30 2.46 0.28
N ASN B 82 -45.42 2.72 -0.40
CA ASN B 82 -45.90 4.08 -0.75
C ASN B 82 -46.02 4.91 0.54
N TRP B 83 -46.63 4.36 1.59
CA TRP B 83 -46.81 5.04 2.90
C TRP B 83 -45.45 5.35 3.54
N THR B 84 -44.53 4.39 3.54
CA THR B 84 -43.16 4.55 4.10
C THR B 84 -42.43 5.66 3.32
N LYS B 85 -42.34 5.56 1.99
CA LYS B 85 -41.57 6.51 1.15
C LYS B 85 -42.11 7.93 1.35
N ASP B 86 -43.44 8.08 1.41
CA ASP B 86 -44.09 9.40 1.60
C ASP B 86 -43.74 9.95 2.99
N SER B 87 -43.66 9.08 3.99
CA SER B 87 -43.34 9.46 5.39
C SER B 87 -41.87 9.91 5.48
N ILE B 88 -40.97 9.16 4.84
CA ILE B 88 -39.51 9.46 4.81
C ILE B 88 -39.31 10.80 4.09
N THR B 89 -40.02 11.02 2.98
CA THR B 89 -39.89 12.25 2.15
C THR B 89 -40.39 13.45 2.96
N ASP B 90 -41.48 13.30 3.72
CA ASP B 90 -42.02 14.39 4.58
C ASP B 90 -40.96 14.79 5.62
N ILE B 91 -40.28 13.82 6.22
CA ILE B 91 -39.20 14.07 7.21
C ILE B 91 -38.06 14.82 6.52
N TRP B 92 -37.53 14.29 5.42
CA TRP B 92 -36.35 14.90 4.75
C TRP B 92 -36.70 16.30 4.24
N THR B 93 -37.93 16.52 3.76
CA THR B 93 -38.37 17.86 3.29
C THR B 93 -38.35 18.83 4.47
N TYR B 94 -38.86 18.39 5.62
CA TYR B 94 -38.90 19.19 6.87
C TYR B 94 -37.48 19.51 7.33
N GLN B 95 -36.62 18.50 7.45
CA GLN B 95 -35.21 18.66 7.86
C GLN B 95 -34.48 19.62 6.94
N ALA B 96 -34.69 19.51 5.64
CA ALA B 96 -34.02 20.37 4.62
C ALA B 96 -34.49 21.81 4.79
N GLU B 97 -35.80 22.03 4.93
CA GLU B 97 -36.39 23.38 5.13
C GLU B 97 -35.84 24.00 6.42
N LEU B 98 -35.72 23.21 7.48
CA LEU B 98 -35.25 23.67 8.81
C LEU B 98 -33.75 23.92 8.76
N LEU B 99 -32.97 22.99 8.19
CA LEU B 99 -31.49 23.12 8.11
C LEU B 99 -31.15 24.46 7.48
N VAL B 100 -31.68 24.71 6.29
CA VAL B 100 -31.29 25.90 5.47
C VAL B 100 -31.77 27.17 6.16
N ALA B 101 -33.00 27.19 6.69
CA ALA B 101 -33.56 28.35 7.41
C ALA B 101 -32.66 28.69 8.62
N MET B 102 -32.31 27.69 9.41
CA MET B 102 -31.49 27.84 10.63
C MET B 102 -30.09 28.31 10.24
N GLU B 103 -29.49 27.73 9.21
CA GLU B 103 -28.11 28.08 8.76
C GLU B 103 -28.10 29.49 8.17
N ASN B 104 -29.18 29.89 7.49
CA ASN B 104 -29.31 31.24 6.90
C ASN B 104 -29.34 32.26 8.05
N GLN B 105 -30.17 32.01 9.07
CA GLN B 105 -30.28 32.88 10.27
C GLN B 105 -28.88 33.05 10.89
N HIS B 106 -28.15 31.96 11.06
CA HIS B 106 -26.79 31.96 11.67
C HIS B 106 -25.81 32.73 10.77
N THR B 107 -25.79 32.48 9.47
CA THR B 107 -24.82 33.10 8.51
C THR B 107 -24.95 34.63 8.61
N ILE B 108 -26.19 35.11 8.53
CA ILE B 108 -26.54 36.55 8.62
C ILE B 108 -26.03 37.12 9.95
N ASP B 109 -26.35 36.47 11.06
CA ASP B 109 -26.02 36.97 12.44
C ASP B 109 -24.52 36.86 12.67
N MET B 110 -23.87 35.84 12.14
CA MET B 110 -22.39 35.65 12.25
C MET B 110 -21.70 36.83 11.56
N ALA B 111 -22.13 37.18 10.35
CA ALA B 111 -21.54 38.27 9.54
C ALA B 111 -21.72 39.61 10.26
N ASP B 112 -22.90 39.81 10.87
CA ASP B 112 -23.24 40.97 11.74
C ASP B 112 -22.21 41.03 12.89
N SER B 113 -21.98 39.89 13.54
CA SER B 113 -21.08 39.78 14.72
C SER B 113 -19.66 40.19 14.33
N GLU B 114 -19.19 39.79 13.14
CA GLU B 114 -17.79 40.06 12.71
C GLU B 114 -17.62 41.56 12.50
N MET B 115 -18.66 42.24 12.01
CA MET B 115 -18.69 43.70 11.80
C MET B 115 -18.55 44.38 13.16
N LEU B 116 -19.40 43.99 14.12
CA LEU B 116 -19.42 44.58 15.48
C LEU B 116 -18.04 44.37 16.13
N ASN B 117 -17.48 43.16 16.04
CA ASN B 117 -16.19 42.81 16.70
C ASN B 117 -15.07 43.68 16.13
N LEU B 118 -15.10 44.01 14.84
CA LEU B 118 -14.10 44.92 14.22
C LEU B 118 -14.26 46.32 14.82
N TYR B 119 -15.50 46.82 14.86
CA TYR B 119 -15.85 48.15 15.42
C TYR B 119 -15.37 48.24 16.88
N GLU B 120 -15.53 47.19 17.67
CA GLU B 120 -15.16 47.18 19.11
C GLU B 120 -13.63 47.16 19.22
N ARG B 121 -12.93 46.44 18.34
CA ARG B 121 -11.45 46.34 18.33
C ARG B 121 -10.89 47.76 18.12
N VAL B 122 -11.43 48.50 17.16
CA VAL B 122 -11.03 49.89 16.82
C VAL B 122 -11.38 50.83 17.98
N ARG B 123 -12.61 50.75 18.51
CA ARG B 123 -13.06 51.60 19.65
C ARG B 123 -12.00 51.55 20.75
N LYS B 124 -11.55 50.35 21.11
CA LYS B 124 -10.66 50.10 22.27
C LYS B 124 -9.24 50.57 21.94
N GLN B 125 -8.81 50.45 20.69
CA GLN B 125 -7.52 51.00 20.18
C GLN B 125 -7.46 52.51 20.42
N LEU B 126 -8.46 53.25 19.94
CA LEU B 126 -8.52 54.74 19.96
C LEU B 126 -8.70 55.24 21.39
N ARG B 127 -9.24 54.41 22.29
CA ARG B 127 -9.34 54.73 23.73
C ARG B 127 -10.00 56.10 23.90
N GLN B 128 -9.31 57.08 24.49
CA GLN B 128 -9.89 58.42 24.81
C GLN B 128 -9.59 59.43 23.71
N ASN B 129 -8.98 59.02 22.60
CA ASN B 129 -8.53 59.94 21.53
C ASN B 129 -9.64 60.14 20.48
N ALA B 130 -10.77 59.45 20.64
CA ALA B 130 -11.90 59.52 19.66
C ALA B 130 -13.24 59.34 20.38
N GLU B 131 -14.31 59.64 19.66
CA GLU B 131 -15.71 59.51 20.13
C GLU B 131 -16.54 58.84 19.04
N GLU B 132 -17.54 58.07 19.45
CA GLU B 132 -18.45 57.31 18.55
C GLU B 132 -19.43 58.29 17.89
N ASP B 133 -19.47 58.25 16.56
CA ASP B 133 -20.35 59.05 15.67
C ASP B 133 -21.81 58.60 15.88
N GLY B 134 -22.03 57.28 16.01
CA GLY B 134 -23.38 56.67 16.13
C GLY B 134 -23.76 55.90 14.87
N LYS B 135 -23.08 56.16 13.75
CA LYS B 135 -23.35 55.55 12.42
C LYS B 135 -22.17 54.66 12.02
N GLY B 136 -21.32 54.27 12.99
CA GLY B 136 -20.18 53.35 12.73
C GLY B 136 -18.88 54.08 12.50
N CYS B 137 -18.86 55.42 12.56
CA CYS B 137 -17.64 56.26 12.39
C CYS B 137 -17.09 56.67 13.76
N PHE B 138 -15.80 56.99 13.80
CA PHE B 138 -15.09 57.57 14.97
C PHE B 138 -14.57 58.95 14.59
N GLU B 139 -15.02 59.99 15.28
CA GLU B 139 -14.44 61.36 15.17
C GLU B 139 -13.16 61.37 16.00
N ILE B 140 -12.01 61.48 15.33
CA ILE B 140 -10.66 61.47 15.96
C ILE B 140 -10.28 62.91 16.30
N TYR B 141 -9.96 63.18 17.56
CA TYR B 141 -9.71 64.54 18.09
C TYR B 141 -8.20 64.85 18.04
N HIS B 142 -7.55 64.53 16.91
CA HIS B 142 -6.16 64.96 16.63
C HIS B 142 -5.88 64.84 15.12
N ALA B 143 -4.78 65.44 14.67
CA ALA B 143 -4.28 65.30 13.28
C ALA B 143 -3.91 63.83 13.09
N CYS B 144 -4.62 63.14 12.21
CA CYS B 144 -4.36 61.73 11.85
C CYS B 144 -4.08 61.67 10.35
N ASP B 145 -2.79 61.64 9.99
CA ASP B 145 -2.30 61.59 8.60
C ASP B 145 -2.43 60.14 8.08
N ASP B 146 -2.12 59.92 6.81
CA ASP B 146 -2.33 58.61 6.11
C ASP B 146 -1.54 57.51 6.81
N SER B 147 -0.42 57.85 7.45
CA SER B 147 0.45 56.91 8.19
C SER B 147 -0.21 56.54 9.52
N CYS B 148 -0.88 57.50 10.17
CA CYS B 148 -1.67 57.33 11.42
C CYS B 148 -2.89 56.44 11.13
N MET B 149 -3.65 56.74 10.07
CA MET B 149 -4.84 55.94 9.64
C MET B 149 -4.43 54.50 9.36
N GLU B 150 -3.31 54.29 8.66
CA GLU B 150 -2.78 52.95 8.33
C GLU B 150 -2.46 52.21 9.65
N SER B 151 -2.00 52.93 10.67
CA SER B 151 -1.65 52.34 12.00
C SER B 151 -2.91 51.84 12.70
N ILE B 152 -4.05 52.52 12.50
CA ILE B 152 -5.37 52.13 13.08
C ILE B 152 -5.82 50.82 12.42
N ARG B 153 -5.74 50.76 11.09
CA ARG B 153 -6.14 49.57 10.28
C ARG B 153 -5.26 48.37 10.62
N ASN B 154 -3.98 48.59 10.91
CA ASN B 154 -2.96 47.53 11.11
C ASN B 154 -2.85 47.19 12.60
N ASN B 155 -3.70 47.76 13.44
CA ASN B 155 -3.75 47.53 14.91
C ASN B 155 -2.37 47.77 15.54
N THR B 156 -1.73 48.89 15.19
CA THR B 156 -0.40 49.33 15.72
C THR B 156 -0.49 50.77 16.27
N TYR B 157 -1.67 51.40 16.24
CA TYR B 157 -1.92 52.77 16.75
C TYR B 157 -1.74 52.77 18.28
N ASP B 158 -0.83 53.60 18.78
CA ASP B 158 -0.54 53.80 20.23
C ASP B 158 -1.27 55.06 20.72
N HIS B 159 -2.28 54.91 21.58
CA HIS B 159 -3.16 56.03 22.04
C HIS B 159 -2.34 57.07 22.82
N SER B 160 -1.36 56.63 23.60
CA SER B 160 -0.59 57.48 24.55
C SER B 160 0.16 58.60 23.81
N GLN B 161 0.58 58.35 22.56
CA GLN B 161 1.28 59.34 21.69
C GLN B 161 0.41 60.58 21.47
N TYR B 162 -0.89 60.43 21.22
CA TYR B 162 -1.80 61.55 20.83
C TYR B 162 -2.75 61.93 21.98
N ARG B 163 -2.62 61.30 23.14
CA ARG B 163 -3.61 61.41 24.25
C ARG B 163 -3.77 62.86 24.71
N GLU B 164 -2.66 63.53 25.05
CA GLU B 164 -2.66 64.90 25.63
C GLU B 164 -3.32 65.86 24.64
N GLU B 165 -2.96 65.80 23.35
CA GLU B 165 -3.54 66.63 22.26
C GLU B 165 -5.06 66.37 22.22
N ALA B 166 -5.46 65.10 22.21
CA ALA B 166 -6.84 64.64 21.99
C ALA B 166 -7.75 65.07 23.15
N LEU B 167 -7.34 64.82 24.40
CA LEU B 167 -8.14 65.16 25.61
C LEU B 167 -8.35 66.68 25.66
N LEU B 168 -7.36 67.47 25.24
CA LEU B 168 -7.49 68.96 25.19
C LEU B 168 -8.56 69.33 24.16
N ASN B 169 -8.49 68.77 22.96
CA ASN B 169 -9.43 69.04 21.84
C ASN B 169 -10.86 68.61 22.23
N ARG B 170 -11.01 67.54 23.03
CA ARG B 170 -12.32 66.96 23.40
C ARG B 170 -12.99 67.84 24.47
N LEU B 171 -12.23 68.22 25.50
CA LEU B 171 -12.71 69.08 26.61
C LEU B 171 -12.93 70.51 26.11
N ASN B 172 -12.07 70.99 25.21
CA ASN B 172 -12.11 72.41 24.72
C ASN B 172 -12.20 73.37 25.92
N ASP C 1 80.48 42.04 19.87
CA ASP C 1 79.85 41.15 18.83
C ASP C 1 78.83 40.23 19.51
N PRO C 2 77.86 39.66 18.76
CA PRO C 2 76.66 39.10 19.36
C PRO C 2 76.75 37.60 19.73
N ASP C 3 76.12 37.24 20.85
CA ASP C 3 75.72 35.87 21.23
C ASP C 3 74.80 35.29 20.14
N LYS C 4 74.89 33.98 19.90
CA LYS C 4 74.12 33.27 18.84
C LYS C 4 73.28 32.16 19.45
N ILE C 5 72.05 31.96 18.95
CA ILE C 5 71.21 30.76 19.21
C ILE C 5 70.89 30.12 17.86
N CYS C 6 71.28 28.87 17.66
CA CYS C 6 71.11 28.09 16.42
C CYS C 6 70.01 27.06 16.61
N LEU C 7 69.19 26.86 15.59
CA LEU C 7 68.15 25.81 15.55
C LEU C 7 68.62 24.71 14.60
N GLY C 8 68.25 23.47 14.92
CA GLY C 8 68.69 22.28 14.18
C GLY C 8 67.76 21.11 14.36
N HIS C 9 68.07 20.01 13.68
CA HIS C 9 67.33 18.73 13.74
C HIS C 9 68.33 17.60 13.82
N HIS C 10 67.88 16.43 14.30
CA HIS C 10 68.75 15.25 14.49
C HIS C 10 69.15 14.68 13.12
N ALA C 11 70.12 13.79 13.15
CA ALA C 11 70.57 12.96 12.00
C ALA C 11 71.12 11.65 12.56
N VAL C 12 71.48 10.73 11.69
CA VAL C 12 72.07 9.41 12.05
C VAL C 12 73.16 9.11 11.01
N ALA C 13 74.17 8.32 11.36
CA ALA C 13 75.28 7.96 10.46
C ALA C 13 74.75 7.02 9.37
N ASN C 14 73.99 5.99 9.78
CA ASN C 14 73.42 4.92 8.91
C ASN C 14 71.93 5.20 8.64
N GLY C 15 71.64 5.93 7.57
CA GLY C 15 70.28 6.25 7.09
C GLY C 15 69.69 5.13 6.24
N THR C 16 68.42 5.25 5.87
CA THR C 16 67.64 4.26 5.07
C THR C 16 67.07 4.93 3.80
N ILE C 17 67.14 4.22 2.67
CA ILE C 17 66.59 4.68 1.35
C ILE C 17 65.10 4.32 1.31
N VAL C 18 64.26 5.27 0.88
CA VAL C 18 62.81 5.07 0.62
C VAL C 18 62.46 5.79 -0.68
N LYS C 19 61.33 5.43 -1.28
CA LYS C 19 60.77 6.06 -2.51
C LYS C 19 59.73 7.10 -2.09
N THR C 20 59.76 8.27 -2.73
CA THR C 20 58.74 9.34 -2.61
C THR C 20 58.09 9.54 -3.99
N LEU C 21 57.17 10.48 -4.11
CA LEU C 21 56.48 10.77 -5.40
C LEU C 21 57.52 11.25 -6.44
N THR C 22 58.57 11.94 -5.98
CA THR C 22 59.51 12.71 -6.85
C THR C 22 60.91 12.10 -6.88
N ASN C 23 61.28 11.23 -5.93
CA ASN C 23 62.68 10.77 -5.76
C ASN C 23 62.69 9.28 -5.41
N GLU C 24 63.46 8.50 -6.18
CA GLU C 24 63.59 7.03 -6.08
C GLU C 24 64.54 6.68 -4.93
N GLN C 25 65.51 7.55 -4.63
CA GLN C 25 66.64 7.32 -3.69
C GLN C 25 66.65 8.42 -2.62
N GLU C 26 65.68 8.42 -1.72
CA GLU C 26 65.56 9.45 -0.65
C GLU C 26 66.01 8.83 0.68
N GLU C 27 67.05 9.38 1.30
CA GLU C 27 67.63 8.90 2.59
C GLU C 27 66.87 9.55 3.73
N VAL C 28 66.36 8.75 4.67
CA VAL C 28 65.61 9.22 5.88
C VAL C 28 66.21 8.56 7.13
N THR C 29 65.84 9.02 8.32
CA THR C 29 66.46 8.63 9.60
C THR C 29 66.06 7.21 9.99
N ASN C 30 64.84 6.78 9.65
CA ASN C 30 64.28 5.45 9.99
C ASN C 30 63.21 5.11 8.95
N ALA C 31 62.92 3.82 8.76
CA ALA C 31 61.82 3.32 7.92
C ALA C 31 61.41 1.93 8.43
N THR C 32 60.20 1.49 8.09
CA THR C 32 59.69 0.13 8.41
C THR C 32 59.12 -0.50 7.14
N GLU C 33 59.19 -1.84 7.06
CA GLU C 33 58.71 -2.64 5.90
C GLU C 33 57.18 -2.71 5.96
N THR C 34 56.52 -2.71 4.80
CA THR C 34 55.03 -2.88 4.65
C THR C 34 54.68 -4.20 3.95
N VAL C 35 55.66 -4.88 3.34
CA VAL C 35 55.47 -6.15 2.58
C VAL C 35 56.17 -7.31 3.29
N GLU C 36 55.42 -8.35 3.70
CA GLU C 36 55.98 -9.57 4.33
C GLU C 36 56.56 -10.51 3.25
N SER C 37 57.83 -10.91 3.43
CA SER C 37 58.63 -11.79 2.55
C SER C 37 58.88 -13.15 3.22
N THR C 38 58.84 -13.20 4.56
CA THR C 38 59.10 -14.41 5.37
C THR C 38 57.82 -15.24 5.45
N SER C 39 57.95 -16.57 5.32
CA SER C 39 56.84 -17.54 5.47
C SER C 39 57.13 -18.47 6.64
N LEU C 40 56.07 -19.01 7.24
CA LEU C 40 56.16 -20.13 8.21
C LEU C 40 55.68 -21.40 7.50
N ASN C 41 56.58 -22.37 7.28
CA ASN C 41 56.27 -23.67 6.62
C ASN C 41 55.63 -24.60 7.67
N ARG C 42 54.56 -24.13 8.32
CA ARG C 42 53.76 -24.86 9.32
C ARG C 42 52.32 -24.34 9.28
N LEU C 43 51.35 -25.13 9.73
CA LEU C 43 49.94 -24.70 9.85
C LEU C 43 49.67 -24.32 11.31
N CYS C 44 49.66 -23.03 11.61
CA CYS C 44 49.46 -22.47 12.97
C CYS C 44 48.00 -22.69 13.36
N MET C 45 47.74 -23.63 14.28
CA MET C 45 46.39 -24.16 14.58
C MET C 45 46.06 -24.01 16.07
N LYS C 46 46.71 -23.07 16.77
CA LYS C 46 46.36 -22.72 18.17
C LYS C 46 45.04 -21.96 18.15
N GLY C 47 44.17 -22.23 19.12
CA GLY C 47 42.84 -21.61 19.26
C GLY C 47 41.88 -22.07 18.16
N ARG C 48 42.23 -23.14 17.45
CA ARG C 48 41.42 -23.70 16.33
C ARG C 48 41.07 -25.16 16.65
N ASN C 49 39.77 -25.47 16.64
CA ASN C 49 39.27 -26.87 16.69
C ASN C 49 39.44 -27.48 15.30
N HIS C 50 40.67 -27.87 14.96
CA HIS C 50 41.08 -28.31 13.60
C HIS C 50 40.91 -29.83 13.45
N LYS C 51 40.91 -30.33 12.22
CA LYS C 51 40.93 -31.76 11.87
C LYS C 51 41.87 -31.98 10.67
N ASP C 52 43.01 -32.65 10.90
CA ASP C 52 43.96 -33.04 9.83
C ASP C 52 43.50 -34.40 9.27
N LEU C 53 43.02 -34.42 8.01
CA LEU C 53 42.53 -35.66 7.35
C LEU C 53 43.71 -36.58 7.04
N GLY C 54 44.90 -36.02 6.84
CA GLY C 54 46.10 -36.78 6.44
C GLY C 54 45.84 -37.60 5.20
N ASN C 55 45.84 -38.92 5.36
CA ASN C 55 45.73 -39.90 4.25
C ASN C 55 44.30 -39.94 3.70
N CYS C 56 43.31 -39.46 4.47
CA CYS C 56 41.85 -39.49 4.15
C CYS C 56 41.47 -38.32 3.22
N HIS C 57 40.78 -38.64 2.12
CA HIS C 57 40.18 -37.66 1.18
C HIS C 57 38.80 -37.25 1.71
N PRO C 58 38.38 -35.97 1.58
CA PRO C 58 37.13 -35.55 2.19
C PRO C 58 35.90 -36.39 1.77
N ILE C 59 35.81 -36.77 0.49
CA ILE C 59 34.71 -37.62 -0.06
C ILE C 59 34.70 -38.95 0.71
N GLY C 60 35.88 -39.48 1.06
CA GLY C 60 36.05 -40.75 1.77
C GLY C 60 35.35 -40.75 3.12
N MET C 61 35.17 -39.60 3.77
CA MET C 61 34.52 -39.49 5.11
C MET C 61 33.02 -39.78 4.96
N LEU C 62 32.45 -39.57 3.78
CA LEU C 62 30.99 -39.71 3.53
C LEU C 62 30.64 -41.18 3.26
N ILE C 63 31.51 -41.90 2.56
CA ILE C 63 31.31 -43.32 2.16
C ILE C 63 32.01 -44.24 3.16
N GLY C 64 33.01 -43.74 3.88
CA GLY C 64 33.67 -44.47 4.97
C GLY C 64 34.72 -45.43 4.46
N THR C 65 35.71 -44.92 3.73
CA THR C 65 36.93 -45.66 3.31
C THR C 65 37.72 -46.05 4.57
N PRO C 66 38.40 -47.21 4.57
CA PRO C 66 39.26 -47.61 5.70
C PRO C 66 40.14 -46.47 6.24
N ALA C 67 40.80 -45.73 5.34
CA ALA C 67 41.70 -44.60 5.68
C ALA C 67 40.95 -43.52 6.49
N CYS C 68 39.62 -43.43 6.37
CA CYS C 68 38.81 -42.32 6.93
C CYS C 68 38.04 -42.77 8.18
N ASP C 69 38.43 -43.87 8.82
CA ASP C 69 37.66 -44.48 9.95
C ASP C 69 37.62 -43.51 11.13
N LEU C 70 38.73 -42.81 11.38
CA LEU C 70 38.86 -41.84 12.51
C LEU C 70 38.03 -40.58 12.21
N HIS C 71 37.71 -40.33 10.93
CA HIS C 71 37.16 -39.04 10.41
C HIS C 71 35.71 -39.20 9.89
N LEU C 72 34.96 -40.21 10.37
CA LEU C 72 33.60 -40.50 9.86
C LEU C 72 32.60 -39.48 10.39
N THR C 73 32.88 -38.86 11.53
CA THR C 73 32.02 -37.83 12.18
C THR C 73 32.92 -36.83 12.94
N GLY C 74 32.30 -35.85 13.59
CA GLY C 74 32.99 -34.84 14.41
C GLY C 74 32.59 -33.43 14.01
N THR C 75 33.09 -32.43 14.75
CA THR C 75 32.91 -30.99 14.47
C THR C 75 34.29 -30.34 14.44
N TRP C 76 34.46 -29.36 13.54
CA TRP C 76 35.73 -28.61 13.38
C TRP C 76 35.40 -27.20 12.87
N ASP C 77 36.35 -26.28 13.01
CA ASP C 77 36.29 -24.92 12.42
C ASP C 77 37.30 -24.83 11.27
N THR C 78 38.23 -25.79 11.19
CA THR C 78 39.28 -25.87 10.14
C THR C 78 39.46 -27.32 9.70
N LEU C 79 39.51 -27.59 8.40
CA LEU C 79 39.66 -28.96 7.84
C LEU C 79 40.83 -28.94 6.85
N ILE C 80 41.80 -29.84 7.02
CA ILE C 80 43.07 -29.85 6.22
C ILE C 80 43.11 -31.09 5.34
N GLU C 81 43.15 -30.90 4.02
CA GLU C 81 43.28 -31.97 2.99
C GLU C 81 44.74 -32.02 2.56
N ARG C 82 45.28 -33.23 2.33
CA ARG C 82 46.70 -33.45 1.93
C ARG C 82 46.74 -34.01 0.51
N LYS C 83 47.95 -34.12 -0.06
CA LYS C 83 48.15 -34.56 -1.46
C LYS C 83 48.00 -36.09 -1.53
N ASN C 84 47.42 -36.59 -2.63
CA ASN C 84 47.26 -38.04 -2.92
C ASN C 84 46.48 -38.73 -1.79
N ALA C 85 45.57 -38.02 -1.14
CA ALA C 85 44.62 -38.56 -0.15
C ALA C 85 43.72 -39.61 -0.82
N ILE C 86 43.38 -40.68 -0.09
CA ILE C 86 42.61 -41.86 -0.60
C ILE C 86 41.11 -41.64 -0.37
N ALA C 87 40.32 -41.72 -1.43
CA ALA C 87 38.84 -41.64 -1.41
C ALA C 87 38.26 -43.04 -1.65
N TYR C 88 38.74 -43.75 -2.66
CA TYR C 88 38.14 -45.05 -3.10
C TYR C 88 39.17 -46.16 -3.01
N CYS C 89 38.98 -47.12 -2.10
CA CYS C 89 39.81 -48.36 -1.99
C CYS C 89 39.54 -49.22 -3.23
N TYR C 90 38.27 -49.47 -3.53
CA TYR C 90 37.80 -50.20 -4.74
C TYR C 90 37.69 -49.20 -5.88
N PRO C 91 38.21 -49.51 -7.10
CA PRO C 91 38.29 -48.52 -8.17
C PRO C 91 36.91 -47.99 -8.59
N GLY C 92 36.83 -46.68 -8.83
CA GLY C 92 35.57 -45.98 -9.10
C GLY C 92 35.72 -44.48 -9.11
N ALA C 93 34.69 -43.77 -9.59
CA ALA C 93 34.67 -42.29 -9.67
C ALA C 93 33.32 -41.80 -9.14
N THR C 94 33.28 -40.54 -8.70
CA THR C 94 32.04 -39.90 -8.21
C THR C 94 31.59 -38.85 -9.23
N VAL C 95 30.31 -38.90 -9.62
CA VAL C 95 29.68 -37.87 -10.49
C VAL C 95 29.63 -36.57 -9.68
N ASN C 96 30.08 -35.45 -10.27
CA ASN C 96 30.23 -34.13 -9.61
C ASN C 96 31.18 -34.28 -8.41
N GLU C 97 32.31 -34.95 -8.61
CA GLU C 97 33.34 -35.18 -7.57
C GLU C 97 33.75 -33.83 -6.94
N GLU C 98 34.14 -32.87 -7.76
CA GLU C 98 34.75 -31.58 -7.31
C GLU C 98 33.69 -30.76 -6.55
N ALA C 99 32.45 -30.76 -7.03
CA ALA C 99 31.30 -30.06 -6.38
C ALA C 99 31.15 -30.59 -4.94
N LEU C 100 31.22 -31.91 -4.77
CA LEU C 100 31.02 -32.58 -3.45
C LEU C 100 32.19 -32.26 -2.50
N ARG C 101 33.43 -32.35 -2.99
CA ARG C 101 34.66 -32.07 -2.21
C ARG C 101 34.61 -30.64 -1.67
N GLN C 102 34.31 -29.68 -2.54
CA GLN C 102 34.24 -28.23 -2.19
C GLN C 102 33.22 -28.04 -1.07
N LYS C 103 32.09 -28.74 -1.16
CA LYS C 103 30.96 -28.65 -0.20
C LYS C 103 31.43 -29.10 1.19
N ILE C 104 32.19 -30.20 1.25
CA ILE C 104 32.68 -30.83 2.51
C ILE C 104 33.72 -29.88 3.14
N MET C 105 34.62 -29.31 2.33
CA MET C 105 35.74 -28.47 2.83
C MET C 105 35.20 -27.13 3.39
N GLU C 106 34.04 -26.70 2.89
CA GLU C 106 33.31 -25.49 3.36
C GLU C 106 32.69 -25.75 4.75
N SER C 107 32.38 -27.00 5.06
CA SER C 107 31.60 -27.43 6.26
C SER C 107 32.44 -27.30 7.53
N GLY C 108 31.76 -27.29 8.68
CA GLY C 108 32.38 -27.27 10.02
C GLY C 108 31.99 -28.49 10.86
N GLY C 109 31.82 -29.65 10.22
CA GLY C 109 31.44 -30.91 10.89
C GLY C 109 30.61 -31.84 10.02
N ILE C 110 30.56 -33.12 10.38
CA ILE C 110 29.71 -34.17 9.76
C ILE C 110 29.04 -34.98 10.88
N SER C 111 27.72 -35.11 10.80
CA SER C 111 26.89 -36.06 11.58
C SER C 111 26.42 -37.17 10.64
N LYS C 112 26.32 -38.40 11.16
CA LYS C 112 25.78 -39.55 10.40
C LYS C 112 24.41 -39.92 10.99
N ILE C 113 23.50 -40.34 10.11
CA ILE C 113 22.11 -40.77 10.45
C ILE C 113 21.87 -42.12 9.76
N ASN C 114 21.39 -43.10 10.51
CA ASN C 114 21.08 -44.46 10.01
C ASN C 114 19.90 -44.35 9.05
N THR C 115 19.98 -45.05 7.91
CA THR C 115 18.96 -45.02 6.84
C THR C 115 17.84 -45.99 7.22
N GLY C 116 18.17 -47.05 7.97
CA GLY C 116 17.22 -48.03 8.51
C GLY C 116 16.94 -49.18 7.57
N PHE C 117 17.46 -49.12 6.34
CA PHE C 117 17.23 -50.06 5.22
C PHE C 117 17.44 -51.50 5.67
N THR C 118 16.45 -52.36 5.40
CA THR C 118 16.45 -53.82 5.69
C THR C 118 16.20 -54.56 4.37
N TYR C 119 16.70 -55.80 4.29
CA TYR C 119 16.69 -56.63 3.05
C TYR C 119 16.18 -58.04 3.37
N GLY C 120 15.57 -58.70 2.39
CA GLY C 120 15.03 -60.07 2.51
C GLY C 120 16.13 -61.08 2.79
N SER C 121 15.75 -62.35 3.01
CA SER C 121 16.66 -63.49 3.26
C SER C 121 17.43 -63.84 1.98
N SER C 122 16.84 -63.57 0.81
CA SER C 122 17.43 -63.89 -0.53
C SER C 122 18.52 -62.86 -0.90
N ILE C 123 18.64 -61.75 -0.18
CA ILE C 123 19.72 -60.72 -0.38
C ILE C 123 20.80 -60.92 0.69
N ASN C 124 22.08 -60.91 0.30
CA ASN C 124 23.27 -60.83 1.19
C ASN C 124 23.82 -59.40 1.16
N SER C 125 23.80 -58.71 2.31
CA SER C 125 24.19 -57.28 2.44
C SER C 125 25.64 -57.13 2.94
N ALA C 126 26.35 -58.23 3.21
CA ALA C 126 27.68 -58.22 3.84
C ALA C 126 28.77 -58.51 2.80
N GLY C 127 28.47 -58.29 1.50
CA GLY C 127 29.43 -58.46 0.39
C GLY C 127 30.66 -57.58 0.58
N THR C 128 31.86 -58.18 0.61
CA THR C 128 33.14 -57.49 0.85
C THR C 128 34.08 -57.67 -0.35
N THR C 129 35.23 -57.02 -0.32
CA THR C 129 36.28 -57.05 -1.38
C THR C 129 37.67 -56.99 -0.73
N LYS C 130 38.69 -57.40 -1.47
CA LYS C 130 40.10 -57.45 -1.02
C LYS C 130 40.73 -56.06 -1.20
N ALA C 131 40.11 -55.20 -2.00
CA ALA C 131 40.55 -53.82 -2.28
C ALA C 131 40.36 -52.95 -1.04
N CYS C 132 39.37 -53.22 -0.19
CA CYS C 132 39.08 -52.44 1.05
C CYS C 132 39.34 -53.33 2.28
N MET C 133 40.58 -53.36 2.77
CA MET C 133 40.99 -54.22 3.90
C MET C 133 40.80 -53.46 5.22
N ARG C 134 40.29 -54.14 6.24
CA ARG C 134 40.03 -53.59 7.59
C ARG C 134 40.17 -54.74 8.61
N ASN C 135 40.97 -54.54 9.66
CA ASN C 135 41.24 -55.56 10.72
C ASN C 135 41.96 -56.76 10.12
N GLY C 136 42.75 -56.54 9.04
CA GLY C 136 43.52 -57.59 8.35
C GLY C 136 42.74 -58.31 7.26
N GLY C 137 41.41 -58.40 7.37
CA GLY C 137 40.54 -59.21 6.49
C GLY C 137 39.74 -58.35 5.53
N ASN C 138 39.15 -58.98 4.51
CA ASN C 138 38.32 -58.33 3.45
C ASN C 138 37.15 -57.58 4.10
N SER C 139 36.78 -56.43 3.54
CA SER C 139 35.74 -55.51 4.08
C SER C 139 35.23 -54.58 2.98
N PHE C 140 34.39 -53.60 3.34
CA PHE C 140 33.75 -52.65 2.40
C PHE C 140 33.63 -51.26 3.04
N TYR C 141 33.21 -50.28 2.25
CA TYR C 141 32.90 -48.90 2.70
C TYR C 141 31.93 -48.99 3.90
N ALA C 142 32.26 -48.28 4.98
CA ALA C 142 31.58 -48.38 6.29
C ALA C 142 30.14 -47.84 6.23
N GLU C 143 29.83 -46.95 5.29
CA GLU C 143 28.53 -46.22 5.25
C GLU C 143 27.65 -46.78 4.14
N LEU C 144 28.11 -47.82 3.45
CA LEU C 144 27.37 -48.48 2.35
C LEU C 144 27.39 -49.99 2.57
N LYS C 145 26.46 -50.69 1.92
CA LYS C 145 26.36 -52.18 1.92
C LYS C 145 26.35 -52.66 0.47
N TRP C 146 27.17 -53.67 0.15
CA TRP C 146 27.17 -54.35 -1.16
C TRP C 146 26.09 -55.44 -1.15
N LEU C 147 25.01 -55.24 -1.91
CA LEU C 147 23.87 -56.19 -2.01
C LEU C 147 24.10 -57.14 -3.19
N VAL C 148 24.09 -58.43 -2.91
CA VAL C 148 24.28 -59.55 -3.88
C VAL C 148 23.27 -60.67 -3.52
N SER C 149 22.92 -61.55 -4.47
CA SER C 149 21.99 -62.69 -4.21
C SER C 149 22.71 -63.73 -3.33
N LYS C 150 22.01 -64.33 -2.36
CA LYS C 150 22.60 -65.27 -1.38
C LYS C 150 22.98 -66.57 -2.08
N ASN C 151 22.11 -67.06 -2.98
CA ASN C 151 22.35 -68.28 -3.80
C ASN C 151 23.00 -67.83 -5.11
N LYS C 152 24.28 -68.16 -5.31
CA LYS C 152 25.07 -67.77 -6.51
C LYS C 152 24.29 -68.10 -7.79
N GLY C 153 24.16 -67.14 -8.72
CA GLY C 153 23.52 -67.34 -10.02
C GLY C 153 22.03 -67.04 -9.99
N GLN C 154 21.39 -67.12 -8.82
CA GLN C 154 19.96 -66.82 -8.59
C GLN C 154 19.70 -65.33 -8.88
N ASN C 155 18.54 -65.02 -9.49
CA ASN C 155 18.08 -63.65 -9.78
C ASN C 155 17.87 -62.87 -8.48
N PHE C 156 18.43 -61.66 -8.41
CA PHE C 156 18.28 -60.69 -7.29
C PHE C 156 16.83 -60.24 -7.23
N PRO C 157 16.18 -60.27 -6.04
CA PRO C 157 14.78 -59.87 -5.93
C PRO C 157 14.59 -58.36 -6.19
N GLN C 158 13.47 -57.97 -6.79
CA GLN C 158 13.10 -56.55 -7.05
C GLN C 158 12.72 -55.95 -5.70
N THR C 159 13.58 -55.14 -5.09
CA THR C 159 13.38 -54.58 -3.73
C THR C 159 13.21 -53.07 -3.85
N THR C 160 12.57 -52.44 -2.87
CA THR C 160 12.34 -50.97 -2.78
C THR C 160 12.67 -50.51 -1.35
N ASN C 161 13.64 -49.62 -1.22
CA ASN C 161 14.04 -48.97 0.06
C ASN C 161 13.80 -47.46 -0.07
N THR C 162 13.26 -46.85 0.98
CA THR C 162 12.89 -45.41 1.02
C THR C 162 13.43 -44.79 2.31
N TYR C 163 14.28 -43.76 2.19
CA TYR C 163 14.81 -42.97 3.31
C TYR C 163 14.00 -41.66 3.41
N ARG C 164 13.52 -41.34 4.61
CA ARG C 164 12.81 -40.08 4.92
C ARG C 164 13.71 -39.23 5.81
N ASN C 165 13.75 -37.92 5.56
CA ASN C 165 14.52 -36.95 6.36
C ASN C 165 13.61 -36.42 7.48
N ALA C 166 13.77 -36.94 8.69
CA ALA C 166 12.98 -36.58 9.89
C ALA C 166 13.52 -35.28 10.52
N ASP C 167 14.72 -34.86 10.09
CA ASP C 167 15.49 -33.70 10.65
C ASP C 167 14.92 -32.40 10.09
N THR C 168 15.38 -31.25 10.60
CA THR C 168 14.97 -29.89 10.18
C THR C 168 15.97 -29.29 9.18
N ALA C 169 17.12 -29.96 8.95
CA ALA C 169 18.20 -29.54 8.02
C ALA C 169 18.37 -30.58 6.90
N GLU C 170 18.93 -30.16 5.76
CA GLU C 170 19.11 -31.03 4.56
C GLU C 170 20.17 -32.10 4.86
N HIS C 171 19.98 -33.30 4.31
CA HIS C 171 20.84 -34.50 4.50
C HIS C 171 21.45 -34.88 3.15
N LEU C 172 22.72 -35.27 3.14
CA LEU C 172 23.50 -35.63 1.93
C LEU C 172 23.56 -37.16 1.83
N ILE C 173 22.84 -37.73 0.87
CA ILE C 173 22.77 -39.21 0.67
C ILE C 173 23.69 -39.58 -0.49
N MET C 174 24.55 -40.58 -0.30
CA MET C 174 25.43 -41.14 -1.37
C MET C 174 25.07 -42.61 -1.58
N TRP C 175 25.09 -43.07 -2.84
CA TRP C 175 24.97 -44.50 -3.20
C TRP C 175 25.94 -44.81 -4.34
N GLY C 176 26.20 -46.09 -4.57
CA GLY C 176 27.10 -46.57 -5.64
C GLY C 176 26.37 -47.52 -6.57
N ILE C 177 26.86 -47.62 -7.81
CA ILE C 177 26.40 -48.60 -8.84
C ILE C 177 27.61 -49.47 -9.18
N HIS C 178 27.52 -50.78 -8.95
CA HIS C 178 28.59 -51.76 -9.32
C HIS C 178 28.50 -52.04 -10.82
N HIS C 179 29.64 -52.00 -11.51
CA HIS C 179 29.81 -52.33 -12.95
C HIS C 179 30.67 -53.58 -13.08
N PRO C 180 30.07 -54.78 -13.27
CA PRO C 180 30.84 -56.03 -13.36
C PRO C 180 31.82 -56.11 -14.54
N SER C 181 32.86 -56.95 -14.41
CA SER C 181 34.00 -57.08 -15.35
C SER C 181 33.66 -58.04 -16.51
N SER C 182 32.77 -59.01 -16.30
CA SER C 182 32.36 -60.02 -17.31
C SER C 182 30.86 -60.33 -17.16
N THR C 183 30.26 -60.98 -18.16
CA THR C 183 28.85 -61.48 -18.14
C THR C 183 28.71 -62.57 -17.07
N GLN C 184 29.73 -63.42 -16.93
CA GLN C 184 29.75 -64.55 -15.94
C GLN C 184 29.64 -63.97 -14.52
N GLU C 185 30.47 -62.97 -14.22
CA GLU C 185 30.52 -62.28 -12.90
C GLU C 185 29.15 -61.66 -12.59
N LYS C 186 28.53 -61.01 -13.58
CA LYS C 186 27.21 -60.33 -13.42
C LYS C 186 26.18 -61.38 -12.98
N ASN C 187 26.15 -62.53 -13.67
CA ASN C 187 25.12 -63.60 -13.51
C ASN C 187 25.24 -64.24 -12.11
N ASP C 188 26.47 -64.44 -11.62
CA ASP C 188 26.73 -65.09 -10.31
C ASP C 188 26.22 -64.17 -9.19
N LEU C 189 26.34 -62.83 -9.34
CA LEU C 189 26.03 -61.85 -8.26
C LEU C 189 24.56 -61.43 -8.29
N TYR C 190 24.02 -61.07 -9.47
CA TYR C 190 22.67 -60.44 -9.60
C TYR C 190 21.72 -61.26 -10.48
N GLY C 191 22.21 -62.35 -11.09
CA GLY C 191 21.38 -63.27 -11.90
C GLY C 191 21.36 -62.90 -13.37
N THR C 192 20.56 -63.64 -14.14
CA THR C 192 20.49 -63.58 -15.62
C THR C 192 19.65 -62.39 -16.09
N GLN C 193 18.73 -61.89 -15.25
CA GLN C 193 17.76 -60.81 -15.57
C GLN C 193 18.49 -59.52 -15.95
N SER C 194 17.85 -58.67 -16.77
CA SER C 194 18.29 -57.29 -17.09
C SER C 194 18.20 -56.43 -15.83
N LEU C 195 19.27 -55.68 -15.51
CA LEU C 195 19.38 -54.88 -14.26
C LEU C 195 18.91 -53.45 -14.52
N SER C 196 18.13 -52.89 -13.59
CA SER C 196 17.71 -51.46 -13.58
C SER C 196 17.68 -50.93 -12.14
N ILE C 197 18.40 -49.84 -11.88
CA ILE C 197 18.37 -49.10 -10.58
C ILE C 197 17.74 -47.73 -10.83
N SER C 198 16.56 -47.50 -10.27
CA SER C 198 15.84 -46.21 -10.29
C SER C 198 15.94 -45.53 -8.92
N VAL C 199 16.33 -44.26 -8.91
CA VAL C 199 16.36 -43.39 -7.70
C VAL C 199 15.38 -42.24 -7.91
N GLY C 200 14.61 -41.88 -6.88
CA GLY C 200 13.54 -40.87 -6.96
C GLY C 200 13.34 -40.12 -5.65
N SER C 201 13.39 -38.79 -5.71
CA SER C 201 12.97 -37.86 -4.63
C SER C 201 12.09 -36.75 -5.24
N SER C 202 11.73 -35.72 -4.46
CA SER C 202 11.00 -34.52 -4.95
C SER C 202 11.87 -33.71 -5.92
N THR C 203 13.18 -33.66 -5.67
CA THR C 203 14.15 -32.74 -6.34
C THR C 203 15.14 -33.52 -7.22
N TYR C 204 15.13 -34.85 -7.17
CA TYR C 204 16.09 -35.73 -7.90
C TYR C 204 15.37 -36.94 -8.48
N LYS C 205 15.80 -37.37 -9.67
CA LYS C 205 15.29 -38.56 -10.38
C LYS C 205 16.33 -39.02 -11.40
N ASN C 206 16.59 -40.33 -11.49
CA ASN C 206 17.63 -40.89 -12.38
C ASN C 206 17.49 -42.42 -12.45
N ASN C 207 17.81 -43.00 -13.61
CA ASN C 207 17.94 -44.46 -13.82
C ASN C 207 19.42 -44.78 -14.04
N PHE C 208 19.87 -45.94 -13.55
CA PHE C 208 21.25 -46.45 -13.66
C PHE C 208 21.20 -47.89 -14.17
N VAL C 209 21.87 -48.16 -15.30
CA VAL C 209 22.08 -49.52 -15.87
C VAL C 209 23.54 -49.90 -15.59
N PRO C 210 23.82 -50.99 -14.84
CA PRO C 210 25.18 -51.49 -14.70
C PRO C 210 25.77 -51.87 -16.07
N VAL C 211 26.81 -51.15 -16.51
CA VAL C 211 27.61 -51.47 -17.73
C VAL C 211 28.54 -52.64 -17.39
N VAL C 212 28.55 -53.68 -18.22
CA VAL C 212 29.30 -54.95 -18.00
C VAL C 212 30.18 -55.18 -19.23
N GLY C 213 31.50 -55.22 -19.02
CA GLY C 213 32.50 -55.30 -20.10
C GLY C 213 33.91 -55.38 -19.54
N ALA C 214 34.81 -56.07 -20.26
CA ALA C 214 36.22 -56.28 -19.88
C ALA C 214 36.95 -54.94 -19.88
N ARG C 215 37.81 -54.71 -18.87
CA ARG C 215 38.62 -53.48 -18.71
C ARG C 215 39.83 -53.78 -17.83
N PRO C 216 40.92 -52.99 -17.94
CA PRO C 216 42.11 -53.16 -17.12
C PRO C 216 41.83 -53.22 -15.62
N GLN C 217 42.74 -53.86 -14.87
CA GLN C 217 42.74 -53.92 -13.38
C GLN C 217 43.26 -52.58 -12.84
N VAL C 218 42.57 -52.04 -11.82
CA VAL C 218 43.05 -50.93 -10.93
C VAL C 218 42.92 -51.43 -9.48
N ASN C 219 44.00 -51.38 -8.69
CA ASN C 219 44.07 -51.95 -7.32
C ASN C 219 43.64 -53.44 -7.37
N GLY C 220 44.02 -54.13 -8.44
CA GLY C 220 43.81 -55.58 -8.61
C GLY C 220 42.35 -55.95 -8.86
N GLN C 221 41.57 -55.04 -9.45
CA GLN C 221 40.10 -55.21 -9.66
C GLN C 221 39.70 -54.68 -11.05
N SER C 222 39.07 -55.51 -11.88
CA SER C 222 38.51 -55.12 -13.21
C SER C 222 37.12 -54.51 -13.02
N GLY C 223 36.44 -54.82 -11.91
CA GLY C 223 35.13 -54.23 -11.56
C GLY C 223 35.26 -52.76 -11.17
N ARG C 224 34.20 -51.97 -11.34
CA ARG C 224 34.15 -50.53 -10.98
C ARG C 224 32.92 -50.27 -10.11
N ILE C 225 33.04 -49.44 -9.06
CA ILE C 225 31.89 -48.95 -8.26
C ILE C 225 31.89 -47.43 -8.34
N ASP C 226 31.00 -46.88 -9.18
CA ASP C 226 30.84 -45.42 -9.41
CA ASP C 226 30.84 -45.42 -9.41
C ASP C 226 29.82 -44.88 -8.41
N PHE C 227 30.14 -43.77 -7.75
CA PHE C 227 29.27 -43.16 -6.69
C PHE C 227 28.45 -42.03 -7.30
N HIS C 228 27.23 -41.86 -6.76
CA HIS C 228 26.33 -40.73 -7.06
C HIS C 228 25.85 -40.14 -5.74
N TRP C 229 25.41 -38.89 -5.75
CA TRP C 229 24.94 -38.21 -4.52
C TRP C 229 23.89 -37.17 -4.86
N THR C 230 23.07 -36.81 -3.87
CA THR C 230 22.05 -35.75 -3.94
C THR C 230 21.76 -35.27 -2.52
N LEU C 231 21.16 -34.10 -2.38
CA LEU C 231 20.64 -33.58 -1.09
C LEU C 231 19.18 -33.99 -0.95
N VAL C 232 18.78 -34.43 0.23
CA VAL C 232 17.36 -34.75 0.59
C VAL C 232 16.87 -33.69 1.55
N GLN C 233 15.87 -32.90 1.13
CA GLN C 233 15.35 -31.73 1.91
C GLN C 233 14.60 -32.24 3.13
N PRO C 234 14.46 -31.42 4.20
CA PRO C 234 13.70 -31.81 5.39
C PRO C 234 12.26 -32.24 5.04
N GLY C 235 11.82 -33.37 5.60
CA GLY C 235 10.45 -33.92 5.45
C GLY C 235 10.26 -34.69 4.16
N ASP C 236 11.26 -34.72 3.28
CA ASP C 236 11.19 -35.35 1.93
C ASP C 236 11.72 -36.80 2.03
N LYS C 237 11.34 -37.65 1.08
CA LYS C 237 11.80 -39.07 1.02
C LYS C 237 12.55 -39.31 -0.30
N ILE C 238 13.50 -40.23 -0.31
CA ILE C 238 14.22 -40.71 -1.52
C ILE C 238 14.03 -42.23 -1.61
N THR C 239 13.59 -42.72 -2.77
CA THR C 239 13.20 -44.14 -3.00
C THR C 239 14.17 -44.79 -4.00
N PHE C 240 14.76 -45.93 -3.63
CA PHE C 240 15.64 -46.78 -4.47
C PHE C 240 14.86 -48.00 -4.94
N SER C 241 14.50 -48.04 -6.23
CA SER C 241 13.99 -49.25 -6.92
C SER C 241 15.16 -49.93 -7.64
N HIS C 242 15.53 -51.14 -7.20
CA HIS C 242 16.69 -51.89 -7.76
C HIS C 242 16.40 -53.39 -7.82
N ASN C 243 17.00 -54.07 -8.80
CA ASN C 243 16.97 -55.56 -8.94
C ASN C 243 18.40 -56.07 -9.05
N GLY C 244 19.33 -55.46 -8.31
CA GLY C 244 20.75 -55.87 -8.24
C GLY C 244 21.68 -54.85 -8.92
N GLY C 245 22.87 -54.64 -8.37
CA GLY C 245 23.87 -53.69 -8.90
C GLY C 245 23.92 -52.41 -8.08
N LEU C 246 22.97 -52.19 -7.16
CA LEU C 246 22.96 -51.01 -6.26
C LEU C 246 23.87 -51.27 -5.07
N ILE C 247 24.74 -50.32 -4.75
CA ILE C 247 25.49 -50.24 -3.47
C ILE C 247 24.71 -49.24 -2.58
N ALA C 248 23.95 -49.75 -1.61
CA ALA C 248 22.93 -48.98 -0.87
C ALA C 248 23.59 -48.35 0.35
N PRO C 249 23.14 -47.14 0.77
CA PRO C 249 23.66 -46.50 1.97
C PRO C 249 23.11 -47.08 3.28
N SER C 250 23.98 -47.46 4.22
CA SER C 250 23.63 -47.79 5.63
C SER C 250 23.34 -46.48 6.37
N ARG C 251 24.18 -45.45 6.17
CA ARG C 251 24.03 -44.12 6.81
C ARG C 251 24.07 -43.01 5.74
N VAL C 252 23.35 -41.92 6.00
CA VAL C 252 23.45 -40.65 5.23
C VAL C 252 24.23 -39.64 6.09
N SER C 253 24.75 -38.60 5.45
CA SER C 253 25.63 -37.58 6.07
C SER C 253 24.86 -36.26 6.20
N LYS C 254 25.17 -35.48 7.23
CA LYS C 254 24.65 -34.10 7.46
C LYS C 254 25.84 -33.18 7.72
N LEU C 255 26.08 -32.20 6.85
CA LEU C 255 27.18 -31.20 7.01
C LEU C 255 26.70 -30.14 8.00
N ILE C 256 27.51 -29.81 9.01
CA ILE C 256 27.15 -28.88 10.12
C ILE C 256 27.96 -27.59 9.95
N GLY C 257 27.26 -26.45 9.86
CA GLY C 257 27.84 -25.11 9.92
C GLY C 257 28.91 -24.87 8.86
N ARG C 258 29.85 -23.98 9.19
CA ARG C 258 30.86 -23.42 8.25
C ARG C 258 32.26 -23.65 8.86
N GLY C 259 33.26 -23.85 8.01
CA GLY C 259 34.67 -24.06 8.42
C GLY C 259 35.61 -23.62 7.33
N LEU C 260 36.89 -23.50 7.67
CA LEU C 260 37.96 -23.07 6.73
C LEU C 260 38.67 -24.30 6.15
N GLY C 261 38.67 -24.41 4.83
CA GLY C 261 39.19 -25.57 4.09
C GLY C 261 40.57 -25.26 3.54
N ILE C 262 41.59 -25.94 4.05
CA ILE C 262 43.03 -25.71 3.70
C ILE C 262 43.54 -26.95 2.95
N GLN C 263 44.04 -26.75 1.72
CA GLN C 263 44.83 -27.74 0.97
C GLN C 263 46.30 -27.33 1.11
N SER C 264 47.09 -28.10 1.86
CA SER C 264 48.50 -27.79 2.20
C SER C 264 49.29 -29.08 2.42
N GLU C 265 50.62 -29.01 2.30
CA GLU C 265 51.54 -30.15 2.58
C GLU C 265 52.31 -29.90 3.87
N ALA C 266 52.12 -28.74 4.51
CA ALA C 266 52.95 -28.27 5.64
C ALA C 266 52.50 -28.93 6.94
N PRO C 267 53.42 -29.26 7.86
CA PRO C 267 53.07 -29.86 9.15
C PRO C 267 52.26 -28.94 10.07
N ILE C 268 51.56 -29.51 11.04
CA ILE C 268 50.73 -28.78 12.05
C ILE C 268 51.60 -28.36 13.22
N ASP C 269 51.46 -27.10 13.67
CA ASP C 269 52.08 -26.55 14.90
C ASP C 269 50.97 -25.98 15.78
N ASN C 270 50.75 -26.54 16.97
CA ASN C 270 49.62 -26.12 17.85
C ASN C 270 50.04 -24.96 18.76
N SER C 271 51.27 -24.47 18.64
CA SER C 271 51.84 -23.42 19.53
C SER C 271 51.54 -22.01 18.97
N CYS C 272 51.67 -21.80 17.65
CA CYS C 272 51.44 -20.48 16.98
C CYS C 272 49.99 -20.36 16.50
N GLU C 273 49.48 -19.12 16.45
CA GLU C 273 48.15 -18.73 15.90
C GLU C 273 48.34 -18.11 14.52
N SER C 274 47.32 -18.18 13.66
CA SER C 274 47.28 -17.52 12.33
C SER C 274 45.83 -17.43 11.86
N LYS C 275 45.54 -16.45 10.99
CA LYS C 275 44.21 -16.30 10.34
C LYS C 275 44.37 -16.44 8.82
N CYS C 276 45.60 -16.60 8.33
CA CYS C 276 45.94 -16.61 6.89
C CYS C 276 46.80 -17.85 6.58
N PHE C 277 46.45 -18.58 5.52
CA PHE C 277 47.11 -19.86 5.14
C PHE C 277 47.26 -19.95 3.62
N TRP C 278 48.19 -20.78 3.18
CA TRP C 278 48.43 -21.13 1.76
C TRP C 278 49.09 -22.51 1.70
N ARG C 279 49.27 -23.05 0.48
CA ARG C 279 49.86 -24.40 0.24
C ARG C 279 51.13 -24.54 1.09
N GLY C 280 52.00 -23.53 1.07
CA GLY C 280 53.33 -23.53 1.74
C GLY C 280 53.27 -23.33 3.24
N GLY C 281 52.15 -22.86 3.81
CA GLY C 281 52.00 -22.74 5.27
C GLY C 281 51.09 -21.60 5.72
N SER C 282 51.54 -20.84 6.72
CA SER C 282 50.80 -19.72 7.37
C SER C 282 51.52 -18.38 7.15
N ILE C 283 50.82 -17.28 7.42
CA ILE C 283 51.27 -15.87 7.26
C ILE C 283 50.77 -15.05 8.45
N ASN C 284 51.64 -14.70 9.40
CA ASN C 284 51.26 -14.25 10.76
C ASN C 284 51.38 -12.73 10.93
N THR C 285 51.70 -12.00 9.87
CA THR C 285 52.18 -10.60 9.96
C THR C 285 51.05 -9.63 10.29
N ARG C 286 51.42 -8.54 10.95
CA ARG C 286 50.53 -7.36 11.19
C ARG C 286 50.58 -6.46 9.94
N LEU C 287 51.56 -6.66 9.07
CA LEU C 287 51.81 -5.87 7.83
C LEU C 287 50.62 -6.01 6.87
N PRO C 288 50.35 -4.96 6.06
CA PRO C 288 49.16 -4.94 5.20
C PRO C 288 49.29 -5.68 3.86
N PHE C 289 50.52 -5.98 3.44
CA PHE C 289 50.84 -6.65 2.15
C PHE C 289 51.77 -7.84 2.37
N GLN C 290 51.86 -8.69 1.35
CA GLN C 290 52.69 -9.93 1.37
C GLN C 290 53.03 -10.30 -0.08
N ASN C 291 54.16 -10.97 -0.33
CA ASN C 291 54.55 -11.44 -1.69
C ASN C 291 54.90 -12.93 -1.69
N LEU C 292 54.20 -13.72 -0.88
CA LEU C 292 54.43 -15.19 -0.74
C LEU C 292 53.61 -15.96 -1.76
N SER C 293 52.31 -15.68 -1.87
CA SER C 293 51.37 -16.36 -2.78
C SER C 293 50.09 -15.56 -3.02
N PRO C 294 49.59 -15.51 -4.28
CA PRO C 294 48.26 -14.97 -4.57
C PRO C 294 47.11 -15.91 -4.19
N ARG C 295 47.39 -17.20 -4.03
CA ARG C 295 46.42 -18.24 -3.57
C ARG C 295 46.53 -18.35 -2.05
N THR C 296 45.68 -17.64 -1.31
CA THR C 296 45.60 -17.67 0.18
C THR C 296 44.14 -17.81 0.60
N VAL C 297 43.92 -18.17 1.86
CA VAL C 297 42.57 -18.38 2.47
C VAL C 297 42.59 -17.86 3.91
N GLY C 298 41.46 -17.33 4.38
CA GLY C 298 41.31 -16.66 5.69
C GLY C 298 41.36 -15.15 5.54
N GLN C 299 41.60 -14.45 6.66
CA GLN C 299 41.83 -12.98 6.69
C GLN C 299 43.29 -12.72 6.38
N CYS C 300 43.59 -12.19 5.20
CA CYS C 300 44.97 -12.19 4.63
C CYS C 300 45.45 -10.80 4.23
N PRO C 301 46.75 -10.51 4.41
CA PRO C 301 47.41 -9.39 3.75
C PRO C 301 47.22 -9.57 2.24
N LYS C 302 47.09 -8.47 1.51
CA LYS C 302 46.84 -8.48 0.05
C LYS C 302 48.14 -8.79 -0.67
N TYR C 303 48.09 -9.63 -1.70
CA TYR C 303 49.28 -10.03 -2.48
C TYR C 303 49.71 -8.84 -3.35
N VAL C 304 51.01 -8.53 -3.37
CA VAL C 304 51.63 -7.48 -4.23
C VAL C 304 52.84 -8.08 -4.95
N ASN C 305 53.17 -7.59 -6.13
CA ASN C 305 54.38 -7.96 -6.92
C ASN C 305 55.53 -7.02 -6.54
N LYS C 306 55.98 -7.07 -5.28
CA LYS C 306 57.05 -6.19 -4.74
C LYS C 306 57.88 -6.97 -3.71
N LYS C 307 59.19 -7.01 -3.88
CA LYS C 307 60.13 -7.58 -2.87
C LYS C 307 59.92 -6.85 -1.54
N SER C 308 59.95 -5.51 -1.57
CA SER C 308 59.97 -4.60 -0.39
C SER C 308 59.32 -3.25 -0.73
N LEU C 309 58.61 -2.66 0.23
CA LEU C 309 58.10 -1.27 0.19
C LEU C 309 58.37 -0.61 1.55
N MET C 310 59.37 0.28 1.61
CA MET C 310 59.84 0.90 2.87
C MET C 310 59.05 2.19 3.12
N LEU C 311 58.42 2.29 4.29
CA LEU C 311 57.59 3.43 4.74
C LEU C 311 58.42 4.29 5.71
N ALA C 312 58.79 5.51 5.30
CA ALA C 312 59.56 6.46 6.13
C ALA C 312 58.86 6.67 7.47
N THR C 313 59.62 6.57 8.57
CA THR C 313 59.16 6.81 9.96
C THR C 313 60.02 7.90 10.60
N GLY C 314 60.62 8.77 9.77
CA GLY C 314 61.47 9.88 10.23
C GLY C 314 61.77 10.84 9.11
N MET C 315 62.32 12.01 9.46
CA MET C 315 62.64 13.11 8.52
C MET C 315 63.77 12.70 7.58
N ARG C 316 64.03 13.51 6.55
CA ARG C 316 65.25 13.41 5.70
C ARG C 316 66.46 13.31 6.61
N ASN C 317 67.39 12.42 6.28
CA ASN C 317 68.70 12.32 6.95
C ASN C 317 69.70 13.18 6.17
N VAL C 318 70.20 14.23 6.80
CA VAL C 318 71.23 15.14 6.23
C VAL C 318 72.46 15.07 7.14
N PRO C 319 73.48 14.27 6.76
CA PRO C 319 74.59 13.95 7.66
C PRO C 319 75.72 15.00 7.61
N GLU C 320 76.59 14.97 8.63
CA GLU C 320 77.67 15.97 8.88
C GLU C 320 78.95 15.52 8.16
N GLY D 1 63.36 20.98 0.06
CA GLY D 1 62.00 20.49 0.39
C GLY D 1 60.98 21.62 0.36
N LEU D 2 59.69 21.29 0.57
CA LEU D 2 58.57 22.25 0.44
C LEU D 2 58.80 23.48 1.32
N PHE D 3 59.23 23.30 2.57
CA PHE D 3 59.25 24.39 3.59
C PHE D 3 60.65 25.01 3.72
N GLY D 4 61.66 24.42 3.08
CA GLY D 4 62.99 25.03 2.91
C GLY D 4 63.90 24.88 4.13
N ALA D 5 63.39 24.36 5.26
CA ALA D 5 64.14 24.29 6.55
C ALA D 5 65.16 23.14 6.49
N ILE D 6 64.70 21.91 6.26
CA ILE D 6 65.56 20.69 6.32
C ILE D 6 66.03 20.37 4.90
N ALA D 7 67.32 20.03 4.75
CA ALA D 7 68.03 19.98 3.46
C ALA D 7 67.78 21.29 2.72
N GLY D 8 67.71 22.41 3.46
CA GLY D 8 67.50 23.76 2.93
C GLY D 8 68.45 24.75 3.60
N PHE D 9 67.93 25.81 4.21
CA PHE D 9 68.74 26.90 4.82
C PHE D 9 69.51 26.34 6.03
N ILE D 10 68.99 25.32 6.72
CA ILE D 10 69.77 24.50 7.68
C ILE D 10 70.63 23.51 6.90
N GLU D 11 71.96 23.67 6.96
CA GLU D 11 72.93 23.02 6.03
C GLU D 11 72.96 21.51 6.27
N ASN D 12 72.81 21.07 7.53
CA ASN D 12 72.82 19.63 7.88
C ASN D 12 72.21 19.40 9.26
N GLY D 13 71.94 18.14 9.59
CA GLY D 13 71.41 17.74 10.90
C GLY D 13 72.51 17.50 11.90
N TRP D 14 72.13 17.20 13.15
CA TRP D 14 73.07 17.03 14.30
C TRP D 14 73.00 15.58 14.79
N GLU D 15 74.03 14.77 14.53
CA GLU D 15 74.15 13.39 15.08
C GLU D 15 74.32 13.48 16.61
N GLY D 16 74.91 14.58 17.10
CA GLY D 16 75.11 14.86 18.53
C GLY D 16 73.80 14.88 19.32
N MET D 17 72.72 15.38 18.71
CA MET D 17 71.41 15.54 19.41
C MET D 17 70.65 14.22 19.39
N VAL D 18 70.63 13.51 20.52
CA VAL D 18 70.09 12.12 20.60
C VAL D 18 68.86 12.09 21.52
N ASP D 19 68.49 13.21 22.16
CA ASP D 19 67.39 13.28 23.16
C ASP D 19 66.12 13.92 22.55
N GLY D 20 66.12 14.18 21.24
CA GLY D 20 65.00 14.79 20.52
C GLY D 20 65.28 14.92 19.03
N TRP D 21 64.27 15.33 18.25
CA TRP D 21 64.34 15.42 16.76
C TRP D 21 64.80 16.83 16.37
N TYR D 22 64.23 17.83 17.02
CA TYR D 22 64.52 19.28 16.82
C TYR D 22 65.08 19.84 18.11
N GLY D 23 65.94 20.85 18.03
CA GLY D 23 66.45 21.55 19.22
C GLY D 23 67.36 22.71 18.91
N PHE D 24 68.04 23.21 19.96
CA PHE D 24 68.85 24.45 19.96
C PHE D 24 70.29 24.16 20.38
N ARG D 25 71.23 24.86 19.78
CA ARG D 25 72.61 25.06 20.29
C ARG D 25 72.82 26.57 20.44
N HIS D 26 73.40 27.02 21.55
CA HIS D 26 73.69 28.45 21.81
C HIS D 26 75.18 28.61 22.15
N GLN D 27 75.72 29.79 21.85
CA GLN D 27 77.07 30.25 22.30
C GLN D 27 76.90 31.65 22.90
N ASN D 28 77.43 31.85 24.11
CA ASN D 28 77.46 33.15 24.84
C ASN D 28 78.79 33.25 25.58
N ALA D 29 79.02 34.37 26.28
CA ALA D 29 80.23 34.62 27.11
C ALA D 29 80.50 33.40 27.99
N GLN D 30 79.43 32.88 28.62
CA GLN D 30 79.40 31.78 29.60
C GLN D 30 79.91 30.46 29.01
N GLY D 31 79.88 30.31 27.68
CA GLY D 31 80.28 29.08 26.96
C GLY D 31 79.19 28.55 26.04
N THR D 32 79.06 27.22 25.91
CA THR D 32 78.22 26.50 24.91
C THR D 32 77.09 25.74 25.61
N GLY D 33 76.05 25.35 24.86
CA GLY D 33 74.95 24.49 25.32
C GLY D 33 74.23 23.82 24.16
N GLN D 34 73.50 22.73 24.45
CA GLN D 34 72.58 22.01 23.51
C GLN D 34 71.35 21.56 24.30
N ALA D 35 70.15 21.69 23.73
CA ALA D 35 68.89 21.20 24.33
C ALA D 35 67.88 20.89 23.22
N ALA D 36 67.17 19.76 23.35
CA ALA D 36 66.10 19.32 22.42
C ALA D 36 64.82 20.10 22.74
N ASP D 37 63.97 20.32 21.73
CA ASP D 37 62.60 20.87 21.88
C ASP D 37 61.63 19.68 21.94
N TYR D 38 60.90 19.55 23.06
CA TYR D 38 59.96 18.44 23.31
C TYR D 38 58.72 18.61 22.44
N LYS D 39 58.02 19.76 22.57
CA LYS D 39 56.69 20.02 21.95
C LYS D 39 56.73 19.71 20.45
N SER D 40 57.77 20.18 19.74
CA SER D 40 57.92 20.04 18.27
C SER D 40 58.34 18.62 17.92
N THR D 41 59.18 17.98 18.74
CA THR D 41 59.61 16.57 18.56
C THR D 41 58.38 15.67 18.67
N GLN D 42 57.58 15.85 19.71
CA GLN D 42 56.42 14.98 20.03
C GLN D 42 55.36 15.18 18.94
N ALA D 43 55.23 16.40 18.39
CA ALA D 43 54.27 16.73 17.32
C ALA D 43 54.57 15.89 16.08
N ALA D 44 55.86 15.75 15.72
CA ALA D 44 56.32 14.99 14.55
C ALA D 44 56.11 13.49 14.79
N ILE D 45 56.49 12.99 15.97
CA ILE D 45 56.41 11.54 16.33
C ILE D 45 54.93 11.13 16.38
N ASP D 46 54.07 11.97 16.96
CA ASP D 46 52.62 11.68 17.09
C ASP D 46 52.03 11.50 15.69
N GLN D 47 52.40 12.37 14.74
CA GLN D 47 51.87 12.34 13.35
C GLN D 47 52.31 11.06 12.66
N ILE D 48 53.54 10.59 12.91
CA ILE D 48 54.09 9.36 12.27
C ILE D 48 53.43 8.11 12.90
N THR D 49 53.24 8.11 14.21
CA THR D 49 52.48 7.05 14.94
C THR D 49 51.11 6.87 14.27
N GLY D 50 50.39 7.99 14.06
CA GLY D 50 49.05 8.02 13.44
C GLY D 50 49.03 7.33 12.09
N LYS D 51 50.04 7.57 11.25
CA LYS D 51 50.18 6.94 9.92
C LYS D 51 50.32 5.43 10.10
N LEU D 52 51.24 5.00 10.96
CA LEU D 52 51.50 3.56 11.19
C LEU D 52 50.22 2.88 11.67
N ASN D 53 49.42 3.54 12.50
CA ASN D 53 48.15 2.98 13.02
C ASN D 53 47.20 2.72 11.84
N ARG D 54 47.13 3.63 10.88
CA ARG D 54 46.20 3.54 9.72
C ARG D 54 46.70 2.50 8.72
N ILE D 55 48.02 2.42 8.50
CA ILE D 55 48.63 1.67 7.36
C ILE D 55 48.95 0.22 7.75
N ILE D 56 49.48 -0.02 8.96
CA ILE D 56 49.79 -1.40 9.43
C ILE D 56 48.47 -2.06 9.91
N LYS D 57 47.76 -2.66 8.96
CA LYS D 57 46.37 -3.18 9.10
C LYS D 57 46.04 -4.06 7.89
N LYS D 58 45.25 -5.12 8.10
CA LYS D 58 44.66 -5.94 7.00
C LYS D 58 43.14 -5.85 7.13
N THR D 59 42.40 -6.21 6.08
CA THR D 59 40.91 -6.29 6.10
C THR D 59 40.52 -7.50 6.95
N ASN D 60 39.34 -7.47 7.57
CA ASN D 60 38.83 -8.59 8.41
C ASN D 60 37.93 -9.51 7.56
N THR D 61 37.98 -9.36 6.22
CA THR D 61 37.20 -10.14 5.23
C THR D 61 37.76 -11.58 5.17
N GLU D 62 36.87 -12.57 5.37
CA GLU D 62 37.22 -14.01 5.31
C GLU D 62 37.12 -14.46 3.85
N PHE D 63 38.21 -14.96 3.27
CA PHE D 63 38.26 -15.48 1.88
C PHE D 63 38.39 -17.00 1.95
N GLU D 64 37.64 -17.71 1.10
CA GLU D 64 37.72 -19.18 0.92
C GLU D 64 38.52 -19.48 -0.35
N SER D 65 38.91 -20.75 -0.50
CA SER D 65 39.51 -21.33 -1.73
C SER D 65 38.48 -21.27 -2.87
N ILE D 66 38.92 -20.91 -4.08
CA ILE D 66 38.09 -21.02 -5.32
C ILE D 66 38.84 -21.90 -6.34
N GLU D 67 40.17 -21.94 -6.27
CA GLU D 67 41.05 -22.87 -7.02
C GLU D 67 41.34 -24.09 -6.12
N SER D 68 41.34 -25.31 -6.67
CA SER D 68 41.81 -26.54 -5.97
C SER D 68 43.31 -26.72 -6.19
N GLU D 69 44.06 -27.05 -5.15
CA GLU D 69 45.54 -27.26 -5.22
C GLU D 69 45.83 -28.60 -5.91
N PHE D 70 45.02 -29.63 -5.60
CA PHE D 70 45.34 -31.05 -5.86
C PHE D 70 44.46 -31.67 -6.96
N SER D 71 43.74 -30.87 -7.75
CA SER D 71 42.87 -31.36 -8.85
C SER D 71 42.65 -30.29 -9.92
N GLU D 72 42.38 -30.73 -11.15
CA GLU D 72 42.24 -29.84 -12.34
C GLU D 72 40.89 -29.15 -12.26
N ILE D 73 40.87 -27.82 -12.43
CA ILE D 73 39.62 -27.00 -12.56
C ILE D 73 39.34 -26.87 -14.05
N ASP D 74 38.06 -26.73 -14.44
CA ASP D 74 37.67 -26.44 -15.85
C ASP D 74 38.60 -25.36 -16.40
N HIS D 75 39.17 -25.55 -17.59
CA HIS D 75 40.23 -24.66 -18.14
C HIS D 75 39.67 -23.26 -18.42
N GLN D 76 38.38 -23.12 -18.76
CA GLN D 76 37.76 -21.82 -19.11
C GLN D 76 37.60 -20.98 -17.84
N ILE D 77 36.99 -21.54 -16.79
CA ILE D 77 36.76 -20.84 -15.48
C ILE D 77 38.11 -20.61 -14.80
N GLY D 78 39.06 -21.53 -14.99
CA GLY D 78 40.44 -21.39 -14.48
C GLY D 78 41.11 -20.14 -15.03
N ASN D 79 40.94 -19.89 -16.32
CA ASN D 79 41.51 -18.69 -17.01
C ASN D 79 40.81 -17.43 -16.51
N VAL D 80 39.49 -17.47 -16.30
CA VAL D 80 38.70 -16.33 -15.73
C VAL D 80 39.25 -16.02 -14.34
N ILE D 81 39.42 -17.02 -13.49
CA ILE D 81 39.93 -16.84 -12.10
C ILE D 81 41.32 -16.20 -12.19
N ASN D 82 42.20 -16.78 -13.01
CA ASN D 82 43.61 -16.32 -13.17
C ASN D 82 43.61 -14.85 -13.61
N TRP D 83 42.77 -14.47 -14.59
CA TRP D 83 42.65 -13.08 -15.10
C TRP D 83 42.18 -12.15 -13.99
N THR D 84 41.16 -12.55 -13.22
CA THR D 84 40.62 -11.75 -12.09
C THR D 84 41.73 -11.55 -11.03
N LYS D 85 42.34 -12.62 -10.54
CA LYS D 85 43.38 -12.56 -9.46
C LYS D 85 44.53 -11.65 -9.91
N ASP D 86 44.97 -11.78 -11.16
CA ASP D 86 46.11 -10.99 -11.70
C ASP D 86 45.69 -9.51 -11.77
N SER D 87 44.43 -9.23 -12.10
CA SER D 87 43.87 -7.85 -12.18
C SER D 87 43.80 -7.23 -10.78
N ILE D 88 43.34 -7.99 -9.80
CA ILE D 88 43.23 -7.55 -8.38
C ILE D 88 44.65 -7.28 -7.85
N THR D 89 45.60 -8.16 -8.17
CA THR D 89 47.00 -8.04 -7.70
C THR D 89 47.64 -6.78 -8.31
N ASP D 90 47.37 -6.47 -9.58
CA ASP D 90 47.89 -5.26 -10.26
C ASP D 90 47.38 -4.02 -9.52
N ILE D 91 46.10 -4.01 -9.13
CA ILE D 91 45.49 -2.89 -8.39
C ILE D 91 46.19 -2.75 -7.03
N TRP D 92 46.25 -3.83 -6.25
CA TRP D 92 46.81 -3.77 -4.87
C TRP D 92 48.29 -3.38 -4.92
N THR D 93 49.03 -3.85 -5.92
CA THR D 93 50.46 -3.50 -6.09
C THR D 93 50.57 -1.99 -6.33
N TYR D 94 49.71 -1.46 -7.20
CA TYR D 94 49.65 -0.01 -7.54
C TYR D 94 49.30 0.80 -6.29
N GLN D 95 48.22 0.43 -5.60
CA GLN D 95 47.75 1.13 -4.36
C GLN D 95 48.88 1.14 -3.32
N ALA D 96 49.57 0.02 -3.13
CA ALA D 96 50.65 -0.12 -2.14
C ALA D 96 51.81 0.82 -2.52
N GLU D 97 52.24 0.80 -3.78
CA GLU D 97 53.34 1.64 -4.30
C GLU D 97 52.99 3.12 -4.13
N LEU D 98 51.73 3.47 -4.41
CA LEU D 98 51.25 4.88 -4.35
C LEU D 98 51.10 5.30 -2.88
N LEU D 99 50.50 4.46 -2.05
CA LEU D 99 50.28 4.78 -0.61
C LEU D 99 51.62 5.19 0.00
N VAL D 100 52.62 4.32 -0.11
CA VAL D 100 53.93 4.49 0.58
C VAL D 100 54.66 5.71 0.00
N ALA D 101 54.67 5.87 -1.32
CA ALA D 101 55.32 7.03 -2.00
C ALA D 101 54.69 8.34 -1.48
N MET D 102 53.36 8.40 -1.47
CA MET D 102 52.58 9.59 -1.05
C MET D 102 52.84 9.87 0.43
N GLU D 103 52.81 8.84 1.28
CA GLU D 103 53.01 8.99 2.74
C GLU D 103 54.44 9.40 3.04
N ASN D 104 55.41 8.91 2.26
CA ASN D 104 56.84 9.25 2.43
C ASN D 104 57.01 10.74 2.12
N GLN D 105 56.45 11.21 1.01
CA GLN D 105 56.47 12.64 0.60
C GLN D 105 55.93 13.50 1.74
N HIS D 106 54.78 13.11 2.30
CA HIS D 106 54.11 13.86 3.41
C HIS D 106 54.98 13.83 4.67
N THR D 107 55.51 12.68 5.07
CA THR D 107 56.29 12.51 6.33
C THR D 107 57.48 13.48 6.28
N ILE D 108 58.21 13.46 5.18
CA ILE D 108 59.40 14.32 4.94
C ILE D 108 58.99 15.79 5.05
N ASP D 109 57.94 16.19 4.34
CA ASP D 109 57.50 17.62 4.26
C ASP D 109 56.91 18.05 5.61
N MET D 110 56.23 17.15 6.32
CA MET D 110 55.66 17.43 7.66
C MET D 110 56.81 17.76 8.63
N ALA D 111 57.86 16.94 8.61
CA ALA D 111 59.03 17.07 9.52
C ALA D 111 59.74 18.41 9.22
N ASP D 112 59.87 18.75 7.93
CA ASP D 112 60.40 20.05 7.44
C ASP D 112 59.56 21.19 8.04
N SER D 113 58.24 21.06 7.97
CA SER D 113 57.28 22.10 8.44
C SER D 113 57.46 22.33 9.94
N GLU D 114 57.69 21.28 10.72
CA GLU D 114 57.79 21.39 12.20
C GLU D 114 59.05 22.17 12.54
N MET D 115 60.12 21.97 11.76
CA MET D 115 61.41 22.67 11.93
C MET D 115 61.17 24.16 11.67
N LEU D 116 60.55 24.49 10.55
CA LEU D 116 60.28 25.89 10.14
C LEU D 116 59.41 26.55 11.21
N ASN D 117 58.35 25.89 11.67
CA ASN D 117 57.39 26.47 12.66
C ASN D 117 58.12 26.80 13.96
N LEU D 118 59.10 25.99 14.37
CA LEU D 118 59.91 26.28 15.58
C LEU D 118 60.74 27.55 15.33
N TYR D 119 61.43 27.61 14.19
CA TYR D 119 62.28 28.75 13.77
C TYR D 119 61.46 30.05 13.75
N GLU D 120 60.23 29.99 13.25
CA GLU D 120 59.35 31.18 13.12
C GLU D 120 58.89 31.61 14.52
N ARG D 121 58.59 30.65 15.40
CA ARG D 121 58.14 30.92 16.79
C ARG D 121 59.24 31.72 17.52
N VAL D 122 60.50 31.29 17.37
CA VAL D 122 61.70 31.94 17.97
C VAL D 122 61.92 33.32 17.33
N ARG D 123 61.88 33.43 16.00
CA ARG D 123 62.07 34.71 15.27
C ARG D 123 61.16 35.77 15.91
N LYS D 124 59.88 35.43 16.12
CA LYS D 124 58.83 36.38 16.56
C LYS D 124 59.03 36.73 18.03
N GLN D 125 59.49 35.76 18.85
CA GLN D 125 59.86 35.97 20.27
C GLN D 125 60.95 37.06 20.38
N LEU D 126 62.05 36.90 19.64
CA LEU D 126 63.26 37.77 19.72
C LEU D 126 62.96 39.15 19.14
N ARG D 127 61.95 39.26 18.28
CA ARG D 127 61.45 40.57 17.77
C ARG D 127 62.64 41.38 17.22
N GLN D 128 62.93 42.56 17.78
CA GLN D 128 63.98 43.47 17.23
C GLN D 128 65.32 43.25 17.94
N ASN D 129 65.43 42.26 18.83
CA ASN D 129 66.64 42.04 19.66
C ASN D 129 67.63 41.11 18.96
N ALA D 130 67.27 40.57 17.79
CA ALA D 130 68.12 39.62 17.04
C ALA D 130 67.92 39.78 15.53
N GLU D 131 68.83 39.18 14.77
CA GLU D 131 68.82 39.19 13.29
C GLU D 131 69.07 37.76 12.81
N GLU D 132 68.48 37.40 11.67
CA GLU D 132 68.59 36.05 11.05
C GLU D 132 69.97 35.91 10.40
N ASP D 133 70.68 34.84 10.79
CA ASP D 133 72.02 34.45 10.30
C ASP D 133 71.92 34.04 8.82
N GLY D 134 70.86 33.32 8.45
CA GLY D 134 70.67 32.75 7.09
C GLY D 134 70.84 31.24 7.08
N LYS D 135 71.47 30.66 8.12
CA LYS D 135 71.76 29.23 8.25
C LYS D 135 70.95 28.64 9.41
N GLY D 136 69.91 29.33 9.87
CA GLY D 136 69.03 28.81 10.94
C GLY D 136 69.41 29.33 12.33
N CYS D 137 70.43 30.18 12.43
CA CYS D 137 70.89 30.82 13.69
C CYS D 137 70.31 32.24 13.79
N PHE D 138 70.22 32.74 15.01
CA PHE D 138 69.88 34.14 15.35
C PHE D 138 71.08 34.77 16.07
N GLU D 139 71.67 35.82 15.51
CA GLU D 139 72.67 36.67 16.20
C GLU D 139 71.90 37.61 17.14
N ILE D 140 72.05 37.38 18.45
CA ILE D 140 71.37 38.14 19.54
C ILE D 140 72.26 39.32 19.92
N TYR D 141 71.72 40.55 19.84
CA TYR D 141 72.48 41.81 20.03
C TYR D 141 72.38 42.26 21.49
N HIS D 142 72.54 41.32 22.43
CA HIS D 142 72.70 41.62 23.88
C HIS D 142 73.33 40.43 24.59
N ALA D 143 73.79 40.65 25.81
CA ALA D 143 74.29 39.58 26.71
C ALA D 143 73.10 38.66 27.01
N CYS D 144 73.17 37.42 26.54
CA CYS D 144 72.14 36.38 26.80
C CYS D 144 72.82 35.22 27.53
N ASP D 145 72.66 35.19 28.86
CA ASP D 145 73.23 34.14 29.75
C ASP D 145 72.36 32.88 29.64
N ASP D 146 72.76 31.78 30.28
CA ASP D 146 72.09 30.46 30.18
C ASP D 146 70.65 30.55 30.66
N SER D 147 70.34 31.49 31.55
CA SER D 147 68.97 31.73 32.08
C SER D 147 68.12 32.42 31.00
N CYS D 148 68.73 33.35 30.24
CA CYS D 148 68.12 34.07 29.10
C CYS D 148 67.84 33.07 27.97
N MET D 149 68.83 32.24 27.60
CA MET D 149 68.72 31.20 26.54
C MET D 149 67.59 30.23 26.90
N GLU D 150 67.52 29.79 28.16
CA GLU D 150 66.47 28.87 28.67
C GLU D 150 65.11 29.54 28.49
N SER D 151 65.02 30.86 28.66
CA SER D 151 63.75 31.63 28.52
C SER D 151 63.29 31.60 27.05
N ILE D 152 64.24 31.60 26.10
CA ILE D 152 63.93 31.54 24.64
C ILE D 152 63.35 30.16 24.32
N ARG D 153 64.00 29.10 24.82
CA ARG D 153 63.59 27.68 24.61
C ARG D 153 62.21 27.43 25.22
N ASN D 154 61.90 28.07 26.34
CA ASN D 154 60.68 27.81 27.17
C ASN D 154 59.58 28.80 26.76
N ASN D 155 59.82 29.61 25.73
CA ASN D 155 58.84 30.61 25.18
C ASN D 155 58.35 31.55 26.29
N THR D 156 59.28 32.08 27.11
CA THR D 156 59.01 33.04 28.21
C THR D 156 59.90 34.29 28.07
N TYR D 157 60.74 34.37 27.02
CA TYR D 157 61.65 35.51 26.75
C TYR D 157 60.81 36.75 26.43
N ASP D 158 61.00 37.82 27.23
CA ASP D 158 60.33 39.14 27.08
C ASP D 158 61.30 40.09 26.37
N HIS D 159 60.98 40.49 25.13
CA HIS D 159 61.86 41.31 24.26
C HIS D 159 62.08 42.70 24.86
N SER D 160 61.06 43.27 25.52
CA SER D 160 61.05 44.67 26.02
C SER D 160 62.17 44.89 27.03
N GLN D 161 62.53 43.86 27.81
CA GLN D 161 63.61 43.88 28.83
C GLN D 161 64.96 44.25 28.18
N TYR D 162 65.29 43.70 27.01
CA TYR D 162 66.63 43.85 26.38
C TYR D 162 66.58 44.76 25.15
N ARG D 163 65.41 45.34 24.84
CA ARG D 163 65.16 46.08 23.56
C ARG D 163 66.14 47.25 23.42
N GLU D 164 66.21 48.13 24.42
CA GLU D 164 67.02 49.39 24.38
C GLU D 164 68.48 49.02 24.13
N GLU D 165 69.02 48.04 24.87
CA GLU D 165 70.42 47.55 24.74
C GLU D 165 70.62 47.06 23.29
N ALA D 166 69.69 46.25 22.80
CA ALA D 166 69.78 45.53 21.50
C ALA D 166 69.76 46.52 20.34
N LEU D 167 68.79 47.44 20.32
CA LEU D 167 68.65 48.44 19.23
C LEU D 167 69.91 49.32 19.15
N LEU D 168 70.53 49.64 20.29
CA LEU D 168 71.81 50.41 20.33
C LEU D 168 72.91 49.59 19.64
N ASN D 169 73.06 48.32 20.04
CA ASN D 169 74.10 47.39 19.51
C ASN D 169 73.89 47.17 18.01
N ARG D 170 72.64 47.16 17.53
CA ARG D 170 72.30 46.85 16.11
C ARG D 170 72.61 48.06 15.23
N LEU D 171 72.21 49.26 15.67
CA LEU D 171 72.43 50.54 14.94
C LEU D 171 73.92 50.91 15.00
N ASN D 172 74.59 50.63 16.12
CA ASN D 172 76.05 50.83 16.30
C ASN D 172 76.36 52.29 15.94
N ASP E 1 50.23 51.82 24.51
CA ASP E 1 50.91 52.85 23.65
C ASP E 1 50.60 52.59 22.17
N PRO E 2 50.91 51.38 21.60
CA PRO E 2 50.63 51.12 20.19
C PRO E 2 49.23 50.56 19.93
N ASP E 3 48.59 51.01 18.85
CA ASP E 3 47.41 50.38 18.22
C ASP E 3 47.80 48.97 17.76
N LYS E 4 46.87 48.02 17.83
CA LYS E 4 47.09 46.62 17.38
C LYS E 4 46.03 46.25 16.33
N ILE E 5 46.43 45.51 15.30
CA ILE E 5 45.49 44.80 14.38
C ILE E 5 45.82 43.30 14.43
N CYS E 6 44.85 42.50 14.84
CA CYS E 6 44.99 41.03 15.06
C CYS E 6 44.30 40.29 13.92
N LEU E 7 44.89 39.18 13.50
CA LEU E 7 44.30 38.26 12.50
C LEU E 7 43.81 37.00 13.21
N GLY E 8 42.75 36.42 12.68
CA GLY E 8 42.03 35.28 13.28
C GLY E 8 41.12 34.62 12.28
N HIS E 9 40.50 33.51 12.70
CA HIS E 9 39.62 32.66 11.87
C HIS E 9 38.41 32.28 12.72
N HIS E 10 37.32 31.87 12.05
CA HIS E 10 36.04 31.52 12.71
C HIS E 10 36.22 30.21 13.49
N ALA E 11 35.24 29.92 14.34
CA ALA E 11 35.11 28.65 15.09
C ALA E 11 33.62 28.41 15.35
N VAL E 12 33.31 27.26 15.94
CA VAL E 12 31.91 26.87 16.29
C VAL E 12 31.98 26.14 17.63
N ALA E 13 30.89 26.19 18.40
CA ALA E 13 30.78 25.54 19.73
C ALA E 13 30.78 24.02 19.53
N ASN E 14 29.94 23.54 18.58
CA ASN E 14 29.70 22.10 18.29
C ASN E 14 30.46 21.71 17.02
N GLY E 15 31.71 21.24 17.17
CA GLY E 15 32.56 20.80 16.05
C GLY E 15 32.30 19.35 15.68
N THR E 16 32.88 18.87 14.57
CA THR E 16 32.71 17.50 14.02
C THR E 16 34.06 16.78 13.92
N ILE E 17 34.10 15.51 14.33
CA ILE E 17 35.31 14.64 14.25
C ILE E 17 35.39 14.05 12.84
N VAL E 18 36.59 14.07 12.24
CA VAL E 18 36.91 13.44 10.94
C VAL E 18 38.27 12.76 11.08
N LYS E 19 38.57 11.82 10.19
CA LYS E 19 39.87 11.10 10.11
C LYS E 19 40.74 11.80 9.06
N THR E 20 42.03 11.97 9.36
CA THR E 20 43.07 12.48 8.44
C THR E 20 44.13 11.39 8.29
N LEU E 21 45.18 11.64 7.51
CA LEU E 21 46.29 10.66 7.30
C LEU E 21 46.96 10.36 8.65
N THR E 22 47.01 11.35 9.55
CA THR E 22 47.89 11.39 10.75
C THR E 22 47.08 11.31 12.05
N ASN E 23 45.78 11.58 12.03
CA ASN E 23 44.97 11.76 13.27
C ASN E 23 43.59 11.16 13.07
N GLU E 24 43.17 10.28 13.98
CA GLU E 24 41.89 9.53 13.95
C GLU E 24 40.77 10.42 14.48
N GLN E 25 41.08 11.38 15.36
CA GLN E 25 40.11 12.23 16.10
C GLN E 25 40.42 13.71 15.84
N GLU E 26 40.17 14.21 14.63
CA GLU E 26 40.45 15.62 14.26
C GLU E 26 39.13 16.40 14.21
N GLU E 27 39.01 17.45 15.04
CA GLU E 27 37.80 18.30 15.14
C GLU E 27 37.88 19.41 14.09
N VAL E 28 36.85 19.55 13.25
CA VAL E 28 36.76 20.60 12.19
C VAL E 28 35.41 21.32 12.32
N THR E 29 35.24 22.43 11.61
CA THR E 29 34.07 23.34 11.76
C THR E 29 32.82 22.71 11.15
N ASN E 30 32.97 21.93 10.07
CA ASN E 30 31.85 21.32 9.32
C ASN E 30 32.40 20.07 8.63
N ALA E 31 31.53 19.11 8.32
CA ALA E 31 31.84 17.90 7.52
C ALA E 31 30.54 17.41 6.88
N THR E 32 30.65 16.60 5.83
CA THR E 32 29.50 15.94 5.16
C THR E 32 29.82 14.46 4.99
N GLU E 33 28.77 13.64 4.99
CA GLU E 33 28.85 12.15 4.86
C GLU E 33 29.11 11.81 3.40
N THR E 34 29.90 10.76 3.13
CA THR E 34 30.21 10.22 1.77
C THR E 34 29.59 8.82 1.58
N VAL E 35 29.12 8.18 2.66
CA VAL E 35 28.54 6.80 2.62
C VAL E 35 27.05 6.87 2.97
N GLU E 36 26.18 6.43 2.04
CA GLU E 36 24.71 6.40 2.24
C GLU E 36 24.31 5.16 3.06
N SER E 37 23.56 5.38 4.14
CA SER E 37 23.02 4.35 5.07
C SER E 37 21.50 4.21 4.90
N THR E 38 20.83 5.27 4.43
CA THR E 38 19.36 5.36 4.28
C THR E 38 18.94 4.70 2.96
N SER E 39 17.85 3.94 2.99
CA SER E 39 17.25 3.30 1.80
C SER E 39 15.82 3.83 1.59
N LEU E 40 15.33 3.76 0.35
CA LEU E 40 13.90 3.96 0.00
C LEU E 40 13.30 2.58 -0.29
N ASN E 41 12.36 2.10 0.54
CA ASN E 41 11.76 0.74 0.42
C ASN E 41 10.63 0.83 -0.62
N ARG E 42 10.96 1.29 -1.84
CA ARG E 42 10.04 1.39 -3.00
C ARG E 42 10.87 1.22 -4.29
N LEU E 43 10.24 0.82 -5.39
CA LEU E 43 10.90 0.80 -6.72
C LEU E 43 10.48 2.05 -7.50
N CYS E 44 11.38 3.03 -7.57
CA CYS E 44 11.15 4.32 -8.27
C CYS E 44 11.14 4.07 -9.79
N MET E 45 9.96 4.14 -10.40
CA MET E 45 9.71 3.66 -11.79
C MET E 45 9.14 4.78 -12.66
N LYS E 46 9.38 6.04 -12.31
CA LYS E 46 8.98 7.20 -13.15
C LYS E 46 9.90 7.24 -14.37
N GLY E 47 9.33 7.56 -15.54
CA GLY E 47 10.04 7.62 -16.83
C GLY E 47 10.49 6.25 -17.32
N ARG E 48 9.93 5.18 -16.73
CA ARG E 48 10.26 3.77 -17.07
C ARG E 48 9.00 3.04 -17.52
N ASN E 49 9.00 2.49 -18.73
CA ASN E 49 7.97 1.54 -19.23
C ASN E 49 8.24 0.18 -18.57
N HIS E 50 7.85 0.04 -17.30
CA HIS E 50 8.14 -1.14 -16.44
C HIS E 50 7.04 -2.20 -16.58
N LYS E 51 7.35 -3.43 -16.14
CA LYS E 51 6.41 -4.58 -16.06
C LYS E 51 6.68 -5.33 -14.75
N ASP E 52 5.73 -5.28 -13.81
CA ASP E 52 5.77 -6.07 -12.54
C ASP E 52 5.16 -7.45 -12.82
N LEU E 53 5.98 -8.50 -12.79
CA LEU E 53 5.53 -9.90 -13.03
C LEU E 53 4.68 -10.39 -11.85
N GLY E 54 4.91 -9.85 -10.66
CA GLY E 54 4.21 -10.28 -9.43
C GLY E 54 4.36 -11.77 -9.21
N ASN E 55 3.26 -12.52 -9.34
CA ASN E 55 3.19 -13.97 -9.05
C ASN E 55 3.90 -14.78 -10.14
N CYS E 56 4.10 -14.19 -11.32
CA CYS E 56 4.68 -14.85 -12.54
C CYS E 56 6.20 -14.86 -12.49
N HIS E 57 6.81 -16.02 -12.71
CA HIS E 57 8.28 -16.21 -12.88
C HIS E 57 8.64 -15.97 -14.33
N PRO E 58 9.79 -15.35 -14.66
CA PRO E 58 10.10 -14.99 -16.04
C PRO E 58 10.06 -16.17 -17.01
N ILE E 59 10.56 -17.34 -16.61
CA ILE E 59 10.53 -18.59 -17.45
C ILE E 59 9.08 -18.94 -17.76
N GLY E 60 8.17 -18.71 -16.81
CA GLY E 60 6.72 -18.98 -16.95
C GLY E 60 6.10 -18.24 -18.12
N MET E 61 6.63 -17.08 -18.52
CA MET E 61 6.07 -16.25 -19.62
C MET E 61 6.33 -16.97 -20.95
N LEU E 62 7.36 -17.81 -21.03
CA LEU E 62 7.78 -18.48 -22.29
C LEU E 62 6.93 -19.74 -22.52
N ILE E 63 6.59 -20.46 -21.45
CA ILE E 63 5.82 -21.73 -21.50
C ILE E 63 4.34 -21.45 -21.24
N GLY E 64 4.01 -20.33 -20.60
CA GLY E 64 2.62 -19.88 -20.40
C GLY E 64 1.94 -20.59 -19.24
N THR E 65 2.51 -20.48 -18.04
CA THR E 65 1.89 -20.91 -16.76
C THR E 65 0.64 -20.08 -16.52
N PRO E 66 -0.43 -20.64 -15.90
CA PRO E 66 -1.62 -19.88 -15.55
C PRO E 66 -1.34 -18.49 -14.95
N ALA E 67 -0.42 -18.43 -13.98
CA ALA E 67 -0.01 -17.20 -13.28
C ALA E 67 0.51 -16.14 -14.26
N CYS E 68 0.99 -16.54 -15.45
CA CYS E 68 1.71 -15.65 -16.41
C CYS E 68 0.81 -15.28 -17.60
N ASP E 69 -0.51 -15.46 -17.49
CA ASP E 69 -1.45 -15.27 -18.63
C ASP E 69 -1.41 -13.82 -19.11
N LEU E 70 -1.30 -12.86 -18.18
CA LEU E 70 -1.29 -11.40 -18.49
C LEU E 70 0.06 -11.02 -19.10
N HIS E 71 1.11 -11.84 -18.92
CA HIS E 71 2.53 -11.50 -19.23
C HIS E 71 3.09 -12.40 -20.35
N LEU E 72 2.25 -12.92 -21.24
CA LEU E 72 2.68 -13.85 -22.32
C LEU E 72 3.44 -13.08 -23.40
N THR E 73 3.16 -11.78 -23.58
CA THR E 73 3.83 -10.89 -24.56
C THR E 73 3.94 -9.48 -23.97
N GLY E 74 4.47 -8.53 -24.73
CA GLY E 74 4.57 -7.10 -24.35
C GLY E 74 5.95 -6.55 -24.59
N THR E 75 6.13 -5.24 -24.35
CA THR E 75 7.45 -4.54 -24.42
C THR E 75 7.64 -3.77 -23.11
N TRP E 76 8.88 -3.71 -22.62
CA TRP E 76 9.28 -3.01 -21.37
C TRP E 76 10.74 -2.58 -21.48
N ASP E 77 11.18 -1.65 -20.63
CA ASP E 77 12.62 -1.28 -20.47
C ASP E 77 13.09 -1.77 -19.09
N THR E 78 12.16 -2.15 -18.20
CA THR E 78 12.44 -2.66 -16.83
C THR E 78 11.50 -3.82 -16.54
N LEU E 79 12.02 -4.92 -16.00
CA LEU E 79 11.23 -6.14 -15.66
C LEU E 79 11.50 -6.51 -14.21
N ILE E 80 10.45 -6.67 -13.40
CA ILE E 80 10.56 -6.91 -11.93
C ILE E 80 10.08 -8.32 -11.60
N GLU E 81 10.97 -9.16 -11.06
CA GLU E 81 10.70 -10.54 -10.58
C GLU E 81 10.50 -10.48 -9.07
N ARG E 82 9.58 -11.28 -8.52
CA ARG E 82 9.24 -11.29 -7.06
C ARG E 82 9.67 -12.60 -6.43
N LYS E 83 9.58 -12.69 -5.10
CA LYS E 83 9.93 -13.90 -4.32
C LYS E 83 8.81 -14.94 -4.50
N ASN E 84 9.17 -16.21 -4.57
CA ASN E 84 8.23 -17.37 -4.66
C ASN E 84 7.33 -17.21 -5.90
N ALA E 85 7.82 -16.57 -6.97
CA ALA E 85 7.13 -16.47 -8.28
C ALA E 85 7.01 -17.88 -8.87
N ILE E 86 5.87 -18.18 -9.52
CA ILE E 86 5.52 -19.53 -10.02
C ILE E 86 5.97 -19.65 -11.48
N ALA E 87 6.79 -20.66 -11.78
CA ALA E 87 7.25 -20.99 -13.15
C ALA E 87 6.54 -22.26 -13.63
N TYR E 88 6.50 -23.30 -12.78
CA TYR E 88 5.96 -24.63 -13.16
C TYR E 88 4.81 -24.99 -12.21
N CYS E 89 3.58 -25.04 -12.74
CA CYS E 89 2.38 -25.54 -12.01
C CYS E 89 2.56 -27.03 -11.77
N TYR E 90 2.87 -27.79 -12.84
CA TYR E 90 3.19 -29.24 -12.79
C TYR E 90 4.67 -29.38 -12.44
N PRO E 91 5.06 -30.27 -11.50
CA PRO E 91 6.43 -30.33 -11.00
C PRO E 91 7.45 -30.66 -12.11
N GLY E 92 8.60 -29.98 -12.08
CA GLY E 92 9.63 -30.09 -13.11
C GLY E 92 10.71 -29.02 -12.95
N ALA E 93 11.77 -29.11 -13.74
CA ALA E 93 12.91 -28.17 -13.77
C ALA E 93 13.27 -27.89 -15.22
N THR E 94 14.00 -26.81 -15.47
CA THR E 94 14.50 -26.41 -16.81
C THR E 94 16.02 -26.61 -16.83
N VAL E 95 16.56 -27.29 -17.84
CA VAL E 95 18.02 -27.42 -18.07
C VAL E 95 18.55 -26.03 -18.43
N ASN E 96 19.61 -25.59 -17.76
CA ASN E 96 20.17 -24.20 -17.86
C ASN E 96 19.08 -23.21 -17.47
N GLU E 97 18.40 -23.47 -16.35
CA GLU E 97 17.31 -22.61 -15.80
C GLU E 97 17.85 -21.18 -15.64
N GLU E 98 18.98 -21.03 -14.95
CA GLU E 98 19.52 -19.70 -14.55
C GLU E 98 19.95 -18.93 -15.81
N ALA E 99 20.57 -19.59 -16.77
CA ALA E 99 20.99 -19.00 -18.06
C ALA E 99 19.77 -18.40 -18.77
N LEU E 100 18.65 -19.12 -18.80
CA LEU E 100 17.40 -18.71 -19.51
C LEU E 100 16.77 -17.51 -18.78
N ARG E 101 16.66 -17.59 -17.44
CA ARG E 101 16.07 -16.51 -16.60
C ARG E 101 16.84 -15.21 -16.82
N GLN E 102 18.17 -15.27 -16.75
CA GLN E 102 19.07 -14.09 -16.91
C GLN E 102 18.82 -13.48 -18.29
N LYS E 103 18.65 -14.32 -19.32
CA LYS E 103 18.44 -13.91 -20.74
C LYS E 103 17.13 -13.12 -20.85
N ILE E 104 16.07 -13.58 -20.19
CA ILE E 104 14.72 -12.96 -20.22
C ILE E 104 14.78 -11.62 -19.49
N MET E 105 15.45 -11.56 -18.34
CA MET E 105 15.53 -10.34 -17.48
C MET E 105 16.35 -9.25 -18.18
N GLU E 106 17.28 -9.65 -19.06
CA GLU E 106 18.13 -8.76 -19.89
C GLU E 106 17.30 -8.14 -21.02
N SER E 107 16.22 -8.82 -21.44
CA SER E 107 15.39 -8.45 -22.62
C SER E 107 14.53 -7.23 -22.31
N GLY E 108 14.00 -6.60 -23.37
CA GLY E 108 13.07 -5.47 -23.29
C GLY E 108 11.74 -5.77 -23.96
N GLY E 109 11.28 -7.02 -23.90
CA GLY E 109 10.00 -7.46 -24.51
C GLY E 109 10.03 -8.91 -24.98
N ILE E 110 8.85 -9.49 -25.17
CA ILE E 110 8.63 -10.85 -25.76
C ILE E 110 7.52 -10.77 -26.81
N SER E 111 7.79 -11.30 -28.01
CA SER E 111 6.76 -11.61 -29.05
C SER E 111 6.63 -13.13 -29.16
N LYS E 112 5.44 -13.61 -29.51
CA LYS E 112 5.15 -15.05 -29.72
C LYS E 112 4.87 -15.30 -31.21
N ILE E 113 5.27 -16.46 -31.70
CA ILE E 113 5.09 -16.91 -33.12
C ILE E 113 4.56 -18.35 -33.08
N ASN E 114 3.47 -18.62 -33.81
CA ASN E 114 2.85 -19.96 -33.91
C ASN E 114 3.81 -20.91 -34.64
N THR E 115 3.94 -22.13 -34.13
CA THR E 115 4.86 -23.16 -34.66
C THR E 115 4.18 -23.84 -35.86
N GLY E 116 2.83 -23.93 -35.82
CA GLY E 116 2.00 -24.51 -36.89
C GLY E 116 1.81 -26.02 -36.75
N PHE E 117 2.47 -26.65 -35.78
CA PHE E 117 2.54 -28.12 -35.57
C PHE E 117 1.14 -28.75 -35.57
N THR E 118 0.97 -29.79 -36.39
CA THR E 118 -0.29 -30.59 -36.52
C THR E 118 0.03 -32.06 -36.22
N TYR E 119 -0.95 -32.82 -35.75
CA TYR E 119 -0.80 -34.22 -35.26
C TYR E 119 -1.91 -35.11 -35.86
N GLY E 120 -1.63 -36.41 -36.03
CA GLY E 120 -2.57 -37.42 -36.53
C GLY E 120 -3.78 -37.57 -35.61
N SER E 121 -4.76 -38.38 -36.03
CA SER E 121 -5.99 -38.70 -35.25
C SER E 121 -5.63 -39.62 -34.08
N SER E 122 -4.55 -40.41 -34.20
CA SER E 122 -4.08 -41.36 -33.15
C SER E 122 -3.36 -40.64 -32.01
N ILE E 123 -3.02 -39.35 -32.17
CA ILE E 123 -2.42 -38.50 -31.11
C ILE E 123 -3.51 -37.59 -30.52
N ASN E 124 -3.58 -37.50 -29.19
CA ASN E 124 -4.41 -36.52 -28.43
C ASN E 124 -3.49 -35.40 -27.92
N SER E 125 -3.72 -34.16 -28.38
CA SER E 125 -2.87 -32.99 -28.12
C SER E 125 -3.45 -32.13 -26.98
N ALA E 126 -4.60 -32.49 -26.43
CA ALA E 126 -5.36 -31.66 -25.46
C ALA E 126 -5.19 -32.22 -24.04
N GLY E 127 -4.15 -33.04 -23.81
CA GLY E 127 -3.84 -33.63 -22.49
C GLY E 127 -3.64 -32.55 -21.43
N THR E 128 -4.42 -32.58 -20.34
CA THR E 128 -4.40 -31.56 -19.27
C THR E 128 -4.06 -32.23 -17.93
N THR E 129 -3.90 -31.43 -16.88
CA THR E 129 -3.58 -31.87 -15.49
C THR E 129 -4.30 -30.97 -14.48
N LYS E 130 -4.44 -31.45 -13.24
CA LYS E 130 -5.13 -30.72 -12.14
C LYS E 130 -4.15 -29.75 -11.49
N ALA E 131 -2.85 -29.94 -11.74
CA ALA E 131 -1.75 -29.09 -11.22
C ALA E 131 -1.79 -27.70 -11.88
N CYS E 132 -2.25 -27.61 -13.14
CA CYS E 132 -2.35 -26.32 -13.90
C CYS E 132 -3.82 -25.99 -14.16
N MET E 133 -4.48 -25.32 -13.22
CA MET E 133 -5.93 -24.98 -13.29
C MET E 133 -6.09 -23.62 -13.98
N ARG E 134 -7.07 -23.52 -14.88
CA ARG E 134 -7.42 -22.28 -15.63
C ARG E 134 -8.94 -22.27 -15.86
N ASN E 135 -9.61 -21.17 -15.49
CA ASN E 135 -11.08 -21.00 -15.60
C ASN E 135 -11.79 -22.02 -14.68
N GLY E 136 -11.13 -22.44 -13.59
CA GLY E 136 -11.69 -23.40 -12.61
C GLY E 136 -11.40 -24.85 -12.95
N GLY E 137 -11.24 -25.19 -14.25
CA GLY E 137 -11.09 -26.58 -14.74
C GLY E 137 -9.66 -26.93 -15.13
N ASN E 138 -9.37 -28.22 -15.26
CA ASN E 138 -8.02 -28.77 -15.59
C ASN E 138 -7.53 -28.18 -16.92
N SER E 139 -6.23 -27.92 -17.03
CA SER E 139 -5.59 -27.25 -18.18
C SER E 139 -4.09 -27.54 -18.21
N PHE E 140 -3.36 -26.88 -19.11
CA PHE E 140 -1.91 -27.08 -19.34
C PHE E 140 -1.26 -25.75 -19.72
N TYR E 141 0.07 -25.76 -19.81
CA TYR E 141 0.90 -24.61 -20.27
C TYR E 141 0.36 -24.12 -21.61
N ALA E 142 0.14 -22.82 -21.74
CA ALA E 142 -0.56 -22.17 -22.86
C ALA E 142 0.25 -22.24 -24.17
N GLU E 143 1.57 -22.38 -24.08
CA GLU E 143 2.48 -22.31 -25.26
C GLU E 143 3.00 -23.70 -25.62
N LEU E 144 2.50 -24.74 -24.94
CA LEU E 144 2.87 -26.16 -25.21
C LEU E 144 1.60 -27.01 -25.28
N LYS E 145 1.73 -28.21 -25.85
CA LYS E 145 0.65 -29.23 -25.94
C LYS E 145 1.19 -30.55 -25.39
N TRP E 146 0.43 -31.22 -24.52
CA TRP E 146 0.76 -32.57 -23.98
C TRP E 146 0.25 -33.62 -24.98
N LEU E 147 1.16 -34.30 -25.69
CA LEU E 147 0.83 -35.32 -26.70
C LEU E 147 0.85 -36.70 -26.03
N VAL E 148 -0.29 -37.40 -26.11
CA VAL E 148 -0.53 -38.77 -25.56
C VAL E 148 -1.31 -39.57 -26.61
N SER E 149 -1.27 -40.91 -26.57
CA SER E 149 -2.02 -41.78 -27.51
C SER E 149 -3.52 -41.67 -27.18
N LYS E 150 -4.38 -41.61 -28.21
CA LYS E 150 -5.84 -41.37 -28.01
C LYS E 150 -6.48 -42.64 -27.43
N ASN E 151 -6.05 -43.81 -27.93
CA ASN E 151 -6.46 -45.16 -27.48
C ASN E 151 -5.48 -45.59 -26.38
N LYS E 152 -5.94 -45.63 -25.12
CA LYS E 152 -5.09 -45.91 -23.93
C LYS E 152 -4.34 -47.23 -24.15
N GLY E 153 -3.03 -47.25 -23.91
CA GLY E 153 -2.18 -48.46 -24.00
C GLY E 153 -1.59 -48.66 -25.38
N GLN E 154 -2.23 -48.10 -26.42
CA GLN E 154 -1.77 -48.14 -27.84
C GLN E 154 -0.43 -47.40 -27.95
N ASN E 155 0.47 -47.92 -28.80
CA ASN E 155 1.80 -47.33 -29.10
C ASN E 155 1.61 -45.98 -29.79
N PHE E 156 2.31 -44.95 -29.29
CA PHE E 156 2.34 -43.57 -29.84
C PHE E 156 3.00 -43.60 -31.20
N PRO E 157 2.39 -43.00 -32.25
CA PRO E 157 2.95 -43.04 -33.60
C PRO E 157 4.27 -42.24 -33.68
N GLN E 158 5.20 -42.71 -34.53
CA GLN E 158 6.50 -42.06 -34.78
C GLN E 158 6.27 -40.80 -35.62
N THR E 159 5.90 -39.68 -35.00
CA THR E 159 5.60 -38.40 -35.69
C THR E 159 6.88 -37.56 -35.82
N THR E 160 6.90 -36.66 -36.81
CA THR E 160 7.98 -35.69 -37.07
C THR E 160 7.36 -34.30 -37.31
N ASN E 161 7.73 -33.33 -36.48
CA ASN E 161 7.31 -31.91 -36.60
C ASN E 161 8.55 -31.03 -36.79
N THR E 162 8.47 -30.06 -37.70
CA THR E 162 9.60 -29.17 -38.08
C THR E 162 9.15 -27.71 -38.07
N TYR E 163 9.80 -26.88 -37.27
CA TYR E 163 9.57 -25.41 -37.19
C TYR E 163 10.68 -24.71 -37.98
N ARG E 164 10.30 -23.79 -38.87
CA ARG E 164 11.24 -22.94 -39.65
C ARG E 164 11.13 -21.51 -39.14
N ASN E 165 12.26 -20.82 -39.00
CA ASN E 165 12.35 -19.40 -38.59
C ASN E 165 12.29 -18.54 -39.86
N ALA E 166 11.12 -17.96 -40.15
CA ALA E 166 10.85 -17.11 -41.32
C ALA E 166 11.36 -15.68 -41.07
N ASP E 167 11.66 -15.35 -39.81
CA ASP E 167 12.03 -13.99 -39.32
C ASP E 167 13.51 -13.71 -39.65
N THR E 168 13.98 -12.48 -39.42
CA THR E 168 15.37 -12.03 -39.67
C THR E 168 16.19 -12.05 -38.36
N ALA E 169 15.55 -12.33 -37.21
CA ALA E 169 16.16 -12.39 -35.86
C ALA E 169 15.99 -13.80 -35.28
N GLU E 170 16.86 -14.19 -34.33
CA GLU E 170 16.86 -15.54 -33.71
C GLU E 170 15.62 -15.70 -32.82
N HIS E 171 15.07 -16.90 -32.78
CA HIS E 171 13.83 -17.28 -32.04
C HIS E 171 14.18 -18.30 -30.95
N LEU E 172 13.56 -18.18 -29.78
CA LEU E 172 13.82 -19.04 -28.61
C LEU E 172 12.70 -20.09 -28.52
N ILE E 173 13.02 -21.34 -28.83
CA ILE E 173 12.04 -22.48 -28.81
C ILE E 173 12.22 -23.26 -27.50
N MET E 174 11.13 -23.52 -26.79
CA MET E 174 11.12 -24.37 -25.57
C MET E 174 10.24 -25.59 -25.83
N TRP E 175 10.65 -26.76 -25.33
CA TRP E 175 9.85 -28.00 -25.29
C TRP E 175 10.07 -28.70 -23.95
N GLY E 176 9.21 -29.65 -23.60
CA GLY E 176 9.29 -30.44 -22.37
C GLY E 176 9.36 -31.92 -22.67
N ILE E 177 9.91 -32.70 -21.74
CA ILE E 177 9.94 -34.19 -21.76
C ILE E 177 9.20 -34.65 -20.50
N HIS E 178 8.10 -35.40 -20.65
CA HIS E 178 7.35 -36.01 -19.53
C HIS E 178 8.11 -37.25 -19.02
N HIS E 179 8.28 -37.36 -17.71
CA HIS E 179 8.91 -38.50 -16.99
C HIS E 179 7.85 -39.20 -16.14
N PRO E 180 7.26 -40.31 -16.62
CA PRO E 180 6.21 -41.02 -15.88
C PRO E 180 6.66 -41.62 -14.53
N SER E 181 5.71 -41.82 -13.61
CA SER E 181 5.93 -42.25 -12.20
C SER E 181 6.07 -43.77 -12.08
N SER E 182 5.45 -44.53 -12.98
CA SER E 182 5.46 -46.02 -13.00
C SER E 182 5.54 -46.53 -14.45
N THR E 183 5.86 -47.82 -14.64
CA THR E 183 5.86 -48.52 -15.95
C THR E 183 4.43 -48.59 -16.50
N GLN E 184 3.44 -48.80 -15.62
CA GLN E 184 1.99 -48.90 -15.97
C GLN E 184 1.54 -47.58 -16.58
N GLU E 185 1.86 -46.46 -15.94
CA GLU E 185 1.52 -45.07 -16.37
C GLU E 185 2.12 -44.81 -17.76
N LYS E 186 3.39 -45.21 -17.96
CA LYS E 186 4.12 -45.00 -19.25
C LYS E 186 3.35 -45.70 -20.37
N ASN E 187 2.96 -46.96 -20.16
CA ASN E 187 2.34 -47.87 -21.16
C ASN E 187 0.97 -47.34 -21.57
N ASP E 188 0.19 -46.80 -20.62
CA ASP E 188 -1.18 -46.29 -20.91
C ASP E 188 -1.09 -45.03 -21.77
N LEU E 189 -0.05 -44.20 -21.60
CA LEU E 189 0.07 -42.87 -22.29
C LEU E 189 0.79 -43.01 -23.63
N TYR E 190 1.92 -43.70 -23.69
CA TYR E 190 2.83 -43.73 -24.89
C TYR E 190 3.02 -45.15 -25.44
N GLY E 191 2.48 -46.17 -24.77
CA GLY E 191 2.53 -47.58 -25.24
C GLY E 191 3.72 -48.34 -24.70
N THR E 192 3.86 -49.59 -25.14
CA THR E 192 4.82 -50.59 -24.64
C THR E 192 6.22 -50.35 -25.23
N GLN E 193 6.31 -49.70 -26.40
CA GLN E 193 7.58 -49.45 -27.15
C GLN E 193 8.55 -48.64 -26.28
N SER E 194 9.85 -48.77 -26.53
CA SER E 194 10.91 -47.92 -25.93
C SER E 194 10.81 -46.52 -26.53
N LEU E 195 10.84 -45.48 -25.69
CA LEU E 195 10.62 -44.06 -26.08
C LEU E 195 11.96 -43.39 -26.41
N SER E 196 11.99 -42.61 -27.50
CA SER E 196 13.13 -41.76 -27.92
C SER E 196 12.59 -40.46 -28.51
N ILE E 197 13.03 -39.32 -27.96
CA ILE E 197 12.77 -37.95 -28.50
C ILE E 197 14.09 -37.38 -29.00
N SER E 198 14.21 -37.21 -30.32
CA SER E 198 15.38 -36.60 -31.01
C SER E 198 15.01 -35.19 -31.48
N VAL E 199 15.84 -34.21 -31.15
CA VAL E 199 15.70 -32.79 -31.61
C VAL E 199 16.94 -32.46 -32.44
N GLY E 200 16.73 -31.76 -33.56
CA GLY E 200 17.79 -31.52 -34.57
C GLY E 200 17.60 -30.21 -35.30
N SER E 201 18.63 -29.35 -35.27
CA SER E 201 18.76 -28.12 -36.09
C SER E 201 20.18 -28.08 -36.66
N SER E 202 20.56 -26.98 -37.32
CA SER E 202 21.94 -26.74 -37.83
C SER E 202 22.91 -26.55 -36.65
N THR E 203 22.45 -25.95 -35.54
CA THR E 203 23.28 -25.47 -34.41
C THR E 203 23.02 -26.30 -33.14
N TYR E 204 22.01 -27.17 -33.14
CA TYR E 204 21.58 -27.95 -31.94
C TYR E 204 21.20 -29.37 -32.35
N LYS E 205 21.52 -30.32 -31.48
CA LYS E 205 21.25 -31.77 -31.63
C LYS E 205 21.27 -32.40 -30.24
N ASN E 206 20.30 -33.28 -29.97
CA ASN E 206 20.13 -33.92 -28.64
C ASN E 206 19.10 -35.04 -28.72
N ASN E 207 19.32 -36.10 -27.95
CA ASN E 207 18.33 -37.19 -27.71
C ASN E 207 17.85 -37.10 -26.26
N PHE E 208 16.57 -37.41 -26.02
CA PHE E 208 15.94 -37.42 -24.68
C PHE E 208 15.20 -38.76 -24.52
N VAL E 209 15.55 -39.49 -23.45
CA VAL E 209 14.84 -40.73 -23.01
C VAL E 209 14.02 -40.37 -21.77
N PRO E 210 12.67 -40.51 -21.81
CA PRO E 210 11.86 -40.38 -20.61
C PRO E 210 12.28 -41.38 -19.54
N VAL E 211 12.81 -40.90 -18.40
CA VAL E 211 13.16 -41.71 -17.20
C VAL E 211 11.85 -42.02 -16.47
N VAL E 212 11.65 -43.29 -16.13
CA VAL E 212 10.40 -43.83 -15.51
C VAL E 212 10.81 -44.54 -14.22
N GLY E 213 10.30 -44.06 -13.08
CA GLY E 213 10.67 -44.56 -11.74
C GLY E 213 9.85 -43.89 -10.65
N ALA E 214 9.58 -44.61 -9.56
CA ALA E 214 8.74 -44.16 -8.42
C ALA E 214 9.44 -43.00 -7.70
N ARG E 215 8.67 -41.97 -7.33
CA ARG E 215 9.19 -40.77 -6.64
C ARG E 215 8.06 -40.09 -5.88
N PRO E 216 8.38 -39.33 -4.81
CA PRO E 216 7.40 -38.57 -4.05
C PRO E 216 6.52 -37.65 -4.92
N GLN E 217 5.34 -37.31 -4.40
CA GLN E 217 4.42 -36.31 -5.00
C GLN E 217 4.91 -34.89 -4.68
N VAL E 218 4.88 -34.02 -5.69
CA VAL E 218 5.03 -32.54 -5.58
C VAL E 218 3.80 -31.90 -6.25
N ASN E 219 3.07 -31.03 -5.55
CA ASN E 219 1.77 -30.47 -6.01
C ASN E 219 0.82 -31.62 -6.38
N GLY E 220 0.90 -32.74 -5.65
CA GLY E 220 0.03 -33.92 -5.81
C GLY E 220 0.26 -34.68 -7.10
N GLN E 221 1.49 -34.65 -7.63
CA GLN E 221 1.88 -35.36 -8.89
C GLN E 221 3.25 -36.05 -8.69
N SER E 222 3.33 -37.36 -8.93
CA SER E 222 4.59 -38.15 -8.91
C SER E 222 5.33 -38.02 -10.25
N GLY E 223 4.60 -37.68 -11.32
CA GLY E 223 5.18 -37.40 -12.65
C GLY E 223 5.97 -36.09 -12.66
N ARG E 224 6.94 -35.96 -13.57
CA ARG E 224 7.79 -34.76 -13.73
C ARG E 224 7.77 -34.33 -15.21
N ILE E 225 7.70 -33.03 -15.49
CA ILE E 225 7.89 -32.48 -16.87
C ILE E 225 9.08 -31.52 -16.84
N ASP E 226 10.24 -31.98 -17.33
CA ASP E 226 11.49 -31.18 -17.41
CA ASP E 226 11.48 -31.18 -17.41
C ASP E 226 11.53 -30.45 -18.75
N PHE E 227 11.84 -29.15 -18.74
CA PHE E 227 11.88 -28.29 -19.95
C PHE E 227 13.30 -28.19 -20.50
N HIS E 228 13.41 -28.05 -21.82
CA HIS E 228 14.66 -27.79 -22.56
C HIS E 228 14.42 -26.63 -23.52
N TRP E 229 15.48 -25.95 -23.93
CA TRP E 229 15.37 -24.77 -24.82
C TRP E 229 16.64 -24.63 -25.65
N THR E 230 16.52 -23.93 -26.78
CA THR E 230 17.63 -23.58 -27.69
C THR E 230 17.18 -22.39 -28.53
N LEU E 231 18.14 -21.70 -29.13
CA LEU E 231 17.90 -20.61 -30.11
C LEU E 231 17.88 -21.23 -31.51
N VAL E 232 16.93 -20.82 -32.35
CA VAL E 232 16.82 -21.21 -33.79
C VAL E 232 17.18 -19.99 -34.63
N GLN E 233 18.26 -20.07 -35.40
CA GLN E 233 18.82 -18.94 -36.19
C GLN E 233 17.86 -18.62 -37.34
N PRO E 234 17.88 -17.38 -37.88
CA PRO E 234 17.05 -17.01 -39.03
C PRO E 234 17.26 -17.93 -40.23
N GLY E 235 16.16 -18.38 -40.83
CA GLY E 235 16.15 -19.21 -42.07
C GLY E 235 16.38 -20.68 -41.78
N ASP E 236 16.64 -21.04 -40.52
CA ASP E 236 16.99 -22.42 -40.09
C ASP E 236 15.73 -23.14 -39.62
N LYS E 237 15.74 -24.47 -39.66
CA LYS E 237 14.61 -25.32 -39.20
C LYS E 237 15.08 -26.20 -38.04
N ILE E 238 14.16 -26.50 -37.11
CA ILE E 238 14.40 -27.46 -36.00
C ILE E 238 13.35 -28.57 -36.10
N THR E 239 13.80 -29.82 -36.09
CA THR E 239 12.98 -31.04 -36.33
C THR E 239 12.90 -31.87 -35.03
N PHE E 240 11.69 -32.20 -34.61
CA PHE E 240 11.38 -33.10 -33.47
C PHE E 240 10.97 -34.48 -34.01
N SER E 241 11.84 -35.47 -33.85
CA SER E 241 11.52 -36.91 -34.03
C SER E 241 11.16 -37.50 -32.66
N HIS E 242 9.91 -37.89 -32.45
CA HIS E 242 9.42 -38.43 -31.14
C HIS E 242 8.43 -39.58 -31.38
N ASN E 243 8.41 -40.54 -30.44
CA ASN E 243 7.44 -41.66 -30.39
C ASN E 243 6.78 -41.66 -29.00
N GLY E 244 6.53 -40.47 -28.45
CA GLY E 244 5.82 -40.28 -27.16
C GLY E 244 6.73 -39.79 -26.06
N GLY E 245 6.21 -38.94 -25.17
CA GLY E 245 6.96 -38.35 -24.05
C GLY E 245 7.36 -36.91 -24.31
N LEU E 246 7.20 -36.43 -25.55
CA LEU E 246 7.50 -35.02 -25.93
C LEU E 246 6.31 -34.12 -25.55
N ILE E 247 6.59 -33.02 -24.87
CA ILE E 247 5.65 -31.87 -24.69
C ILE E 247 6.02 -30.82 -25.73
N ALA E 248 5.25 -30.72 -26.82
CA ALA E 248 5.62 -29.99 -28.04
C ALA E 248 5.15 -28.54 -27.93
N PRO E 249 5.92 -27.57 -28.49
CA PRO E 249 5.53 -26.17 -28.47
C PRO E 249 4.45 -25.81 -29.48
N SER E 250 3.36 -25.16 -29.03
CA SER E 250 2.36 -24.47 -29.89
C SER E 250 2.97 -23.17 -30.44
N ARG E 251 3.66 -22.41 -29.58
CA ARG E 251 4.32 -21.12 -29.96
C ARG E 251 5.79 -21.12 -29.52
N VAL E 252 6.63 -20.42 -30.29
CA VAL E 252 8.03 -20.07 -29.90
C VAL E 252 8.06 -18.59 -29.51
N SER E 253 9.11 -18.18 -28.78
CA SER E 253 9.27 -16.84 -28.20
C SER E 253 10.38 -16.11 -28.96
N LYS E 254 10.27 -14.78 -29.05
CA LYS E 254 11.32 -13.87 -29.60
C LYS E 254 11.56 -12.76 -28.58
N LEU E 255 12.76 -12.68 -28.00
CA LEU E 255 13.15 -11.62 -27.03
C LEU E 255 13.52 -10.36 -27.83
N ILE E 256 12.94 -9.19 -27.48
CA ILE E 256 13.19 -7.93 -28.25
C ILE E 256 14.01 -6.96 -27.38
N GLY E 257 15.14 -6.52 -27.94
CA GLY E 257 15.94 -5.41 -27.42
C GLY E 257 16.45 -5.67 -26.02
N ARG E 258 16.67 -4.58 -25.25
CA ARG E 258 17.42 -4.59 -23.96
C ARG E 258 16.55 -3.97 -22.87
N GLY E 259 16.69 -4.46 -21.64
CA GLY E 259 15.99 -3.94 -20.45
C GLY E 259 16.73 -4.25 -19.16
N LEU E 260 16.31 -3.63 -18.06
CA LEU E 260 16.91 -3.77 -16.72
C LEU E 260 16.09 -4.78 -15.90
N GLY E 261 16.74 -5.85 -15.43
CA GLY E 261 16.11 -6.91 -14.63
C GLY E 261 16.32 -6.69 -13.14
N ILE E 262 15.24 -6.46 -12.39
CA ILE E 262 15.26 -6.21 -10.92
C ILE E 262 14.58 -7.37 -10.19
N GLN E 263 15.27 -7.99 -9.25
CA GLN E 263 14.70 -8.94 -8.25
C GLN E 263 14.52 -8.19 -6.93
N SER E 264 13.28 -7.89 -6.53
CA SER E 264 12.95 -7.12 -5.30
C SER E 264 11.60 -7.56 -4.71
N GLU E 265 11.35 -7.23 -3.45
CA GLU E 265 10.07 -7.47 -2.73
C GLU E 265 9.34 -6.14 -2.51
N ALA E 266 9.94 -5.01 -2.87
CA ALA E 266 9.47 -3.65 -2.51
C ALA E 266 8.34 -3.23 -3.45
N PRO E 267 7.35 -2.46 -2.95
CA PRO E 267 6.28 -1.92 -3.79
C PRO E 267 6.75 -0.91 -4.85
N ILE E 268 5.94 -0.70 -5.89
CA ILE E 268 6.23 0.25 -7.01
C ILE E 268 5.72 1.65 -6.63
N ASP E 269 6.53 2.68 -6.88
CA ASP E 269 6.16 4.12 -6.77
C ASP E 269 6.45 4.80 -8.11
N ASN E 270 5.43 5.29 -8.81
CA ASN E 270 5.58 5.88 -10.17
C ASN E 270 5.92 7.38 -10.09
N SER E 271 6.06 7.94 -8.89
CA SER E 271 6.30 9.38 -8.66
C SER E 271 7.80 9.71 -8.68
N CYS E 272 8.65 8.88 -8.04
CA CYS E 272 10.12 9.10 -7.91
C CYS E 272 10.87 8.38 -9.05
N GLU E 273 12.02 8.91 -9.44
CA GLU E 273 12.99 8.33 -10.41
C GLU E 273 14.17 7.71 -9.66
N SER E 274 14.83 6.73 -10.26
CA SER E 274 16.08 6.09 -9.75
C SER E 274 16.79 5.35 -10.89
N LYS E 275 18.10 5.18 -10.77
CA LYS E 275 18.93 4.40 -11.72
C LYS E 275 19.61 3.24 -10.97
N CYS E 276 19.41 3.13 -9.65
CA CYS E 276 20.05 2.12 -8.78
C CYS E 276 18.97 1.41 -7.97
N PHE E 277 19.02 0.07 -7.94
CA PHE E 277 18.02 -0.79 -7.26
C PHE E 277 18.72 -1.94 -6.55
N TRP E 278 18.06 -2.49 -5.54
CA TRP E 278 18.46 -3.71 -4.80
C TRP E 278 17.22 -4.39 -4.23
N ARG E 279 17.40 -5.57 -3.64
CA ARG E 279 16.31 -6.38 -3.02
C ARG E 279 15.37 -5.47 -2.22
N GLY E 280 15.93 -4.61 -1.36
CA GLY E 280 15.23 -3.76 -0.39
C GLY E 280 14.63 -2.51 -1.01
N GLY E 281 14.99 -2.12 -2.24
CA GLY E 281 14.36 -0.99 -2.94
C GLY E 281 15.28 -0.24 -3.89
N SER E 282 15.24 1.09 -3.81
CA SER E 282 16.00 2.02 -4.69
C SER E 282 17.01 2.83 -3.85
N ILE E 283 17.95 3.47 -4.55
CA ILE E 283 19.06 4.28 -3.96
C ILE E 283 19.23 5.53 -4.83
N ASN E 284 18.75 6.68 -4.33
CA ASN E 284 18.62 7.95 -5.08
C ASN E 284 19.74 8.92 -4.70
N THR E 285 20.75 8.48 -3.93
CA THR E 285 21.79 9.35 -3.32
C THR E 285 22.75 9.89 -4.38
N ARG E 286 23.24 11.13 -4.17
CA ARG E 286 24.30 11.74 -4.98
C ARG E 286 25.66 11.31 -4.42
N LEU E 287 25.67 10.69 -3.22
CA LEU E 287 26.91 10.24 -2.53
C LEU E 287 27.60 9.13 -3.34
N PRO E 288 28.95 9.04 -3.25
CA PRO E 288 29.72 8.10 -4.08
C PRO E 288 29.78 6.65 -3.59
N PHE E 289 29.44 6.43 -2.31
CA PHE E 289 29.49 5.11 -1.64
C PHE E 289 28.16 4.83 -0.92
N GLN E 290 27.96 3.56 -0.55
CA GLN E 290 26.74 3.06 0.12
C GLN E 290 27.11 1.80 0.90
N ASN E 291 26.41 1.50 2.00
CA ASN E 291 26.63 0.26 2.80
C ASN E 291 25.29 -0.46 3.03
N LEU E 292 24.39 -0.44 2.06
CA LEU E 292 23.04 -1.09 2.13
C LEU E 292 23.15 -2.55 1.66
N SER E 293 23.78 -2.81 0.51
CA SER E 293 23.90 -4.15 -0.11
C SER E 293 24.99 -4.19 -1.18
N PRO E 294 25.79 -5.27 -1.24
CA PRO E 294 26.71 -5.51 -2.35
C PRO E 294 26.03 -6.02 -3.63
N ARG E 295 24.80 -6.54 -3.52
CA ARG E 295 23.94 -6.93 -4.67
C ARG E 295 23.08 -5.73 -5.07
N THR E 296 23.51 -4.97 -6.07
CA THR E 296 22.75 -3.83 -6.66
C THR E 296 22.81 -3.94 -8.19
N VAL E 297 21.93 -3.22 -8.88
CA VAL E 297 21.81 -3.23 -10.37
C VAL E 297 21.49 -1.81 -10.85
N GLY E 298 22.01 -1.44 -12.03
CA GLY E 298 21.94 -0.10 -12.62
C GLY E 298 23.22 0.68 -12.37
N GLN E 299 23.14 2.01 -12.50
CA GLN E 299 24.24 2.97 -12.20
C GLN E 299 24.19 3.26 -10.69
N CYS E 300 25.16 2.74 -9.92
CA CYS E 300 25.09 2.64 -8.44
C CYS E 300 26.32 3.21 -7.74
N PRO E 301 26.14 3.79 -6.54
CA PRO E 301 27.25 4.01 -5.61
C PRO E 301 27.93 2.68 -5.33
N LYS E 302 29.25 2.69 -5.10
CA LYS E 302 30.04 1.48 -4.83
C LYS E 302 29.80 1.06 -3.38
N TYR E 303 29.63 -0.25 -3.14
CA TYR E 303 29.45 -0.82 -1.79
C TYR E 303 30.78 -0.74 -1.03
N VAL E 304 30.74 -0.26 0.22
CA VAL E 304 31.91 -0.22 1.15
C VAL E 304 31.49 -0.83 2.50
N ASN E 305 32.45 -1.40 3.23
CA ASN E 305 32.25 -1.95 4.61
C ASN E 305 32.53 -0.85 5.63
N LYS E 306 31.74 0.22 5.63
CA LYS E 306 31.91 1.39 6.53
C LYS E 306 30.54 1.93 6.93
N LYS E 307 30.30 2.09 8.23
CA LYS E 307 29.10 2.79 8.78
C LYS E 307 29.08 4.22 8.19
N SER E 308 30.21 4.95 8.29
CA SER E 308 30.33 6.40 7.98
C SER E 308 31.75 6.76 7.54
N LEU E 309 31.87 7.69 6.59
CA LEU E 309 33.14 8.37 6.21
C LEU E 309 32.88 9.88 6.08
N MET E 310 33.31 10.65 7.07
CA MET E 310 33.04 12.12 7.15
C MET E 310 34.15 12.88 6.42
N LEU E 311 33.77 13.70 5.45
CA LEU E 311 34.66 14.53 4.60
C LEU E 311 34.63 15.98 5.10
N ALA E 312 35.74 16.45 5.67
CA ALA E 312 35.88 17.83 6.21
C ALA E 312 35.50 18.83 5.10
N THR E 313 34.64 19.80 5.45
CA THR E 313 34.20 20.92 4.58
C THR E 313 34.54 22.26 5.25
N GLY E 314 35.54 22.26 6.15
CA GLY E 314 35.98 23.44 6.89
C GLY E 314 37.28 23.19 7.62
N MET E 315 37.90 24.26 8.11
CA MET E 315 39.22 24.24 8.79
C MET E 315 39.11 23.54 10.15
N ARG E 316 40.26 23.28 10.79
CA ARG E 316 40.33 22.85 12.21
C ARG E 316 39.45 23.77 13.03
N ASN E 317 38.67 23.20 13.96
CA ASN E 317 37.89 23.95 14.96
C ASN E 317 38.77 24.09 16.20
N VAL E 318 39.13 25.33 16.56
CA VAL E 318 39.83 25.65 17.83
C VAL E 318 38.92 26.58 18.63
N PRO E 319 38.16 26.07 19.60
CA PRO E 319 37.16 26.87 20.32
C PRO E 319 37.76 27.63 21.51
N GLU E 320 37.00 28.61 22.05
CA GLU E 320 37.36 29.43 23.25
C GLU E 320 36.88 28.72 24.52
N GLY F 1 49.79 22.80 12.64
CA GLY F 1 49.68 22.18 11.30
C GLY F 1 50.85 22.57 10.41
N LEU F 2 50.77 22.25 9.12
CA LEU F 2 51.87 22.45 8.15
C LEU F 2 52.35 23.90 8.16
N PHE F 3 51.43 24.88 8.15
CA PHE F 3 51.75 26.31 7.91
C PHE F 3 51.84 27.09 9.22
N GLY F 4 51.45 26.49 10.33
CA GLY F 4 51.70 27.02 11.69
C GLY F 4 50.70 28.08 12.12
N ALA F 5 49.80 28.54 11.23
CA ALA F 5 48.87 29.66 11.51
C ALA F 5 47.72 29.18 12.40
N ILE F 6 46.96 28.17 11.96
CA ILE F 6 45.73 27.70 12.66
C ILE F 6 46.11 26.52 13.56
N ALA F 7 45.59 26.49 14.78
CA ALA F 7 46.07 25.63 15.89
C ALA F 7 47.59 25.76 15.99
N GLY F 8 48.11 26.98 15.75
CA GLY F 8 49.54 27.33 15.82
C GLY F 8 49.73 28.64 16.57
N PHE F 9 50.40 29.61 15.94
CA PHE F 9 50.74 30.91 16.59
C PHE F 9 49.45 31.70 16.87
N ILE F 10 48.39 31.51 16.09
CA ILE F 10 47.01 31.95 16.45
C ILE F 10 46.43 30.94 17.45
N GLU F 11 46.21 31.40 18.69
CA GLU F 11 45.98 30.52 19.87
C GLU F 11 44.62 29.84 19.75
N ASN F 12 43.62 30.52 19.18
CA ASN F 12 42.25 29.96 19.06
C ASN F 12 41.46 30.71 17.99
N GLY F 13 40.31 30.15 17.60
CA GLY F 13 39.39 30.76 16.63
C GLY F 13 38.42 31.69 17.33
N TRP F 14 37.61 32.40 16.53
CA TRP F 14 36.62 33.40 17.02
C TRP F 14 35.20 32.91 16.71
N GLU F 15 34.44 32.46 17.71
CA GLU F 15 33.00 32.11 17.53
C GLU F 15 32.20 33.36 17.18
N GLY F 16 32.67 34.54 17.64
CA GLY F 16 32.09 35.86 17.34
C GLY F 16 32.01 36.15 15.86
N MET F 17 32.99 35.72 15.07
CA MET F 17 33.08 36.03 13.62
C MET F 17 32.23 35.03 12.83
N VAL F 18 31.04 35.46 12.40
CA VAL F 18 30.03 34.58 11.76
C VAL F 18 29.81 34.99 10.30
N ASP F 19 30.44 36.07 9.82
CA ASP F 19 30.20 36.65 8.47
C ASP F 19 31.35 36.30 7.51
N GLY F 20 32.29 35.43 7.93
CA GLY F 20 33.45 34.99 7.14
C GLY F 20 34.30 33.98 7.88
N TRP F 21 35.30 33.39 7.21
CA TRP F 21 36.17 32.33 7.77
C TRP F 21 37.40 32.95 8.43
N TYR F 22 37.99 33.93 7.74
CA TYR F 22 39.18 34.69 8.16
C TYR F 22 38.77 36.16 8.31
N GLY F 23 39.42 36.88 9.23
CA GLY F 23 39.22 38.33 9.37
C GLY F 23 40.11 38.97 10.42
N PHE F 24 39.79 40.23 10.74
CA PHE F 24 40.60 41.14 11.58
C PHE F 24 39.79 41.60 12.79
N ARG F 25 40.47 41.75 13.93
CA ARG F 25 40.09 42.60 15.07
C ARG F 25 41.17 43.66 15.26
N HIS F 26 40.77 44.91 15.50
CA HIS F 26 41.72 46.02 15.79
C HIS F 26 41.35 46.66 17.14
N GLN F 27 42.34 47.26 17.80
CA GLN F 27 42.15 48.15 18.98
C GLN F 27 42.94 49.44 18.73
N ASN F 28 42.28 50.60 18.86
CA ASN F 28 42.90 51.95 18.84
C ASN F 28 42.17 52.80 19.88
N ALA F 29 42.60 54.06 20.06
CA ALA F 29 41.98 55.04 20.97
C ALA F 29 40.47 55.07 20.74
N GLN F 30 40.08 55.09 19.46
CA GLN F 30 38.69 55.22 18.94
C GLN F 30 37.78 54.05 19.38
N GLY F 31 38.38 52.90 19.75
CA GLY F 31 37.66 51.70 20.24
C GLY F 31 37.99 50.45 19.45
N THR F 32 37.33 49.35 19.82
CA THR F 32 37.45 47.99 19.22
C THR F 32 36.65 47.89 17.91
N GLY F 33 37.01 46.93 17.05
CA GLY F 33 36.27 46.59 15.81
C GLY F 33 36.54 45.16 15.37
N GLN F 34 35.70 44.62 14.48
CA GLN F 34 35.84 43.28 13.86
C GLN F 34 35.32 43.34 12.42
N ALA F 35 36.01 42.71 11.47
CA ALA F 35 35.58 42.61 10.05
C ALA F 35 36.17 41.35 9.43
N ALA F 36 35.36 40.62 8.65
CA ALA F 36 35.76 39.42 7.90
C ALA F 36 36.50 39.83 6.63
N ASP F 37 37.45 39.00 6.17
CA ASP F 37 38.14 39.14 4.87
C ASP F 37 37.40 38.26 3.84
N TYR F 38 36.85 38.87 2.79
CA TYR F 38 36.03 38.18 1.75
C TYR F 38 36.97 37.37 0.86
N LYS F 39 37.97 38.00 0.24
CA LYS F 39 38.84 37.41 -0.81
C LYS F 39 39.42 36.07 -0.32
N SER F 40 39.95 36.04 0.92
CA SER F 40 40.61 34.85 1.52
C SER F 40 39.56 33.81 1.92
N THR F 41 38.41 34.24 2.43
CA THR F 41 37.26 33.36 2.78
C THR F 41 36.78 32.63 1.52
N GLN F 42 36.56 33.37 0.43
CA GLN F 42 35.99 32.83 -0.83
C GLN F 42 37.03 31.90 -1.47
N ALA F 43 38.32 32.17 -1.31
CA ALA F 43 39.42 31.34 -1.84
C ALA F 43 39.35 29.94 -1.22
N ALA F 44 39.10 29.87 0.10
CA ALA F 44 39.01 28.60 0.86
C ALA F 44 37.74 27.85 0.46
N ILE F 45 36.61 28.55 0.39
CA ILE F 45 35.28 27.95 0.07
C ILE F 45 35.29 27.44 -1.37
N ASP F 46 35.88 28.18 -2.30
CA ASP F 46 35.95 27.77 -3.72
C ASP F 46 36.71 26.45 -3.83
N GLN F 47 37.82 26.30 -3.08
CA GLN F 47 38.68 25.09 -3.12
C GLN F 47 37.90 23.89 -2.56
N ILE F 48 37.07 24.11 -1.53
CA ILE F 48 36.27 23.02 -0.90
C ILE F 48 35.11 22.63 -1.83
N THR F 49 34.45 23.60 -2.46
CA THR F 49 33.41 23.38 -3.50
C THR F 49 33.99 22.44 -4.58
N GLY F 50 35.18 22.76 -5.10
CA GLY F 50 35.88 21.97 -6.12
C GLY F 50 36.03 20.51 -5.73
N LYS F 51 36.40 20.24 -4.48
CA LYS F 51 36.54 18.87 -3.94
C LYS F 51 35.19 18.18 -3.98
N LEU F 52 34.15 18.82 -3.45
CA LEU F 52 32.79 18.24 -3.39
C LEU F 52 32.31 17.91 -4.81
N ASN F 53 32.62 18.74 -5.80
CA ASN F 53 32.22 18.51 -7.21
C ASN F 53 32.86 17.20 -7.71
N ARG F 54 34.13 16.97 -7.37
CA ARG F 54 34.89 15.79 -7.85
C ARG F 54 34.44 14.53 -7.10
N ILE F 55 34.16 14.63 -5.80
CA ILE F 55 34.00 13.46 -4.88
C ILE F 55 32.53 13.01 -4.81
N ILE F 56 31.57 13.94 -4.74
CA ILE F 56 30.12 13.61 -4.71
C ILE F 56 29.66 13.28 -6.14
N LYS F 57 29.82 12.02 -6.52
CA LYS F 57 29.68 11.48 -7.90
C LYS F 57 29.63 9.95 -7.85
N LYS F 58 28.86 9.33 -8.74
CA LYS F 58 28.93 7.87 -9.03
C LYS F 58 29.31 7.72 -10.50
N THR F 59 29.79 6.54 -10.91
CA THR F 59 30.07 6.22 -12.34
C THR F 59 28.74 6.06 -13.07
N ASN F 60 28.71 6.30 -14.38
CA ASN F 60 27.49 6.16 -15.22
C ASN F 60 27.46 4.76 -15.85
N THR F 61 28.32 3.84 -15.37
CA THR F 61 28.40 2.42 -15.82
C THR F 61 27.16 1.65 -15.34
N GLU F 62 26.45 1.01 -16.27
CA GLU F 62 25.24 0.19 -16.00
C GLU F 62 25.70 -1.23 -15.63
N PHE F 63 25.35 -1.70 -14.43
CA PHE F 63 25.68 -3.06 -13.94
C PHE F 63 24.41 -3.92 -13.96
N GLU F 64 24.55 -5.17 -14.40
CA GLU F 64 23.47 -6.19 -14.37
C GLU F 64 23.70 -7.11 -13.16
N SER F 65 22.64 -7.78 -12.72
CA SER F 65 22.67 -8.83 -11.67
C SER F 65 23.46 -10.03 -12.22
N ILE F 66 24.33 -10.64 -11.40
CA ILE F 66 25.04 -11.92 -11.75
C ILE F 66 24.71 -13.01 -10.72
N GLU F 67 24.35 -12.63 -9.51
CA GLU F 67 23.72 -13.49 -8.47
C GLU F 67 22.20 -13.35 -8.57
N SER F 68 21.45 -14.43 -8.39
CA SER F 68 19.97 -14.44 -8.26
C SER F 68 19.61 -14.32 -6.78
N GLU F 69 18.63 -13.48 -6.46
CA GLU F 69 18.14 -13.24 -5.08
C GLU F 69 17.29 -14.44 -4.65
N PHE F 70 16.48 -15.01 -5.56
CA PHE F 70 15.35 -15.91 -5.26
C PHE F 70 15.61 -17.35 -5.73
N SER F 71 16.85 -17.73 -6.07
CA SER F 71 17.18 -19.11 -6.54
C SER F 71 18.66 -19.42 -6.32
N GLU F 72 18.98 -20.73 -6.21
CA GLU F 72 20.36 -21.25 -6.08
C GLU F 72 21.09 -21.08 -7.42
N ILE F 73 22.29 -20.51 -7.40
CA ILE F 73 23.24 -20.48 -8.56
C ILE F 73 24.18 -21.69 -8.41
N ASP F 74 24.74 -22.21 -9.50
CA ASP F 74 25.83 -23.22 -9.48
C ASP F 74 26.83 -22.85 -8.37
N HIS F 75 27.16 -23.81 -7.51
CA HIS F 75 27.96 -23.59 -6.27
C HIS F 75 29.37 -23.12 -6.63
N GLN F 76 29.94 -23.59 -7.75
CA GLN F 76 31.35 -23.29 -8.14
C GLN F 76 31.44 -21.83 -8.60
N ILE F 77 30.58 -21.41 -9.52
CA ILE F 77 30.56 -20.02 -10.07
C ILE F 77 30.10 -19.07 -8.96
N GLY F 78 29.21 -19.52 -8.07
CA GLY F 78 28.78 -18.75 -6.89
C GLY F 78 29.96 -18.38 -6.00
N ASN F 79 30.88 -19.31 -5.77
CA ASN F 79 32.11 -19.11 -4.94
C ASN F 79 33.03 -18.11 -5.66
N VAL F 80 33.19 -18.24 -6.98
CA VAL F 80 34.01 -17.32 -7.80
C VAL F 80 33.43 -15.90 -7.69
N ILE F 81 32.12 -15.76 -7.85
CA ILE F 81 31.43 -14.44 -7.76
C ILE F 81 31.68 -13.86 -6.38
N ASN F 82 31.43 -14.64 -5.32
CA ASN F 82 31.60 -14.22 -3.92
C ASN F 82 33.03 -13.71 -3.70
N TRP F 83 34.04 -14.43 -4.18
CA TRP F 83 35.48 -14.07 -4.06
C TRP F 83 35.75 -12.74 -4.78
N THR F 84 35.24 -12.59 -6.01
CA THR F 84 35.41 -11.37 -6.83
C THR F 84 34.76 -10.17 -6.10
N LYS F 85 33.48 -10.27 -5.73
CA LYS F 85 32.72 -9.16 -5.10
C LYS F 85 33.42 -8.73 -3.81
N ASP F 86 33.87 -9.68 -3.00
CA ASP F 86 34.54 -9.39 -1.70
C ASP F 86 35.87 -8.67 -1.98
N SER F 87 36.58 -9.05 -3.05
CA SER F 87 37.87 -8.45 -3.44
C SER F 87 37.65 -7.00 -3.91
N ILE F 88 36.63 -6.78 -4.73
CA ILE F 88 36.26 -5.44 -5.27
C ILE F 88 35.84 -4.55 -4.11
N THR F 89 35.07 -5.08 -3.16
CA THR F 89 34.55 -4.32 -1.99
C THR F 89 35.73 -3.91 -1.10
N ASP F 90 36.71 -4.80 -0.90
CA ASP F 90 37.92 -4.49 -0.09
C ASP F 90 38.67 -3.32 -0.74
N ILE F 91 38.81 -3.31 -2.06
CA ILE F 91 39.48 -2.22 -2.82
C ILE F 91 38.68 -0.92 -2.61
N TRP F 92 37.38 -0.91 -2.89
CA TRP F 92 36.57 0.33 -2.82
C TRP F 92 36.54 0.86 -1.39
N THR F 93 36.50 -0.02 -0.39
CA THR F 93 36.51 0.40 1.03
C THR F 93 37.83 1.10 1.33
N TYR F 94 38.94 0.53 0.86
CA TYR F 94 40.31 1.07 1.04
C TYR F 94 40.42 2.42 0.35
N GLN F 95 40.04 2.51 -0.93
CA GLN F 95 40.09 3.76 -1.72
C GLN F 95 39.25 4.84 -1.03
N ALA F 96 38.06 4.51 -0.55
CA ALA F 96 37.16 5.47 0.12
C ALA F 96 37.82 5.98 1.40
N GLU F 97 38.36 5.08 2.24
CA GLU F 97 39.03 5.44 3.51
C GLU F 97 40.23 6.35 3.22
N LEU F 98 40.99 6.04 2.16
CA LEU F 98 42.22 6.79 1.79
C LEU F 98 41.83 8.13 1.18
N LEU F 99 40.86 8.16 0.26
CA LEU F 99 40.40 9.40 -0.41
C LEU F 99 40.07 10.43 0.66
N VAL F 100 39.17 10.08 1.57
CA VAL F 100 38.61 11.03 2.56
C VAL F 100 39.70 11.47 3.54
N ALA F 101 40.53 10.53 4.02
CA ALA F 101 41.66 10.84 4.93
C ALA F 101 42.61 11.85 4.27
N MET F 102 42.98 11.59 3.02
CA MET F 102 43.94 12.42 2.25
C MET F 102 43.31 13.80 2.01
N GLU F 103 42.03 13.84 1.62
CA GLU F 103 41.32 15.12 1.31
C GLU F 103 41.13 15.92 2.59
N ASN F 104 40.90 15.26 3.72
CA ASN F 104 40.73 15.93 5.03
C ASN F 104 42.05 16.61 5.40
N GLN F 105 43.17 15.89 5.28
CA GLN F 105 44.54 16.41 5.54
C GLN F 105 44.75 17.67 4.70
N HIS F 106 44.42 17.61 3.42
CA HIS F 106 44.61 18.73 2.46
C HIS F 106 43.71 19.90 2.85
N THR F 107 42.42 19.67 3.13
CA THR F 107 41.43 20.73 3.43
C THR F 107 41.94 21.56 4.61
N ILE F 108 42.34 20.86 5.67
CA ILE F 108 42.86 21.46 6.93
C ILE F 108 44.09 22.32 6.61
N ASP F 109 45.06 21.76 5.89
CA ASP F 109 46.35 22.43 5.61
C ASP F 109 46.13 23.58 4.62
N MET F 110 45.21 23.44 3.67
CA MET F 110 44.84 24.50 2.70
C MET F 110 44.30 25.72 3.48
N ALA F 111 43.39 25.47 4.41
CA ALA F 111 42.73 26.52 5.22
C ALA F 111 43.77 27.24 6.08
N ASP F 112 44.71 26.48 6.65
CA ASP F 112 45.90 26.99 7.41
C ASP F 112 46.70 27.93 6.49
N SER F 113 46.96 27.50 5.26
CA SER F 113 47.77 28.25 4.27
C SER F 113 47.09 29.59 3.95
N GLU F 114 45.77 29.63 3.84
CA GLU F 114 45.04 30.86 3.45
C GLU F 114 45.16 31.88 4.59
N MET F 115 45.16 31.40 5.83
CA MET F 115 45.33 32.24 7.04
C MET F 115 46.73 32.87 7.00
N LEU F 116 47.75 32.05 6.81
CA LEU F 116 49.16 32.50 6.78
C LEU F 116 49.33 33.53 5.66
N ASN F 117 48.80 33.26 4.46
CA ASN F 117 48.97 34.14 3.28
C ASN F 117 48.35 35.52 3.56
N LEU F 118 47.23 35.57 4.29
CA LEU F 118 46.61 36.87 4.69
C LEU F 118 47.56 37.61 5.64
N TYR F 119 48.07 36.91 6.66
CA TYR F 119 49.00 37.47 7.68
C TYR F 119 50.25 38.03 6.98
N GLU F 120 50.78 37.33 5.98
CA GLU F 120 52.00 37.76 5.25
C GLU F 120 51.70 38.97 4.40
N ARG F 121 50.51 39.03 3.79
CA ARG F 121 50.07 40.16 2.92
C ARG F 121 50.06 41.44 3.79
N VAL F 122 49.49 41.35 5.00
CA VAL F 122 49.41 42.48 5.98
C VAL F 122 50.81 42.84 6.47
N ARG F 123 51.63 41.86 6.86
CA ARG F 123 53.02 42.11 7.35
C ARG F 123 53.74 43.02 6.35
N LYS F 124 53.65 42.70 5.06
CA LYS F 124 54.43 43.36 3.99
C LYS F 124 53.84 44.75 3.71
N GLN F 125 52.52 44.91 3.83
CA GLN F 125 51.82 46.23 3.75
C GLN F 125 52.40 47.20 4.79
N LEU F 126 52.42 46.79 6.07
CA LEU F 126 52.80 47.63 7.22
C LEU F 126 54.31 47.91 7.20
N ARG F 127 55.10 47.08 6.52
CA ARG F 127 56.54 47.31 6.27
C ARG F 127 57.23 47.64 7.61
N GLN F 128 57.81 48.83 7.76
CA GLN F 128 58.62 49.20 8.96
C GLN F 128 57.75 49.93 10.00
N ASN F 129 56.44 50.05 9.77
CA ASN F 129 55.54 50.84 10.65
C ASN F 129 54.97 49.97 11.77
N ALA F 130 55.27 48.67 11.78
CA ALA F 130 54.69 47.71 12.75
C ALA F 130 55.67 46.58 13.04
N GLU F 131 55.40 45.84 14.12
CA GLU F 131 56.21 44.69 14.59
C GLU F 131 55.26 43.54 14.93
N GLU F 132 55.72 42.31 14.74
CA GLU F 132 54.91 41.08 14.96
C GLU F 132 54.81 40.82 16.46
N ASP F 133 53.58 40.67 16.95
CA ASP F 133 53.20 40.34 18.34
C ASP F 133 53.68 38.92 18.67
N GLY F 134 53.52 37.97 17.73
CA GLY F 134 53.80 36.54 17.94
C GLY F 134 52.54 35.70 18.08
N LYS F 135 51.38 36.33 18.30
CA LYS F 135 50.07 35.64 18.46
C LYS F 135 49.15 36.00 17.30
N GLY F 136 49.71 36.50 16.19
CA GLY F 136 48.95 36.84 14.97
C GLY F 136 48.57 38.30 14.91
N CYS F 137 48.99 39.11 15.89
CA CYS F 137 48.72 40.56 15.98
C CYS F 137 49.94 41.35 15.49
N PHE F 138 49.70 42.58 15.04
CA PHE F 138 50.73 43.58 14.68
C PHE F 138 50.59 44.79 15.61
N GLU F 139 51.62 45.10 16.39
CA GLU F 139 51.70 46.36 17.16
C GLU F 139 52.11 47.46 16.18
N ILE F 140 51.20 48.38 15.90
CA ILE F 140 51.38 49.51 14.95
C ILE F 140 51.93 50.70 15.74
N TYR F 141 53.08 51.24 15.31
CA TYR F 141 53.82 52.30 16.03
C TYR F 141 53.39 53.68 15.51
N HIS F 142 52.09 53.89 15.33
CA HIS F 142 51.49 55.21 15.05
C HIS F 142 50.00 55.20 15.36
N ALA F 143 49.40 56.38 15.44
CA ALA F 143 47.95 56.59 15.56
C ALA F 143 47.32 56.01 14.30
N CYS F 144 46.53 54.95 14.46
CA CYS F 144 45.80 54.29 13.36
C CYS F 144 44.31 54.36 13.71
N ASP F 145 43.61 55.35 13.14
CA ASP F 145 42.15 55.58 13.33
C ASP F 145 41.37 54.58 12.47
N ASP F 146 40.04 54.57 12.58
CA ASP F 146 39.15 53.58 11.93
C ASP F 146 39.31 53.65 10.41
N SER F 147 39.69 54.81 9.87
CA SER F 147 39.90 55.01 8.41
C SER F 147 41.23 54.36 8.00
N CYS F 148 42.25 54.46 8.87
CA CYS F 148 43.60 53.83 8.70
C CYS F 148 43.44 52.29 8.75
N MET F 149 42.74 51.77 9.77
CA MET F 149 42.48 50.31 9.94
C MET F 149 41.76 49.76 8.70
N GLU F 150 40.74 50.48 8.21
CA GLU F 150 39.98 50.08 7.00
C GLU F 150 40.92 50.03 5.80
N SER F 151 41.93 50.91 5.74
CA SER F 151 42.92 50.96 4.63
C SER F 151 43.80 49.70 4.65
N ILE F 152 44.09 49.17 5.84
CA ILE F 152 44.91 47.93 6.02
C ILE F 152 44.10 46.75 5.49
N ARG F 153 42.82 46.66 5.87
CA ARG F 153 41.90 45.57 5.46
C ARG F 153 41.68 45.58 3.96
N ASN F 154 41.64 46.77 3.34
CA ASN F 154 41.28 46.97 1.92
C ASN F 154 42.55 46.98 1.05
N ASN F 155 43.72 46.72 1.65
CA ASN F 155 45.03 46.67 0.96
C ASN F 155 45.29 47.98 0.20
N THR F 156 45.05 49.13 0.85
CA THR F 156 45.28 50.50 0.30
C THR F 156 46.16 51.32 1.25
N TYR F 157 46.61 50.75 2.38
CA TYR F 157 47.50 51.40 3.38
C TYR F 157 48.86 51.65 2.72
N ASP F 158 49.28 52.91 2.68
CA ASP F 158 50.59 53.38 2.14
C ASP F 158 51.53 53.63 3.33
N HIS F 159 52.58 52.82 3.48
CA HIS F 159 53.51 52.85 4.64
C HIS F 159 54.24 54.20 4.71
N SER F 160 54.57 54.81 3.56
CA SER F 160 55.42 56.02 3.47
C SER F 160 54.78 57.20 4.22
N GLN F 161 53.45 57.27 4.24
CA GLN F 161 52.65 58.32 4.94
C GLN F 161 52.98 58.35 6.44
N TYR F 162 53.09 57.19 7.11
CA TYR F 162 53.24 57.10 8.58
C TYR F 162 54.66 56.68 8.99
N ARG F 163 55.57 56.54 8.01
CA ARG F 163 56.92 55.96 8.22
C ARG F 163 57.70 56.80 9.24
N GLU F 164 57.78 58.13 9.03
CA GLU F 164 58.60 59.05 9.89
C GLU F 164 58.14 58.94 11.34
N GLU F 165 56.82 59.01 11.58
CA GLU F 165 56.21 58.90 12.93
C GLU F 165 56.60 57.55 13.54
N ALA F 166 56.44 56.47 12.76
CA ALA F 166 56.58 55.06 13.21
C ALA F 166 58.04 54.76 13.58
N LEU F 167 58.99 55.10 12.70
CA LEU F 167 60.43 54.83 12.93
C LEU F 167 60.90 55.55 14.20
N LEU F 168 60.39 56.76 14.47
CA LEU F 168 60.71 57.52 15.70
C LEU F 168 60.19 56.76 16.92
N ASN F 169 58.92 56.34 16.89
CA ASN F 169 58.26 55.59 18.00
C ASN F 169 58.95 54.25 18.25
N ARG F 170 59.49 53.61 17.22
CA ARG F 170 60.11 52.26 17.31
C ARG F 170 61.51 52.37 17.93
N LEU F 171 62.30 53.33 17.45
CA LEU F 171 63.69 53.61 17.94
C LEU F 171 63.62 54.19 19.36
N ASN F 172 62.63 55.04 19.65
CA ASN F 172 62.37 55.60 21.00
C ASN F 172 63.68 56.26 21.47
N ASP G 1 1.89 52.58 36.62
CA ASP G 1 1.44 53.73 37.47
C ASP G 1 0.03 53.47 37.98
N PRO G 2 -0.99 53.23 37.12
CA PRO G 2 -2.33 52.84 37.58
C PRO G 2 -2.50 51.33 37.82
N ASP G 3 -3.20 50.99 38.91
CA ASP G 3 -3.59 49.63 39.32
C ASP G 3 -4.48 49.02 38.24
N LYS G 4 -4.40 47.71 38.02
CA LYS G 4 -5.10 46.99 36.94
C LYS G 4 -5.96 45.86 37.53
N ILE G 5 -7.18 45.67 37.01
CA ILE G 5 -8.02 44.46 37.26
C ILE G 5 -8.33 43.82 35.90
N CYS G 6 -7.91 42.56 35.71
CA CYS G 6 -8.02 41.80 34.45
C CYS G 6 -9.13 40.77 34.57
N LEU G 7 -9.88 40.57 33.49
CA LEU G 7 -10.93 39.53 33.39
C LEU G 7 -10.42 38.41 32.49
N GLY G 8 -10.86 37.19 32.78
CA GLY G 8 -10.33 35.98 32.12
C GLY G 8 -11.19 34.77 32.41
N HIS G 9 -10.84 33.66 31.76
CA HIS G 9 -11.57 32.38 31.80
C HIS G 9 -10.56 31.25 31.92
N HIS G 10 -11.00 30.07 32.37
CA HIS G 10 -10.14 28.89 32.61
C HIS G 10 -9.67 28.34 31.26
N ALA G 11 -8.68 27.46 31.32
CA ALA G 11 -8.14 26.68 30.18
C ALA G 11 -7.57 25.39 30.76
N VAL G 12 -7.15 24.48 29.88
CA VAL G 12 -6.55 23.17 30.27
C VAL G 12 -5.43 22.89 29.26
N ALA G 13 -4.42 22.12 29.66
CA ALA G 13 -3.26 21.78 28.80
C ALA G 13 -3.74 20.83 27.70
N ASN G 14 -4.49 19.79 28.09
CA ASN G 14 -5.01 18.71 27.21
C ASN G 14 -6.49 18.95 26.90
N GLY G 15 -6.76 19.66 25.79
CA GLY G 15 -8.13 19.95 25.31
C GLY G 15 -8.69 18.82 24.45
N THR G 16 -9.97 18.92 24.08
CA THR G 16 -10.71 17.91 23.28
C THR G 16 -11.26 18.54 21.99
N ILE G 17 -11.15 17.82 20.88
CA ILE G 17 -11.66 18.23 19.54
C ILE G 17 -13.14 17.85 19.44
N VAL G 18 -13.98 18.79 18.97
CA VAL G 18 -15.43 18.57 18.68
C VAL G 18 -15.74 19.25 17.35
N LYS G 19 -16.84 18.84 16.72
CA LYS G 19 -17.34 19.42 15.44
C LYS G 19 -18.44 20.43 15.79
N THR G 20 -18.40 21.59 15.15
CA THR G 20 -19.44 22.65 15.23
C THR G 20 -20.04 22.84 13.82
N LEU G 21 -20.96 23.78 13.66
CA LEU G 21 -21.61 24.05 12.34
C LEU G 21 -20.54 24.51 11.35
N THR G 22 -19.50 25.21 11.83
CA THR G 22 -18.56 26.01 11.00
C THR G 22 -17.14 25.43 11.02
N ASN G 23 -16.81 24.55 11.97
CA ASN G 23 -15.41 24.12 12.21
C ASN G 23 -15.39 22.63 12.56
N GLU G 24 -14.58 21.85 11.85
CA GLU G 24 -14.44 20.38 11.99
C GLU G 24 -13.50 20.07 13.16
N GLN G 25 -12.56 20.97 13.47
CA GLN G 25 -11.47 20.78 14.46
C GLN G 25 -11.51 21.89 15.51
N GLU G 26 -12.52 21.90 16.38
CA GLU G 26 -12.70 22.95 17.42
C GLU G 26 -12.29 22.37 18.78
N GLU G 27 -11.28 22.96 19.42
CA GLU G 27 -10.73 22.51 20.72
C GLU G 27 -11.54 23.17 21.85
N VAL G 28 -12.06 22.37 22.78
CA VAL G 28 -12.85 22.84 23.96
C VAL G 28 -12.27 22.22 25.24
N THR G 29 -12.69 22.72 26.40
CA THR G 29 -12.08 22.37 27.71
C THR G 29 -12.51 20.96 28.13
N ASN G 30 -13.72 20.54 27.77
CA ASN G 30 -14.27 19.20 28.12
C ASN G 30 -15.30 18.83 27.04
N ALA G 31 -15.53 17.53 26.86
CA ALA G 31 -16.59 16.98 25.99
C ALA G 31 -16.98 15.59 26.50
N THR G 32 -18.16 15.11 26.14
CA THR G 32 -18.63 13.74 26.46
C THR G 32 -19.13 13.08 25.18
N GLU G 33 -19.03 11.76 25.11
CA GLU G 33 -19.45 10.91 23.97
C GLU G 33 -20.97 10.80 23.97
N THR G 34 -21.61 10.77 22.80
CA THR G 34 -23.08 10.57 22.62
C THR G 34 -23.37 9.23 21.93
N VAL G 35 -22.37 8.56 21.38
CA VAL G 35 -22.52 7.27 20.63
C VAL G 35 -21.80 6.16 21.41
N GLU G 36 -22.54 5.12 21.83
CA GLU G 36 -21.99 3.94 22.55
C GLU G 36 -21.36 2.96 21.56
N SER G 37 -20.10 2.57 21.81
CA SER G 37 -19.29 1.62 21.01
C SER G 37 -19.08 0.32 21.79
N THR G 38 -19.15 0.37 23.13
CA THR G 38 -18.89 -0.76 24.05
C THR G 38 -20.16 -1.60 24.17
N SER G 39 -20.01 -2.94 24.13
CA SER G 39 -21.11 -3.91 24.32
C SER G 39 -20.81 -4.78 25.54
N LEU G 40 -21.86 -5.33 26.14
CA LEU G 40 -21.77 -6.41 27.17
C LEU G 40 -22.19 -7.72 26.51
N ASN G 41 -21.27 -8.69 26.38
CA ASN G 41 -21.55 -10.02 25.79
C ASN G 41 -22.23 -10.89 26.86
N ARG G 42 -23.34 -10.40 27.43
CA ARG G 42 -24.18 -11.12 28.42
C ARG G 42 -25.63 -10.64 28.25
N LEU G 43 -26.60 -11.45 28.68
CA LEU G 43 -28.03 -11.06 28.65
C LEU G 43 -28.43 -10.64 30.06
N CYS G 44 -28.50 -9.34 30.33
CA CYS G 44 -28.82 -8.76 31.66
C CYS G 44 -30.30 -9.01 31.96
N MET G 45 -30.59 -9.93 32.88
CA MET G 45 -31.95 -10.51 33.09
C MET G 45 -32.39 -10.34 34.55
N LYS G 46 -31.81 -9.36 35.27
CA LYS G 46 -32.27 -8.98 36.63
C LYS G 46 -33.63 -8.30 36.50
N GLY G 47 -34.55 -8.58 37.43
CA GLY G 47 -35.92 -8.03 37.46
C GLY G 47 -36.78 -8.56 36.34
N ARG G 48 -36.34 -9.64 35.66
CA ARG G 48 -37.05 -10.25 34.51
C ARG G 48 -37.35 -11.72 34.82
N ASN G 49 -38.64 -12.10 34.76
CA ASN G 49 -39.08 -13.52 34.80
C ASN G 49 -38.82 -14.13 33.41
N HIS G 50 -37.54 -14.46 33.14
CA HIS G 50 -37.05 -14.91 31.81
C HIS G 50 -37.15 -16.43 31.68
N LYS G 51 -37.07 -16.92 30.44
CA LYS G 51 -37.02 -18.37 30.10
C LYS G 51 -36.01 -18.57 28.96
N ASP G 52 -34.88 -19.22 29.25
CA ASP G 52 -33.86 -19.61 28.25
C ASP G 52 -34.26 -20.96 27.65
N LEU G 53 -34.66 -20.98 26.38
CA LEU G 53 -35.08 -22.23 25.67
C LEU G 53 -33.86 -23.12 25.44
N GLY G 54 -32.68 -22.54 25.30
CA GLY G 54 -31.43 -23.27 25.01
C GLY G 54 -31.58 -24.09 23.74
N ASN G 55 -31.57 -25.40 23.87
CA ASN G 55 -31.58 -26.38 22.75
C ASN G 55 -32.97 -26.41 22.08
N CYS G 56 -34.01 -25.96 22.79
CA CYS G 56 -35.44 -26.00 22.36
C CYS G 56 -35.77 -24.83 21.43
N HIS G 57 -36.39 -25.11 20.28
CA HIS G 57 -36.94 -24.10 19.34
C HIS G 57 -38.36 -23.76 19.76
N PRO G 58 -38.81 -22.48 19.65
CA PRO G 58 -40.12 -22.10 20.19
C PRO G 58 -41.28 -22.94 19.65
N ILE G 59 -41.28 -23.30 18.37
CA ILE G 59 -42.33 -24.15 17.74
C ILE G 59 -42.35 -25.51 18.44
N GLY G 60 -41.19 -26.01 18.85
CA GLY G 60 -41.01 -27.29 19.57
C GLY G 60 -41.82 -27.35 20.86
N MET G 61 -42.06 -26.21 21.53
CA MET G 61 -42.79 -26.24 22.82
C MET G 61 -44.28 -26.45 22.57
N LEU G 62 -44.78 -26.23 21.36
CA LEU G 62 -46.22 -26.40 21.01
C LEU G 62 -46.50 -27.87 20.71
N ILE G 63 -45.57 -28.56 20.06
CA ILE G 63 -45.71 -29.98 19.60
C ILE G 63 -45.05 -30.92 20.60
N GLY G 64 -44.12 -30.41 21.42
CA GLY G 64 -43.51 -31.17 22.52
C GLY G 64 -42.41 -32.09 22.05
N THR G 65 -41.37 -31.52 21.42
CA THR G 65 -40.11 -32.22 21.08
C THR G 65 -39.40 -32.63 22.36
N PRO G 66 -38.69 -33.77 22.39
CA PRO G 66 -37.91 -34.18 23.57
C PRO G 66 -37.10 -33.04 24.22
N ALA G 67 -36.39 -32.26 23.39
CA ALA G 67 -35.55 -31.11 23.84
C ALA G 67 -36.39 -30.07 24.59
N CYS G 68 -37.70 -30.01 24.37
CA CYS G 68 -38.59 -28.93 24.89
C CYS G 68 -39.44 -29.43 26.08
N ASP G 69 -39.06 -30.54 26.71
CA ASP G 69 -39.88 -31.18 27.78
C ASP G 69 -40.01 -30.24 28.97
N LEU G 70 -38.95 -29.51 29.31
CA LEU G 70 -38.92 -28.56 30.45
C LEU G 70 -39.77 -27.32 30.13
N HIS G 71 -40.02 -27.05 28.84
CA HIS G 71 -40.57 -25.77 28.32
C HIS G 71 -41.96 -25.97 27.71
N LEU G 72 -42.72 -26.99 28.10
CA LEU G 72 -44.05 -27.30 27.49
C LEU G 72 -45.11 -26.29 27.95
N THR G 73 -44.94 -25.70 29.14
CA THR G 73 -45.84 -24.69 29.72
C THR G 73 -45.03 -23.69 30.54
N GLY G 74 -45.71 -22.72 31.15
CA GLY G 74 -45.09 -21.71 32.03
C GLY G 74 -45.51 -20.29 31.65
N THR G 75 -45.06 -19.31 32.43
CA THR G 75 -45.25 -17.85 32.17
C THR G 75 -43.89 -17.17 32.24
N TRP G 76 -43.68 -16.17 31.38
CA TRP G 76 -42.43 -15.39 31.29
C TRP G 76 -42.76 -13.98 30.77
N ASP G 77 -41.84 -13.03 30.96
CA ASP G 77 -41.91 -11.68 30.36
C ASP G 77 -40.83 -11.55 29.28
N THR G 78 -39.87 -12.48 29.26
CA THR G 78 -38.74 -12.52 28.27
C THR G 78 -38.49 -13.98 27.85
N LEU G 79 -38.35 -14.23 26.55
CA LEU G 79 -38.13 -15.60 26.00
C LEU G 79 -36.90 -15.55 25.09
N ILE G 80 -35.93 -16.42 25.31
CA ILE G 80 -34.61 -16.40 24.62
C ILE G 80 -34.47 -17.64 23.74
N GLU G 81 -34.35 -17.44 22.42
CA GLU G 81 -34.13 -18.51 21.40
C GLU G 81 -32.64 -18.53 21.08
N ARG G 82 -32.06 -19.71 20.85
CA ARG G 82 -30.61 -19.90 20.57
C ARG G 82 -30.42 -20.40 19.13
N LYS G 83 -29.17 -20.45 18.68
CA LYS G 83 -28.82 -20.88 17.30
C LYS G 83 -28.92 -22.41 17.21
N ASN G 84 -29.39 -22.92 16.07
CA ASN G 84 -29.49 -24.37 15.76
C ASN G 84 -30.37 -25.07 16.83
N ALA G 85 -31.34 -24.37 17.40
CA ALA G 85 -32.36 -24.92 18.33
C ALA G 85 -33.20 -25.94 17.55
N ILE G 86 -33.59 -27.04 18.21
CA ILE G 86 -34.27 -28.21 17.57
C ILE G 86 -35.79 -28.01 17.68
N ALA G 87 -36.43 -27.69 16.56
CA ALA G 87 -37.89 -27.51 16.44
C ALA G 87 -38.57 -28.88 16.36
N TYR G 88 -38.06 -29.76 15.49
CA TYR G 88 -38.62 -31.08 15.17
C TYR G 88 -37.49 -32.12 15.31
N CYS G 89 -37.69 -33.17 16.10
CA CYS G 89 -36.81 -34.37 16.16
C CYS G 89 -36.88 -35.11 14.81
N TYR G 90 -38.10 -35.36 14.35
CA TYR G 90 -38.44 -35.97 13.05
C TYR G 90 -38.35 -34.89 11.97
N PRO G 91 -37.75 -35.19 10.80
CA PRO G 91 -37.58 -34.22 9.73
C PRO G 91 -38.93 -33.69 9.22
N GLY G 92 -39.02 -32.39 8.94
CA GLY G 92 -40.26 -31.76 8.44
C GLY G 92 -40.19 -30.25 8.47
N ALA G 93 -41.30 -29.60 8.14
CA ALA G 93 -41.42 -28.11 8.12
C ALA G 93 -42.81 -27.74 8.62
N THR G 94 -43.02 -26.50 9.02
CA THR G 94 -44.32 -25.93 9.43
C THR G 94 -44.75 -24.92 8.38
N VAL G 95 -45.99 -25.01 7.90
CA VAL G 95 -46.60 -24.00 6.98
C VAL G 95 -46.78 -22.72 7.80
N ASN G 96 -46.33 -21.57 7.27
CA ASN G 96 -46.27 -20.27 7.97
C ASN G 96 -45.40 -20.45 9.24
N GLU G 97 -44.23 -21.06 9.09
CA GLU G 97 -43.27 -21.33 10.20
C GLU G 97 -42.94 -20.01 10.88
N GLU G 98 -42.52 -19.01 10.10
CA GLU G 98 -41.97 -17.74 10.63
C GLU G 98 -43.08 -16.96 11.35
N ALA G 99 -44.30 -16.96 10.79
CA ALA G 99 -45.48 -16.31 11.39
C ALA G 99 -45.73 -16.90 12.79
N LEU G 100 -45.65 -18.22 12.93
CA LEU G 100 -45.94 -18.94 14.21
C LEU G 100 -44.84 -18.63 15.22
N ARG G 101 -43.56 -18.71 14.82
CA ARG G 101 -42.39 -18.45 15.68
C ARG G 101 -42.49 -17.03 16.27
N GLN G 102 -42.74 -16.04 15.41
CA GLN G 102 -42.87 -14.61 15.81
C GLN G 102 -43.98 -14.48 16.85
N LYS G 103 -45.09 -15.20 16.66
CA LYS G 103 -46.29 -15.16 17.54
C LYS G 103 -45.91 -15.68 18.93
N ILE G 104 -45.13 -16.77 19.00
CA ILE G 104 -44.69 -17.43 20.27
C ILE G 104 -43.73 -16.48 21.00
N MET G 105 -42.80 -15.86 20.28
CA MET G 105 -41.73 -15.00 20.88
C MET G 105 -42.35 -13.70 21.42
N GLU G 106 -43.50 -13.29 20.85
CA GLU G 106 -44.29 -12.10 21.29
C GLU G 106 -45.02 -12.41 22.61
N SER G 107 -45.31 -13.69 22.86
CA SER G 107 -46.16 -14.17 23.98
C SER G 107 -45.40 -14.06 25.31
N GLY G 108 -46.14 -14.09 26.41
CA GLY G 108 -45.61 -14.10 27.78
C GLY G 108 -46.02 -15.34 28.56
N GLY G 109 -46.12 -16.49 27.89
CA GLY G 109 -46.52 -17.78 28.50
C GLY G 109 -47.28 -18.70 27.57
N ILE G 110 -47.32 -20.00 27.91
CA ILE G 110 -48.10 -21.06 27.20
C ILE G 110 -48.81 -21.91 28.24
N SER G 111 -50.13 -22.10 28.08
CA SER G 111 -50.95 -23.11 28.79
C SER G 111 -51.34 -24.20 27.80
N LYS G 112 -51.47 -25.44 28.26
CA LYS G 112 -51.92 -26.60 27.43
C LYS G 112 -53.31 -27.03 27.89
N ILE G 113 -54.14 -27.48 26.96
CA ILE G 113 -55.52 -27.98 27.17
C ILE G 113 -55.67 -29.30 26.42
N ASN G 114 -56.19 -30.34 27.09
CA ASN G 114 -56.40 -31.69 26.50
C ASN G 114 -57.50 -31.58 25.45
N THR G 115 -57.32 -32.24 24.31
CA THR G 115 -58.31 -32.34 23.22
C THR G 115 -59.33 -33.43 23.60
N GLY G 116 -58.89 -34.43 24.36
CA GLY G 116 -59.75 -35.49 24.94
C GLY G 116 -59.91 -36.70 24.02
N PHE G 117 -59.38 -36.62 22.80
CA PHE G 117 -59.54 -37.59 21.69
C PHE G 117 -59.24 -39.02 22.17
N THR G 118 -60.17 -39.95 21.89
CA THR G 118 -60.05 -41.41 22.17
C THR G 118 -60.21 -42.20 20.87
N TYR G 119 -59.65 -43.41 20.79
CA TYR G 119 -59.56 -44.23 19.55
C TYR G 119 -60.04 -45.67 19.82
N GLY G 120 -60.59 -46.32 18.79
CA GLY G 120 -61.14 -47.69 18.85
C GLY G 120 -60.07 -48.72 19.17
N SER G 121 -60.49 -49.96 19.46
CA SER G 121 -59.62 -51.08 19.90
C SER G 121 -58.75 -51.57 18.74
N SER G 122 -59.22 -51.42 17.50
CA SER G 122 -58.52 -51.85 16.26
C SER G 122 -57.29 -50.97 15.97
N ILE G 123 -57.30 -49.73 16.48
CA ILE G 123 -56.21 -48.73 16.30
C ILE G 123 -55.26 -48.79 17.51
N ASN G 124 -53.96 -48.76 17.25
CA ASN G 124 -52.87 -48.61 18.25
C ASN G 124 -52.31 -47.18 18.17
N SER G 125 -52.44 -46.39 19.25
CA SER G 125 -52.08 -44.95 19.34
C SER G 125 -50.70 -44.75 19.96
N ALA G 126 -49.98 -45.82 20.31
CA ALA G 126 -48.64 -45.78 20.94
C ALA G 126 -47.50 -45.94 19.92
N GLY G 127 -47.80 -45.78 18.63
CA GLY G 127 -46.79 -45.76 17.54
C GLY G 127 -45.77 -44.65 17.75
N THR G 128 -44.49 -45.02 17.79
CA THR G 128 -43.32 -44.14 18.10
C THR G 128 -42.35 -44.17 16.90
N THR G 129 -41.22 -43.45 17.00
CA THR G 129 -40.14 -43.38 15.98
C THR G 129 -38.77 -43.32 16.67
N LYS G 130 -37.70 -43.57 15.92
CA LYS G 130 -36.29 -43.57 16.41
C LYS G 130 -35.73 -42.17 16.33
N ALA G 131 -36.38 -41.28 15.59
CA ALA G 131 -36.00 -39.86 15.41
C ALA G 131 -36.19 -39.09 16.73
N CYS G 132 -37.21 -39.46 17.52
CA CYS G 132 -37.59 -38.76 18.78
C CYS G 132 -37.36 -39.72 19.96
N MET G 133 -36.14 -39.73 20.51
CA MET G 133 -35.75 -40.60 21.66
C MET G 133 -36.07 -39.88 22.98
N ARG G 134 -36.64 -40.61 23.93
CA ARG G 134 -37.02 -40.11 25.29
C ARG G 134 -36.87 -41.27 26.27
N ASN G 135 -36.16 -41.07 27.38
CA ASN G 135 -36.00 -42.08 28.48
C ASN G 135 -35.24 -43.29 27.95
N GLY G 136 -34.36 -43.10 26.97
CA GLY G 136 -33.51 -44.16 26.38
C GLY G 136 -34.17 -44.87 25.21
N GLY G 137 -35.51 -44.94 25.16
CA GLY G 137 -36.26 -45.70 24.14
C GLY G 137 -36.90 -44.81 23.09
N ASN G 138 -37.38 -45.40 21.99
CA ASN G 138 -38.20 -44.73 20.94
C ASN G 138 -39.43 -44.08 21.57
N SER G 139 -39.84 -42.94 21.02
CA SER G 139 -40.98 -42.10 21.51
C SER G 139 -41.48 -41.17 20.38
N PHE G 140 -42.38 -40.24 20.71
CA PHE G 140 -42.99 -39.28 19.76
C PHE G 140 -43.21 -37.91 20.41
N TYR G 141 -43.60 -36.92 19.60
CA TYR G 141 -43.99 -35.56 20.06
C TYR G 141 -45.04 -35.70 21.17
N ALA G 142 -44.83 -35.03 22.30
CA ALA G 142 -45.60 -35.19 23.55
C ALA G 142 -47.05 -34.68 23.39
N GLU G 143 -47.31 -33.76 22.46
CA GLU G 143 -48.61 -33.07 22.33
C GLU G 143 -49.36 -33.59 21.10
N LEU G 144 -48.82 -34.61 20.41
CA LEU G 144 -49.45 -35.25 19.24
C LEU G 144 -49.43 -36.77 19.40
N LYS G 145 -50.30 -37.46 18.66
CA LYS G 145 -50.38 -38.95 18.64
C LYS G 145 -50.28 -39.45 17.19
N TRP G 146 -49.37 -40.39 16.94
CA TRP G 146 -49.33 -41.27 15.74
C TRP G 146 -49.96 -42.61 16.12
N LEU G 147 -51.06 -42.98 15.50
CA LEU G 147 -51.80 -44.27 15.74
C LEU G 147 -51.99 -44.95 14.38
N VAL G 148 -51.85 -46.27 14.33
CA VAL G 148 -51.96 -47.13 13.11
C VAL G 148 -52.79 -48.38 13.46
N SER G 149 -53.39 -49.05 12.46
CA SER G 149 -54.18 -50.28 12.62
C SER G 149 -53.26 -51.45 12.95
N LYS G 150 -53.86 -52.54 13.43
CA LYS G 150 -53.17 -53.83 13.75
C LYS G 150 -52.67 -54.51 12.47
N ASN G 151 -53.42 -54.46 11.36
CA ASN G 151 -52.94 -54.82 10.00
C ASN G 151 -52.26 -53.64 9.27
N LYS G 152 -50.92 -53.67 9.23
CA LYS G 152 -50.04 -52.90 8.30
C LYS G 152 -50.56 -53.11 6.86
N GLY G 153 -50.69 -52.04 6.08
CA GLY G 153 -51.13 -52.14 4.66
C GLY G 153 -52.62 -51.97 4.51
N GLN G 154 -53.40 -52.22 5.58
CA GLN G 154 -54.89 -52.07 5.61
C GLN G 154 -55.25 -50.60 5.36
N ASN G 155 -56.32 -50.34 4.60
CA ASN G 155 -56.85 -48.97 4.31
C ASN G 155 -57.34 -48.33 5.60
N PHE G 156 -56.88 -47.10 5.88
CA PHE G 156 -57.22 -46.32 7.10
C PHE G 156 -58.69 -45.93 7.02
N PRO G 157 -59.48 -46.12 8.11
CA PRO G 157 -60.90 -45.75 8.09
C PRO G 157 -61.12 -44.24 7.97
N GLN G 158 -62.18 -43.82 7.27
CA GLN G 158 -62.53 -42.39 7.08
C GLN G 158 -63.11 -41.84 8.39
N THR G 159 -62.26 -41.47 9.35
CA THR G 159 -62.68 -41.03 10.71
C THR G 159 -62.84 -39.49 10.71
N THR G 160 -63.63 -38.99 11.65
CA THR G 160 -63.90 -37.54 11.86
C THR G 160 -63.80 -37.23 13.36
N ASN G 161 -62.88 -36.34 13.73
CA ASN G 161 -62.64 -35.90 15.13
C ASN G 161 -62.85 -34.38 15.21
N THR G 162 -63.44 -33.91 16.31
CA THR G 162 -63.85 -32.51 16.52
C THR G 162 -63.39 -32.03 17.90
N TYR G 163 -62.58 -30.95 17.94
CA TYR G 163 -62.21 -30.25 19.19
C TYR G 163 -63.08 -29.01 19.36
N ARG G 164 -63.65 -28.82 20.55
CA ARG G 164 -64.45 -27.61 20.91
C ARG G 164 -63.66 -26.77 21.93
N ASN G 165 -63.68 -25.45 21.77
CA ASN G 165 -63.01 -24.47 22.67
C ASN G 165 -64.02 -24.07 23.75
N ALA G 166 -63.87 -24.66 24.94
CA ALA G 166 -64.75 -24.41 26.12
C ALA G 166 -64.35 -23.12 26.83
N ASP G 167 -63.17 -22.57 26.51
CA ASP G 167 -62.54 -21.39 27.17
C ASP G 167 -63.16 -20.10 26.63
N THR G 168 -62.82 -18.96 27.23
CA THR G 168 -63.30 -17.60 26.86
C THR G 168 -62.27 -16.88 25.97
N ALA G 169 -61.08 -17.47 25.77
CA ALA G 169 -59.97 -16.92 24.94
C ALA G 169 -59.66 -17.89 23.79
N GLU G 170 -59.04 -17.38 22.72
CA GLU G 170 -58.72 -18.16 21.49
C GLU G 170 -57.61 -19.17 21.82
N HIS G 171 -57.68 -20.36 21.21
CA HIS G 171 -56.73 -21.50 21.40
C HIS G 171 -56.00 -21.78 20.09
N LEU G 172 -54.71 -22.11 20.18
CA LEU G 172 -53.85 -22.41 19.00
C LEU G 172 -53.73 -23.92 18.86
N ILE G 173 -54.36 -24.50 17.84
CA ILE G 173 -54.34 -25.97 17.58
C ILE G 173 -53.30 -26.25 16.49
N MET G 174 -52.42 -27.22 16.73
CA MET G 174 -51.42 -27.69 15.74
C MET G 174 -51.70 -29.17 15.44
N TRP G 175 -51.58 -29.54 14.18
CA TRP G 175 -51.59 -30.96 13.72
C TRP G 175 -50.51 -31.13 12.66
N GLY G 176 -50.16 -32.37 12.35
CA GLY G 176 -49.15 -32.71 11.33
C GLY G 176 -49.68 -33.59 10.24
N ILE G 177 -49.11 -33.50 9.05
CA ILE G 177 -49.43 -34.36 7.87
C ILE G 177 -48.14 -35.11 7.52
N HIS G 178 -48.16 -36.44 7.58
CA HIS G 178 -47.02 -37.30 7.14
C HIS G 178 -46.96 -37.36 5.62
N HIS G 179 -45.77 -37.13 5.06
CA HIS G 179 -45.47 -37.23 3.61
C HIS G 179 -44.47 -38.36 3.40
N PRO G 180 -44.92 -39.58 3.02
CA PRO G 180 -44.00 -40.71 2.85
C PRO G 180 -42.95 -40.52 1.73
N SER G 181 -41.84 -41.27 1.81
CA SER G 181 -40.69 -41.24 0.88
C SER G 181 -40.95 -42.08 -0.39
N SER G 182 -41.77 -43.14 -0.29
CA SER G 182 -42.04 -44.11 -1.38
C SER G 182 -43.50 -44.59 -1.33
N THR G 183 -43.98 -45.24 -2.41
CA THR G 183 -45.31 -45.87 -2.53
C THR G 183 -45.47 -47.01 -1.52
N GLN G 184 -44.40 -47.76 -1.24
CA GLN G 184 -44.40 -48.89 -0.26
C GLN G 184 -44.79 -48.37 1.13
N GLU G 185 -44.14 -47.29 1.58
CA GLU G 185 -44.36 -46.74 2.96
C GLU G 185 -45.67 -45.96 3.02
N LYS G 186 -46.26 -45.54 1.90
CA LYS G 186 -47.58 -44.85 1.80
C LYS G 186 -48.70 -45.87 2.01
N ASN G 187 -48.43 -47.10 1.56
CA ASN G 187 -49.42 -48.22 1.64
C ASN G 187 -49.39 -48.78 3.06
N ASP G 188 -48.24 -48.91 3.70
CA ASP G 188 -48.09 -49.65 4.98
C ASP G 188 -48.82 -48.90 6.11
N LEU G 189 -48.86 -47.57 6.11
CA LEU G 189 -49.41 -46.77 7.25
C LEU G 189 -50.91 -46.48 7.02
N TYR G 190 -51.27 -46.00 5.83
CA TYR G 190 -52.60 -45.44 5.50
C TYR G 190 -53.33 -46.24 4.40
N GLY G 191 -52.68 -47.23 3.78
CA GLY G 191 -53.32 -48.14 2.81
C GLY G 191 -53.19 -47.67 1.38
N THR G 192 -53.83 -48.38 0.46
CA THR G 192 -53.68 -48.19 -1.01
C THR G 192 -54.57 -47.03 -1.48
N GLN G 193 -55.66 -46.70 -0.76
CA GLN G 193 -56.65 -45.68 -1.23
C GLN G 193 -56.00 -44.30 -1.16
N SER G 194 -56.42 -43.34 -2.01
CA SER G 194 -55.81 -41.99 -2.11
C SER G 194 -56.19 -41.17 -0.86
N LEU G 195 -55.20 -40.52 -0.24
CA LEU G 195 -55.30 -39.89 1.10
C LEU G 195 -55.71 -38.42 0.97
N SER G 196 -56.65 -37.97 1.81
CA SER G 196 -57.25 -36.61 1.79
C SER G 196 -57.56 -36.15 3.22
N ILE G 197 -57.00 -35.01 3.63
CA ILE G 197 -57.18 -34.40 4.98
C ILE G 197 -57.94 -33.08 4.80
N SER G 198 -59.17 -33.03 5.31
CA SER G 198 -60.00 -31.79 5.37
C SER G 198 -60.05 -31.28 6.81
N VAL G 199 -59.78 -29.98 6.99
CA VAL G 199 -59.95 -29.27 8.28
C VAL G 199 -61.03 -28.19 8.10
N GLY G 200 -61.90 -28.04 9.09
CA GLY G 200 -63.04 -27.11 9.05
C GLY G 200 -63.36 -26.53 10.42
N SER G 201 -63.48 -25.19 10.48
CA SER G 201 -64.08 -24.42 11.61
C SER G 201 -65.02 -23.36 11.01
N SER G 202 -65.57 -22.45 11.83
CA SER G 202 -66.39 -21.31 11.36
C SER G 202 -65.53 -20.30 10.57
N THR G 203 -64.26 -20.14 10.95
CA THR G 203 -63.35 -19.07 10.46
C THR G 203 -62.21 -19.65 9.60
N TYR G 204 -62.07 -20.98 9.53
CA TYR G 204 -60.96 -21.66 8.80
C TYR G 204 -61.51 -22.88 8.05
N LYS G 205 -60.96 -23.14 6.86
CA LYS G 205 -61.32 -24.29 6.00
C LYS G 205 -60.16 -24.54 5.03
N ASN G 206 -59.76 -25.80 4.85
CA ASN G 206 -58.62 -26.17 3.97
C ASN G 206 -58.58 -27.68 3.74
N ASN G 207 -58.16 -28.09 2.54
CA ASN G 207 -57.88 -29.51 2.19
C ASN G 207 -56.36 -29.67 2.00
N PHE G 208 -55.83 -30.83 2.43
CA PHE G 208 -54.40 -31.20 2.32
C PHE G 208 -54.27 -32.59 1.70
N VAL G 209 -53.39 -32.72 0.71
CA VAL G 209 -53.05 -33.97 -0.02
C VAL G 209 -51.67 -34.42 0.45
N PRO G 210 -51.51 -35.63 1.05
CA PRO G 210 -50.19 -36.16 1.36
C PRO G 210 -49.36 -36.35 0.06
N VAL G 211 -48.27 -35.60 -0.09
CA VAL G 211 -47.30 -35.77 -1.22
C VAL G 211 -46.40 -36.97 -0.91
N VAL G 212 -46.24 -37.89 -1.87
CA VAL G 212 -45.29 -39.04 -1.80
C VAL G 212 -44.27 -38.92 -2.92
N GLY G 213 -42.98 -38.82 -2.57
CA GLY G 213 -41.87 -38.68 -3.53
C GLY G 213 -40.52 -38.87 -2.85
N ALA G 214 -39.52 -39.40 -3.56
CA ALA G 214 -38.15 -39.66 -3.06
C ALA G 214 -37.47 -38.31 -2.76
N ARG G 215 -36.74 -38.23 -1.65
CA ARG G 215 -35.99 -37.02 -1.22
C ARG G 215 -34.84 -37.41 -0.28
N PRO G 216 -33.81 -36.56 -0.14
CA PRO G 216 -32.69 -36.85 0.77
C PRO G 216 -33.11 -37.17 2.21
N GLN G 217 -32.26 -37.89 2.94
CA GLN G 217 -32.43 -38.19 4.38
C GLN G 217 -32.03 -36.97 5.23
N VAL G 218 -32.84 -36.62 6.23
CA VAL G 218 -32.55 -35.65 7.32
C VAL G 218 -32.79 -36.37 8.65
N ASN G 219 -31.80 -36.39 9.55
CA ASN G 219 -31.81 -37.19 10.80
C ASN G 219 -32.13 -38.66 10.47
N GLY G 220 -31.63 -39.15 9.33
CA GLY G 220 -31.73 -40.54 8.88
C GLY G 220 -33.14 -40.94 8.48
N GLN G 221 -33.95 -39.99 8.00
CA GLN G 221 -35.36 -40.21 7.56
C GLN G 221 -35.62 -39.46 6.24
N SER G 222 -36.09 -40.16 5.20
CA SER G 222 -36.49 -39.57 3.90
C SER G 222 -37.94 -39.04 3.99
N GLY G 223 -38.74 -39.59 4.92
CA GLY G 223 -40.12 -39.12 5.18
C GLY G 223 -40.11 -37.75 5.84
N ARG G 224 -41.20 -36.99 5.70
CA ARG G 224 -41.35 -35.62 6.25
C ARG G 224 -42.70 -35.54 6.97
N ILE G 225 -42.73 -34.88 8.13
CA ILE G 225 -43.99 -34.49 8.83
C ILE G 225 -44.03 -32.97 8.88
N ASP G 226 -44.86 -32.37 8.01
CA ASP G 226 -45.11 -30.92 7.98
C ASP G 226 -46.26 -30.61 8.95
N PHE G 227 -46.08 -29.60 9.78
CA PHE G 227 -47.05 -29.15 10.80
C PHE G 227 -47.88 -28.03 10.17
N HIS G 228 -49.15 -28.01 10.54
CA HIS G 228 -50.12 -26.95 10.19
C HIS G 228 -50.77 -26.46 11.47
N TRP G 229 -51.24 -25.22 11.46
CA TRP G 229 -51.82 -24.58 12.66
C TRP G 229 -52.88 -23.58 12.26
N THR G 230 -53.78 -23.30 13.20
CA THR G 230 -54.86 -22.28 13.07
C THR G 230 -55.31 -21.93 14.49
N LEU G 231 -55.99 -20.79 14.62
CA LEU G 231 -56.64 -20.30 15.86
C LEU G 231 -58.08 -20.85 15.88
N VAL G 232 -58.53 -21.34 17.04
CA VAL G 232 -59.93 -21.78 17.27
C VAL G 232 -60.57 -20.79 18.23
N GLN G 233 -61.59 -20.05 17.77
CA GLN G 233 -62.26 -18.97 18.55
C GLN G 233 -63.04 -19.58 19.70
N PRO G 234 -63.29 -18.82 20.79
CA PRO G 234 -64.09 -19.32 21.92
C PRO G 234 -65.48 -19.82 21.49
N GLY G 235 -65.88 -21.00 21.98
CA GLY G 235 -67.21 -21.59 21.76
C GLY G 235 -67.32 -22.30 20.41
N ASP G 236 -66.26 -22.25 19.60
CA ASP G 236 -66.25 -22.78 18.22
C ASP G 236 -65.65 -24.18 18.24
N LYS G 237 -65.92 -25.00 17.22
CA LYS G 237 -65.31 -26.35 17.06
C LYS G 237 -64.47 -26.38 15.80
N ILE G 238 -63.43 -27.23 15.78
CA ILE G 238 -62.62 -27.54 14.57
C ILE G 238 -62.73 -29.04 14.29
N THR G 239 -63.06 -29.39 13.05
CA THR G 239 -63.39 -30.77 12.62
C THR G 239 -62.34 -31.27 11.62
N PHE G 240 -61.72 -32.42 11.92
CA PHE G 240 -60.68 -33.07 11.09
C PHE G 240 -61.30 -34.27 10.39
N SER G 241 -61.52 -34.17 9.07
CA SER G 241 -61.91 -35.30 8.20
C SER G 241 -60.64 -35.82 7.53
N HIS G 242 -60.25 -37.06 7.85
CA HIS G 242 -59.00 -37.68 7.33
C HIS G 242 -59.24 -39.17 7.04
N ASN G 243 -58.52 -39.70 6.06
CA ASN G 243 -58.47 -41.16 5.75
C ASN G 243 -57.01 -41.62 5.81
N GLY G 244 -56.23 -41.05 6.73
CA GLY G 244 -54.82 -41.43 6.99
C GLY G 244 -53.83 -40.39 6.55
N GLY G 245 -52.73 -40.29 7.28
CA GLY G 245 -51.68 -39.28 7.05
C GLY G 245 -51.76 -38.13 8.06
N LEU G 246 -52.88 -37.97 8.77
CA LEU G 246 -53.06 -36.89 9.76
C LEU G 246 -52.46 -37.30 11.10
N ILE G 247 -51.61 -36.43 11.65
CA ILE G 247 -51.01 -36.59 13.00
C ILE G 247 -51.79 -35.70 13.95
N ALA G 248 -52.60 -36.31 14.80
CA ALA G 248 -53.65 -35.65 15.60
C ALA G 248 -53.09 -35.11 16.91
N PRO G 249 -53.60 -33.95 17.36
CA PRO G 249 -53.18 -33.36 18.63
C PRO G 249 -53.82 -34.04 19.85
N SER G 250 -53.00 -34.42 20.84
CA SER G 250 -53.43 -34.79 22.21
C SER G 250 -53.83 -33.52 22.98
N ARG G 251 -53.02 -32.46 22.87
CA ARG G 251 -53.26 -31.16 23.55
C ARG G 251 -53.17 -30.00 22.54
N VAL G 252 -53.93 -28.94 22.79
CA VAL G 252 -53.83 -27.63 22.08
C VAL G 252 -53.16 -26.62 23.01
N SER G 253 -52.66 -25.52 22.46
CA SER G 253 -51.85 -24.51 23.18
C SER G 253 -52.68 -23.21 23.30
N LYS G 254 -52.43 -22.44 24.36
CA LYS G 254 -53.03 -21.10 24.59
C LYS G 254 -51.87 -20.14 24.95
N LEU G 255 -51.61 -19.13 24.11
CA LEU G 255 -50.56 -18.11 24.37
C LEU G 255 -51.11 -17.07 25.35
N ILE G 256 -50.36 -16.75 26.39
CA ILE G 256 -50.79 -15.83 27.50
C ILE G 256 -50.01 -14.52 27.40
N GLY G 257 -50.72 -13.40 27.28
CA GLY G 257 -50.18 -12.04 27.43
C GLY G 257 -49.03 -11.74 26.48
N ARG G 258 -48.14 -10.84 26.90
CA ARG G 258 -47.07 -10.21 26.08
C ARG G 258 -45.71 -10.45 26.74
N GLY G 259 -44.67 -10.59 25.91
CA GLY G 259 -43.28 -10.78 26.36
C GLY G 259 -42.29 -10.32 25.30
N LEU G 260 -41.01 -10.18 25.68
CA LEU G 260 -39.91 -9.73 24.79
C LEU G 260 -39.16 -10.96 24.26
N GLY G 261 -39.09 -11.09 22.94
CA GLY G 261 -38.44 -12.21 22.24
C GLY G 261 -37.03 -11.84 21.81
N ILE G 262 -36.02 -12.51 22.37
CA ILE G 262 -34.57 -12.26 22.10
C ILE G 262 -33.97 -13.48 21.40
N GLN G 263 -33.40 -13.28 20.22
CA GLN G 263 -32.52 -14.25 19.53
C GLN G 263 -31.07 -13.83 19.78
N SER G 264 -30.33 -14.59 20.60
CA SER G 264 -28.93 -14.28 20.98
C SER G 264 -28.14 -15.56 21.27
N GLU G 265 -26.80 -15.46 21.25
CA GLU G 265 -25.87 -16.58 21.59
C GLU G 265 -25.20 -16.31 22.95
N ALA G 266 -25.46 -15.15 23.56
CA ALA G 266 -24.73 -14.66 24.75
C ALA G 266 -25.23 -15.34 26.02
N PRO G 267 -24.34 -15.62 27.00
CA PRO G 267 -24.75 -16.18 28.29
C PRO G 267 -25.63 -15.24 29.13
N ILE G 268 -26.37 -15.79 30.09
CA ILE G 268 -27.29 -15.03 30.99
C ILE G 268 -26.52 -14.56 32.22
N ASP G 269 -26.73 -13.30 32.62
CA ASP G 269 -26.23 -12.70 33.89
C ASP G 269 -27.42 -12.12 34.65
N ASN G 270 -27.73 -12.66 35.84
CA ASN G 270 -28.93 -12.24 36.62
C ASN G 270 -28.59 -11.08 37.55
N SER G 271 -27.37 -10.55 37.51
CA SER G 271 -26.90 -9.45 38.40
C SER G 271 -27.20 -8.08 37.79
N CYS G 272 -26.98 -7.90 36.47
CA CYS G 272 -27.18 -6.61 35.75
C CYS G 272 -28.59 -6.53 35.16
N GLU G 273 -29.13 -5.31 35.04
CA GLU G 273 -30.42 -4.98 34.37
C GLU G 273 -30.14 -4.39 33.00
N SER G 274 -31.09 -4.52 32.07
CA SER G 274 -31.04 -3.91 30.71
C SER G 274 -32.46 -3.88 30.12
N LYS G 275 -32.71 -2.93 29.22
CA LYS G 275 -33.97 -2.83 28.46
C LYS G 275 -33.71 -2.98 26.97
N CYS G 276 -32.44 -3.13 26.57
CA CYS G 276 -32.00 -3.18 25.15
C CYS G 276 -31.11 -4.40 24.94
N PHE G 277 -31.37 -5.17 23.89
CA PHE G 277 -30.67 -6.44 23.58
C PHE G 277 -30.43 -6.56 22.07
N TRP G 278 -29.44 -7.37 21.71
CA TRP G 278 -29.11 -7.75 20.31
C TRP G 278 -28.41 -9.10 20.32
N ARG G 279 -28.15 -9.66 19.14
CA ARG G 279 -27.48 -10.97 18.94
C ARG G 279 -26.28 -11.09 19.88
N GLY G 280 -25.44 -10.06 19.93
CA GLY G 280 -24.16 -10.02 20.67
C GLY G 280 -24.32 -9.79 22.16
N GLY G 281 -25.48 -9.33 22.64
CA GLY G 281 -25.73 -9.20 24.09
C GLY G 281 -26.70 -8.08 24.46
N SER G 282 -26.32 -7.28 25.47
CA SER G 282 -27.13 -6.16 26.04
C SER G 282 -26.42 -4.82 25.83
N ILE G 283 -27.17 -3.73 26.02
CA ILE G 283 -26.71 -2.33 25.84
C ILE G 283 -27.30 -1.49 26.98
N ASN G 284 -26.47 -1.12 27.97
CA ASN G 284 -26.90 -0.55 29.27
C ASN G 284 -26.70 0.97 29.32
N THR G 285 -26.37 1.60 28.20
CA THR G 285 -25.91 3.01 28.13
C THR G 285 -27.04 4.00 28.42
N ARG G 286 -26.69 5.13 29.03
CA ARG G 286 -27.61 6.29 29.20
C ARG G 286 -27.56 7.14 27.91
N LEU G 287 -26.57 6.88 27.05
CA LEU G 287 -26.31 7.66 25.80
C LEU G 287 -27.47 7.48 24.83
N PRO G 288 -27.74 8.48 23.96
CA PRO G 288 -28.90 8.47 23.07
C PRO G 288 -28.72 7.67 21.76
N PHE G 289 -27.48 7.37 21.38
CA PHE G 289 -27.12 6.67 20.12
C PHE G 289 -26.16 5.51 20.41
N GLN G 290 -26.01 4.63 19.41
CA GLN G 290 -25.16 3.40 19.49
C GLN G 290 -24.75 3.01 18.07
N ASN G 291 -23.60 2.36 17.89
CA ASN G 291 -23.14 1.86 16.56
C ASN G 291 -22.74 0.38 16.66
N LEU G 292 -23.44 -0.41 17.48
CA LEU G 292 -23.16 -1.85 17.69
C LEU G 292 -23.90 -2.70 16.65
N SER G 293 -25.20 -2.44 16.45
CA SER G 293 -26.09 -3.21 15.54
C SER G 293 -27.37 -2.45 15.24
N PRO G 294 -27.84 -2.48 13.96
CA PRO G 294 -29.17 -1.99 13.62
C PRO G 294 -30.32 -2.94 13.99
N ARG G 295 -30.01 -4.22 14.23
CA ARG G 295 -30.97 -5.22 14.75
C ARG G 295 -30.90 -5.24 16.28
N THR G 296 -31.81 -4.52 16.94
CA THR G 296 -31.95 -4.50 18.43
C THR G 296 -33.42 -4.65 18.78
N VAL G 297 -33.71 -4.97 20.05
CA VAL G 297 -35.08 -5.18 20.59
C VAL G 297 -35.16 -4.59 22.00
N GLY G 298 -36.32 -4.06 22.36
CA GLY G 298 -36.57 -3.36 23.64
C GLY G 298 -36.52 -1.85 23.47
N GLN G 299 -36.35 -1.12 24.57
CA GLN G 299 -36.18 0.34 24.60
C GLN G 299 -34.69 0.63 24.36
N CYS G 300 -34.33 1.13 23.18
CA CYS G 300 -32.93 1.13 22.67
C CYS G 300 -32.48 2.52 22.22
N PRO G 301 -31.18 2.85 22.43
CA PRO G 301 -30.53 3.93 21.71
C PRO G 301 -30.67 3.68 20.20
N LYS G 302 -30.79 4.75 19.42
CA LYS G 302 -31.00 4.67 17.95
C LYS G 302 -29.65 4.33 17.30
N TYR G 303 -29.65 3.45 16.31
CA TYR G 303 -28.42 3.08 15.56
C TYR G 303 -28.00 4.25 14.66
N VAL G 304 -26.72 4.61 14.68
CA VAL G 304 -26.12 5.65 13.79
C VAL G 304 -24.86 5.08 13.12
N ASN G 305 -24.52 5.56 11.92
CA ASN G 305 -23.27 5.20 11.19
C ASN G 305 -22.14 6.16 11.58
N LYS G 306 -21.73 6.14 12.85
CA LYS G 306 -20.69 7.06 13.39
C LYS G 306 -19.87 6.32 14.45
N LYS G 307 -18.54 6.31 14.31
CA LYS G 307 -17.61 5.83 15.36
C LYS G 307 -17.86 6.61 16.66
N SER G 308 -17.89 7.95 16.58
CA SER G 308 -17.94 8.88 17.74
C SER G 308 -18.64 10.20 17.36
N LEU G 309 -19.39 10.78 18.29
CA LEU G 309 -19.93 12.16 18.22
C LEU G 309 -19.71 12.84 19.57
N MET G 310 -18.73 13.75 19.65
CA MET G 310 -18.33 14.42 20.91
C MET G 310 -19.16 15.70 21.12
N LEU G 311 -19.82 15.80 22.26
CA LEU G 311 -20.70 16.93 22.66
C LEU G 311 -19.93 17.83 23.65
N ALA G 312 -19.58 19.04 23.23
CA ALA G 312 -18.86 20.04 24.07
C ALA G 312 -19.62 20.24 25.37
N THR G 313 -18.90 20.19 26.50
CA THR G 313 -19.42 20.43 27.88
C THR G 313 -18.61 21.55 28.53
N GLY G 314 -17.99 22.42 27.73
CA GLY G 314 -17.11 23.52 28.18
C GLY G 314 -16.79 24.46 27.05
N MET G 315 -16.28 25.64 27.37
CA MET G 315 -15.96 26.74 26.41
C MET G 315 -14.79 26.33 25.52
N ARG G 316 -14.51 27.13 24.49
CA ARG G 316 -13.26 27.04 23.69
C ARG G 316 -12.08 26.97 24.65
N ASN G 317 -11.13 26.07 24.36
CA ASN G 317 -9.84 25.99 25.07
C ASN G 317 -8.84 26.87 24.31
N VAL G 318 -8.36 27.94 24.95
CA VAL G 318 -7.30 28.82 24.40
C VAL G 318 -6.12 28.77 25.36
N PRO G 319 -5.07 27.98 25.05
CA PRO G 319 -3.93 27.82 25.96
C PRO G 319 -2.88 28.92 25.81
N GLU G 320 -1.99 29.05 26.79
CA GLU G 320 -0.98 30.15 26.91
C GLU G 320 0.33 29.68 26.26
N GLY H 1 -15.05 34.48 17.67
CA GLY H 1 -16.37 33.98 18.18
C GLY H 1 -17.43 35.07 18.09
N LEU H 2 -18.71 34.70 18.24
CA LEU H 2 -19.85 35.63 18.08
C LEU H 2 -19.68 36.89 18.94
N PHE H 3 -19.29 36.74 20.21
CA PHE H 3 -19.33 37.85 21.21
C PHE H 3 -17.95 38.49 21.39
N GLY H 4 -16.89 37.90 20.81
CA GLY H 4 -15.58 38.54 20.69
C GLY H 4 -14.74 38.40 21.94
N ALA H 5 -15.27 37.89 23.05
CA ALA H 5 -14.57 37.84 24.36
C ALA H 5 -13.53 36.70 24.35
N ILE H 6 -13.97 35.46 24.12
CA ILE H 6 -13.10 34.25 24.22
C ILE H 6 -12.58 33.92 22.82
N ALA H 7 -11.28 33.60 22.73
CA ALA H 7 -10.53 33.54 21.46
C ALA H 7 -10.77 34.85 20.69
N GLY H 8 -10.87 35.96 21.42
CA GLY H 8 -11.08 37.31 20.87
C GLY H 8 -10.16 38.30 21.56
N PHE H 9 -10.72 39.38 22.15
CA PHE H 9 -9.94 40.47 22.77
C PHE H 9 -9.21 39.94 24.01
N ILE H 10 -9.74 38.92 24.68
CA ILE H 10 -8.98 38.11 25.69
C ILE H 10 -8.09 37.11 24.93
N GLU H 11 -6.77 37.28 25.02
CA GLU H 11 -5.78 36.63 24.13
C GLU H 11 -5.75 35.12 24.39
N ASN H 12 -5.92 34.70 25.65
CA ASN H 12 -5.90 33.26 26.02
C ASN H 12 -6.55 33.05 27.40
N GLY H 13 -6.83 31.80 27.75
CA GLY H 13 -7.39 31.41 29.05
C GLY H 13 -6.28 31.16 30.06
N TRP H 14 -6.68 30.86 31.30
CA TRP H 14 -5.80 30.74 32.48
C TRP H 14 -5.84 29.30 32.99
N GLU H 15 -4.77 28.53 32.78
CA GLU H 15 -4.64 27.14 33.36
C GLU H 15 -4.54 27.25 34.88
N GLY H 16 -4.00 28.37 35.39
CA GLY H 16 -3.88 28.66 36.83
C GLY H 16 -5.22 28.65 37.55
N MET H 17 -6.28 29.12 36.90
CA MET H 17 -7.62 29.28 37.53
C MET H 17 -8.38 27.95 37.48
N VAL H 18 -8.42 27.25 38.61
CA VAL H 18 -8.95 25.86 38.69
C VAL H 18 -10.20 25.83 39.59
N ASP H 19 -10.61 26.94 40.20
CA ASP H 19 -11.73 27.00 41.18
C ASP H 19 -12.98 27.63 40.54
N GLY H 20 -12.96 27.85 39.23
CA GLY H 20 -14.08 28.45 38.46
C GLY H 20 -13.75 28.60 36.98
N TRP H 21 -14.74 28.98 36.17
CA TRP H 21 -14.63 29.08 34.69
C TRP H 21 -14.18 30.47 34.28
N TYR H 22 -14.78 31.48 34.91
CA TYR H 22 -14.51 32.92 34.70
C TYR H 22 -13.98 33.50 36.00
N GLY H 23 -13.13 34.52 35.92
CA GLY H 23 -12.67 35.24 37.13
C GLY H 23 -11.75 36.40 36.82
N PHE H 24 -11.12 36.91 37.88
CA PHE H 24 -10.33 38.16 37.90
C PHE H 24 -8.89 37.88 38.34
N ARG H 25 -7.94 38.58 37.75
CA ARG H 25 -6.58 38.83 38.30
C ARG H 25 -6.41 40.33 38.46
N HIS H 26 -5.89 40.78 39.60
CA HIS H 26 -5.61 42.21 39.87
C HIS H 26 -4.13 42.40 40.22
N GLN H 27 -3.60 43.58 39.94
CA GLN H 27 -2.30 44.06 40.43
C GLN H 27 -2.53 45.46 41.04
N ASN H 28 -2.00 45.68 42.25
CA ASN H 28 -1.93 46.99 42.92
C ASN H 28 -0.58 47.09 43.62
N ALA H 29 -0.30 48.23 44.27
CA ALA H 29 0.95 48.47 45.04
C ALA H 29 1.21 47.27 45.96
N GLN H 30 0.14 46.82 46.64
CA GLN H 30 0.18 45.79 47.71
C GLN H 30 0.53 44.40 47.15
N GLY H 31 0.47 44.20 45.82
CA GLY H 31 0.85 42.93 45.16
C GLY H 31 -0.24 42.40 44.24
N THR H 32 -0.30 41.07 44.05
CA THR H 32 -1.10 40.37 43.02
C THR H 32 -2.19 39.52 43.68
N GLY H 33 -3.24 39.16 42.93
CA GLY H 33 -4.32 38.26 43.39
C GLY H 33 -5.04 37.59 42.22
N GLN H 34 -5.79 36.54 42.52
CA GLN H 34 -6.67 35.80 41.57
C GLN H 34 -7.92 35.33 42.32
N ALA H 35 -9.09 35.45 41.72
CA ALA H 35 -10.37 34.95 42.28
C ALA H 35 -11.33 34.61 41.14
N ALA H 36 -12.02 33.48 41.27
CA ALA H 36 -13.07 33.03 40.33
C ALA H 36 -14.36 33.79 40.62
N ASP H 37 -15.19 34.00 39.57
CA ASP H 37 -16.58 34.52 39.70
C ASP H 37 -17.53 33.34 39.75
N TYR H 38 -18.29 33.21 40.85
CA TYR H 38 -19.25 32.10 41.08
C TYR H 38 -20.45 32.25 40.15
N LYS H 39 -21.17 33.39 40.25
CA LYS H 39 -22.48 33.64 39.60
C LYS H 39 -22.39 33.32 38.10
N SER H 40 -21.34 33.79 37.41
CA SER H 40 -21.14 33.64 35.96
C SER H 40 -20.70 32.20 35.63
N THR H 41 -19.87 31.59 36.48
CA THR H 41 -19.42 30.18 36.33
C THR H 41 -20.64 29.27 36.42
N GLN H 42 -21.48 29.46 37.43
CA GLN H 42 -22.64 28.58 37.71
C GLN H 42 -23.68 28.76 36.60
N ALA H 43 -23.78 29.97 36.04
CA ALA H 43 -24.72 30.29 34.93
C ALA H 43 -24.37 29.42 33.71
N ALA H 44 -23.08 29.30 33.40
CA ALA H 44 -22.57 28.52 32.24
C ALA H 44 -22.78 27.03 32.50
N ILE H 45 -22.42 26.54 33.69
CA ILE H 45 -22.51 25.10 34.08
C ILE H 45 -23.98 24.68 34.09
N ASP H 46 -24.87 25.52 34.63
CA ASP H 46 -26.33 25.20 34.72
C ASP H 46 -26.88 25.01 33.30
N GLN H 47 -26.48 25.86 32.36
CA GLN H 47 -26.98 25.80 30.95
C GLN H 47 -26.48 24.51 30.28
N ILE H 48 -25.25 24.07 30.59
CA ILE H 48 -24.66 22.84 29.98
C ILE H 48 -25.31 21.60 30.62
N THR H 49 -25.55 21.61 31.92
CA THR H 49 -26.33 20.55 32.64
C THR H 49 -27.66 20.35 31.93
N GLY H 50 -28.39 21.44 31.66
CA GLY H 50 -29.70 21.42 30.98
C GLY H 50 -29.64 20.71 29.65
N LYS H 51 -28.61 20.96 28.84
CA LYS H 51 -28.38 20.30 27.54
C LYS H 51 -28.20 18.81 27.76
N LEU H 52 -27.32 18.42 28.67
CA LEU H 52 -27.03 16.99 28.95
C LEU H 52 -28.31 16.29 29.38
N ASN H 53 -29.17 16.95 30.16
CA ASN H 53 -30.46 16.35 30.63
C ASN H 53 -31.33 16.04 29.42
N ARG H 54 -31.39 16.94 28.44
CA ARG H 54 -32.26 16.81 27.24
C ARG H 54 -31.68 15.76 26.28
N ILE H 55 -30.35 15.71 26.12
CA ILE H 55 -29.68 14.96 25.02
C ILE H 55 -29.32 13.54 25.45
N ILE H 56 -28.83 13.33 26.68
CA ILE H 56 -28.48 11.98 27.21
C ILE H 56 -29.79 11.30 27.65
N LYS H 57 -30.44 10.63 26.69
CA LYS H 57 -31.82 10.08 26.80
C LYS H 57 -32.08 9.13 25.62
N LYS H 58 -32.88 8.10 25.85
CA LYS H 58 -33.43 7.23 24.77
C LYS H 58 -34.96 7.34 24.84
N THR H 59 -35.67 6.96 23.77
CA THR H 59 -37.15 6.90 23.76
C THR H 59 -37.59 5.71 24.62
N ASN H 60 -38.79 5.75 25.19
CA ASN H 60 -39.35 4.66 26.03
C ASN H 60 -40.23 3.75 25.15
N THR H 61 -40.13 3.87 23.82
CA THR H 61 -40.83 3.02 22.81
C THR H 61 -40.24 1.61 22.82
N GLU H 62 -41.09 0.59 22.99
CA GLU H 62 -40.71 -0.84 22.97
C GLU H 62 -40.69 -1.32 21.51
N PHE H 63 -39.54 -1.80 21.03
CA PHE H 63 -39.38 -2.34 19.66
C PHE H 63 -39.24 -3.85 19.73
N GLU H 64 -39.93 -4.56 18.83
CA GLU H 64 -39.88 -6.03 18.66
C GLU H 64 -39.00 -6.36 17.46
N SER H 65 -38.55 -7.61 17.37
CA SER H 65 -37.81 -8.17 16.21
C SER H 65 -38.75 -8.20 15.01
N ILE H 66 -38.26 -7.83 13.82
CA ILE H 66 -38.99 -7.99 12.52
C ILE H 66 -38.12 -8.82 11.56
N GLU H 67 -36.79 -8.79 11.72
CA GLU H 67 -35.82 -9.71 11.07
C GLU H 67 -35.56 -10.88 12.01
N SER H 68 -35.47 -12.12 11.49
CA SER H 68 -35.01 -13.32 12.23
C SER H 68 -33.49 -13.44 12.10
N GLU H 69 -32.80 -13.72 13.21
CA GLU H 69 -31.32 -13.88 13.24
C GLU H 69 -30.95 -15.23 12.63
N PHE H 70 -31.74 -16.28 12.89
CA PHE H 70 -31.36 -17.70 12.70
C PHE H 70 -32.12 -18.38 11.56
N SER H 71 -32.79 -17.63 10.68
CA SER H 71 -33.57 -18.19 9.54
C SER H 71 -33.73 -17.15 8.42
N GLU H 72 -33.95 -17.62 7.19
CA GLU H 72 -34.26 -16.80 5.99
C GLU H 72 -35.64 -16.17 6.15
N ILE H 73 -35.73 -14.87 5.90
CA ILE H 73 -37.02 -14.13 5.71
C ILE H 73 -37.30 -14.12 4.20
N ASP H 74 -38.57 -14.07 3.80
CA ASP H 74 -38.97 -13.87 2.37
C ASP H 74 -38.08 -12.77 1.78
N HIS H 75 -37.51 -12.99 0.59
CA HIS H 75 -36.50 -12.10 -0.05
C HIS H 75 -37.11 -10.72 -0.33
N GLN H 76 -38.39 -10.64 -0.68
CA GLN H 76 -39.06 -9.37 -1.08
C GLN H 76 -39.24 -8.48 0.16
N ILE H 77 -39.83 -9.02 1.23
CA ILE H 77 -40.09 -8.28 2.51
C ILE H 77 -38.74 -7.99 3.19
N GLY H 78 -37.76 -8.87 3.03
CA GLY H 78 -36.38 -8.68 3.53
C GLY H 78 -35.75 -7.42 2.94
N ASN H 79 -35.94 -7.21 1.63
CA ASN H 79 -35.42 -6.02 0.91
C ASN H 79 -36.16 -4.77 1.38
N VAL H 80 -37.49 -4.85 1.58
CA VAL H 80 -38.31 -3.72 2.09
C VAL H 80 -37.79 -3.33 3.48
N ILE H 81 -37.60 -4.31 4.37
CA ILE H 81 -37.11 -4.05 5.75
C ILE H 81 -35.75 -3.37 5.66
N ASN H 82 -34.82 -3.95 4.87
CA ASN H 82 -33.44 -3.44 4.71
C ASN H 82 -33.48 -1.98 4.23
N TRP H 83 -34.31 -1.66 3.24
CA TRP H 83 -34.47 -0.29 2.69
C TRP H 83 -35.00 0.66 3.77
N THR H 84 -36.02 0.25 4.53
CA THR H 84 -36.62 1.05 5.62
C THR H 84 -35.55 1.30 6.71
N LYS H 85 -34.90 0.26 7.23
CA LYS H 85 -33.91 0.38 8.34
C LYS H 85 -32.77 1.31 7.91
N ASP H 86 -32.29 1.18 6.67
CA ASP H 86 -31.17 2.00 6.15
C ASP H 86 -31.64 3.46 6.04
N SER H 87 -32.91 3.69 5.68
CA SER H 87 -33.50 5.04 5.54
C SER H 87 -33.63 5.69 6.91
N ILE H 88 -34.09 4.94 7.91
CA ILE H 88 -34.27 5.41 9.31
C ILE H 88 -32.89 5.73 9.88
N THR H 89 -31.89 4.88 9.61
CA THR H 89 -30.50 5.05 10.12
C THR H 89 -29.89 6.31 9.50
N ASP H 90 -30.13 6.58 8.22
CA ASP H 90 -29.63 7.80 7.52
C ASP H 90 -30.20 9.03 8.20
N ILE H 91 -31.49 9.01 8.54
CA ILE H 91 -32.16 10.14 9.25
C ILE H 91 -31.51 10.32 10.63
N TRP H 92 -31.44 9.27 11.44
CA TRP H 92 -30.93 9.37 12.83
C TRP H 92 -29.45 9.80 12.80
N THR H 93 -28.67 9.33 11.83
CA THR H 93 -27.24 9.71 11.70
C THR H 93 -27.17 11.21 11.43
N TYR H 94 -28.01 11.71 10.53
CA TYR H 94 -28.10 13.14 10.15
C TYR H 94 -28.51 13.97 11.37
N GLN H 95 -29.60 13.59 12.04
CA GLN H 95 -30.14 14.30 13.24
C GLN H 95 -29.06 14.35 14.31
N ALA H 96 -28.34 13.26 14.55
CA ALA H 96 -27.29 13.16 15.59
C ALA H 96 -26.13 14.10 15.23
N GLU H 97 -25.67 14.07 13.98
CA GLU H 97 -24.56 14.93 13.49
C GLU H 97 -24.96 16.40 13.61
N LEU H 98 -26.21 16.73 13.29
CA LEU H 98 -26.73 18.13 13.32
C LEU H 98 -26.93 18.55 14.78
N LEU H 99 -27.56 17.71 15.60
CA LEU H 99 -27.83 18.04 17.03
C LEU H 99 -26.52 18.47 17.67
N VAL H 100 -25.51 17.61 17.61
CA VAL H 100 -24.23 17.82 18.35
C VAL H 100 -23.50 19.03 17.78
N ALA H 101 -23.44 19.19 16.47
CA ALA H 101 -22.78 20.34 15.80
C ALA H 101 -23.46 21.64 16.26
N MET H 102 -24.78 21.68 16.23
CA MET H 102 -25.59 22.87 16.59
C MET H 102 -25.40 23.18 18.07
N GLU H 103 -25.44 22.15 18.94
CA GLU H 103 -25.32 22.33 20.41
C GLU H 103 -23.89 22.76 20.75
N ASN H 104 -22.90 22.27 20.02
CA ASN H 104 -21.48 22.64 20.25
C ASN H 104 -21.32 24.12 19.92
N GLN H 105 -21.84 24.57 18.78
CA GLN H 105 -21.82 25.99 18.35
C GLN H 105 -22.43 26.85 19.45
N HIS H 106 -23.59 26.46 19.98
CA HIS H 106 -24.32 27.19 21.03
C HIS H 106 -23.50 27.21 22.33
N THR H 107 -22.96 26.07 22.77
CA THR H 107 -22.23 25.95 24.05
C THR H 107 -21.07 26.94 24.04
N ILE H 108 -20.30 26.91 22.97
CA ILE H 108 -19.11 27.79 22.76
C ILE H 108 -19.55 29.24 22.84
N ASP H 109 -20.57 29.63 22.08
CA ASP H 109 -21.02 31.04 21.96
C ASP H 109 -21.67 31.49 23.27
N MET H 110 -22.37 30.59 23.96
CA MET H 110 -23.01 30.89 25.27
C MET H 110 -21.90 31.25 26.28
N ALA H 111 -20.84 30.44 26.33
CA ALA H 111 -19.71 30.61 27.26
C ALA H 111 -18.99 31.93 26.97
N ASP H 112 -18.82 32.27 25.69
CA ASP H 112 -18.28 33.57 25.19
C ASP H 112 -19.15 34.70 25.74
N SER H 113 -20.47 34.56 25.63
CA SER H 113 -21.45 35.60 26.04
C SER H 113 -21.33 35.84 27.55
N GLU H 114 -21.13 34.79 28.35
CA GLU H 114 -21.09 34.93 29.84
C GLU H 114 -19.83 35.71 30.22
N MET H 115 -18.74 35.53 29.48
CA MET H 115 -17.45 36.24 29.68
C MET H 115 -17.70 37.72 29.40
N LEU H 116 -18.29 38.03 28.24
CA LEU H 116 -18.54 39.42 27.82
C LEU H 116 -19.46 40.09 28.85
N ASN H 117 -20.53 39.42 29.29
CA ASN H 117 -21.53 39.99 30.23
C ASN H 117 -20.86 40.34 31.56
N LEU H 118 -19.89 39.55 32.01
CA LEU H 118 -19.13 39.85 33.24
C LEU H 118 -18.30 41.12 33.01
N TYR H 119 -17.57 41.19 31.88
CA TYR H 119 -16.71 42.34 31.50
C TYR H 119 -17.56 43.62 31.46
N GLU H 120 -18.77 43.55 30.91
CA GLU H 120 -19.67 44.73 30.76
C GLU H 120 -20.17 45.15 32.14
N ARG H 121 -20.48 44.19 33.01
CA ARG H 121 -20.97 44.46 34.39
C ARG H 121 -19.91 45.27 35.15
N VAL H 122 -18.64 44.86 35.04
CA VAL H 122 -17.46 45.54 35.67
C VAL H 122 -17.25 46.92 35.03
N ARG H 123 -17.25 47.01 33.70
CA ARG H 123 -17.06 48.29 32.98
C ARG H 123 -18.01 49.35 33.57
N LYS H 124 -19.28 48.99 33.75
CA LYS H 124 -20.36 49.93 34.15
C LYS H 124 -20.21 50.27 35.64
N GLN H 125 -19.76 49.33 36.47
CA GLN H 125 -19.40 49.56 37.89
C GLN H 125 -18.34 50.66 38.02
N LEU H 126 -17.22 50.52 37.32
CA LEU H 126 -16.04 51.40 37.41
C LEU H 126 -16.35 52.77 36.81
N ARG H 127 -17.35 52.86 35.93
CA ARG H 127 -17.85 54.15 35.39
C ARG H 127 -16.68 54.97 34.86
N GLN H 128 -16.40 56.16 35.40
CA GLN H 128 -15.36 57.08 34.88
C GLN H 128 -14.02 56.89 35.61
N ASN H 129 -13.92 55.90 36.51
CA ASN H 129 -12.73 55.71 37.38
C ASN H 129 -11.72 54.80 36.70
N ALA H 130 -12.04 54.24 35.53
CA ALA H 130 -11.15 53.29 34.80
C ALA H 130 -11.32 53.42 33.29
N GLU H 131 -10.38 52.84 32.56
CA GLU H 131 -10.34 52.85 31.08
C GLU H 131 -10.02 51.42 30.61
N GLU H 132 -10.55 51.05 29.44
CA GLU H 132 -10.40 49.68 28.85
C GLU H 132 -8.99 49.55 28.27
N ASP H 133 -8.29 48.51 28.70
CA ASP H 133 -6.94 48.09 28.27
C ASP H 133 -7.00 47.67 26.79
N GLY H 134 -8.04 46.94 26.41
CA GLY H 134 -8.21 46.34 25.06
C GLY H 134 -8.04 44.83 25.08
N LYS H 135 -7.41 44.28 26.13
CA LYS H 135 -7.09 42.84 26.28
C LYS H 135 -7.92 42.26 27.42
N GLY H 136 -8.99 42.93 27.85
CA GLY H 136 -9.89 42.41 28.90
C GLY H 136 -9.57 42.96 30.28
N CYS H 137 -8.58 43.84 30.39
CA CYS H 137 -8.16 44.50 31.65
C CYS H 137 -8.76 45.91 31.70
N PHE H 138 -8.88 46.44 32.92
CA PHE H 138 -9.25 47.85 33.22
C PHE H 138 -8.06 48.49 33.96
N GLU H 139 -7.50 49.56 33.40
CA GLU H 139 -6.52 50.42 34.11
C GLU H 139 -7.33 51.34 35.04
N ILE H 140 -7.22 51.11 36.35
CA ILE H 140 -7.94 51.87 37.41
C ILE H 140 -7.08 53.07 37.80
N TYR H 141 -7.63 54.27 37.71
CA TYR H 141 -6.89 55.55 37.90
C TYR H 141 -7.04 56.01 39.36
N HIS H 142 -6.89 55.08 40.31
CA HIS H 142 -6.78 55.39 41.75
C HIS H 142 -6.15 54.21 42.50
N ALA H 143 -5.72 54.46 43.73
CA ALA H 143 -5.24 53.42 44.67
C ALA H 143 -6.42 52.49 44.94
N CYS H 144 -6.31 51.23 44.50
CA CYS H 144 -7.33 50.19 44.73
C CYS H 144 -6.65 49.05 45.49
N ASP H 145 -6.83 49.03 46.82
CA ASP H 145 -6.26 48.00 47.73
C ASP H 145 -7.12 46.73 47.63
N ASP H 146 -6.72 45.63 48.29
CA ASP H 146 -7.38 44.31 48.19
C ASP H 146 -8.83 44.40 48.66
N SER H 147 -9.18 45.35 49.52
CA SER H 147 -10.58 45.56 49.99
C SER H 147 -11.39 46.23 48.89
N CYS H 148 -10.78 47.16 48.15
CA CYS H 148 -11.37 47.86 46.96
C CYS H 148 -11.61 46.84 45.84
N MET H 149 -10.60 46.02 45.52
CA MET H 149 -10.67 44.97 44.47
C MET H 149 -11.80 43.98 44.81
N GLU H 150 -11.90 43.56 46.06
CA GLU H 150 -12.95 42.63 46.56
C GLU H 150 -14.32 43.28 46.34
N SER H 151 -14.41 44.60 46.49
CA SER H 151 -15.68 45.35 46.30
C SER H 151 -16.11 45.32 44.83
N ILE H 152 -15.14 45.32 43.90
CA ILE H 152 -15.41 45.23 42.43
C ILE H 152 -15.97 43.84 42.12
N ARG H 153 -15.32 42.79 42.64
CA ARG H 153 -15.72 41.37 42.43
C ARG H 153 -17.10 41.11 43.02
N ASN H 154 -17.45 41.74 44.14
CA ASN H 154 -18.69 41.49 44.92
C ASN H 154 -19.79 42.46 44.47
N ASN H 155 -19.53 43.28 43.45
CA ASN H 155 -20.49 44.25 42.87
C ASN H 155 -21.03 45.19 43.96
N THR H 156 -20.12 45.73 44.79
CA THR H 156 -20.42 46.70 45.88
C THR H 156 -19.55 47.97 45.76
N TYR H 157 -18.70 48.05 44.73
CA TYR H 157 -17.80 49.20 44.46
C TYR H 157 -18.65 50.41 44.11
N ASP H 158 -18.51 51.51 44.88
CA ASP H 158 -19.19 52.80 44.70
C ASP H 158 -18.22 53.77 43.99
N HIS H 159 -18.52 54.15 42.75
CA HIS H 159 -17.63 54.96 41.88
C HIS H 159 -17.43 56.36 42.48
N SER H 160 -18.46 56.93 43.11
CA SER H 160 -18.50 58.33 43.59
C SER H 160 -17.40 58.57 44.63
N GLN H 161 -17.05 57.55 45.42
CA GLN H 161 -15.99 57.61 46.47
C GLN H 161 -14.63 57.98 45.85
N TYR H 162 -14.28 57.41 44.68
CA TYR H 162 -12.93 57.56 44.08
C TYR H 162 -12.96 58.46 42.83
N ARG H 163 -14.13 59.03 42.51
CA ARG H 163 -14.36 59.75 41.22
C ARG H 163 -13.40 60.94 41.11
N GLU H 164 -13.35 61.82 42.13
CA GLU H 164 -12.55 63.08 42.12
C GLU H 164 -11.08 62.73 41.88
N GLU H 165 -10.54 61.75 42.63
CA GLU H 165 -9.14 61.28 42.51
C GLU H 165 -8.89 60.79 41.09
N ALA H 166 -9.81 59.97 40.57
CA ALA H 166 -9.69 59.24 39.29
C ALA H 166 -9.69 60.22 38.11
N LEU H 167 -10.68 61.13 38.06
CA LEU H 167 -10.82 62.12 36.96
C LEU H 167 -9.57 63.00 36.90
N LEU H 168 -8.97 63.35 38.05
CA LEU H 168 -7.72 64.14 38.10
C LEU H 168 -6.58 63.34 37.46
N ASN H 169 -6.41 62.07 37.87
CA ASN H 169 -5.35 61.16 37.37
C ASN H 169 -5.51 60.92 35.87
N ARG H 170 -6.75 60.87 35.36
CA ARG H 170 -7.05 60.54 33.94
C ARG H 170 -6.72 61.75 33.05
N LEU H 171 -7.17 62.95 33.46
CA LEU H 171 -6.97 64.22 32.73
C LEU H 171 -5.51 64.64 32.83
N ASN H 172 -4.84 64.37 33.97
CA ASN H 172 -3.39 64.60 34.15
C ASN H 172 -3.09 66.06 33.79
N ASP I 1 -29.88 65.07 41.88
CA ASP I 1 -29.36 66.26 41.13
C ASP I 1 -29.52 66.04 39.62
N PRO I 2 -28.93 64.98 39.02
CA PRO I 2 -29.02 64.77 37.58
C PRO I 2 -30.27 63.98 37.13
N ASP I 3 -30.86 64.43 36.02
CA ASP I 3 -32.05 63.83 35.36
C ASP I 3 -31.67 62.42 34.88
N LYS I 4 -32.62 61.49 34.91
CA LYS I 4 -32.43 60.09 34.49
C LYS I 4 -33.41 59.75 33.35
N ILE I 5 -32.95 59.00 32.34
CA ILE I 5 -33.81 58.28 31.37
C ILE I 5 -33.48 56.80 31.45
N CYS I 6 -34.47 55.98 31.80
CA CYS I 6 -34.31 54.52 32.07
C CYS I 6 -34.90 53.73 30.91
N LEU I 7 -34.26 52.62 30.55
CA LEU I 7 -34.76 51.66 29.54
C LEU I 7 -35.27 50.41 30.26
N GLY I 8 -36.32 49.81 29.70
CA GLY I 8 -36.98 48.65 30.29
C GLY I 8 -37.84 47.92 29.28
N HIS I 9 -38.43 46.80 29.72
CA HIS I 9 -39.30 45.91 28.93
C HIS I 9 -40.51 45.52 29.77
N HIS I 10 -41.58 45.08 29.10
CA HIS I 10 -42.86 44.72 29.77
C HIS I 10 -42.67 43.43 30.57
N ALA I 11 -43.64 43.13 31.41
CA ALA I 11 -43.79 41.87 32.16
C ALA I 11 -45.29 41.64 32.40
N VAL I 12 -45.65 40.49 32.94
CA VAL I 12 -47.06 40.10 33.19
C VAL I 12 -47.09 39.35 34.52
N ALA I 13 -48.23 39.40 35.21
CA ALA I 13 -48.45 38.74 36.51
C ALA I 13 -48.44 37.23 36.31
N ASN I 14 -49.20 36.75 35.30
CA ASN I 14 -49.42 35.32 34.98
C ASN I 14 -48.55 34.92 33.78
N GLY I 15 -47.32 34.46 34.04
CA GLY I 15 -46.38 33.97 32.99
C GLY I 15 -46.63 32.51 32.65
N THR I 16 -45.98 32.01 31.59
CA THR I 16 -46.12 30.62 31.08
C THR I 16 -44.75 29.93 31.05
N ILE I 17 -44.72 28.65 31.44
CA ILE I 17 -43.50 27.81 31.44
C ILE I 17 -43.33 27.20 30.04
N VAL I 18 -42.11 27.26 29.48
CA VAL I 18 -41.74 26.59 28.20
C VAL I 18 -40.37 25.93 28.40
N LYS I 19 -40.02 24.99 27.52
CA LYS I 19 -38.70 24.32 27.49
C LYS I 19 -37.81 25.04 26.45
N THR I 20 -36.55 25.26 26.79
CA THR I 20 -35.48 25.78 25.90
C THR I 20 -34.39 24.72 25.80
N LEU I 21 -33.31 25.00 25.05
CA LEU I 21 -32.18 24.05 24.90
C LEU I 21 -31.52 23.79 26.25
N THR I 22 -31.53 24.79 27.15
CA THR I 22 -30.70 24.85 28.38
C THR I 22 -31.55 24.77 29.65
N ASN I 23 -32.86 25.01 29.59
CA ASN I 23 -33.71 25.17 30.79
C ASN I 23 -35.08 24.52 30.55
N GLU I 24 -35.49 23.65 31.48
CA GLU I 24 -36.76 22.86 31.42
C GLU I 24 -37.93 23.73 31.91
N GLN I 25 -37.65 24.71 32.78
CA GLN I 25 -38.66 25.55 33.48
C GLN I 25 -38.38 27.03 33.21
N GLU I 26 -38.61 27.50 31.98
CA GLU I 26 -38.34 28.92 31.59
C GLU I 26 -39.68 29.66 31.49
N GLU I 27 -39.85 30.72 32.29
CA GLU I 27 -41.09 31.54 32.33
C GLU I 27 -40.98 32.63 31.27
N VAL I 28 -41.98 32.74 30.39
CA VAL I 28 -42.06 33.77 29.31
C VAL I 28 -43.42 34.46 29.38
N THR I 29 -43.59 35.56 28.65
CA THR I 29 -44.77 36.45 28.75
C THR I 29 -46.00 35.79 28.12
N ASN I 30 -45.81 35.00 27.07
CA ASN I 30 -46.91 34.32 26.34
C ASN I 30 -46.33 33.06 25.67
N ALA I 31 -47.17 32.09 25.35
CA ALA I 31 -46.83 30.87 24.57
C ALA I 31 -48.09 30.34 23.88
N THR I 32 -47.93 29.52 22.86
CA THR I 32 -49.06 28.84 22.15
C THR I 32 -48.70 27.35 22.01
N GLU I 33 -49.73 26.49 21.98
CA GLU I 33 -49.61 25.03 21.87
C GLU I 33 -49.27 24.66 20.41
N THR I 34 -48.45 23.62 20.20
CA THR I 34 -48.09 23.07 18.86
C THR I 34 -48.65 21.65 18.67
N VAL I 35 -49.16 21.01 19.73
CA VAL I 35 -49.70 19.62 19.70
C VAL I 35 -51.21 19.65 19.98
N GLU I 36 -52.03 19.18 19.03
CA GLU I 36 -53.51 19.12 19.18
C GLU I 36 -53.89 17.87 19.99
N SER I 37 -54.72 18.06 21.04
CA SER I 37 -55.27 17.01 21.94
C SER I 37 -56.78 16.82 21.70
N THR I 38 -57.47 17.85 21.20
CA THR I 38 -58.94 17.89 20.99
C THR I 38 -59.28 17.21 19.66
N SER I 39 -60.33 16.39 19.65
CA SER I 39 -60.87 15.71 18.45
C SER I 39 -62.33 16.15 18.23
N LEU I 40 -62.81 16.03 16.99
CA LEU I 40 -64.23 16.18 16.62
C LEU I 40 -64.76 14.79 16.29
N ASN I 41 -65.72 14.26 17.07
CA ASN I 41 -66.38 12.96 16.80
C ASN I 41 -67.45 13.16 15.72
N ARG I 42 -67.04 13.66 14.55
CA ARG I 42 -67.88 13.76 13.32
C ARG I 42 -66.98 13.58 12.09
N LEU I 43 -67.55 13.19 10.95
CA LEU I 43 -66.81 13.15 9.66
C LEU I 43 -67.18 14.40 8.86
N CYS I 44 -66.28 15.39 8.85
CA CYS I 44 -66.49 16.69 8.14
C CYS I 44 -66.38 16.45 6.63
N MET I 45 -67.52 16.51 5.93
CA MET I 45 -67.66 16.04 4.53
C MET I 45 -68.19 17.16 3.62
N LYS I 46 -68.01 18.42 4.01
CA LYS I 46 -68.34 19.59 3.16
C LYS I 46 -67.32 19.66 2.02
N GLY I 47 -67.79 19.99 0.81
CA GLY I 47 -66.97 20.09 -0.41
C GLY I 47 -66.45 18.73 -0.88
N ARG I 48 -67.04 17.64 -0.37
CA ARG I 48 -66.65 16.24 -0.70
C ARG I 48 -67.87 15.51 -1.27
N ASN I 49 -67.72 14.96 -2.48
CA ASN I 49 -68.71 14.02 -3.08
C ASN I 49 -68.51 12.64 -2.41
N HIS I 50 -69.01 12.50 -1.19
CA HIS I 50 -68.78 11.32 -0.30
C HIS I 50 -69.86 10.26 -0.54
N LYS I 51 -69.60 9.03 -0.09
CA LYS I 51 -70.55 7.89 -0.10
C LYS I 51 -70.39 7.12 1.20
N ASP I 52 -71.41 7.18 2.07
CA ASP I 52 -71.47 6.41 3.34
C ASP I 52 -72.08 5.05 3.02
N LEU I 53 -71.29 3.98 3.11
CA LEU I 53 -71.74 2.60 2.82
C LEU I 53 -72.68 2.13 3.94
N GLY I 54 -72.53 2.65 5.14
CA GLY I 54 -73.32 2.25 6.32
C GLY I 54 -73.23 0.75 6.54
N ASN I 55 -74.34 0.04 6.33
CA ASN I 55 -74.49 -1.41 6.60
C ASN I 55 -73.71 -2.24 5.58
N CYS I 56 -73.41 -1.65 4.41
CA CYS I 56 -72.76 -2.30 3.23
C CYS I 56 -71.24 -2.36 3.40
N HIS I 57 -70.65 -3.54 3.22
CA HIS I 57 -69.18 -3.78 3.17
C HIS I 57 -68.68 -3.52 1.75
N PRO I 58 -67.48 -2.94 1.54
CA PRO I 58 -67.05 -2.57 0.19
C PRO I 58 -67.06 -3.74 -0.80
N ILE I 59 -66.63 -4.94 -0.38
CA ILE I 59 -66.65 -6.17 -1.24
C ILE I 59 -68.08 -6.43 -1.71
N GLY I 60 -69.06 -6.19 -0.84
CA GLY I 60 -70.49 -6.38 -1.11
C GLY I 60 -70.98 -5.61 -2.31
N MET I 61 -70.38 -4.46 -2.64
CA MET I 61 -70.90 -3.63 -3.76
C MET I 61 -70.45 -4.25 -5.09
N LEU I 62 -69.45 -5.14 -5.09
CA LEU I 62 -68.96 -5.80 -6.33
C LEU I 62 -69.83 -7.00 -6.68
N ILE I 63 -70.31 -7.73 -5.66
CA ILE I 63 -71.14 -8.96 -5.80
C ILE I 63 -72.62 -8.60 -5.71
N GLY I 64 -72.94 -7.47 -5.08
CA GLY I 64 -74.32 -6.92 -5.03
C GLY I 64 -75.15 -7.60 -3.97
N THR I 65 -74.70 -7.55 -2.72
CA THR I 65 -75.41 -8.01 -1.52
C THR I 65 -76.66 -7.14 -1.35
N PRO I 66 -77.78 -7.68 -0.84
CA PRO I 66 -78.98 -6.88 -0.55
C PRO I 66 -78.70 -5.53 0.12
N ALA I 67 -77.86 -5.54 1.17
CA ALA I 67 -77.45 -4.34 1.94
C ALA I 67 -76.82 -3.26 1.03
N CYS I 68 -76.24 -3.67 -0.11
CA CYS I 68 -75.41 -2.79 -0.98
C CYS I 68 -76.17 -2.35 -2.24
N ASP I 69 -77.50 -2.47 -2.25
CA ASP I 69 -78.34 -2.24 -3.47
C ASP I 69 -78.19 -0.80 -3.94
N LEU I 70 -78.14 0.15 -3.00
CA LEU I 70 -78.04 1.61 -3.29
C LEU I 70 -76.63 1.95 -3.78
N HIS I 71 -75.65 1.07 -3.51
CA HIS I 71 -74.19 1.34 -3.67
C HIS I 71 -73.57 0.46 -4.77
N LEU I 72 -74.35 -0.03 -5.73
CA LEU I 72 -73.85 -0.97 -6.77
C LEU I 72 -72.98 -0.23 -7.81
N THR I 73 -73.21 1.07 -7.99
CA THR I 73 -72.43 1.93 -8.93
C THR I 73 -72.32 3.34 -8.34
N GLY I 74 -71.87 4.30 -9.16
CA GLY I 74 -71.77 5.73 -8.80
C GLY I 74 -70.31 6.15 -8.68
N THR I 75 -70.09 7.44 -8.46
CA THR I 75 -68.75 8.07 -8.37
C THR I 75 -68.66 8.84 -7.05
N TRP I 76 -67.49 8.82 -6.43
CA TRP I 76 -67.22 9.50 -5.14
C TRP I 76 -65.75 9.88 -5.06
N ASP I 77 -65.39 10.84 -4.21
CA ASP I 77 -63.97 11.18 -3.90
C ASP I 77 -63.62 10.67 -2.50
N THR I 78 -64.63 10.28 -1.72
CA THR I 78 -64.47 9.75 -0.34
C THR I 78 -65.45 8.59 -0.13
N LEU I 79 -64.98 7.48 0.43
CA LEU I 79 -65.80 6.26 0.68
C LEU I 79 -65.65 5.86 2.15
N ILE I 80 -66.77 5.70 2.87
CA ILE I 80 -66.77 5.46 4.34
C ILE I 80 -67.29 4.06 4.63
N GLU I 81 -66.47 3.21 5.24
CA GLU I 81 -66.79 1.83 5.69
C GLU I 81 -67.09 1.89 7.19
N ARG I 82 -68.08 1.12 7.66
CA ARG I 82 -68.53 1.10 9.08
C ARG I 82 -68.19 -0.24 9.72
N LYS I 83 -68.36 -0.36 11.04
CA LYS I 83 -68.04 -1.59 11.81
C LYS I 83 -69.15 -2.62 11.55
N ASN I 84 -68.77 -3.90 11.46
CA ASN I 84 -69.70 -5.06 11.30
C ASN I 84 -70.57 -4.87 10.05
N ALA I 85 -70.04 -4.22 9.01
CA ALA I 85 -70.68 -4.07 7.68
C ALA I 85 -70.82 -5.46 7.05
N ILE I 86 -71.91 -5.70 6.33
CA ILE I 86 -72.28 -7.03 5.76
C ILE I 86 -71.74 -7.12 4.33
N ALA I 87 -70.93 -8.16 4.06
CA ALA I 87 -70.37 -8.47 2.72
C ALA I 87 -71.11 -9.66 2.13
N TYR I 88 -71.30 -10.72 2.92
CA TYR I 88 -71.88 -12.00 2.46
C TYR I 88 -73.15 -12.29 3.27
N CYS I 89 -74.32 -12.27 2.61
CA CYS I 89 -75.61 -12.71 3.21
C CYS I 89 -75.54 -14.22 3.41
N TYR I 90 -75.17 -14.96 2.37
CA TYR I 90 -74.91 -16.42 2.41
C TYR I 90 -73.48 -16.63 2.89
N PRO I 91 -73.23 -17.55 3.86
CA PRO I 91 -71.92 -17.67 4.49
C PRO I 91 -70.83 -18.06 3.49
N GLY I 92 -69.65 -17.45 3.61
CA GLY I 92 -68.48 -17.68 2.73
C GLY I 92 -67.37 -16.70 3.00
N ALA I 93 -66.23 -16.88 2.33
CA ALA I 93 -65.03 -16.02 2.44
C ALA I 93 -64.49 -15.70 1.05
N THR I 94 -63.72 -14.62 0.92
CA THR I 94 -63.08 -14.20 -0.34
C THR I 94 -61.57 -14.42 -0.23
N VAL I 95 -60.98 -15.11 -1.20
CA VAL I 95 -59.50 -15.29 -1.29
C VAL I 95 -58.90 -13.91 -1.59
N ASN I 96 -57.86 -13.52 -0.83
CA ASN I 96 -57.25 -12.17 -0.85
C ASN I 96 -58.34 -11.13 -0.54
N GLU I 97 -59.12 -11.36 0.51
CA GLU I 97 -60.21 -10.47 0.97
C GLU I 97 -59.64 -9.05 1.17
N GLU I 98 -58.58 -8.94 1.97
CA GLU I 98 -58.03 -7.63 2.41
C GLU I 98 -57.48 -6.86 1.21
N ALA I 99 -56.79 -7.55 0.29
CA ALA I 99 -56.23 -6.96 -0.96
C ALA I 99 -57.36 -6.30 -1.76
N LEU I 100 -58.51 -6.99 -1.88
CA LEU I 100 -59.67 -6.52 -2.69
C LEU I 100 -60.32 -5.30 -2.01
N ARG I 101 -60.55 -5.38 -0.70
CA ARG I 101 -61.17 -4.28 0.10
C ARG I 101 -60.34 -3.01 -0.04
N GLN I 102 -59.02 -3.12 0.15
CA GLN I 102 -58.08 -1.97 0.09
C GLN I 102 -58.18 -1.34 -1.32
N LYS I 103 -58.30 -2.16 -2.35
CA LYS I 103 -58.36 -1.72 -3.77
C LYS I 103 -59.62 -0.87 -4.00
N ILE I 104 -60.76 -1.30 -3.43
CA ILE I 104 -62.09 -0.63 -3.57
C ILE I 104 -62.04 0.71 -2.82
N MET I 105 -61.46 0.75 -1.62
CA MET I 105 -61.44 1.94 -0.74
C MET I 105 -60.52 3.02 -1.35
N GLU I 106 -59.53 2.60 -2.15
CA GLU I 106 -58.59 3.50 -2.89
C GLU I 106 -59.32 4.16 -4.07
N SER I 107 -60.36 3.51 -4.60
CA SER I 107 -61.07 3.92 -5.84
C SER I 107 -61.93 5.16 -5.60
N GLY I 108 -62.32 5.84 -6.69
CA GLY I 108 -63.23 6.99 -6.68
C GLY I 108 -64.49 6.76 -7.49
N GLY I 109 -64.88 5.51 -7.70
CA GLY I 109 -66.22 5.13 -8.23
C GLY I 109 -66.21 3.71 -8.74
N ILE I 110 -67.39 3.18 -9.06
CA ILE I 110 -67.59 1.82 -9.65
C ILE I 110 -68.57 1.96 -10.82
N SER I 111 -68.18 1.42 -11.99
CA SER I 111 -69.06 1.17 -13.16
C SER I 111 -69.25 -0.35 -13.27
N LYS I 112 -70.44 -0.77 -13.72
CA LYS I 112 -70.74 -2.19 -13.98
C LYS I 112 -70.86 -2.39 -15.50
N ILE I 113 -70.42 -3.55 -15.98
CA ILE I 113 -70.47 -3.97 -17.41
C ILE I 113 -71.06 -5.39 -17.46
N ASN I 114 -72.08 -5.59 -18.30
CA ASN I 114 -72.76 -6.89 -18.48
C ASN I 114 -71.77 -7.87 -19.12
N THR I 115 -71.76 -9.11 -18.63
CA THR I 115 -70.85 -10.19 -19.09
C THR I 115 -71.41 -10.77 -20.39
N GLY I 116 -72.75 -10.77 -20.53
CA GLY I 116 -73.48 -11.29 -21.70
C GLY I 116 -73.81 -12.76 -21.56
N PHE I 117 -73.29 -13.44 -20.53
CA PHE I 117 -73.34 -14.91 -20.32
C PHE I 117 -74.79 -15.42 -20.45
N THR I 118 -74.98 -16.43 -21.31
CA THR I 118 -76.25 -17.15 -21.56
C THR I 118 -76.00 -18.64 -21.32
N TYR I 119 -77.05 -19.39 -20.98
CA TYR I 119 -76.98 -20.81 -20.54
C TYR I 119 -78.02 -21.64 -21.30
N GLY I 120 -77.76 -22.95 -21.45
CA GLY I 120 -78.67 -23.91 -22.10
C GLY I 120 -79.99 -24.04 -21.35
N SER I 121 -80.95 -24.78 -21.92
CA SER I 121 -82.31 -25.00 -21.37
C SER I 121 -82.23 -25.89 -20.10
N SER I 122 -81.22 -26.78 -20.05
CA SER I 122 -80.99 -27.74 -18.94
C SER I 122 -80.48 -27.03 -17.67
N ILE I 123 -79.92 -25.82 -17.82
CA ILE I 123 -79.37 -25.00 -16.69
C ILE I 123 -80.43 -24.00 -16.23
N ASN I 124 -80.65 -23.93 -14.91
CA ASN I 124 -81.48 -22.90 -14.22
C ASN I 124 -80.55 -21.87 -13.58
N SER I 125 -80.64 -20.60 -14.01
CA SER I 125 -79.75 -19.49 -13.59
C SER I 125 -80.38 -18.63 -12.49
N ALA I 126 -81.61 -18.93 -12.06
CA ALA I 126 -82.40 -18.10 -11.13
C ALA I 126 -82.41 -18.70 -9.73
N GLY I 127 -81.45 -19.58 -9.42
CA GLY I 127 -81.29 -20.21 -8.09
C GLY I 127 -81.11 -19.17 -6.99
N THR I 128 -81.98 -19.18 -5.98
CA THR I 128 -81.98 -18.21 -4.85
C THR I 128 -81.78 -18.94 -3.52
N THR I 129 -81.68 -18.19 -2.41
CA THR I 129 -81.51 -18.68 -1.02
C THR I 129 -82.28 -17.79 -0.05
N LYS I 130 -82.54 -18.30 1.16
CA LYS I 130 -83.29 -17.60 2.24
C LYS I 130 -82.34 -16.68 3.00
N ALA I 131 -81.03 -16.91 2.86
CA ALA I 131 -79.96 -16.12 3.52
C ALA I 131 -79.88 -14.71 2.91
N CYS I 132 -80.21 -14.56 1.61
CA CYS I 132 -80.20 -13.25 0.90
C CYS I 132 -81.63 -12.86 0.53
N MET I 133 -82.33 -12.16 1.43
CA MET I 133 -83.74 -11.74 1.23
C MET I 133 -83.76 -10.35 0.56
N ARG I 134 -84.64 -10.18 -0.42
CA ARG I 134 -84.85 -8.92 -1.17
C ARG I 134 -86.33 -8.82 -1.55
N ASN I 135 -86.98 -7.69 -1.25
CA ASN I 135 -88.44 -7.46 -1.50
C ASN I 135 -89.26 -8.44 -0.68
N GLY I 136 -88.75 -8.89 0.48
CA GLY I 136 -89.44 -9.83 1.39
C GLY I 136 -89.18 -11.30 1.06
N GLY I 137 -88.90 -11.64 -0.20
CA GLY I 137 -88.78 -13.03 -0.69
C GLY I 137 -87.35 -13.45 -0.97
N ASN I 138 -87.11 -14.76 -1.13
CA ASN I 138 -85.78 -15.37 -1.37
C ASN I 138 -85.16 -14.77 -2.64
N SER I 139 -83.83 -14.57 -2.63
CA SER I 139 -83.06 -13.90 -3.71
C SER I 139 -81.58 -14.27 -3.61
N PHE I 140 -80.75 -13.63 -4.42
CA PHE I 140 -79.29 -13.90 -4.53
C PHE I 140 -78.53 -12.61 -4.82
N TYR I 141 -77.19 -12.68 -4.78
CA TYR I 141 -76.27 -11.58 -5.14
C TYR I 141 -76.65 -11.05 -6.52
N ALA I 142 -76.81 -9.73 -6.65
CA ALA I 142 -77.37 -9.05 -7.83
C ALA I 142 -76.44 -9.15 -9.05
N GLU I 143 -75.13 -9.35 -8.83
CA GLU I 143 -74.11 -9.30 -9.91
C GLU I 143 -73.62 -10.71 -10.24
N LEU I 144 -74.22 -11.73 -9.63
CA LEU I 144 -73.90 -13.16 -9.89
C LEU I 144 -75.20 -13.94 -10.11
N LYS I 145 -75.09 -15.12 -10.72
CA LYS I 145 -76.22 -16.06 -10.95
C LYS I 145 -75.81 -17.43 -10.40
N TRP I 146 -76.70 -18.07 -9.63
CA TRP I 146 -76.51 -19.44 -9.11
C TRP I 146 -77.01 -20.43 -10.17
N LEU I 147 -76.08 -21.17 -10.80
CA LEU I 147 -76.38 -22.16 -11.87
C LEU I 147 -76.56 -23.54 -11.23
N VAL I 148 -77.72 -24.14 -11.48
CA VAL I 148 -78.14 -25.49 -10.99
C VAL I 148 -78.87 -26.21 -12.14
N SER I 149 -78.94 -27.56 -12.12
CA SER I 149 -79.73 -28.35 -13.11
C SER I 149 -81.23 -28.12 -12.87
N LYS I 150 -82.02 -28.01 -13.94
CA LYS I 150 -83.49 -27.75 -13.88
C LYS I 150 -84.22 -28.96 -13.27
N ASN I 151 -83.81 -30.15 -13.66
CA ASN I 151 -84.37 -31.46 -13.23
C ASN I 151 -83.51 -31.91 -12.05
N LYS I 152 -84.07 -31.97 -10.83
CA LYS I 152 -83.44 -32.54 -9.62
C LYS I 152 -82.68 -33.84 -9.96
N GLY I 153 -81.40 -33.93 -9.58
CA GLY I 153 -80.56 -35.13 -9.72
C GLY I 153 -79.83 -35.22 -11.05
N GLN I 154 -80.32 -34.50 -12.08
CA GLN I 154 -79.76 -34.50 -13.46
C GLN I 154 -78.32 -33.98 -13.45
N ASN I 155 -77.41 -34.59 -14.22
CA ASN I 155 -75.99 -34.15 -14.35
C ASN I 155 -75.95 -32.79 -15.05
N PHE I 156 -75.24 -31.83 -14.46
CA PHE I 156 -75.08 -30.44 -14.98
C PHE I 156 -74.26 -30.49 -16.26
N PRO I 157 -74.71 -29.84 -17.37
CA PRO I 157 -73.98 -29.88 -18.63
C PRO I 157 -72.62 -29.16 -18.54
N GLN I 158 -71.63 -29.67 -19.27
CA GLN I 158 -70.25 -29.09 -19.35
C GLN I 158 -70.31 -27.81 -20.20
N THR I 159 -70.72 -26.68 -19.61
CA THR I 159 -70.87 -25.40 -20.35
C THR I 159 -69.57 -24.59 -20.24
N THR I 160 -69.35 -23.68 -21.20
CA THR I 160 -68.17 -22.78 -21.29
C THR I 160 -68.66 -21.36 -21.61
N ASN I 161 -68.34 -20.41 -20.73
CA ASN I 161 -68.67 -18.97 -20.87
C ASN I 161 -67.37 -18.17 -20.89
N THR I 162 -67.29 -17.16 -21.77
CA THR I 162 -66.07 -16.34 -21.98
C THR I 162 -66.45 -14.86 -21.99
N TYR I 163 -65.87 -14.07 -21.09
CA TYR I 163 -66.02 -12.60 -21.03
C TYR I 163 -64.80 -11.96 -21.70
N ARG I 164 -65.03 -11.01 -22.61
CA ARG I 164 -63.97 -10.22 -23.29
C ARG I 164 -64.06 -8.77 -22.79
N ASN I 165 -62.91 -8.15 -22.52
CA ASN I 165 -62.80 -6.73 -22.09
C ASN I 165 -62.66 -5.89 -23.36
N ALA I 166 -63.76 -5.25 -23.78
CA ALA I 166 -63.84 -4.36 -24.97
C ALA I 166 -63.30 -2.96 -24.63
N ASP I 167 -63.14 -2.66 -23.34
CA ASP I 167 -62.78 -1.32 -22.79
C ASP I 167 -61.26 -1.11 -22.94
N THR I 168 -60.78 0.10 -22.64
CA THR I 168 -59.35 0.51 -22.70
C THR I 168 -58.70 0.44 -21.31
N ALA I 169 -59.48 0.18 -20.25
CA ALA I 169 -59.03 0.08 -18.84
C ALA I 169 -59.31 -1.34 -18.30
N GLU I 170 -58.58 -1.76 -17.26
CA GLU I 170 -58.69 -3.12 -16.66
C GLU I 170 -60.03 -3.25 -15.92
N HIS I 171 -60.63 -4.44 -15.97
CA HIS I 171 -61.95 -4.76 -15.38
C HIS I 171 -61.77 -5.82 -14.30
N LEU I 172 -62.51 -5.69 -13.19
CA LEU I 172 -62.40 -6.59 -12.01
C LEU I 172 -63.56 -7.59 -12.06
N ILE I 173 -63.25 -8.85 -12.34
CA ILE I 173 -64.27 -9.93 -12.44
C ILE I 173 -64.24 -10.75 -11.14
N MET I 174 -65.41 -10.99 -10.55
CA MET I 174 -65.56 -11.85 -9.35
C MET I 174 -66.47 -13.03 -9.71
N TRP I 175 -66.16 -14.21 -9.20
CA TRP I 175 -67.04 -15.41 -9.27
C TRP I 175 -66.98 -16.14 -7.93
N GLY I 176 -67.94 -17.03 -7.71
CA GLY I 176 -68.04 -17.86 -6.49
C GLY I 176 -68.02 -19.34 -6.84
N ILE I 177 -67.56 -20.16 -5.89
CA ILE I 177 -67.65 -21.65 -5.94
C ILE I 177 -68.54 -22.08 -4.77
N HIS I 178 -69.67 -22.74 -5.05
CA HIS I 178 -70.58 -23.30 -4.02
C HIS I 178 -69.98 -24.60 -3.47
N HIS I 179 -69.97 -24.74 -2.15
CA HIS I 179 -69.51 -25.95 -1.41
C HIS I 179 -70.72 -26.56 -0.71
N PRO I 180 -71.35 -27.62 -1.27
CA PRO I 180 -72.55 -28.22 -0.66
C PRO I 180 -72.32 -28.82 0.74
N SER I 181 -73.38 -28.92 1.54
CA SER I 181 -73.37 -29.35 2.96
C SER I 181 -73.41 -30.88 3.08
N SER I 182 -74.03 -31.58 2.10
CA SER I 182 -74.14 -33.06 2.08
C SER I 182 -73.91 -33.59 0.65
N THR I 183 -73.64 -34.90 0.51
CA THR I 183 -73.50 -35.60 -0.81
C THR I 183 -74.85 -35.60 -1.53
N GLN I 184 -75.94 -35.76 -0.78
CA GLN I 184 -77.34 -35.81 -1.31
C GLN I 184 -77.66 -34.46 -1.96
N GLU I 185 -77.38 -33.36 -1.25
CA GLU I 185 -77.61 -31.97 -1.71
C GLU I 185 -76.82 -31.72 -3.01
N LYS I 186 -75.56 -32.17 -3.06
CA LYS I 186 -74.68 -31.99 -4.25
C LYS I 186 -75.33 -32.65 -5.47
N ASN I 187 -75.80 -33.89 -5.31
CA ASN I 187 -76.34 -34.76 -6.40
C ASN I 187 -77.64 -34.15 -6.96
N ASP I 188 -78.49 -33.58 -6.10
CA ASP I 188 -79.77 -32.98 -6.53
C ASP I 188 -79.51 -31.73 -7.38
N LEU I 189 -78.47 -30.95 -7.09
CA LEU I 189 -78.18 -29.64 -7.73
C LEU I 189 -77.32 -29.80 -8.99
N TYR I 190 -76.23 -30.59 -8.92
CA TYR I 190 -75.19 -30.67 -10.00
C TYR I 190 -75.02 -32.09 -10.54
N GLY I 191 -75.70 -33.09 -9.96
CA GLY I 191 -75.70 -34.48 -10.43
C GLY I 191 -74.63 -35.32 -9.77
N THR I 192 -74.52 -36.58 -10.21
CA THR I 192 -73.69 -37.64 -9.57
C THR I 192 -72.22 -37.49 -10.03
N GLN I 193 -71.97 -36.85 -11.19
CA GLN I 193 -70.61 -36.65 -11.77
C GLN I 193 -69.70 -35.90 -10.80
N SER I 194 -68.39 -36.11 -10.89
CA SER I 194 -67.34 -35.33 -10.16
C SER I 194 -67.29 -33.92 -10.76
N LEU I 195 -67.28 -32.88 -9.90
CA LEU I 195 -67.32 -31.47 -10.32
C LEU I 195 -65.90 -30.90 -10.50
N SER I 196 -65.68 -30.12 -11.56
CA SER I 196 -64.44 -29.36 -11.84
C SER I 196 -64.79 -28.00 -12.46
N ILE I 197 -64.31 -26.91 -11.85
CA ILE I 197 -64.44 -25.52 -12.37
C ILE I 197 -63.04 -25.02 -12.74
N SER I 198 -62.79 -24.82 -14.03
CA SER I 198 -61.53 -24.25 -14.58
C SER I 198 -61.78 -22.82 -15.03
N VAL I 199 -60.92 -21.90 -14.58
CA VAL I 199 -60.93 -20.46 -15.00
C VAL I 199 -59.60 -20.18 -15.71
N GLY I 200 -59.65 -19.44 -16.81
CA GLY I 200 -58.47 -19.20 -17.67
C GLY I 200 -58.53 -17.85 -18.36
N SER I 201 -57.47 -17.05 -18.19
CA SER I 201 -57.20 -15.81 -18.95
C SER I 201 -55.73 -15.84 -19.42
N SER I 202 -55.24 -14.75 -20.02
CA SER I 202 -53.82 -14.60 -20.41
C SER I 202 -52.93 -14.48 -19.16
N THR I 203 -53.45 -13.87 -18.08
CA THR I 203 -52.67 -13.50 -16.86
C THR I 203 -53.09 -14.34 -15.64
N TYR I 204 -54.15 -15.15 -15.74
CA TYR I 204 -54.73 -15.93 -14.61
C TYR I 204 -55.14 -17.33 -15.09
N LYS I 205 -54.98 -18.32 -14.22
CA LYS I 205 -55.32 -19.75 -14.46
C LYS I 205 -55.50 -20.42 -13.11
N ASN I 206 -56.53 -21.26 -12.97
CA ASN I 206 -56.84 -21.93 -11.68
C ASN I 206 -57.93 -22.99 -11.90
N ASN I 207 -57.86 -24.09 -11.15
CA ASN I 207 -58.94 -25.11 -11.03
C ASN I 207 -59.54 -25.02 -9.63
N PHE I 208 -60.85 -25.26 -9.53
CA PHE I 208 -61.61 -25.26 -8.25
C PHE I 208 -62.45 -26.56 -8.20
N VAL I 209 -62.27 -27.33 -7.12
CA VAL I 209 -63.10 -28.54 -6.81
C VAL I 209 -64.03 -28.16 -5.66
N PRO I 210 -65.37 -28.21 -5.84
CA PRO I 210 -66.31 -28.02 -4.74
C PRO I 210 -66.08 -29.10 -3.66
N VAL I 211 -65.65 -28.67 -2.46
CA VAL I 211 -65.56 -29.55 -1.25
C VAL I 211 -66.97 -29.74 -0.69
N VAL I 212 -67.35 -30.99 -0.41
CA VAL I 212 -68.71 -31.35 0.11
C VAL I 212 -68.54 -32.08 1.45
N GLY I 213 -69.08 -31.50 2.53
CA GLY I 213 -68.94 -32.02 3.90
C GLY I 213 -69.82 -31.27 4.88
N ALA I 214 -70.27 -31.94 5.94
CA ALA I 214 -71.12 -31.37 7.01
C ALA I 214 -70.33 -30.32 7.78
N ARG I 215 -70.97 -29.20 8.13
CA ARG I 215 -70.32 -28.08 8.88
C ARG I 215 -71.38 -27.31 9.65
N PRO I 216 -70.99 -26.61 10.75
CA PRO I 216 -71.93 -25.77 11.50
C PRO I 216 -72.69 -24.75 10.63
N GLN I 217 -73.91 -24.39 11.06
CA GLN I 217 -74.79 -23.46 10.29
C GLN I 217 -74.38 -22.02 10.64
N VAL I 218 -74.26 -21.16 9.63
CA VAL I 218 -74.05 -19.69 9.76
C VAL I 218 -75.16 -19.00 8.95
N ASN I 219 -75.94 -18.10 9.58
CA ASN I 219 -77.16 -17.48 9.01
C ASN I 219 -78.11 -18.59 8.50
N GLY I 220 -78.16 -19.71 9.23
CA GLY I 220 -79.08 -20.84 8.99
C GLY I 220 -78.73 -21.64 7.74
N GLN I 221 -77.45 -21.64 7.32
CA GLN I 221 -76.95 -22.37 6.13
C GLN I 221 -75.65 -23.12 6.47
N SER I 222 -75.65 -24.44 6.21
CA SER I 222 -74.47 -25.32 6.36
C SER I 222 -73.57 -25.22 5.13
N GLY I 223 -74.15 -24.83 3.98
CA GLY I 223 -73.41 -24.63 2.72
C GLY I 223 -72.54 -23.38 2.78
N ARG I 224 -71.48 -23.32 1.98
CA ARG I 224 -70.56 -22.15 1.89
C ARG I 224 -70.41 -21.74 0.41
N ILE I 225 -70.39 -20.43 0.13
CA ILE I 225 -70.04 -19.88 -1.22
C ILE I 225 -68.79 -19.00 -1.07
N ASP I 226 -67.64 -19.54 -1.47
CA ASP I 226 -66.33 -18.83 -1.39
CA ASP I 226 -66.33 -18.83 -1.40
C ASP I 226 -66.11 -18.06 -2.71
N PHE I 227 -65.73 -16.78 -2.60
CA PHE I 227 -65.54 -15.90 -3.78
C PHE I 227 -64.06 -15.87 -4.16
N HIS I 228 -63.82 -15.73 -5.47
CA HIS I 228 -62.48 -15.50 -6.07
C HIS I 228 -62.59 -14.31 -7.01
N TRP I 229 -61.46 -13.66 -7.30
CA TRP I 229 -61.43 -12.47 -8.18
C TRP I 229 -60.08 -12.39 -8.89
N THR I 230 -60.06 -11.68 -10.01
CA THR I 230 -58.86 -11.36 -10.80
C THR I 230 -59.15 -10.12 -11.63
N LEU I 231 -58.10 -9.47 -12.12
CA LEU I 231 -58.23 -8.35 -13.09
C LEU I 231 -58.14 -8.94 -14.50
N VAL I 232 -58.99 -8.47 -15.42
CA VAL I 232 -58.96 -8.83 -16.86
C VAL I 232 -58.47 -7.61 -17.63
N GLN I 233 -57.30 -7.73 -18.28
CA GLN I 233 -56.62 -6.61 -18.97
C GLN I 233 -57.42 -6.22 -20.21
N PRO I 234 -57.27 -4.97 -20.71
CA PRO I 234 -57.94 -4.55 -21.94
C PRO I 234 -57.64 -5.48 -23.13
N GLY I 235 -58.68 -5.87 -23.87
CA GLY I 235 -58.57 -6.68 -25.09
C GLY I 235 -58.44 -8.17 -24.80
N ASP I 236 -58.38 -8.55 -23.53
CA ASP I 236 -58.15 -9.95 -23.07
C ASP I 236 -59.51 -10.60 -22.77
N LYS I 237 -59.58 -11.93 -22.77
CA LYS I 237 -60.79 -12.71 -22.42
C LYS I 237 -60.50 -13.59 -21.21
N ILE I 238 -61.53 -13.92 -20.44
CA ILE I 238 -61.47 -14.92 -19.33
C ILE I 238 -62.55 -15.98 -19.59
N THR I 239 -62.17 -17.26 -19.55
CA THR I 239 -63.03 -18.42 -19.91
C THR I 239 -63.30 -19.29 -18.68
N PHE I 240 -64.58 -19.55 -18.39
CA PHE I 240 -65.05 -20.43 -17.30
C PHE I 240 -65.50 -21.76 -17.89
N SER I 241 -64.73 -22.83 -17.67
CA SER I 241 -65.13 -24.23 -17.95
C SER I 241 -65.64 -24.84 -16.65
N HIS I 242 -66.93 -25.17 -16.57
CA HIS I 242 -67.58 -25.71 -15.34
C HIS I 242 -68.60 -26.78 -15.69
N ASN I 243 -68.80 -27.73 -14.78
CA ASN I 243 -69.84 -28.81 -14.87
C ASN I 243 -70.69 -28.77 -13.61
N GLY I 244 -70.94 -27.56 -13.06
CA GLY I 244 -71.78 -27.33 -11.87
C GLY I 244 -70.94 -26.92 -10.66
N GLY I 245 -71.49 -26.06 -9.80
CA GLY I 245 -70.81 -25.55 -8.59
C GLY I 245 -70.24 -24.15 -8.78
N LEU I 246 -70.22 -23.64 -10.01
CA LEU I 246 -69.77 -22.25 -10.31
C LEU I 246 -70.93 -21.29 -10.05
N ILE I 247 -70.64 -20.22 -9.32
CA ILE I 247 -71.51 -19.00 -9.22
C ILE I 247 -70.96 -17.98 -10.20
N ALA I 248 -71.62 -17.81 -11.35
CA ALA I 248 -71.09 -17.08 -12.53
C ALA I 248 -71.47 -15.62 -12.41
N PRO I 249 -70.61 -14.69 -12.87
CA PRO I 249 -70.93 -13.27 -12.86
C PRO I 249 -71.90 -12.84 -13.98
N SER I 250 -72.98 -12.13 -13.62
CA SER I 250 -73.87 -11.41 -14.57
C SER I 250 -73.14 -10.15 -15.07
N ARG I 251 -72.51 -9.42 -14.13
CA ARG I 251 -71.77 -8.16 -14.41
C ARG I 251 -70.35 -8.25 -13.83
N VAL I 252 -69.40 -7.57 -14.49
CA VAL I 252 -68.04 -7.30 -13.95
C VAL I 252 -67.99 -5.84 -13.51
N SER I 253 -67.02 -5.51 -12.66
CA SER I 253 -66.85 -4.16 -12.06
C SER I 253 -65.64 -3.47 -12.68
N LYS I 254 -65.70 -2.15 -12.79
CA LYS I 254 -64.58 -1.27 -13.22
C LYS I 254 -64.42 -0.17 -12.17
N LEU I 255 -63.28 -0.13 -11.47
CA LEU I 255 -62.96 0.90 -10.46
C LEU I 255 -62.49 2.16 -11.20
N ILE I 256 -63.04 3.33 -10.87
CA ILE I 256 -62.79 4.62 -11.59
C ILE I 256 -61.97 5.54 -10.66
N GLY I 257 -60.80 5.97 -11.15
CA GLY I 257 -59.99 7.03 -10.54
C GLY I 257 -59.60 6.72 -9.09
N ARG I 258 -59.42 7.78 -8.30
CA ARG I 258 -58.79 7.75 -6.95
C ARG I 258 -59.77 8.39 -5.95
N GLY I 259 -59.76 7.88 -4.71
CA GLY I 259 -60.60 8.42 -3.61
C GLY I 259 -60.00 8.09 -2.27
N LEU I 260 -60.53 8.74 -1.23
CA LEU I 260 -60.05 8.59 0.17
C LEU I 260 -60.94 7.58 0.90
N GLY I 261 -60.34 6.51 1.43
CA GLY I 261 -61.03 5.42 2.14
C GLY I 261 -60.94 5.62 3.65
N ILE I 262 -62.09 5.86 4.30
CA ILE I 262 -62.19 6.11 5.76
C ILE I 262 -62.92 4.95 6.42
N GLN I 263 -62.29 4.30 7.40
CA GLN I 263 -62.93 3.35 8.34
C GLN I 263 -63.18 4.10 9.64
N SER I 264 -64.44 4.42 9.97
CA SER I 264 -64.84 5.21 11.17
C SER I 264 -66.23 4.81 11.65
N GLU I 265 -66.57 5.13 12.90
CA GLU I 265 -67.90 4.90 13.50
C GLU I 265 -68.63 6.23 13.68
N ALA I 266 -68.00 7.36 13.36
CA ALA I 266 -68.47 8.72 13.69
C ALA I 266 -69.54 9.15 12.69
N PRO I 267 -70.58 9.90 13.13
CA PRO I 267 -71.60 10.43 12.24
C PRO I 267 -71.08 11.47 11.24
N ILE I 268 -71.80 11.67 10.13
CA ILE I 268 -71.43 12.65 9.06
C ILE I 268 -72.00 14.03 9.40
N ASP I 269 -71.17 15.08 9.23
CA ASP I 269 -71.58 16.50 9.24
C ASP I 269 -71.19 17.13 7.91
N ASN I 270 -72.16 17.59 7.10
CA ASN I 270 -71.91 18.24 5.80
C ASN I 270 -71.63 19.73 5.95
N SER I 271 -71.58 20.27 7.18
CA SER I 271 -71.37 21.72 7.44
C SER I 271 -69.86 22.04 7.56
N CYS I 272 -69.08 21.22 8.27
CA CYS I 272 -67.61 21.44 8.48
C CYS I 272 -66.78 20.75 7.38
N GLU I 273 -65.59 21.32 7.08
CA GLU I 273 -64.56 20.76 6.17
C GLU I 273 -63.42 20.14 7.00
N SER I 274 -62.73 19.16 6.43
CA SER I 274 -61.52 18.52 7.01
C SER I 274 -60.74 17.81 5.91
N LYS I 275 -59.42 17.67 6.10
CA LYS I 275 -58.54 16.90 5.18
C LYS I 275 -57.92 15.72 5.93
N CYS I 276 -58.18 15.59 7.23
CA CYS I 276 -57.57 14.57 8.12
C CYS I 276 -58.67 13.84 8.88
N PHE I 277 -58.61 12.50 8.91
CA PHE I 277 -59.63 11.62 9.53
C PHE I 277 -58.96 10.46 10.25
N TRP I 278 -59.68 9.88 11.20
CA TRP I 278 -59.29 8.66 11.95
C TRP I 278 -60.56 7.97 12.46
N ARG I 279 -60.41 6.78 13.06
CA ARG I 279 -61.52 5.96 13.60
C ARG I 279 -62.51 6.86 14.37
N GLY I 280 -61.97 7.70 15.25
CA GLY I 280 -62.72 8.54 16.20
C GLY I 280 -63.33 9.79 15.56
N GLY I 281 -62.90 10.19 14.35
CA GLY I 281 -63.53 11.32 13.61
C GLY I 281 -62.56 12.11 12.74
N SER I 282 -62.63 13.44 12.82
CA SER I 282 -61.83 14.39 12.01
C SER I 282 -60.88 15.22 12.90
N ILE I 283 -59.92 15.88 12.26
CA ILE I 283 -58.85 16.72 12.89
C ILE I 283 -58.65 17.97 12.03
N ASN I 284 -59.14 19.12 12.50
CA ASN I 284 -59.30 20.36 11.69
C ASN I 284 -58.20 21.38 12.00
N THR I 285 -57.19 21.02 12.81
CA THR I 285 -56.25 22.02 13.38
C THR I 285 -55.25 22.53 12.35
N ARG I 286 -54.80 23.76 12.56
CA ARG I 286 -53.70 24.41 11.83
C ARG I 286 -52.37 23.98 12.46
N LEU I 287 -52.40 23.37 13.65
CA LEU I 287 -51.20 22.95 14.41
C LEU I 287 -50.44 21.86 13.65
N PRO I 288 -49.11 21.78 13.81
CA PRO I 288 -48.28 20.86 13.02
C PRO I 288 -48.21 19.43 13.56
N PHE I 289 -48.59 19.21 14.81
CA PHE I 289 -48.53 17.90 15.50
C PHE I 289 -49.88 17.58 16.17
N GLN I 290 -50.05 16.32 16.57
CA GLN I 290 -51.30 15.79 17.18
C GLN I 290 -50.92 14.54 18.00
N ASN I 291 -51.67 14.23 19.06
CA ASN I 291 -51.45 13.00 19.88
C ASN I 291 -52.77 12.24 20.08
N LEU I 292 -53.64 12.24 19.06
CA LEU I 292 -54.96 11.56 19.09
C LEU I 292 -54.82 10.11 18.66
N SER I 293 -54.14 9.86 17.52
CA SER I 293 -53.97 8.51 16.92
C SER I 293 -52.83 8.49 15.91
N PRO I 294 -52.02 7.41 15.89
CA PRO I 294 -51.05 7.17 14.82
C PRO I 294 -51.67 6.63 13.53
N ARG I 295 -52.90 6.10 13.61
CA ARG I 295 -53.69 5.64 12.43
C ARG I 295 -54.57 6.81 11.97
N THR I 296 -54.12 7.57 10.97
CA THR I 296 -54.88 8.69 10.34
C THR I 296 -54.76 8.56 8.82
N VAL I 297 -55.62 9.26 8.08
CA VAL I 297 -55.67 9.26 6.59
C VAL I 297 -55.98 10.67 6.10
N GLY I 298 -55.41 11.04 4.94
CA GLY I 298 -55.51 12.39 4.34
C GLY I 298 -54.25 13.20 4.62
N GLN I 299 -54.35 14.52 4.48
CA GLN I 299 -53.28 15.50 4.83
C GLN I 299 -53.38 15.78 6.33
N CYS I 300 -52.43 15.27 7.12
CA CYS I 300 -52.57 15.17 8.61
C CYS I 300 -51.37 15.79 9.34
N PRO I 301 -51.61 16.40 10.53
CA PRO I 301 -50.55 16.68 11.48
C PRO I 301 -49.84 15.37 11.83
N LYS I 302 -48.54 15.42 12.09
CA LYS I 302 -47.72 14.24 12.42
C LYS I 302 -48.02 13.81 13.85
N TYR I 303 -48.14 12.51 14.09
CA TYR I 303 -48.40 11.95 15.44
C TYR I 303 -47.11 12.07 16.26
N VAL I 304 -47.22 12.55 17.50
CA VAL I 304 -46.08 12.67 18.47
C VAL I 304 -46.52 12.07 19.82
N ASN I 305 -45.56 11.54 20.60
CA ASN I 305 -45.80 11.03 21.97
C ASN I 305 -45.60 12.17 22.98
N LYS I 306 -46.44 13.20 22.92
CA LYS I 306 -46.34 14.40 23.79
C LYS I 306 -47.75 14.90 24.11
N LYS I 307 -48.06 15.06 25.41
CA LYS I 307 -49.31 15.73 25.87
C LYS I 307 -49.34 17.15 25.28
N SER I 308 -48.25 17.90 25.44
CA SER I 308 -48.14 19.35 25.13
C SER I 308 -46.70 19.74 24.75
N LEU I 309 -46.55 20.66 23.79
CA LEU I 309 -45.29 21.37 23.46
C LEU I 309 -45.59 22.86 23.28
N MET I 310 -45.18 23.67 24.27
CA MET I 310 -45.49 25.12 24.32
C MET I 310 -44.38 25.90 23.61
N LEU I 311 -44.76 26.71 22.61
CA LEU I 311 -43.85 27.54 21.78
C LEU I 311 -43.92 28.99 22.26
N ALA I 312 -42.84 29.50 22.86
CA ALA I 312 -42.74 30.88 23.36
C ALA I 312 -43.13 31.87 22.25
N THR I 313 -44.00 32.82 22.57
CA THR I 313 -44.45 33.93 21.68
C THR I 313 -44.15 35.27 22.35
N GLY I 314 -43.17 35.30 23.27
CA GLY I 314 -42.75 36.52 23.98
C GLY I 314 -41.46 36.32 24.74
N MET I 315 -40.88 37.41 25.23
CA MET I 315 -39.56 37.43 25.94
C MET I 315 -39.70 36.73 27.30
N ARG I 316 -38.57 36.50 27.96
CA ARG I 316 -38.53 36.09 29.39
C ARG I 316 -39.44 37.01 30.19
N ASN I 317 -40.23 36.43 31.10
CA ASN I 317 -41.06 37.19 32.07
C ASN I 317 -40.24 37.35 33.34
N VAL I 318 -39.87 38.60 33.67
CA VAL I 318 -39.11 38.94 34.91
C VAL I 318 -39.97 39.88 35.74
N PRO I 319 -40.69 39.36 36.75
CA PRO I 319 -41.67 40.17 37.48
C PRO I 319 -41.05 40.96 38.64
N GLU I 320 -41.77 41.96 39.16
CA GLU I 320 -41.33 42.80 40.31
C GLU I 320 -41.89 42.19 41.60
N GLY J 1 -28.99 35.93 30.11
CA GLY J 1 -29.16 35.55 28.69
C GLY J 1 -27.96 35.97 27.86
N LEU J 2 -27.96 35.63 26.58
CA LEU J 2 -26.83 35.85 25.63
C LEU J 2 -26.40 37.32 25.65
N PHE J 3 -27.35 38.27 25.59
CA PHE J 3 -27.05 39.71 25.34
C PHE J 3 -27.01 40.52 26.65
N GLY J 4 -27.42 39.92 27.76
CA GLY J 4 -27.22 40.47 29.11
C GLY J 4 -28.24 41.54 29.49
N ALA J 5 -29.12 41.97 28.59
CA ALA J 5 -30.08 43.08 28.82
C ALA J 5 -31.24 42.58 29.69
N ILE J 6 -31.97 41.56 29.25
CA ILE J 6 -33.21 41.07 29.92
C ILE J 6 -32.82 39.91 30.84
N ALA J 7 -33.36 39.89 32.05
CA ALA J 7 -32.90 39.04 33.18
C ALA J 7 -31.38 39.22 33.31
N GLY J 8 -30.88 40.44 33.07
CA GLY J 8 -29.46 40.82 33.18
C GLY J 8 -29.30 42.14 33.91
N PHE J 9 -28.65 43.13 33.29
CA PHE J 9 -28.36 44.45 33.92
C PHE J 9 -29.67 45.21 34.17
N ILE J 10 -30.71 44.98 33.36
CA ILE J 10 -32.11 45.39 33.68
C ILE J 10 -32.69 44.38 34.68
N GLU J 11 -32.96 44.84 35.90
CA GLU J 11 -33.21 43.97 37.08
C GLU J 11 -34.54 43.24 36.92
N ASN J 12 -35.54 43.89 36.31
CA ASN J 12 -36.90 43.28 36.14
C ASN J 12 -37.68 44.03 35.06
N GLY J 13 -38.79 43.44 34.63
CA GLY J 13 -39.72 44.04 33.65
C GLY J 13 -40.74 44.93 34.33
N TRP J 14 -41.54 45.61 33.53
CA TRP J 14 -42.53 46.63 33.97
C TRP J 14 -43.96 46.13 33.66
N GLU J 15 -44.71 45.74 34.69
CA GLU J 15 -46.16 45.36 34.53
C GLU J 15 -46.95 46.60 34.12
N GLY J 16 -46.50 47.80 34.52
CA GLY J 16 -47.10 49.10 34.15
C GLY J 16 -47.17 49.32 32.65
N MET J 17 -46.15 48.87 31.90
CA MET J 17 -46.00 49.17 30.46
C MET J 17 -46.82 48.16 29.65
N VAL J 18 -48.00 48.56 29.18
CA VAL J 18 -48.98 47.65 28.52
C VAL J 18 -49.18 48.06 27.05
N ASP J 19 -48.56 49.14 26.59
CA ASP J 19 -48.74 49.71 25.22
C ASP J 19 -47.55 49.35 24.31
N GLY J 20 -46.63 48.50 24.78
CA GLY J 20 -45.44 48.07 24.02
C GLY J 20 -44.59 47.08 24.81
N TRP J 21 -43.57 46.50 24.17
CA TRP J 21 -42.68 45.45 24.75
C TRP J 21 -41.48 46.12 25.43
N TYR J 22 -40.90 47.10 24.74
CA TYR J 22 -39.74 47.89 25.20
C TYR J 22 -40.17 49.34 25.32
N GLY J 23 -39.55 50.09 26.24
CA GLY J 23 -39.78 51.54 26.35
C GLY J 23 -38.94 52.21 27.41
N PHE J 24 -39.30 53.46 27.71
CA PHE J 24 -38.53 54.40 28.56
C PHE J 24 -39.40 54.86 29.74
N ARG J 25 -38.76 55.04 30.90
CA ARG J 25 -39.21 55.90 32.01
C ARG J 25 -38.17 57.00 32.21
N HIS J 26 -38.59 58.25 32.39
CA HIS J 26 -37.68 59.39 32.68
C HIS J 26 -38.10 60.07 33.98
N GLN J 27 -37.15 60.70 34.66
CA GLN J 27 -37.38 61.60 35.82
C GLN J 27 -36.60 62.89 35.59
N ASN J 28 -37.29 64.04 35.67
CA ASN J 28 -36.69 65.40 35.59
C ASN J 28 -37.42 66.30 36.58
N ALA J 29 -37.03 67.58 36.67
CA ALA J 29 -37.66 68.60 37.53
C ALA J 29 -39.19 68.54 37.37
N GLN J 30 -39.64 68.45 36.11
CA GLN J 30 -41.05 68.48 35.65
C GLN J 30 -41.87 67.30 36.21
N GLY J 31 -41.20 66.22 36.63
CA GLY J 31 -41.83 65.01 37.20
C GLY J 31 -41.40 63.75 36.48
N THR J 32 -42.31 62.76 36.43
CA THR J 32 -42.09 61.39 35.91
C THR J 32 -42.87 61.19 34.60
N GLY J 33 -42.44 60.23 33.77
CA GLY J 33 -43.13 59.82 32.54
C GLY J 33 -42.82 58.40 32.14
N GLN J 34 -43.64 57.81 31.26
CA GLN J 34 -43.43 56.47 30.65
C GLN J 34 -43.90 56.51 29.19
N ALA J 35 -43.15 55.89 28.27
CA ALA J 35 -43.50 55.80 26.84
C ALA J 35 -42.88 54.52 26.26
N ALA J 36 -43.65 53.78 25.46
CA ALA J 36 -43.22 52.56 24.76
C ALA J 36 -42.44 52.95 23.50
N ASP J 37 -41.47 52.13 23.07
CA ASP J 37 -40.74 52.26 21.78
C ASP J 37 -41.44 51.37 20.76
N TYR J 38 -41.96 51.97 19.67
CA TYR J 38 -42.73 51.26 18.62
C TYR J 38 -41.77 50.43 17.77
N LYS J 39 -40.75 51.07 17.18
CA LYS J 39 -39.83 50.46 16.17
C LYS J 39 -39.26 49.14 16.70
N SER J 40 -38.78 49.13 17.95
CA SER J 40 -38.13 47.96 18.59
C SER J 40 -39.17 46.91 18.99
N THR J 41 -40.35 47.34 19.44
CA THR J 41 -41.49 46.45 19.79
C THR J 41 -41.92 45.69 18.53
N GLN J 42 -42.13 46.42 17.42
CA GLN J 42 -42.66 45.86 16.16
C GLN J 42 -41.62 44.91 15.56
N ALA J 43 -40.33 45.22 15.75
CA ALA J 43 -39.20 44.38 15.25
C ALA J 43 -39.28 42.98 15.89
N ALA J 44 -39.54 42.92 17.20
CA ALA J 44 -39.63 41.67 17.98
C ALA J 44 -40.88 40.90 17.57
N ILE J 45 -42.02 41.58 17.48
CA ILE J 45 -43.35 40.95 17.16
C ILE J 45 -43.30 40.40 15.72
N ASP J 46 -42.72 41.16 14.80
CA ASP J 46 -42.61 40.74 13.37
C ASP J 46 -41.80 39.45 13.30
N GLN J 47 -40.71 39.33 14.05
CA GLN J 47 -39.82 38.13 14.03
C GLN J 47 -40.58 36.93 14.59
N ILE J 48 -41.43 37.12 15.60
CA ILE J 48 -42.21 36.02 16.23
C ILE J 48 -43.35 35.59 15.28
N THR J 49 -44.03 36.54 14.64
CA THR J 49 -45.03 36.29 13.58
C THR J 49 -44.42 35.35 12.52
N GLY J 50 -43.22 35.70 12.03
CA GLY J 50 -42.48 34.94 11.00
C GLY J 50 -42.29 33.48 11.41
N LYS J 51 -41.93 33.23 12.67
CA LYS J 51 -41.76 31.87 13.22
C LYS J 51 -43.10 31.12 13.15
N LEU J 52 -44.17 31.75 13.66
CA LEU J 52 -45.51 31.13 13.70
C LEU J 52 -45.93 30.76 12.26
N ASN J 53 -45.62 31.61 11.29
CA ASN J 53 -46.00 31.36 9.86
C ASN J 53 -45.29 30.08 9.39
N ARG J 54 -44.02 29.89 9.75
CA ARG J 54 -43.20 28.73 9.30
C ARG J 54 -43.63 27.46 10.04
N ILE J 55 -43.97 27.55 11.33
CA ILE J 55 -44.11 26.38 12.25
C ILE J 55 -45.57 25.88 12.28
N ILE J 56 -46.56 26.77 12.30
CA ILE J 56 -48.00 26.38 12.28
C ILE J 56 -48.39 26.04 10.83
N LYS J 57 -48.16 24.78 10.45
CA LYS J 57 -48.22 24.23 9.08
C LYS J 57 -48.18 22.70 9.14
N LYS J 58 -48.91 22.03 8.24
CA LYS J 58 -48.80 20.57 8.01
C LYS J 58 -48.36 20.35 6.57
N THR J 59 -47.85 19.16 6.23
CA THR J 59 -47.50 18.80 4.83
C THR J 59 -48.80 18.60 4.04
N ASN J 60 -48.75 18.81 2.72
CA ASN J 60 -49.94 18.65 1.84
C ASN J 60 -49.94 17.23 1.24
N THR J 61 -49.11 16.33 1.77
CA THR J 61 -48.99 14.90 1.37
C THR J 61 -50.23 14.13 1.81
N GLU J 62 -50.90 13.45 0.87
CA GLU J 62 -52.11 12.62 1.11
C GLU J 62 -51.62 11.22 1.54
N PHE J 63 -52.01 10.77 2.73
CA PHE J 63 -51.68 9.44 3.28
C PHE J 63 -52.92 8.55 3.26
N GLU J 64 -52.75 7.29 2.85
CA GLU J 64 -53.82 6.26 2.84
C GLU J 64 -53.67 5.36 4.05
N SER J 65 -54.74 4.64 4.41
CA SER J 65 -54.75 3.57 5.43
C SER J 65 -53.87 2.41 4.93
N ILE J 66 -53.04 1.83 5.81
CA ILE J 66 -52.25 0.59 5.51
C ILE J 66 -52.59 -0.50 6.54
N GLU J 67 -53.04 -0.12 7.73
CA GLU J 67 -53.69 -1.02 8.73
C GLU J 67 -55.21 -0.93 8.55
N SER J 68 -55.92 -2.05 8.65
CA SER J 68 -57.42 -2.11 8.70
C SER J 68 -57.88 -1.98 10.16
N GLU J 69 -58.91 -1.17 10.39
CA GLU J 69 -59.47 -0.92 11.74
C GLU J 69 -60.29 -2.15 12.18
N PHE J 70 -61.02 -2.77 11.26
CA PHE J 70 -62.14 -3.71 11.54
C PHE J 70 -61.79 -5.15 11.13
N SER J 71 -60.53 -5.48 10.84
CA SER J 71 -60.12 -6.85 10.43
C SER J 71 -58.64 -7.10 10.73
N GLU J 72 -58.26 -8.37 10.90
CA GLU J 72 -56.88 -8.82 11.20
C GLU J 72 -56.02 -8.66 9.95
N ILE J 73 -54.85 -8.05 10.10
CA ILE J 73 -53.80 -7.95 9.03
C ILE J 73 -52.85 -9.14 9.22
N ASP J 74 -52.24 -9.64 8.14
CA ASP J 74 -51.18 -10.68 8.21
C ASP J 74 -50.21 -10.30 9.33
N HIS J 75 -49.88 -11.24 10.22
CA HIS J 75 -49.10 -10.99 11.46
C HIS J 75 -47.68 -10.49 11.11
N GLN J 76 -47.09 -10.96 10.01
CA GLN J 76 -45.69 -10.62 9.64
C GLN J 76 -45.63 -9.17 9.15
N ILE J 77 -46.48 -8.80 8.20
CA ILE J 77 -46.54 -7.43 7.62
C ILE J 77 -47.04 -6.46 8.68
N GLY J 78 -47.93 -6.92 9.58
CA GLY J 78 -48.43 -6.13 10.72
C GLY J 78 -47.29 -5.71 11.63
N ASN J 79 -46.34 -6.60 11.90
CA ASN J 79 -45.15 -6.33 12.75
C ASN J 79 -44.23 -5.33 12.03
N VAL J 80 -44.06 -5.48 10.72
CA VAL J 80 -43.24 -4.54 9.89
C VAL J 80 -43.86 -3.15 9.97
N ILE J 81 -45.17 -3.06 9.76
CA ILE J 81 -45.91 -1.76 9.81
C ILE J 81 -45.71 -1.15 11.19
N ASN J 82 -45.97 -1.91 12.25
CA ASN J 82 -45.86 -1.46 13.66
C ASN J 82 -44.45 -0.91 13.92
N TRP J 83 -43.41 -1.62 13.49
CA TRP J 83 -41.99 -1.21 13.65
C TRP J 83 -41.73 0.12 12.92
N THR J 84 -42.20 0.23 11.67
CA THR J 84 -42.05 1.45 10.84
C THR J 84 -42.77 2.62 11.53
N LYS J 85 -44.06 2.49 11.85
CA LYS J 85 -44.88 3.59 12.43
C LYS J 85 -44.25 4.07 13.74
N ASP J 86 -43.78 3.14 14.58
CA ASP J 86 -43.18 3.48 15.90
C ASP J 86 -41.88 4.24 15.66
N SER J 87 -41.12 3.86 14.62
CA SER J 87 -39.82 4.50 14.27
C SER J 87 -40.07 5.92 13.76
N ILE J 88 -41.07 6.09 12.90
CA ILE J 88 -41.47 7.41 12.32
C ILE J 88 -41.94 8.32 13.45
N THR J 89 -42.73 7.78 14.38
CA THR J 89 -43.30 8.56 15.52
C THR J 89 -42.16 9.02 16.44
N ASP J 90 -41.18 8.17 16.69
CA ASP J 90 -39.99 8.51 17.52
C ASP J 90 -39.25 9.69 16.88
N ILE J 91 -39.07 9.67 15.56
CA ILE J 91 -38.40 10.75 14.80
C ILE J 91 -39.21 12.04 14.95
N TRP J 92 -40.51 12.01 14.64
CA TRP J 92 -41.34 13.23 14.65
C TRP J 92 -41.43 13.80 16.06
N THR J 93 -41.49 12.94 17.09
CA THR J 93 -41.53 13.38 18.50
C THR J 93 -40.23 14.12 18.83
N TYR J 94 -39.10 13.57 18.41
CA TYR J 94 -37.75 14.14 18.61
C TYR J 94 -37.65 15.49 17.89
N GLN J 95 -38.00 15.54 16.60
CA GLN J 95 -37.94 16.77 15.77
C GLN J 95 -38.83 17.85 16.39
N ALA J 96 -40.02 17.50 16.86
CA ALA J 96 -40.97 18.46 17.46
C ALA J 96 -40.37 19.02 18.76
N GLU J 97 -39.83 18.15 19.63
CA GLU J 97 -39.19 18.56 20.91
C GLU J 97 -38.01 19.49 20.63
N LEU J 98 -37.21 19.18 19.60
CA LEU J 98 -36.00 19.94 19.25
C LEU J 98 -36.40 21.27 18.60
N LEU J 99 -37.35 21.25 17.65
CA LEU J 99 -37.80 22.47 16.94
C LEU J 99 -38.18 23.52 18.00
N VAL J 100 -39.11 23.16 18.89
CA VAL J 100 -39.71 24.11 19.85
C VAL J 100 -38.65 24.60 20.85
N ALA J 101 -37.81 23.70 21.36
CA ALA J 101 -36.72 24.04 22.29
C ALA J 101 -35.77 25.05 21.64
N MET J 102 -35.36 24.78 20.42
CA MET J 102 -34.41 25.63 19.65
C MET J 102 -35.06 26.98 19.37
N GLU J 103 -36.33 26.99 18.95
CA GLU J 103 -37.05 28.25 18.60
C GLU J 103 -37.29 29.07 19.87
N ASN J 104 -37.54 28.42 21.00
CA ASN J 104 -37.78 29.10 22.30
C ASN J 104 -36.48 29.81 22.70
N GLN J 105 -35.33 29.11 22.63
CA GLN J 105 -33.99 29.67 22.93
C GLN J 105 -33.78 30.92 22.08
N HIS J 106 -34.06 30.84 20.78
CA HIS J 106 -33.87 31.96 19.82
C HIS J 106 -34.81 33.12 20.17
N THR J 107 -36.10 32.85 20.42
CA THR J 107 -37.13 33.90 20.67
C THR J 107 -36.67 34.75 21.86
N ILE J 108 -36.29 34.06 22.95
CA ILE J 108 -35.83 34.69 24.21
C ILE J 108 -34.60 35.56 23.91
N ASP J 109 -33.59 35.02 23.22
CA ASP J 109 -32.31 35.72 22.98
C ASP J 109 -32.53 36.85 21.97
N MET J 110 -33.43 36.68 21.00
CA MET J 110 -33.77 37.73 20.00
C MET J 110 -34.36 38.94 20.75
N ALA J 111 -35.30 38.69 21.67
CA ALA J 111 -36.00 39.74 22.44
C ALA J 111 -34.98 40.50 23.31
N ASP J 112 -34.05 39.77 23.92
CA ASP J 112 -32.90 40.30 24.70
C ASP J 112 -32.08 41.24 23.80
N SER J 113 -31.79 40.79 22.57
CA SER J 113 -30.96 41.53 21.59
C SER J 113 -31.62 42.86 21.24
N GLU J 114 -32.95 42.87 21.09
CA GLU J 114 -33.69 44.09 20.67
C GLU J 114 -33.59 45.13 21.78
N MET J 115 -33.63 44.68 23.04
CA MET J 115 -33.50 45.54 24.23
C MET J 115 -32.12 46.18 24.22
N LEU J 116 -31.08 45.36 24.07
CA LEU J 116 -29.67 45.84 24.08
C LEU J 116 -29.47 46.85 22.95
N ASN J 117 -29.97 46.56 21.75
CA ASN J 117 -29.76 47.41 20.56
C ASN J 117 -30.40 48.79 20.79
N LEU J 118 -31.55 48.85 21.48
CA LEU J 118 -32.20 50.13 21.83
C LEU J 118 -31.30 50.90 22.81
N TYR J 119 -30.82 50.23 23.86
CA TYR J 119 -29.93 50.82 24.89
C TYR J 119 -28.67 51.40 24.24
N GLU J 120 -28.09 50.69 23.26
CA GLU J 120 -26.84 51.12 22.58
C GLU J 120 -27.15 52.32 21.69
N ARG J 121 -28.31 52.34 21.03
CA ARG J 121 -28.73 53.45 20.14
C ARG J 121 -28.81 54.74 20.98
N VAL J 122 -29.41 54.67 22.16
CA VAL J 122 -29.55 55.80 23.12
C VAL J 122 -28.17 56.21 23.65
N ARG J 123 -27.36 55.25 24.10
CA ARG J 123 -25.99 55.53 24.62
C ARG J 123 -25.25 56.43 23.64
N LYS J 124 -25.28 56.09 22.36
CA LYS J 124 -24.48 56.75 21.30
C LYS J 124 -25.07 58.12 20.97
N GLN J 125 -26.40 58.26 21.04
CA GLN J 125 -27.11 59.56 20.92
C GLN J 125 -26.60 60.56 21.97
N LEU J 126 -26.62 60.17 23.25
CA LEU J 126 -26.30 61.04 24.41
C LEU J 126 -24.80 61.35 24.43
N ARG J 127 -23.97 60.52 23.80
CA ARG J 127 -22.52 60.78 23.62
C ARG J 127 -21.90 61.13 24.97
N GLN J 128 -21.33 62.33 25.14
CA GLN J 128 -20.59 62.72 26.37
C GLN J 128 -21.51 63.46 27.36
N ASN J 129 -22.81 63.56 27.08
CA ASN J 129 -23.76 64.36 27.90
C ASN J 129 -24.38 63.50 28.99
N ALA J 130 -24.07 62.19 29.04
CA ALA J 130 -24.67 61.25 30.02
C ALA J 130 -23.69 60.15 30.37
N GLU J 131 -24.01 59.43 31.45
CA GLU J 131 -23.21 58.30 31.97
C GLU J 131 -24.15 57.15 32.29
N GLU J 132 -23.64 55.92 32.15
CA GLU J 132 -24.41 54.67 32.37
C GLU J 132 -24.55 54.44 33.88
N ASP J 133 -25.81 54.27 34.32
CA ASP J 133 -26.23 53.95 35.70
C ASP J 133 -25.73 52.55 36.07
N GLY J 134 -25.83 51.60 35.14
CA GLY J 134 -25.50 50.17 35.35
C GLY J 134 -26.74 49.29 35.41
N LYS J 135 -27.92 49.88 35.60
CA LYS J 135 -29.22 49.17 35.72
C LYS J 135 -30.11 49.50 34.51
N GLY J 136 -29.53 49.99 33.42
CA GLY J 136 -30.26 50.31 32.18
C GLY J 136 -30.66 51.79 32.09
N CYS J 137 -30.30 52.60 33.09
CA CYS J 137 -30.61 54.05 33.14
C CYS J 137 -29.40 54.87 32.68
N PHE J 138 -29.65 56.09 32.20
CA PHE J 138 -28.62 57.11 31.86
C PHE J 138 -28.85 58.33 32.75
N GLU J 139 -27.85 58.68 33.57
CA GLU J 139 -27.84 59.95 34.34
C GLU J 139 -27.39 61.04 33.35
N ILE J 140 -28.32 61.95 33.03
CA ILE J 140 -28.09 63.07 32.06
C ILE J 140 -27.59 64.28 32.85
N TYR J 141 -26.43 64.82 32.46
CA TYR J 141 -25.73 65.90 33.19
C TYR J 141 -26.12 67.26 32.62
N HIS J 142 -27.42 67.47 32.40
CA HIS J 142 -28.01 68.80 32.05
C HIS J 142 -29.51 68.79 32.30
N ALA J 143 -30.13 69.98 32.31
CA ALA J 143 -31.60 70.13 32.36
C ALA J 143 -32.19 69.48 31.12
N CYS J 144 -32.95 68.41 31.30
CA CYS J 144 -33.65 67.69 30.21
C CYS J 144 -35.16 67.73 30.52
N ASP J 145 -35.86 68.68 29.90
CA ASP J 145 -37.33 68.90 30.03
C ASP J 145 -38.04 67.87 29.15
N ASP J 146 -39.37 67.84 29.20
CA ASP J 146 -40.22 66.79 28.54
C ASP J 146 -39.99 66.85 27.02
N SER J 147 -39.62 68.01 26.47
CA SER J 147 -39.34 68.21 25.04
C SER J 147 -37.98 67.58 24.69
N CYS J 148 -37.00 67.70 25.59
CA CYS J 148 -35.64 67.09 25.49
C CYS J 148 -35.77 65.56 25.56
N MET J 149 -36.50 65.04 26.55
CA MET J 149 -36.75 63.58 26.75
C MET J 149 -37.40 63.00 25.49
N GLU J 150 -38.41 63.69 24.93
CA GLU J 150 -39.12 63.26 23.71
C GLU J 150 -38.13 63.20 22.55
N SER J 151 -37.14 64.10 22.52
CA SER J 151 -36.10 64.14 21.45
C SER J 151 -35.21 62.91 21.53
N ILE J 152 -34.95 62.40 22.74
CA ILE J 152 -34.12 61.17 22.96
C ILE J 152 -34.89 59.96 22.42
N ARG J 153 -36.18 59.86 22.77
CA ARG J 153 -37.07 58.74 22.35
C ARG J 153 -37.24 58.73 20.83
N ASN J 154 -37.27 59.91 20.19
CA ASN J 154 -37.59 60.09 18.76
C ASN J 154 -36.28 60.10 17.94
N ASN J 155 -35.14 59.88 18.58
CA ASN J 155 -33.79 59.83 17.93
C ASN J 155 -33.52 61.13 17.16
N THR J 156 -33.81 62.28 17.79
CA THR J 156 -33.56 63.65 17.23
C THR J 156 -32.74 64.51 18.20
N TYR J 157 -32.32 63.96 19.34
CA TYR J 157 -31.49 64.64 20.37
C TYR J 157 -30.12 64.94 19.77
N ASP J 158 -29.72 66.22 19.73
CA ASP J 158 -28.41 66.71 19.22
C ASP J 158 -27.50 66.99 20.42
N HIS J 159 -26.44 66.19 20.59
CA HIS J 159 -25.54 66.25 21.77
C HIS J 159 -24.82 67.60 21.86
N SER J 160 -24.45 68.19 20.70
CA SER J 160 -23.59 69.40 20.62
C SER J 160 -24.28 70.60 21.31
N GLN J 161 -25.61 70.66 21.30
CA GLN J 161 -26.37 71.78 21.94
C GLN J 161 -26.16 71.77 23.46
N TYR J 162 -26.06 70.63 24.15
CA TYR J 162 -25.96 70.57 25.63
C TYR J 162 -24.54 70.18 26.08
N ARG J 163 -23.60 70.00 25.15
CA ARG J 163 -22.26 69.41 25.42
C ARG J 163 -21.51 70.24 26.47
N GLU J 164 -21.38 71.56 26.26
CA GLU J 164 -20.56 72.48 27.11
C GLU J 164 -21.08 72.40 28.54
N GLU J 165 -22.41 72.53 28.73
CA GLU J 165 -23.08 72.46 30.05
C GLU J 165 -22.76 71.10 30.70
N ALA J 166 -22.91 70.02 29.94
CA ALA J 166 -22.83 68.61 30.41
C ALA J 166 -21.40 68.30 30.87
N LEU J 167 -20.39 68.59 30.03
CA LEU J 167 -18.97 68.30 30.34
C LEU J 167 -18.56 69.04 31.62
N LEU J 168 -19.05 70.26 31.83
CA LEU J 168 -18.77 71.06 33.06
C LEU J 168 -19.37 70.32 34.26
N ASN J 169 -20.65 69.93 34.18
CA ASN J 169 -21.37 69.23 35.27
C ASN J 169 -20.70 67.88 35.60
N ARG J 170 -20.13 67.21 34.60
CA ARG J 170 -19.53 65.85 34.76
C ARG J 170 -18.16 65.97 35.45
N LEU J 171 -17.33 66.91 34.98
CA LEU J 171 -15.96 67.16 35.53
C LEU J 171 -16.08 67.79 36.91
N ASN J 172 -17.08 68.65 37.14
CA ASN J 172 -17.36 69.29 38.44
C ASN J 172 -16.06 69.97 38.93
N ASP K 3 67.64 51.50 -5.64
CA ASP K 3 68.05 50.29 -6.43
C ASP K 3 67.15 49.12 -6.02
N LYS K 4 66.73 48.31 -6.99
CA LYS K 4 65.67 47.28 -6.81
C LYS K 4 66.21 45.95 -7.34
N ILE K 5 65.94 44.83 -6.65
CA ILE K 5 66.06 43.46 -7.25
C ILE K 5 64.70 42.77 -7.08
N CYS K 6 64.10 42.35 -8.20
CA CYS K 6 62.78 41.67 -8.23
C CYS K 6 62.99 40.19 -8.50
N LEU K 7 62.22 39.33 -7.84
CA LEU K 7 62.22 37.87 -8.11
C LEU K 7 60.94 37.51 -8.85
N GLY K 8 61.03 36.55 -9.77
CA GLY K 8 59.87 36.12 -10.56
C GLY K 8 60.05 34.74 -11.15
N HIS K 9 59.07 34.33 -11.96
CA HIS K 9 59.00 33.01 -12.63
C HIS K 9 58.54 33.20 -14.07
N HIS K 10 58.80 32.22 -14.92
CA HIS K 10 58.46 32.26 -16.37
C HIS K 10 56.95 32.16 -16.54
N ALA K 11 56.47 32.44 -17.75
CA ALA K 11 55.08 32.22 -18.20
C ALA K 11 55.13 31.96 -19.70
N VAL K 12 53.98 31.63 -20.29
CA VAL K 12 53.84 31.38 -21.75
C VAL K 12 52.51 31.98 -22.19
N ALA K 13 52.38 32.36 -23.46
CA ALA K 13 51.16 32.98 -24.02
C ALA K 13 50.07 31.92 -24.08
N ASN K 14 50.41 30.74 -24.61
CA ASN K 14 49.49 29.59 -24.87
C ASN K 14 49.70 28.54 -23.78
N GLY K 15 48.92 28.62 -22.69
CA GLY K 15 48.92 27.67 -21.57
C GLY K 15 48.05 26.46 -21.83
N THR K 16 48.07 25.48 -20.92
CA THR K 16 47.30 24.21 -21.00
C THR K 16 46.42 24.03 -19.76
N ILE K 17 45.17 23.60 -19.97
CA ILE K 17 44.18 23.34 -18.89
C ILE K 17 44.40 21.92 -18.36
N VAL K 18 44.44 21.75 -17.05
CA VAL K 18 44.55 20.44 -16.35
C VAL K 18 43.60 20.46 -15.15
N LYS K 19 43.24 19.29 -14.62
CA LYS K 19 42.35 19.12 -13.43
C LYS K 19 43.24 18.90 -12.20
N THR K 20 42.89 19.54 -11.08
CA THR K 20 43.52 19.37 -9.75
C THR K 20 42.46 18.86 -8.78
N LEU K 21 42.79 18.68 -7.51
CA LEU K 21 41.82 18.19 -6.48
C LEU K 21 40.69 19.21 -6.33
N THR K 22 40.99 20.50 -6.51
CA THR K 22 40.12 21.63 -6.11
C THR K 22 39.61 22.42 -7.32
N ASN K 23 40.21 22.28 -8.50
CA ASN K 23 39.90 23.14 -9.66
C ASN K 23 39.87 22.30 -10.95
N GLU K 24 38.78 22.41 -11.71
CA GLU K 24 38.50 21.67 -12.96
C GLU K 24 39.27 22.33 -14.12
N GLN K 25 39.50 23.64 -14.05
CA GLN K 25 40.03 24.49 -15.15
C GLN K 25 41.28 25.23 -14.66
N GLU K 26 42.39 24.53 -14.45
CA GLU K 26 43.66 25.12 -13.94
C GLU K 26 44.65 25.23 -15.11
N GLU K 27 45.08 26.45 -15.42
CA GLU K 27 46.03 26.73 -16.53
C GLU K 27 47.46 26.58 -16.02
N VAL K 28 48.28 25.79 -16.69
CA VAL K 28 49.72 25.56 -16.35
C VAL K 28 50.58 25.77 -17.60
N THR K 29 51.90 25.82 -17.46
CA THR K 29 52.85 26.20 -18.53
C THR K 29 52.97 25.07 -19.55
N ASN K 30 52.87 23.81 -19.11
CA ASN K 30 53.07 22.61 -19.96
C ASN K 30 52.30 21.45 -19.32
N ALA K 31 51.93 20.45 -20.11
CA ALA K 31 51.29 19.19 -19.63
C ALA K 31 51.57 18.08 -20.66
N THR K 32 51.43 16.82 -20.25
CA THR K 32 51.56 15.65 -21.15
C THR K 32 50.36 14.73 -20.91
N GLU K 33 49.97 13.99 -21.95
CA GLU K 33 48.82 13.05 -21.94
C GLU K 33 49.24 11.77 -21.19
N THR K 34 48.31 11.16 -20.44
CA THR K 34 48.49 9.86 -19.74
C THR K 34 47.64 8.74 -20.36
N VAL K 35 46.68 9.08 -21.22
CA VAL K 35 45.73 8.11 -21.85
C VAL K 35 45.98 8.04 -23.36
N GLU K 36 46.34 6.86 -23.88
CA GLU K 36 46.61 6.61 -25.32
C GLU K 36 45.29 6.41 -26.06
N SER K 37 45.08 7.14 -27.16
CA SER K 37 43.91 7.04 -28.09
C SER K 37 44.32 6.40 -29.43
N THR K 38 45.60 6.52 -29.81
CA THR K 38 46.16 6.08 -31.12
C THR K 38 46.49 4.60 -31.07
N SER K 39 46.17 3.86 -32.14
CA SER K 39 46.46 2.42 -32.33
C SER K 39 47.33 2.22 -33.58
N LEU K 40 48.00 1.09 -33.70
CA LEU K 40 48.67 0.58 -34.94
C LEU K 40 47.82 -0.57 -35.49
N ASN K 41 47.23 -0.44 -36.67
CA ASN K 41 46.41 -1.51 -37.31
C ASN K 41 47.34 -2.55 -37.96
N ARG K 42 48.28 -3.10 -37.19
CA ARG K 42 49.23 -4.17 -37.61
C ARG K 42 49.55 -5.03 -36.38
N LEU K 43 50.01 -6.26 -36.59
CA LEU K 43 50.51 -7.11 -35.48
C LEU K 43 52.05 -7.06 -35.50
N CYS K 44 52.62 -6.27 -34.60
CA CYS K 44 54.09 -6.09 -34.46
C CYS K 44 54.71 -7.39 -33.92
N MET K 45 55.44 -8.12 -34.77
CA MET K 45 55.87 -9.51 -34.52
C MET K 45 57.38 -9.65 -34.66
N LYS K 46 58.13 -8.56 -34.48
CA LYS K 46 59.61 -8.60 -34.46
C LYS K 46 60.05 -9.25 -33.15
N GLY K 47 61.09 -10.07 -33.20
CA GLY K 47 61.63 -10.82 -32.04
C GLY K 47 60.68 -11.89 -31.54
N ARG K 48 59.68 -12.26 -32.35
CA ARG K 48 58.65 -13.27 -32.02
C ARG K 48 58.68 -14.40 -33.05
N ASN K 49 58.90 -15.64 -32.62
CA ASN K 49 58.70 -16.88 -33.43
C ASN K 49 57.19 -17.13 -33.52
N HIS K 50 56.50 -16.38 -34.37
CA HIS K 50 55.01 -16.34 -34.49
C HIS K 50 54.54 -17.38 -35.51
N LYS K 51 53.25 -17.72 -35.46
CA LYS K 51 52.56 -18.64 -36.41
C LYS K 51 51.18 -18.05 -36.72
N ASP K 52 50.96 -17.60 -37.96
CA ASP K 52 49.66 -17.14 -38.46
C ASP K 52 48.87 -18.36 -38.97
N LEU K 53 47.79 -18.72 -38.27
CA LEU K 53 46.94 -19.89 -38.64
C LEU K 53 46.15 -19.57 -39.91
N GLY K 54 45.87 -18.30 -40.17
CA GLY K 54 45.05 -17.85 -41.31
C GLY K 54 43.71 -18.56 -41.31
N ASN K 55 43.50 -19.42 -42.30
CA ASN K 55 42.22 -20.12 -42.58
C ASN K 55 41.97 -21.21 -41.52
N CYS K 56 43.01 -21.67 -40.84
CA CYS K 56 42.98 -22.83 -39.88
C CYS K 56 42.54 -22.35 -38.48
N HIS K 57 41.55 -23.03 -37.89
CA HIS K 57 41.08 -22.81 -36.49
C HIS K 57 41.95 -23.65 -35.56
N PRO K 58 42.30 -23.16 -34.35
CA PRO K 58 43.25 -23.88 -33.49
C PRO K 58 42.83 -25.33 -33.21
N ILE K 59 41.54 -25.58 -32.96
CA ILE K 59 40.99 -26.94 -32.70
C ILE K 59 41.28 -27.84 -33.91
N GLY K 60 41.20 -27.27 -35.12
CA GLY K 60 41.45 -27.97 -36.39
C GLY K 60 42.84 -28.59 -36.45
N MET K 61 43.83 -28.03 -35.76
CA MET K 61 45.24 -28.52 -35.79
C MET K 61 45.30 -29.85 -35.04
N LEU K 62 44.39 -30.11 -34.10
CA LEU K 62 44.41 -31.31 -33.23
C LEU K 62 43.77 -32.49 -33.96
N ILE K 63 42.71 -32.23 -34.73
CA ILE K 63 41.92 -33.28 -35.45
C ILE K 63 42.40 -33.38 -36.89
N GLY K 64 43.05 -32.34 -37.41
CA GLY K 64 43.70 -32.37 -38.74
C GLY K 64 42.70 -32.14 -39.86
N THR K 65 42.00 -31.01 -39.84
CA THR K 65 41.15 -30.51 -40.94
C THR K 65 42.04 -30.23 -42.16
N PRO K 66 41.55 -30.45 -43.39
CA PRO K 66 42.31 -30.10 -44.60
C PRO K 66 42.99 -28.73 -44.54
N ALA K 67 42.25 -27.70 -44.11
CA ALA K 67 42.74 -26.30 -43.96
C ALA K 67 43.97 -26.23 -43.04
N CYS K 68 44.16 -27.18 -42.13
CA CYS K 68 45.19 -27.13 -41.06
C CYS K 68 46.37 -28.05 -41.36
N ASP K 69 46.53 -28.50 -42.61
CA ASP K 69 47.56 -29.51 -42.99
C ASP K 69 48.96 -28.95 -42.72
N LEU K 70 49.18 -27.67 -42.99
CA LEU K 70 50.49 -26.99 -42.79
C LEU K 70 50.76 -26.78 -41.29
N HIS K 71 49.72 -26.81 -40.45
CA HIS K 71 49.77 -26.42 -39.02
C HIS K 71 49.52 -27.62 -38.08
N LEU K 72 49.80 -28.85 -38.51
CA LEU K 72 49.52 -30.08 -37.70
C LEU K 72 50.51 -30.22 -36.55
N THR K 73 51.72 -29.65 -36.69
CA THR K 73 52.79 -29.65 -35.66
C THR K 73 53.59 -28.35 -35.77
N GLY K 74 54.62 -28.18 -34.93
CA GLY K 74 55.52 -27.01 -34.93
C GLY K 74 55.66 -26.39 -33.55
N THR K 75 56.53 -25.37 -33.44
CA THR K 75 56.78 -24.61 -32.19
C THR K 75 56.65 -23.11 -32.48
N TRP K 76 56.09 -22.35 -31.53
CA TRP K 76 55.87 -20.89 -31.64
C TRP K 76 55.88 -20.28 -30.23
N ASP K 77 56.04 -18.96 -30.12
CA ASP K 77 55.84 -18.21 -28.84
C ASP K 77 54.58 -17.35 -28.96
N THR K 78 54.06 -17.18 -30.18
CA THR K 78 52.84 -16.38 -30.47
C THR K 78 52.00 -17.12 -31.52
N LEU K 79 50.70 -17.23 -31.29
CA LEU K 79 49.77 -17.95 -32.20
C LEU K 79 48.60 -17.01 -32.53
N ILE K 80 48.33 -16.81 -33.83
CA ILE K 80 47.33 -15.81 -34.30
C ILE K 80 46.16 -16.55 -34.96
N GLU K 81 44.95 -16.41 -34.39
CA GLU K 81 43.69 -16.97 -34.91
C GLU K 81 42.96 -15.86 -35.67
N ARG K 82 42.31 -16.19 -36.79
CA ARG K 82 41.62 -15.22 -37.68
C ARG K 82 40.11 -15.46 -37.65
N LYS K 83 39.34 -14.57 -38.29
CA LYS K 83 37.86 -14.62 -38.33
C LYS K 83 37.44 -15.73 -39.31
N ASN K 84 36.37 -16.46 -38.98
CA ASN K 84 35.75 -17.50 -39.85
C ASN K 84 36.79 -18.58 -40.20
N ALA K 85 37.74 -18.84 -39.30
CA ALA K 85 38.72 -19.95 -39.41
C ALA K 85 37.96 -21.27 -39.38
N ILE K 86 38.40 -22.26 -40.15
CA ILE K 86 37.71 -23.58 -40.34
C ILE K 86 38.27 -24.59 -39.33
N ALA K 87 37.41 -25.17 -38.50
CA ALA K 87 37.73 -26.24 -37.54
C ALA K 87 37.14 -27.56 -38.07
N TYR K 88 35.87 -27.56 -38.48
CA TYR K 88 35.14 -28.79 -38.87
C TYR K 88 34.70 -28.71 -40.33
N CYS K 89 35.29 -29.55 -41.21
CA CYS K 89 34.87 -29.70 -42.61
C CYS K 89 33.49 -30.37 -42.62
N TYR K 90 33.37 -31.49 -41.91
CA TYR K 90 32.08 -32.21 -41.69
C TYR K 90 31.38 -31.56 -40.51
N PRO K 91 30.07 -31.28 -40.58
CA PRO K 91 29.39 -30.49 -39.54
C PRO K 91 29.43 -31.18 -38.16
N GLY K 92 29.64 -30.39 -37.10
CA GLY K 92 29.75 -30.87 -35.72
C GLY K 92 30.23 -29.77 -34.78
N ALA K 93 30.26 -30.09 -33.49
CA ALA K 93 30.71 -29.20 -32.40
C ALA K 93 31.63 -29.99 -31.47
N THR K 94 32.42 -29.29 -30.67
CA THR K 94 33.31 -29.88 -29.63
C THR K 94 32.73 -29.53 -28.26
N VAL K 95 32.55 -30.53 -27.39
CA VAL K 95 32.12 -30.32 -25.99
C VAL K 95 33.28 -29.63 -25.28
N ASN K 96 32.99 -28.54 -24.55
CA ASN K 96 34.00 -27.64 -23.93
C ASN K 96 34.90 -27.10 -25.04
N GLU K 97 34.29 -26.61 -26.12
CA GLU K 97 34.99 -26.02 -27.30
C GLU K 97 35.92 -24.91 -26.81
N GLU K 98 35.37 -23.97 -26.05
CA GLU K 98 36.08 -22.72 -25.65
C GLU K 98 37.25 -23.05 -24.73
N ALA K 99 37.05 -23.99 -23.79
CA ALA K 99 38.11 -24.49 -22.87
C ALA K 99 39.29 -25.02 -23.68
N LEU K 100 39.03 -25.80 -24.74
CA LEU K 100 40.07 -26.46 -25.58
C LEU K 100 40.81 -25.40 -26.38
N ARG K 101 40.09 -24.48 -27.02
CA ARG K 101 40.66 -23.38 -27.86
C ARG K 101 41.62 -22.56 -27.00
N GLN K 102 41.17 -22.14 -25.82
CA GLN K 102 41.97 -21.30 -24.87
C GLN K 102 43.27 -22.06 -24.52
N LYS K 103 43.17 -23.37 -24.32
CA LYS K 103 44.31 -24.24 -23.94
C LYS K 103 45.36 -24.26 -25.07
N ILE K 104 44.91 -24.33 -26.33
CA ILE K 104 45.78 -24.38 -27.53
C ILE K 104 46.47 -23.02 -27.70
N MET K 105 45.72 -21.93 -27.53
CA MET K 105 46.22 -20.54 -27.73
C MET K 105 47.25 -20.18 -26.64
N GLU K 106 47.15 -20.81 -25.47
CA GLU K 106 48.08 -20.66 -24.32
C GLU K 106 49.40 -21.38 -24.63
N SER K 107 49.37 -22.39 -25.49
CA SER K 107 50.52 -23.30 -25.77
C SER K 107 51.56 -22.59 -26.63
N GLY K 108 52.78 -23.14 -26.66
CA GLY K 108 53.90 -22.68 -27.51
C GLY K 108 54.38 -23.74 -28.47
N GLY K 109 53.47 -24.60 -28.97
CA GLY K 109 53.80 -25.68 -29.91
C GLY K 109 52.89 -26.90 -29.77
N ILE K 110 52.86 -27.75 -30.82
CA ILE K 110 52.13 -29.05 -30.83
C ILE K 110 53.05 -30.13 -31.41
N SER K 111 53.17 -31.27 -30.72
CA SER K 111 53.76 -32.54 -31.21
C SER K 111 52.63 -33.56 -31.37
N LYS K 112 52.77 -34.48 -32.32
CA LYS K 112 51.80 -35.59 -32.54
C LYS K 112 52.47 -36.92 -32.21
N ILE K 113 51.70 -37.87 -31.67
CA ILE K 113 52.15 -39.23 -31.27
C ILE K 113 51.12 -40.23 -31.81
N ASN K 114 51.59 -41.29 -32.47
CA ASN K 114 50.71 -42.36 -33.05
C ASN K 114 50.07 -43.13 -31.89
N THR K 115 48.77 -43.41 -31.98
CA THR K 115 48.00 -44.15 -30.96
C THR K 115 48.23 -45.65 -31.18
N GLY K 116 48.47 -46.05 -32.44
CA GLY K 116 48.83 -47.43 -32.84
C GLY K 116 47.61 -48.31 -33.11
N PHE K 117 46.40 -47.80 -32.82
CA PHE K 117 45.11 -48.54 -32.83
C PHE K 117 44.95 -49.36 -34.12
N THR K 118 44.62 -50.65 -33.96
CA THR K 118 44.35 -51.62 -35.05
C THR K 118 42.93 -52.20 -34.87
N TYR K 119 42.31 -52.61 -35.97
CA TYR K 119 40.90 -53.05 -36.06
C TYR K 119 40.80 -54.38 -36.83
N GLY K 120 39.74 -55.15 -36.56
CA GLY K 120 39.47 -56.44 -37.23
C GLY K 120 39.21 -56.26 -38.71
N SER K 121 39.06 -57.37 -39.45
CA SER K 121 38.74 -57.40 -40.89
C SER K 121 37.29 -56.95 -41.11
N SER K 122 36.40 -57.14 -40.12
CA SER K 122 34.97 -56.77 -40.20
C SER K 122 34.77 -55.26 -39.99
N ILE K 123 35.80 -54.52 -39.57
CA ILE K 123 35.76 -53.02 -39.45
C ILE K 123 36.49 -52.42 -40.66
N ASN K 124 35.90 -51.39 -41.29
CA ASN K 124 36.54 -50.53 -42.31
C ASN K 124 36.91 -49.19 -41.65
N SER K 125 38.21 -48.87 -41.62
CA SER K 125 38.80 -47.71 -40.90
C SER K 125 39.06 -46.55 -41.87
N ALA K 126 38.81 -46.73 -43.18
CA ALA K 126 39.20 -45.75 -44.22
C ALA K 126 37.96 -44.97 -44.71
N GLY K 127 36.89 -44.94 -43.90
CA GLY K 127 35.64 -44.24 -44.21
C GLY K 127 35.90 -42.74 -44.43
N THR K 128 35.52 -42.23 -45.61
CA THR K 128 35.75 -40.82 -46.00
C THR K 128 34.40 -40.13 -46.27
N THR K 129 34.44 -38.82 -46.53
CA THR K 129 33.25 -37.96 -46.81
C THR K 129 33.64 -36.91 -47.86
N LYS K 130 32.63 -36.32 -48.51
CA LYS K 130 32.82 -35.30 -49.58
C LYS K 130 32.99 -33.92 -48.92
N ALA K 131 32.61 -33.81 -47.64
CA ALA K 131 32.71 -32.57 -46.84
C ALA K 131 34.19 -32.25 -46.54
N CYS K 132 35.06 -33.26 -46.42
CA CYS K 132 36.52 -33.09 -46.15
C CYS K 132 37.33 -33.53 -47.38
N MET K 133 37.53 -32.64 -48.35
CA MET K 133 38.23 -32.94 -49.62
C MET K 133 39.74 -32.68 -49.45
N ARG K 134 40.56 -33.59 -49.98
CA ARG K 134 42.04 -33.50 -49.94
C ARG K 134 42.59 -34.13 -51.22
N ASN K 135 43.44 -33.39 -51.96
CA ASN K 135 44.06 -33.85 -53.23
C ASN K 135 42.99 -34.09 -54.29
N GLY K 136 41.87 -33.36 -54.21
CA GLY K 136 40.76 -33.45 -55.19
C GLY K 136 39.72 -34.51 -54.83
N GLY K 137 40.09 -35.56 -54.09
CA GLY K 137 39.23 -36.72 -53.76
C GLY K 137 38.70 -36.68 -52.34
N ASN K 138 37.64 -37.46 -52.05
CA ASN K 138 37.01 -37.59 -50.71
C ASN K 138 38.06 -38.05 -49.70
N SER K 139 37.97 -37.56 -48.45
CA SER K 139 38.96 -37.81 -47.37
C SER K 139 38.31 -37.55 -46.01
N PHE K 140 39.13 -37.59 -44.94
CA PHE K 140 38.67 -37.38 -43.55
C PHE K 140 39.71 -36.59 -42.76
N TYR K 141 39.37 -36.25 -41.51
CA TYR K 141 40.30 -35.65 -40.52
C TYR K 141 41.56 -36.52 -40.44
N ALA K 142 42.73 -35.89 -40.54
CA ALA K 142 44.05 -36.56 -40.69
C ALA K 142 44.44 -37.31 -39.42
N GLU K 143 43.91 -36.92 -38.26
CA GLU K 143 44.36 -37.46 -36.94
C GLU K 143 43.29 -38.40 -36.38
N LEU K 144 42.23 -38.67 -37.14
CA LEU K 144 41.13 -39.59 -36.75
C LEU K 144 40.83 -40.57 -37.89
N LYS K 145 40.14 -41.67 -37.57
CA LYS K 145 39.68 -42.69 -38.53
C LYS K 145 38.17 -42.90 -38.31
N TRP K 146 37.39 -42.91 -39.41
CA TRP K 146 35.94 -43.22 -39.38
C TRP K 146 35.77 -44.73 -39.47
N LEU K 147 35.34 -45.36 -38.37
CA LEU K 147 35.12 -46.83 -38.27
C LEU K 147 33.66 -47.13 -38.59
N VAL K 148 33.47 -47.99 -39.59
CA VAL K 148 32.14 -48.47 -40.09
C VAL K 148 32.27 -49.97 -40.39
N SER K 149 31.15 -50.71 -40.40
CA SER K 149 31.14 -52.17 -40.73
C SER K 149 31.46 -52.34 -42.22
N LYS K 150 32.28 -53.34 -42.57
CA LYS K 150 32.78 -53.54 -43.96
C LYS K 150 31.62 -54.04 -44.83
N ASN K 151 30.80 -54.95 -44.28
CA ASN K 151 29.60 -55.53 -44.91
C ASN K 151 28.41 -54.65 -44.49
N LYS K 152 27.86 -53.87 -45.43
CA LYS K 152 26.75 -52.91 -45.17
C LYS K 152 25.61 -53.63 -44.43
N GLY K 153 25.10 -53.04 -43.34
CA GLY K 153 23.95 -53.56 -42.57
C GLY K 153 24.37 -54.51 -41.46
N GLN K 154 25.55 -55.13 -41.58
CA GLN K 154 26.14 -56.06 -40.57
C GLN K 154 26.41 -55.29 -39.27
N ASN K 155 26.16 -55.92 -38.12
CA ASN K 155 26.46 -55.37 -36.77
C ASN K 155 27.96 -55.15 -36.61
N PHE K 156 28.33 -53.95 -36.15
CA PHE K 156 29.72 -53.54 -35.85
C PHE K 156 30.23 -54.36 -34.66
N PRO K 157 31.44 -54.97 -34.76
CA PRO K 157 31.97 -55.78 -33.66
C PRO K 157 32.29 -54.95 -32.41
N GLN K 158 32.08 -55.51 -31.22
CA GLN K 158 32.38 -54.88 -29.91
C GLN K 158 33.91 -54.84 -29.72
N THR K 159 34.58 -53.84 -30.29
CA THR K 159 36.06 -53.69 -30.25
C THR K 159 36.47 -52.89 -29.00
N THR K 160 37.71 -53.09 -28.54
CA THR K 160 38.33 -52.38 -27.40
C THR K 160 39.74 -51.93 -27.80
N ASN K 161 39.98 -50.61 -27.79
CA ASN K 161 41.30 -50.00 -28.08
C ASN K 161 41.75 -49.20 -26.84
N THR K 162 43.03 -49.30 -26.50
CA THR K 162 43.63 -48.69 -25.28
C THR K 162 44.92 -47.98 -25.66
N TYR K 163 44.99 -46.67 -25.40
CA TYR K 163 46.20 -45.84 -25.59
C TYR K 163 46.88 -45.65 -24.25
N ARG K 164 48.20 -45.89 -24.20
CA ARG K 164 49.05 -45.66 -23.00
C ARG K 164 49.99 -44.50 -23.30
N ASN K 165 50.18 -43.61 -22.32
CA ASN K 165 51.10 -42.44 -22.41
C ASN K 165 52.49 -42.89 -21.94
N ALA K 166 53.38 -43.17 -22.89
CA ALA K 166 54.77 -43.62 -22.66
C ALA K 166 55.68 -42.43 -22.31
N ASP K 167 55.19 -41.20 -22.55
CA ASP K 167 55.94 -39.92 -22.42
C ASP K 167 56.00 -39.50 -20.94
N THR K 168 56.76 -38.45 -20.64
CA THR K 168 56.94 -37.88 -19.27
C THR K 168 56.00 -36.67 -19.06
N ALA K 169 55.31 -36.21 -20.11
CA ALA K 169 54.40 -35.04 -20.11
C ALA K 169 52.97 -35.50 -20.48
N GLU K 170 51.95 -34.73 -20.09
CA GLU K 170 50.53 -35.05 -20.34
C GLU K 170 50.23 -34.93 -21.85
N HIS K 171 49.36 -35.80 -22.35
CA HIS K 171 48.94 -35.90 -23.77
C HIS K 171 47.45 -35.57 -23.89
N LEU K 172 47.08 -34.85 -24.93
CA LEU K 172 45.68 -34.42 -25.19
C LEU K 172 45.09 -35.35 -26.26
N ILE K 173 44.17 -36.22 -25.86
CA ILE K 173 43.51 -37.19 -26.79
C ILE K 173 42.13 -36.63 -27.17
N MET K 174 41.83 -36.62 -28.48
CA MET K 174 40.51 -36.22 -29.01
C MET K 174 39.89 -37.41 -29.74
N TRP K 175 38.58 -37.59 -29.59
CA TRP K 175 37.78 -38.56 -30.38
C TRP K 175 36.46 -37.90 -30.76
N GLY K 176 35.77 -38.49 -31.74
CA GLY K 176 34.45 -38.02 -32.20
C GLY K 176 33.41 -39.11 -32.06
N ILE K 177 32.15 -38.71 -31.96
CA ILE K 177 30.95 -39.60 -31.98
C ILE K 177 30.11 -39.18 -33.19
N HIS K 178 29.91 -40.08 -34.14
CA HIS K 178 29.06 -39.85 -35.34
C HIS K 178 27.59 -39.97 -34.91
N HIS K 179 26.75 -39.02 -35.31
CA HIS K 179 25.29 -38.98 -35.09
C HIS K 179 24.58 -39.09 -36.44
N PRO K 180 24.11 -40.29 -36.84
CA PRO K 180 23.45 -40.48 -38.13
C PRO K 180 22.16 -39.68 -38.33
N SER K 181 21.78 -39.43 -39.60
CA SER K 181 20.65 -38.57 -40.03
C SER K 181 19.32 -39.32 -40.02
N SER K 182 19.33 -40.65 -40.20
CA SER K 182 18.14 -41.52 -40.24
C SER K 182 18.44 -42.86 -39.57
N THR K 183 17.40 -43.65 -39.25
CA THR K 183 17.52 -45.05 -38.71
C THR K 183 18.14 -45.95 -39.78
N GLN K 184 17.80 -45.74 -41.05
CA GLN K 184 18.29 -46.53 -42.22
C GLN K 184 19.80 -46.36 -42.31
N GLU K 185 20.28 -45.12 -42.26
CA GLU K 185 21.72 -44.75 -42.34
C GLU K 185 22.49 -45.41 -41.18
N LYS K 186 21.92 -45.39 -39.97
CA LYS K 186 22.55 -45.98 -38.76
C LYS K 186 22.79 -47.47 -39.00
N ASN K 187 21.76 -48.17 -39.49
CA ASN K 187 21.73 -49.65 -39.65
C ASN K 187 22.77 -50.08 -40.71
N ASP K 188 22.91 -49.32 -41.79
CA ASP K 188 23.86 -49.66 -42.89
C ASP K 188 25.30 -49.54 -42.38
N LEU K 189 25.60 -48.57 -41.49
CA LEU K 189 26.99 -48.26 -41.03
C LEU K 189 27.38 -49.10 -39.82
N TYR K 190 26.53 -49.19 -38.79
CA TYR K 190 26.87 -49.79 -37.47
C TYR K 190 25.97 -50.98 -37.12
N GLY K 191 24.94 -51.26 -37.92
CA GLY K 191 24.04 -52.42 -37.73
C GLY K 191 22.82 -52.08 -36.90
N THR K 192 22.01 -53.10 -36.62
CA THR K 192 20.67 -53.00 -35.99
C THR K 192 20.79 -52.86 -34.47
N GLN K 193 21.91 -53.31 -33.88
CA GLN K 193 22.16 -53.33 -32.41
C GLN K 193 22.09 -51.90 -31.84
N SER K 194 21.75 -51.78 -30.54
CA SER K 194 21.84 -50.54 -29.74
C SER K 194 23.33 -50.16 -29.57
N LEU K 195 23.68 -48.91 -29.85
CA LEU K 195 25.09 -48.42 -29.86
C LEU K 195 25.45 -47.85 -28.49
N SER K 196 26.64 -48.16 -27.99
CA SER K 196 27.24 -47.59 -26.75
C SER K 196 28.74 -47.41 -26.95
N ILE K 197 29.24 -46.19 -26.75
CA ILE K 197 30.68 -45.85 -26.71
C ILE K 197 31.05 -45.46 -25.28
N SER K 198 31.85 -46.28 -24.60
CA SER K 198 32.38 -46.05 -23.24
C SER K 198 33.86 -45.68 -23.34
N VAL K 199 34.25 -44.58 -22.70
CA VAL K 199 35.65 -44.12 -22.59
C VAL K 199 36.04 -44.13 -21.11
N GLY K 200 37.25 -44.61 -20.80
CA GLY K 200 37.70 -44.84 -19.41
C GLY K 200 39.19 -44.66 -19.25
N SER K 201 39.59 -43.82 -18.28
CA SER K 201 40.98 -43.66 -17.79
C SER K 201 40.96 -43.61 -16.27
N SER K 202 42.10 -43.32 -15.61
CA SER K 202 42.19 -43.10 -14.14
C SER K 202 41.44 -41.83 -13.74
N THR K 203 41.46 -40.80 -14.59
CA THR K 203 41.00 -39.42 -14.29
C THR K 203 39.75 -39.05 -15.09
N TYR K 204 39.31 -39.90 -16.03
CA TYR K 204 38.17 -39.62 -16.94
C TYR K 204 37.33 -40.88 -17.14
N LYS K 205 36.01 -40.69 -17.25
CA LYS K 205 35.01 -41.76 -17.49
C LYS K 205 33.75 -41.14 -18.07
N ASN K 206 33.17 -41.74 -19.12
CA ASN K 206 31.98 -41.21 -19.81
C ASN K 206 31.41 -42.26 -20.76
N ASN K 207 30.07 -42.27 -20.92
CA ASN K 207 29.36 -43.05 -21.97
C ASN K 207 28.79 -42.07 -23.00
N PHE K 208 28.75 -42.49 -24.27
CA PHE K 208 28.21 -41.72 -25.41
C PHE K 208 27.26 -42.64 -26.20
N VAL K 209 26.01 -42.18 -26.38
CA VAL K 209 24.98 -42.82 -27.24
C VAL K 209 24.84 -41.97 -28.49
N PRO K 210 25.11 -42.51 -29.71
CA PRO K 210 24.82 -41.80 -30.95
C PRO K 210 23.32 -41.46 -31.05
N VAL K 211 22.98 -40.17 -31.04
CA VAL K 211 21.61 -39.65 -31.29
C VAL K 211 21.35 -39.72 -32.80
N VAL K 212 20.21 -40.30 -33.19
CA VAL K 212 19.82 -40.55 -34.62
C VAL K 212 18.46 -39.89 -34.84
N GLY K 213 18.39 -38.94 -35.77
CA GLY K 213 17.19 -38.11 -36.03
C GLY K 213 17.40 -37.16 -37.20
N ALA K 214 16.34 -36.87 -37.94
CA ALA K 214 16.36 -35.97 -39.12
C ALA K 214 16.69 -34.55 -38.68
N ARG K 215 17.54 -33.87 -39.45
CA ARG K 215 17.97 -32.47 -39.18
C ARG K 215 18.46 -31.83 -40.47
N PRO K 216 18.47 -30.48 -40.55
CA PRO K 216 18.96 -29.76 -41.73
C PRO K 216 20.35 -30.19 -42.20
N GLN K 217 20.64 -29.99 -43.48
CA GLN K 217 21.99 -30.19 -44.08
C GLN K 217 22.87 -28.98 -43.75
N VAL K 218 24.11 -29.23 -43.33
CA VAL K 218 25.21 -28.22 -43.20
C VAL K 218 26.41 -28.75 -44.00
N ASN K 219 26.94 -27.96 -44.94
CA ASN K 219 27.98 -28.41 -45.93
C ASN K 219 27.49 -29.67 -46.65
N GLY K 220 26.19 -29.76 -46.92
CA GLY K 220 25.53 -30.85 -47.68
C GLY K 220 25.54 -32.18 -46.93
N GLN K 221 25.51 -32.15 -45.60
CA GLN K 221 25.49 -33.36 -44.71
C GLN K 221 24.46 -33.17 -43.60
N SER K 222 23.50 -34.08 -43.46
CA SER K 222 22.51 -34.12 -42.35
C SER K 222 23.12 -34.81 -41.12
N GLY K 223 24.15 -35.64 -41.31
CA GLY K 223 24.92 -36.27 -40.23
C GLY K 223 25.76 -35.25 -39.47
N ARG K 224 26.07 -35.54 -38.20
CA ARG K 224 26.90 -34.68 -37.31
C ARG K 224 28.01 -35.53 -36.70
N ILE K 225 29.23 -35.00 -36.60
CA ILE K 225 30.34 -35.62 -35.82
C ILE K 225 30.74 -34.65 -34.71
N ASP K 226 30.32 -34.92 -33.49
CA ASP K 226 30.65 -34.12 -32.27
C ASP K 226 31.94 -34.66 -31.66
N PHE K 227 32.88 -33.77 -31.33
CA PHE K 227 34.21 -34.13 -30.76
C PHE K 227 34.19 -34.02 -29.24
N HIS K 228 34.96 -34.88 -28.59
CA HIS K 228 35.22 -34.87 -27.12
C HIS K 228 36.72 -34.99 -26.91
N TRP K 229 37.21 -34.55 -25.76
CA TRP K 229 38.65 -34.54 -25.46
C TRP K 229 38.87 -34.67 -23.95
N THR K 230 40.06 -35.12 -23.58
CA THR K 230 40.55 -35.23 -22.19
C THR K 230 42.07 -35.28 -22.21
N LEU K 231 42.69 -34.98 -21.08
CA LEU K 231 44.15 -35.10 -20.88
C LEU K 231 44.44 -36.49 -20.31
N VAL K 232 45.48 -37.15 -20.82
CA VAL K 232 45.96 -38.48 -20.34
C VAL K 232 47.31 -38.26 -19.66
N GLN K 233 47.38 -38.50 -18.34
CA GLN K 233 48.60 -38.23 -17.53
C GLN K 233 49.70 -39.22 -17.91
N PRO K 234 51.00 -38.88 -17.67
CA PRO K 234 52.10 -39.80 -17.96
C PRO K 234 51.92 -41.16 -17.27
N GLY K 235 52.13 -42.25 -18.02
CA GLY K 235 52.07 -43.63 -17.52
C GLY K 235 50.66 -44.19 -17.45
N ASP K 236 49.65 -43.37 -17.72
CA ASP K 236 48.21 -43.73 -17.60
C ASP K 236 47.70 -44.24 -18.95
N LYS K 237 46.64 -45.05 -18.95
CA LYS K 237 46.02 -45.59 -20.18
C LYS K 237 44.56 -45.09 -20.26
N ILE K 238 44.06 -44.92 -21.49
CA ILE K 238 42.63 -44.58 -21.77
C ILE K 238 42.08 -45.66 -22.70
N THR K 239 40.92 -46.23 -22.35
CA THR K 239 40.30 -47.39 -23.03
C THR K 239 38.98 -46.95 -23.69
N PHE K 240 38.82 -47.26 -24.98
CA PHE K 240 37.58 -47.06 -25.76
C PHE K 240 36.87 -48.41 -25.91
N SER K 241 35.74 -48.60 -25.24
CA SER K 241 34.77 -49.69 -25.51
C SER K 241 33.68 -49.12 -26.44
N HIS K 242 33.60 -49.61 -27.67
CA HIS K 242 32.62 -49.14 -28.68
C HIS K 242 32.09 -50.30 -29.52
N ASN K 243 30.83 -50.20 -29.96
CA ASN K 243 30.17 -51.16 -30.90
C ASN K 243 29.62 -50.37 -32.09
N GLY K 244 30.35 -49.32 -32.51
CA GLY K 244 30.01 -48.49 -33.70
C GLY K 244 29.57 -47.09 -33.30
N GLY K 245 29.94 -46.10 -34.11
CA GLY K 245 29.61 -44.69 -33.87
C GLY K 245 30.80 -43.91 -33.35
N LEU K 246 31.90 -44.59 -32.99
CA LEU K 246 33.14 -43.93 -32.52
C LEU K 246 33.97 -43.50 -33.73
N ILE K 247 34.43 -42.24 -33.73
CA ILE K 247 35.50 -41.72 -34.61
C ILE K 247 36.80 -41.75 -33.79
N ALA K 248 37.67 -42.73 -34.05
CA ALA K 248 38.80 -43.09 -33.19
C ALA K 248 40.02 -42.29 -33.59
N PRO K 249 40.89 -41.91 -32.64
CA PRO K 249 42.11 -41.17 -32.96
C PRO K 249 43.23 -42.05 -33.53
N SER K 250 43.80 -41.68 -34.68
CA SER K 250 45.06 -42.25 -35.24
C SER K 250 46.25 -41.69 -34.44
N ARG K 251 46.23 -40.38 -34.15
CA ARG K 251 47.29 -39.69 -33.37
C ARG K 251 46.68 -38.90 -32.21
N VAL K 252 47.42 -38.76 -31.11
CA VAL K 252 47.10 -37.84 -29.97
C VAL K 252 48.07 -36.65 -30.05
N SER K 253 47.72 -35.57 -29.37
CA SER K 253 48.46 -34.27 -29.43
C SER K 253 49.16 -34.04 -28.09
N LYS K 254 50.31 -33.38 -28.12
CA LYS K 254 51.05 -32.91 -26.93
C LYS K 254 51.31 -31.40 -27.08
N LEU K 255 50.76 -30.59 -26.19
CA LEU K 255 50.99 -29.11 -26.17
C LEU K 255 52.33 -28.84 -25.49
N ILE K 256 53.20 -28.04 -26.12
CA ILE K 256 54.60 -27.77 -25.65
C ILE K 256 54.68 -26.33 -25.13
N GLY K 257 55.08 -26.17 -23.87
CA GLY K 257 55.42 -24.87 -23.27
C GLY K 257 54.29 -23.86 -23.33
N ARG K 258 54.65 -22.58 -23.35
CA ARG K 258 53.77 -21.40 -23.20
C ARG K 258 53.93 -20.47 -24.40
N GLY K 259 52.84 -19.81 -24.77
CA GLY K 259 52.79 -18.83 -25.86
C GLY K 259 51.65 -17.82 -25.69
N LEU K 260 51.68 -16.77 -26.50
CA LEU K 260 50.68 -15.68 -26.47
C LEU K 260 49.66 -15.89 -27.58
N GLY K 261 48.38 -16.01 -27.22
CA GLY K 261 47.27 -16.24 -28.17
C GLY K 261 46.56 -14.95 -28.53
N ILE K 262 46.62 -14.55 -29.81
CA ILE K 262 46.01 -13.30 -30.34
C ILE K 262 44.89 -13.66 -31.32
N GLN K 263 43.69 -13.14 -31.06
CA GLN K 263 42.56 -13.12 -32.03
C GLN K 263 42.50 -11.72 -32.65
N SER K 264 42.88 -11.58 -33.93
CA SER K 264 42.90 -10.28 -34.64
C SER K 264 42.65 -10.47 -36.14
N GLU K 265 42.29 -9.39 -36.84
CA GLU K 265 42.09 -9.38 -38.31
C GLU K 265 43.24 -8.62 -38.98
N ALA K 266 44.17 -8.04 -38.21
CA ALA K 266 45.19 -7.08 -38.68
C ALA K 266 46.34 -7.82 -39.34
N PRO K 267 46.94 -7.23 -40.40
CA PRO K 267 48.12 -7.81 -41.04
C PRO K 267 49.35 -7.86 -40.13
N ILE K 268 50.30 -8.75 -40.45
CA ILE K 268 51.58 -8.92 -39.71
C ILE K 268 52.61 -7.94 -40.27
N ASP K 269 53.34 -7.28 -39.35
CA ASP K 269 54.50 -6.39 -39.65
C ASP K 269 55.68 -6.92 -38.83
N ASN K 270 56.72 -7.41 -39.51
CA ASN K 270 57.89 -8.06 -38.84
C ASN K 270 58.94 -7.01 -38.44
N SER K 271 58.70 -5.72 -38.71
CA SER K 271 59.67 -4.61 -38.49
C SER K 271 59.51 -4.03 -37.07
N CYS K 272 58.27 -3.82 -36.59
CA CYS K 272 57.98 -3.22 -35.25
C CYS K 272 57.83 -4.31 -34.18
N GLU K 273 58.15 -3.98 -32.93
CA GLU K 273 57.94 -4.81 -31.71
C GLU K 273 56.72 -4.29 -30.93
N SER K 274 56.08 -5.17 -30.16
CA SER K 274 54.96 -4.83 -29.24
C SER K 274 54.79 -5.95 -28.21
N LYS K 275 54.24 -5.62 -27.04
CA LYS K 275 53.92 -6.59 -25.97
C LYS K 275 52.42 -6.55 -25.68
N CYS K 276 51.67 -5.67 -26.35
CA CYS K 276 50.21 -5.46 -26.13
C CYS K 276 49.49 -5.55 -27.48
N PHE K 277 48.39 -6.31 -27.53
CA PHE K 277 47.61 -6.58 -28.76
C PHE K 277 46.12 -6.57 -28.46
N TRP K 278 45.31 -6.34 -29.49
CA TRP K 278 43.82 -6.39 -29.46
C TRP K 278 43.31 -6.67 -30.88
N ARG K 279 42.00 -6.87 -31.03
CA ARG K 279 41.33 -7.19 -32.32
C ARG K 279 41.89 -6.28 -33.41
N GLY K 280 41.94 -4.97 -33.13
CA GLY K 280 42.30 -3.89 -34.08
C GLY K 280 43.80 -3.79 -34.35
N GLY K 281 44.66 -4.39 -33.52
CA GLY K 281 46.11 -4.44 -33.79
C GLY K 281 46.97 -4.45 -32.53
N SER K 282 48.01 -3.61 -32.50
CA SER K 282 49.02 -3.48 -31.41
C SER K 282 48.93 -2.12 -30.73
N ILE K 283 49.58 -1.99 -29.56
CA ILE K 283 49.60 -0.79 -28.69
C ILE K 283 51.02 -0.64 -28.14
N ASN K 284 51.78 0.32 -28.68
CA ASN K 284 53.24 0.46 -28.45
C ASN K 284 53.53 1.61 -27.47
N THR K 285 52.52 2.14 -26.79
CA THR K 285 52.63 3.34 -25.91
C THR K 285 53.42 3.06 -24.63
N ARG K 286 54.16 4.07 -24.16
CA ARG K 286 54.84 4.06 -22.84
C ARG K 286 53.83 4.54 -21.79
N LEU K 287 52.69 5.11 -22.21
CA LEU K 287 51.66 5.71 -21.32
C LEU K 287 51.03 4.63 -20.45
N PRO K 288 50.54 4.97 -19.24
CA PRO K 288 50.02 3.98 -18.29
C PRO K 288 48.56 3.54 -18.51
N PHE K 289 47.80 4.31 -19.30
CA PHE K 289 46.35 4.06 -19.57
C PHE K 289 46.09 4.12 -21.08
N GLN K 290 44.92 3.62 -21.49
CA GLN K 290 44.49 3.52 -22.90
C GLN K 290 42.96 3.47 -22.91
N ASN K 291 42.32 3.95 -23.99
CA ASN K 291 40.84 3.89 -24.15
C ASN K 291 40.49 3.32 -25.53
N LEU K 292 41.29 2.39 -26.06
CA LEU K 292 41.07 1.72 -27.37
C LEU K 292 40.11 0.54 -27.23
N SER K 293 40.34 -0.34 -26.24
CA SER K 293 39.58 -1.59 -26.04
C SER K 293 39.80 -2.17 -24.65
N PRO K 294 38.73 -2.65 -23.97
CA PRO K 294 38.87 -3.43 -22.74
C PRO K 294 39.32 -4.88 -22.97
N ARG K 295 39.18 -5.40 -24.19
CA ARG K 295 39.70 -6.72 -24.62
C ARG K 295 41.11 -6.55 -25.18
N THR K 296 42.15 -6.75 -24.36
CA THR K 296 43.58 -6.71 -24.78
C THR K 296 44.29 -7.93 -24.19
N VAL K 297 45.48 -8.24 -24.71
CA VAL K 297 46.30 -9.42 -24.30
C VAL K 297 47.78 -9.02 -24.32
N GLY K 298 48.57 -9.57 -23.39
CA GLY K 298 49.99 -9.23 -23.17
C GLY K 298 50.17 -8.29 -22.00
N GLN K 299 51.33 -7.62 -21.94
CA GLN K 299 51.63 -6.55 -20.95
C GLN K 299 51.07 -5.24 -21.50
N CYS K 300 49.98 -4.73 -20.91
CA CYS K 300 49.13 -3.68 -21.51
C CYS K 300 48.88 -2.52 -20.54
N PRO K 301 48.77 -1.28 -21.07
CA PRO K 301 48.16 -0.18 -20.34
C PRO K 301 46.75 -0.59 -19.89
N LYS K 302 46.30 -0.08 -18.75
CA LYS K 302 44.97 -0.41 -18.19
C LYS K 302 43.92 0.40 -18.95
N TYR K 303 42.79 -0.24 -19.28
CA TYR K 303 41.66 0.43 -19.98
C TYR K 303 40.97 1.39 -19.00
N VAL K 304 40.69 2.62 -19.44
CA VAL K 304 39.96 3.66 -18.66
C VAL K 304 38.85 4.25 -19.55
N ASN K 305 37.78 4.77 -18.94
CA ASN K 305 36.66 5.46 -19.63
C ASN K 305 36.96 6.96 -19.69
N LYS K 306 38.04 7.36 -20.38
CA LYS K 306 38.49 8.78 -20.43
C LYS K 306 39.08 9.07 -21.81
N LYS K 307 38.59 10.10 -22.50
CA LYS K 307 39.20 10.59 -23.77
C LYS K 307 40.65 11.00 -23.47
N SER K 308 40.85 11.80 -22.42
CA SER K 308 42.15 12.46 -22.08
C SER K 308 42.29 12.69 -20.57
N LEU K 309 43.51 12.53 -20.05
CA LEU K 309 43.92 12.95 -18.68
C LEU K 309 45.28 13.65 -18.78
N MET K 310 45.28 14.98 -18.63
CA MET K 310 46.48 15.82 -18.81
C MET K 310 47.21 15.96 -17.46
N LEU K 311 48.50 15.61 -17.45
CA LEU K 311 49.38 15.64 -16.24
C LEU K 311 50.29 16.86 -16.32
N ALA K 312 50.10 17.85 -15.44
CA ALA K 312 50.91 19.08 -15.39
C ALA K 312 52.40 18.73 -15.31
N THR K 313 53.21 19.37 -16.15
CA THR K 313 54.69 19.24 -16.20
C THR K 313 55.33 20.63 -16.02
N GLY K 314 54.61 21.55 -15.39
CA GLY K 314 55.07 22.93 -15.14
C GLY K 314 54.15 23.66 -14.17
N MET K 315 54.58 24.82 -13.69
CA MET K 315 53.88 25.62 -12.65
C MET K 315 52.60 26.22 -13.25
N ARG K 316 51.75 26.80 -12.39
CA ARG K 316 50.61 27.67 -12.82
C ARG K 316 51.13 28.67 -13.84
N ASN K 317 50.38 28.89 -14.92
CA ASN K 317 50.67 29.93 -15.93
C ASN K 317 49.89 31.18 -15.52
N VAL K 318 50.60 32.25 -15.17
CA VAL K 318 50.01 33.58 -14.89
C VAL K 318 50.60 34.57 -15.89
N PRO K 319 49.89 34.88 -16.98
CA PRO K 319 50.44 35.72 -18.05
C PRO K 319 50.26 37.23 -17.78
N GLU K 320 50.99 38.07 -18.53
CA GLU K 320 51.01 39.56 -18.39
C GLU K 320 49.73 40.14 -19.01
N GLY L 1 48.54 30.33 -4.17
CA GLY L 1 48.23 28.91 -3.77
C GLY L 1 48.71 28.65 -2.35
N LEU L 2 49.14 27.42 -2.02
CA LEU L 2 49.56 27.04 -0.65
C LEU L 2 50.62 28.01 -0.12
N PHE L 3 51.64 28.35 -0.91
CA PHE L 3 52.86 29.07 -0.43
C PHE L 3 52.77 30.58 -0.73
N GLY L 4 51.77 30.99 -1.52
CA GLY L 4 51.43 32.42 -1.71
C GLY L 4 52.33 33.15 -2.70
N ALA L 5 53.38 32.52 -3.22
CA ALA L 5 54.37 33.17 -4.11
C ALA L 5 53.79 33.32 -5.52
N ILE L 6 53.39 32.21 -6.15
CA ILE L 6 52.91 32.19 -7.57
C ILE L 6 51.39 32.28 -7.55
N ALA L 7 50.83 33.10 -8.45
CA ALA L 7 49.42 33.55 -8.40
C ALA L 7 49.13 34.08 -6.99
N GLY L 8 50.12 34.73 -6.38
CA GLY L 8 50.03 35.33 -5.03
C GLY L 8 50.64 36.72 -5.02
N PHE L 9 51.62 36.97 -4.13
CA PHE L 9 52.25 38.30 -3.96
C PHE L 9 53.03 38.68 -5.22
N ILE L 10 53.55 37.69 -5.97
CA ILE L 10 54.04 37.90 -7.36
C ILE L 10 52.83 37.94 -8.30
N GLU L 11 52.56 39.10 -8.91
CA GLU L 11 51.28 39.39 -9.62
C GLU L 11 51.18 38.53 -10.90
N ASN L 12 52.29 38.28 -11.57
CA ASN L 12 52.29 37.51 -12.84
C ASN L 12 53.70 37.00 -13.18
N GLY L 13 53.78 36.09 -14.14
CA GLY L 13 55.07 35.54 -14.63
C GLY L 13 55.63 36.39 -15.75
N TRP L 14 56.84 36.03 -16.21
CA TRP L 14 57.63 36.80 -17.21
C TRP L 14 57.79 35.95 -18.47
N GLU L 15 57.10 36.29 -19.56
CA GLU L 15 57.25 35.58 -20.86
C GLU L 15 58.65 35.84 -21.43
N GLY L 16 59.24 36.99 -21.08
CA GLY L 16 60.61 37.37 -21.47
C GLY L 16 61.65 36.37 -21.01
N MET L 17 61.48 35.76 -19.84
CA MET L 17 62.48 34.85 -19.22
C MET L 17 62.28 33.44 -19.81
N VAL L 18 63.14 33.06 -20.76
CA VAL L 18 62.99 31.80 -21.55
C VAL L 18 64.17 30.85 -21.27
N ASP L 19 65.14 31.26 -20.44
CA ASP L 19 66.39 30.47 -20.15
C ASP L 19 66.29 29.82 -18.76
N GLY L 20 65.11 29.87 -18.10
CA GLY L 20 64.87 29.27 -16.77
C GLY L 20 63.46 29.49 -16.28
N TRP L 21 63.08 28.85 -15.17
CA TRP L 21 61.71 28.85 -14.61
C TRP L 21 61.55 30.01 -13.62
N TYR L 22 62.56 30.18 -12.78
CA TYR L 22 62.66 31.24 -11.75
C TYR L 22 63.87 32.11 -12.09
N GLY L 23 63.82 33.40 -11.72
CA GLY L 23 64.98 34.30 -11.87
C GLY L 23 64.74 35.69 -11.32
N PHE L 24 65.65 36.59 -11.66
CA PHE L 24 65.74 37.97 -11.12
C PHE L 24 65.66 38.98 -12.27
N ARG L 25 65.03 40.13 -12.03
CA ARG L 25 65.35 41.40 -12.76
C ARG L 25 65.76 42.46 -11.72
N HIS L 26 66.79 43.25 -12.04
CA HIS L 26 67.29 44.34 -11.17
C HIS L 26 67.23 45.67 -11.92
N GLN L 27 67.13 46.77 -11.17
CA GLN L 27 67.28 48.16 -11.68
C GLN L 27 68.24 48.90 -10.75
N ASN L 28 69.29 49.51 -11.32
CA ASN L 28 70.27 50.36 -10.59
C ASN L 28 70.64 51.54 -11.49
N ALA L 29 71.51 52.43 -11.02
CA ALA L 29 72.04 53.60 -11.77
C ALA L 29 72.50 53.13 -13.16
N GLN L 30 73.23 52.02 -13.17
CA GLN L 30 73.90 51.40 -14.35
C GLN L 30 72.90 50.95 -15.42
N GLY L 31 71.62 50.77 -15.07
CA GLY L 31 70.54 50.37 -15.99
C GLY L 31 69.77 49.15 -15.49
N THR L 32 69.22 48.35 -16.42
CA THR L 32 68.32 47.20 -16.15
C THR L 32 69.03 45.88 -16.51
N GLY L 33 68.58 44.75 -15.95
CA GLY L 33 69.11 43.40 -16.26
C GLY L 33 68.09 42.31 -15.95
N GLN L 34 68.29 41.10 -16.50
CA GLN L 34 67.46 39.89 -16.22
C GLN L 34 68.36 38.65 -16.26
N ALA L 35 68.17 37.70 -15.34
CA ALA L 35 68.99 36.46 -15.23
C ALA L 35 68.17 35.37 -14.55
N ALA L 36 68.22 34.15 -15.09
CA ALA L 36 67.52 32.96 -14.54
C ALA L 36 68.33 32.39 -13.38
N ASP L 37 67.65 31.77 -12.40
CA ASP L 37 68.29 30.98 -11.31
C ASP L 37 68.30 29.51 -11.73
N TYR L 38 69.49 28.91 -11.85
CA TYR L 38 69.68 27.51 -12.30
C TYR L 38 69.24 26.55 -11.18
N LYS L 39 69.83 26.67 -9.99
CA LYS L 39 69.68 25.71 -8.86
C LYS L 39 68.18 25.47 -8.58
N SER L 40 67.38 26.53 -8.51
CA SER L 40 65.93 26.47 -8.17
C SER L 40 65.12 25.95 -9.36
N THR L 41 65.51 26.32 -10.58
CA THR L 41 64.89 25.83 -11.84
C THR L 41 65.07 24.31 -11.93
N GLN L 42 66.30 23.83 -11.72
CA GLN L 42 66.68 22.40 -11.88
C GLN L 42 66.00 21.59 -10.76
N ALA L 43 65.81 22.18 -9.58
CA ALA L 43 65.14 21.54 -8.42
C ALA L 43 63.69 21.20 -8.80
N ALA L 44 63.01 22.12 -9.48
CA ALA L 44 61.60 21.96 -9.91
C ALA L 44 61.52 20.92 -11.03
N ILE L 45 62.41 21.02 -12.02
CA ILE L 45 62.44 20.11 -13.22
C ILE L 45 62.76 18.69 -12.75
N ASP L 46 63.71 18.53 -11.84
CA ASP L 46 64.12 17.19 -11.33
C ASP L 46 62.92 16.54 -10.65
N GLN L 47 62.13 17.28 -9.87
CA GLN L 47 60.96 16.74 -9.14
C GLN L 47 59.89 16.31 -10.14
N ILE L 48 59.71 17.03 -11.24
CA ILE L 48 58.68 16.69 -12.28
C ILE L 48 59.15 15.47 -13.08
N THR L 49 60.44 15.40 -13.43
CA THR L 49 61.07 14.21 -14.06
C THR L 49 60.75 12.96 -13.22
N GLY L 50 60.98 13.04 -11.91
CA GLY L 50 60.73 11.95 -10.95
C GLY L 50 59.30 11.44 -11.02
N LYS L 51 58.32 12.35 -11.10
CA LYS L 51 56.88 11.99 -11.23
C LYS L 51 56.67 11.22 -12.53
N LEU L 52 57.17 11.75 -13.64
CA LEU L 52 57.00 11.13 -14.97
C LEU L 52 57.61 9.73 -14.96
N ASN L 53 58.74 9.53 -14.29
CA ASN L 53 59.41 8.19 -14.20
C ASN L 53 58.47 7.20 -13.51
N ARG L 54 57.79 7.63 -12.44
CA ARG L 54 56.89 6.76 -11.63
C ARG L 54 55.60 6.49 -12.39
N ILE L 55 55.05 7.48 -13.10
CA ILE L 55 53.65 7.47 -13.62
C ILE L 55 53.61 6.91 -15.05
N ILE L 56 54.55 7.28 -15.91
CA ILE L 56 54.61 6.80 -17.33
C ILE L 56 55.24 5.40 -17.31
N LYS L 57 54.40 4.39 -17.13
CA LYS L 57 54.75 2.96 -16.85
C LYS L 57 53.48 2.10 -17.04
N LYS L 58 53.64 0.87 -17.51
CA LYS L 58 52.59 -0.18 -17.42
C LYS L 58 53.14 -1.33 -16.56
N THR L 59 52.28 -2.20 -16.05
CA THR L 59 52.68 -3.43 -15.31
C THR L 59 53.30 -4.41 -16.31
N ASN L 60 54.18 -5.29 -15.85
CA ASN L 60 54.85 -6.32 -16.70
C ASN L 60 54.08 -7.63 -16.61
N THR L 61 52.84 -7.60 -16.07
CA THR L 61 51.90 -8.76 -15.98
C THR L 61 51.38 -9.12 -17.37
N GLU L 62 51.55 -10.39 -17.76
CA GLU L 62 51.08 -10.96 -19.06
C GLU L 62 49.62 -11.41 -18.85
N PHE L 63 48.70 -10.86 -19.64
CA PHE L 63 47.26 -11.21 -19.59
C PHE L 63 46.89 -12.06 -20.82
N GLU L 64 46.04 -13.07 -20.62
CA GLU L 64 45.50 -13.92 -21.70
C GLU L 64 44.08 -13.46 -22.03
N SER L 65 43.58 -13.83 -23.21
CA SER L 65 42.17 -13.61 -23.64
C SER L 65 41.26 -14.49 -22.76
N ILE L 66 40.13 -13.96 -22.31
CA ILE L 66 39.06 -14.75 -21.61
C ILE L 66 37.73 -14.60 -22.36
N GLU L 67 37.54 -13.48 -23.08
CA GLU L 67 36.45 -13.29 -24.07
C GLU L 67 36.99 -13.66 -25.47
N SER L 68 36.20 -14.39 -26.27
CA SER L 68 36.54 -14.73 -27.68
C SER L 68 35.99 -13.65 -28.60
N GLU L 69 36.79 -13.21 -29.57
CA GLU L 69 36.40 -12.16 -30.56
C GLU L 69 35.44 -12.77 -31.58
N PHE L 70 35.70 -14.02 -31.99
CA PHE L 70 35.12 -14.65 -33.21
C PHE L 70 34.09 -15.75 -32.88
N SER L 71 33.60 -15.86 -31.64
CA SER L 71 32.61 -16.91 -31.25
C SER L 71 31.81 -16.48 -30.01
N GLU L 72 30.61 -17.04 -29.87
CA GLU L 72 29.69 -16.79 -28.73
C GLU L 72 30.25 -17.47 -27.47
N ILE L 73 30.32 -16.73 -26.36
CA ILE L 73 30.74 -17.27 -25.04
C ILE L 73 29.47 -17.71 -24.29
N ASP L 74 29.56 -18.74 -23.44
CA ASP L 74 28.45 -19.16 -22.55
C ASP L 74 27.85 -17.90 -21.92
N HIS L 75 26.53 -17.74 -21.94
CA HIS L 75 25.81 -16.51 -21.51
C HIS L 75 26.08 -16.22 -20.03
N GLN L 76 26.20 -17.24 -19.18
CA GLN L 76 26.31 -17.07 -17.70
C GLN L 76 27.71 -16.54 -17.38
N ILE L 77 28.75 -17.21 -17.89
CA ILE L 77 30.19 -16.84 -17.66
C ILE L 77 30.46 -15.50 -18.35
N GLY L 78 29.82 -15.25 -19.48
CA GLY L 78 29.91 -13.98 -20.22
C GLY L 78 29.45 -12.81 -19.38
N ASN L 79 28.34 -12.97 -18.65
CA ASN L 79 27.78 -11.94 -17.74
C ASN L 79 28.74 -11.70 -16.58
N VAL L 80 29.30 -12.77 -16.01
CA VAL L 80 30.29 -12.68 -14.88
C VAL L 80 31.51 -11.90 -15.38
N ILE L 81 32.04 -12.25 -16.54
CA ILE L 81 33.24 -11.57 -17.12
C ILE L 81 32.90 -10.09 -17.30
N ASN L 82 31.76 -9.79 -17.95
CA ASN L 82 31.31 -8.40 -18.23
C ASN L 82 31.25 -7.61 -16.92
N TRP L 83 30.65 -8.17 -15.87
CA TRP L 83 30.54 -7.52 -14.54
C TRP L 83 31.92 -7.25 -13.94
N THR L 84 32.82 -8.24 -14.00
CA THR L 84 34.21 -8.14 -13.47
C THR L 84 34.95 -7.02 -14.23
N LYS L 85 35.00 -7.10 -15.58
CA LYS L 85 35.77 -6.14 -16.41
C LYS L 85 35.27 -4.72 -16.18
N ASP L 86 33.95 -4.53 -16.08
CA ASP L 86 33.33 -3.20 -15.88
C ASP L 86 33.73 -2.70 -14.49
N SER L 87 33.80 -3.58 -13.49
CA SER L 87 34.17 -3.21 -12.10
C SER L 87 35.64 -2.80 -12.04
N ILE L 88 36.51 -3.56 -12.70
CA ILE L 88 37.97 -3.30 -12.76
C ILE L 88 38.19 -1.96 -13.47
N THR L 89 37.47 -1.71 -14.56
CA THR L 89 37.62 -0.48 -15.38
C THR L 89 37.17 0.74 -14.56
N ASP L 90 36.09 0.61 -13.77
CA ASP L 90 35.59 1.69 -12.88
C ASP L 90 36.69 2.05 -11.88
N ILE L 91 37.35 1.05 -11.29
CA ILE L 91 38.46 1.27 -10.31
C ILE L 91 39.61 1.99 -11.01
N TRP L 92 40.10 1.45 -12.14
CA TRP L 92 41.28 2.04 -12.82
C TRP L 92 40.97 3.47 -13.29
N THR L 93 39.74 3.72 -13.74
CA THR L 93 39.33 5.08 -14.21
C THR L 93 39.40 6.04 -13.02
N TYR L 94 38.89 5.60 -11.86
CA TYR L 94 38.88 6.39 -10.61
C TYR L 94 40.32 6.67 -10.15
N GLN L 95 41.15 5.62 -10.06
CA GLN L 95 42.57 5.73 -9.65
C GLN L 95 43.31 6.71 -10.59
N ALA L 96 43.09 6.60 -11.89
CA ALA L 96 43.76 7.45 -12.89
C ALA L 96 43.33 8.91 -12.70
N GLU L 97 42.03 9.17 -12.54
CA GLU L 97 41.46 10.52 -12.32
C GLU L 97 42.05 11.11 -11.03
N LEU L 98 42.16 10.30 -9.98
CA LEU L 98 42.66 10.75 -8.66
C LEU L 98 44.19 10.96 -8.73
N LEU L 99 44.93 10.02 -9.31
CA LEU L 99 46.40 10.12 -9.42
C LEU L 99 46.76 11.47 -10.04
N VAL L 100 46.22 11.75 -11.22
CA VAL L 100 46.61 12.95 -12.03
C VAL L 100 46.16 14.22 -11.31
N ALA L 101 44.95 14.26 -10.76
CA ALA L 101 44.43 15.42 -9.99
C ALA L 101 45.36 15.71 -8.81
N MET L 102 45.71 14.69 -8.04
CA MET L 102 46.56 14.80 -6.83
C MET L 102 47.97 15.25 -7.25
N GLU L 103 48.53 14.67 -8.31
CA GLU L 103 49.90 15.00 -8.78
C GLU L 103 49.93 16.41 -9.36
N ASN L 104 48.85 16.85 -10.00
CA ASN L 104 48.73 18.22 -10.56
C ASN L 104 48.75 19.22 -9.40
N GLN L 105 47.96 18.98 -8.35
CA GLN L 105 47.89 19.83 -7.14
C GLN L 105 49.30 19.95 -6.55
N HIS L 106 50.01 18.83 -6.42
CA HIS L 106 51.38 18.78 -5.85
C HIS L 106 52.37 19.56 -6.75
N THR L 107 52.34 19.33 -8.06
CA THR L 107 53.29 19.96 -9.02
C THR L 107 53.20 21.48 -8.90
N ILE L 108 51.96 21.98 -8.93
CA ILE L 108 51.65 23.44 -8.81
C ILE L 108 52.20 23.97 -7.49
N ASP L 109 51.90 23.31 -6.38
CA ASP L 109 52.28 23.79 -5.02
C ASP L 109 53.79 23.65 -4.83
N MET L 110 54.40 22.61 -5.40
CA MET L 110 55.87 22.40 -5.34
C MET L 110 56.57 23.58 -6.03
N ALA L 111 56.10 23.96 -7.22
CA ALA L 111 56.69 25.04 -8.04
C ALA L 111 56.55 26.37 -7.29
N ASP L 112 55.40 26.60 -6.65
CA ASP L 112 55.12 27.76 -5.75
C ASP L 112 56.17 27.77 -4.63
N SER L 113 56.41 26.62 -4.00
CA SER L 113 57.34 26.48 -2.86
C SER L 113 58.76 26.85 -3.29
N GLU L 114 59.17 26.48 -4.50
CA GLU L 114 60.57 26.73 -4.97
C GLU L 114 60.77 28.23 -5.16
N MET L 115 59.72 28.92 -5.60
CA MET L 115 59.71 30.40 -5.79
C MET L 115 59.92 31.05 -4.43
N LEU L 116 59.09 30.65 -3.45
CA LEU L 116 59.12 31.22 -2.08
C LEU L 116 60.51 30.96 -1.47
N ASN L 117 61.05 29.76 -1.60
CA ASN L 117 62.35 29.38 -0.98
C ASN L 117 63.48 30.25 -1.55
N LEU L 118 63.42 30.60 -2.84
CA LEU L 118 64.41 31.50 -3.46
C LEU L 118 64.27 32.89 -2.84
N TYR L 119 63.05 33.40 -2.75
CA TYR L 119 62.73 34.74 -2.18
C TYR L 119 63.24 34.82 -0.74
N GLU L 120 63.08 33.76 0.04
CA GLU L 120 63.50 33.73 1.47
C GLU L 120 65.02 33.71 1.55
N ARG L 121 65.68 32.98 0.65
CA ARG L 121 67.16 32.86 0.62
C ARG L 121 67.74 34.27 0.39
N VAL L 122 67.18 35.02 -0.55
CA VAL L 122 67.59 36.42 -0.90
C VAL L 122 67.28 37.36 0.28
N ARG L 123 66.07 37.30 0.84
CA ARG L 123 65.67 38.15 1.99
C ARG L 123 66.75 38.08 3.07
N LYS L 124 67.20 36.86 3.41
CA LYS L 124 68.11 36.60 4.54
C LYS L 124 69.53 37.05 4.18
N GLN L 125 69.92 36.92 2.91
CA GLN L 125 71.21 37.45 2.38
C GLN L 125 71.30 38.97 2.60
N LEU L 126 70.29 39.72 2.16
CA LEU L 126 70.27 41.21 2.18
C LEU L 126 70.13 41.72 3.62
N ARG L 127 69.62 40.89 4.53
CA ARG L 127 69.58 41.20 5.98
C ARG L 127 68.94 42.58 6.19
N GLN L 128 69.66 43.55 6.77
CA GLN L 128 69.10 44.88 7.12
C GLN L 128 69.37 45.91 6.02
N ASN L 129 69.94 45.48 4.88
CA ASN L 129 70.36 46.41 3.79
C ASN L 129 69.21 46.63 2.80
N ALA L 130 68.08 45.96 2.97
CA ALA L 130 66.93 46.03 2.03
C ALA L 130 65.61 45.85 2.77
N GLU L 131 64.51 46.19 2.08
CA GLU L 131 63.13 46.07 2.60
C GLU L 131 62.27 45.43 1.53
N GLU L 132 61.24 44.69 1.95
CA GLU L 132 60.31 43.95 1.06
C GLU L 132 59.33 44.95 0.42
N ASP L 133 59.27 44.93 -0.90
CA ASP L 133 58.41 45.77 -1.78
C ASP L 133 56.95 45.35 -1.56
N GLY L 134 56.70 44.05 -1.46
CA GLY L 134 55.34 43.48 -1.31
C GLY L 134 54.87 42.74 -2.55
N LYS L 135 55.55 42.97 -3.68
CA LYS L 135 55.24 42.33 -4.99
C LYS L 135 56.39 41.40 -5.39
N GLY L 136 57.25 41.00 -4.44
CA GLY L 136 58.37 40.08 -4.70
C GLY L 136 59.68 40.80 -4.99
N CYS L 137 59.71 42.14 -4.91
CA CYS L 137 60.95 42.94 -5.10
C CYS L 137 61.55 43.32 -3.75
N PHE L 138 62.85 43.61 -3.74
CA PHE L 138 63.60 44.17 -2.58
C PHE L 138 64.13 45.55 -2.98
N GLU L 139 63.71 46.59 -2.26
CA GLU L 139 64.31 47.94 -2.38
C GLU L 139 65.61 47.93 -1.58
N ILE L 140 66.74 48.02 -2.28
CA ILE L 140 68.11 47.98 -1.69
C ILE L 140 68.52 49.42 -1.38
N TYR L 141 68.88 49.69 -0.12
CA TYR L 141 69.16 51.05 0.39
C TYR L 141 70.68 51.32 0.30
N HIS L 142 71.30 50.99 -0.83
CA HIS L 142 72.69 51.39 -1.16
C HIS L 142 72.92 51.27 -2.66
N ALA L 143 74.01 51.86 -3.15
CA ALA L 143 74.50 51.72 -4.53
C ALA L 143 74.84 50.24 -4.75
N CYS L 144 74.10 49.57 -5.61
CA CYS L 144 74.33 48.14 -5.97
C CYS L 144 74.56 48.09 -7.47
N ASP L 145 75.84 48.04 -7.87
CA ASP L 145 76.29 47.98 -9.29
C ASP L 145 76.10 46.54 -9.80
N ASP L 146 76.37 46.32 -11.10
CA ASP L 146 76.12 45.02 -11.78
C ASP L 146 76.91 43.90 -11.11
N SER L 147 78.07 44.22 -10.50
CA SER L 147 78.94 43.25 -9.79
C SER L 147 78.30 42.89 -8.44
N CYS L 148 77.67 43.86 -7.77
CA CYS L 148 76.91 43.71 -6.49
C CYS L 148 75.69 42.83 -6.75
N MET L 149 74.89 43.15 -7.79
CA MET L 149 73.67 42.39 -8.18
C MET L 149 74.04 40.94 -8.48
N GLU L 150 75.13 40.72 -9.22
CA GLU L 150 75.62 39.36 -9.56
C GLU L 150 75.98 38.62 -8.26
N SER L 151 76.49 39.31 -7.25
CA SER L 151 76.87 38.71 -5.94
C SER L 151 75.61 38.22 -5.20
N ILE L 152 74.48 38.91 -5.37
CA ILE L 152 73.17 38.54 -4.74
C ILE L 152 72.69 37.25 -5.39
N ARG L 153 72.72 37.19 -6.73
CA ARG L 153 72.28 36.03 -7.53
C ARG L 153 73.14 34.80 -7.23
N ASN L 154 74.44 35.00 -6.98
CA ASN L 154 75.46 33.93 -6.81
C ASN L 154 75.59 33.56 -5.32
N ASN L 155 74.77 34.15 -4.45
CA ASN L 155 74.76 33.90 -3.00
C ASN L 155 76.15 34.13 -2.39
N THR L 156 76.81 35.24 -2.75
CA THR L 156 78.15 35.66 -2.24
C THR L 156 78.11 37.09 -1.68
N TYR L 157 76.93 37.75 -1.69
CA TYR L 157 76.73 39.12 -1.17
C TYR L 157 76.94 39.13 0.34
N ASP L 158 77.88 39.93 0.83
CA ASP L 158 78.22 40.12 2.27
C ASP L 158 77.54 41.41 2.75
N HIS L 159 76.56 41.29 3.64
CA HIS L 159 75.72 42.43 4.11
C HIS L 159 76.58 43.46 4.87
N SER L 160 77.58 43.01 5.63
CA SER L 160 78.39 43.84 6.55
C SER L 160 79.11 44.97 5.79
N GLN L 161 79.50 44.72 4.54
CA GLN L 161 80.18 45.70 3.65
C GLN L 161 79.32 46.96 3.46
N TYR L 162 78.01 46.82 3.26
CA TYR L 162 77.10 47.94 2.89
C TYR L 162 76.17 48.32 4.07
N ARG L 163 76.33 47.68 5.23
CA ARG L 163 75.37 47.80 6.36
C ARG L 163 75.25 49.26 6.83
N GLU L 164 76.39 49.90 7.14
CA GLU L 164 76.43 51.28 7.72
C GLU L 164 75.75 52.24 6.75
N GLU L 165 76.08 52.18 5.46
CA GLU L 165 75.47 53.01 4.38
C GLU L 165 73.95 52.79 4.38
N ALA L 166 73.52 51.53 4.40
CA ALA L 166 72.12 51.09 4.23
C ALA L 166 71.26 51.54 5.40
N LEU L 167 71.71 51.28 6.64
CA LEU L 167 70.96 51.66 7.87
C LEU L 167 70.77 53.18 7.93
N LEU L 168 71.75 53.95 7.46
CA LEU L 168 71.66 55.43 7.40
C LEU L 168 70.57 55.82 6.41
N ASN L 169 70.59 55.25 5.19
CA ASN L 169 69.62 55.53 4.11
C ASN L 169 68.21 55.13 4.53
N ARG L 170 68.06 54.08 5.34
CA ARG L 170 66.74 53.52 5.75
C ARG L 170 66.12 54.43 6.82
N LEU L 171 66.91 54.81 7.82
CA LEU L 171 66.48 55.70 8.94
C LEU L 171 66.27 57.13 8.41
N ASN L 172 67.10 57.57 7.48
CA ASN L 172 67.01 58.91 6.83
C ASN L 172 66.93 59.97 7.93
C1 NAG M . -49.06 -27.51 -38.00
C2 NAG M . -49.53 -28.40 -36.83
C3 NAG M . -50.18 -27.68 -35.61
C4 NAG M . -49.93 -26.18 -35.50
C5 NAG M . -49.57 -25.47 -36.83
C6 NAG M . -49.01 -24.07 -36.54
C7 NAG M . -51.75 -29.25 -37.88
C8 NAG M . -52.43 -27.91 -38.04
N2 NAG M . -50.50 -29.38 -37.36
O1 NAG M . -47.98 -28.17 -38.64
O3 NAG M . -49.72 -28.30 -34.39
O4 NAG M . -51.11 -25.59 -34.93
O5 NAG M . -48.60 -26.23 -37.56
O6 NAG M . -48.01 -23.69 -37.49
O7 NAG M . -52.34 -30.26 -38.25
C1 GAL M . -50.99 -25.26 -33.55
C2 GAL M . -52.33 -24.75 -32.99
C3 GAL M . -52.35 -24.63 -31.46
C4 GAL M . -51.57 -25.73 -30.73
C5 GAL M . -50.24 -25.97 -31.45
C6 GAL M . -49.36 -27.01 -30.77
O2 GAL M . -52.58 -23.45 -33.55
O3 GAL M . -53.71 -24.66 -31.03
O4 GAL M . -52.31 -26.95 -30.70
O5 GAL M . -50.57 -26.39 -32.78
O6 GAL M . -48.11 -27.04 -31.46
C1 SIA M . -46.21 -26.00 -30.35
C2 SIA M . -46.95 -27.32 -30.65
C3 SIA M . -46.00 -28.27 -31.41
C4 SIA M . -44.94 -28.85 -30.49
C5 SIA M . -45.57 -29.57 -29.29
C6 SIA M . -46.39 -28.49 -28.58
C7 SIA M . -47.10 -28.82 -27.27
C8 SIA M . -48.12 -27.74 -26.85
C9 SIA M . -48.66 -28.10 -25.46
C10 SIA M . -44.40 -30.76 -27.42
C11 SIA M . -43.05 -30.93 -26.76
N5 SIA M . -44.43 -29.94 -28.47
O1A SIA M . -45.49 -25.50 -31.25
O1B SIA M . -46.30 -25.43 -29.25
O4 SIA M . -44.08 -29.69 -31.26
O6 SIA M . -47.41 -28.05 -29.48
O7 SIA M . -47.80 -30.04 -27.41
O8 SIA M . -47.51 -26.42 -26.86
O9 SIA M . -49.62 -27.14 -24.99
O10 SIA M . -45.37 -31.36 -27.00
C1 GAL N . 40.81 -63.57 -6.82
C2 GAL N . 40.81 -63.95 -8.29
C3 GAL N . 41.13 -62.71 -9.11
C4 GAL N . 40.30 -61.48 -8.71
C5 GAL N . 39.75 -61.45 -7.25
C6 GAL N . 38.37 -60.76 -7.13
O1 GAL N . 40.74 -64.74 -5.98
O2 GAL N . 41.74 -65.02 -8.56
O3 GAL N . 40.95 -63.02 -10.50
O4 GAL N . 39.23 -61.34 -9.64
O5 GAL N . 39.66 -62.75 -6.63
O6 GAL N . 37.58 -61.33 -6.07
C1 SIA N . 37.45 -59.36 -4.61
C2 SIA N . 36.69 -60.49 -5.28
C3 SIA N . 36.07 -61.40 -4.21
C4 SIA N . 34.85 -60.75 -3.56
C5 SIA N . 33.83 -60.35 -4.61
C6 SIA N . 34.49 -59.35 -5.55
C7 SIA N . 33.56 -58.91 -6.68
C8 SIA N . 34.32 -58.12 -7.76
C9 SIA N . 33.38 -57.48 -8.75
C10 SIA N . 31.50 -60.08 -3.87
C11 SIA N . 30.58 -59.26 -3.02
N5 SIA N . 32.78 -59.68 -3.87
O1A SIA N . 38.41 -59.67 -3.85
O1B SIA N . 37.13 -58.17 -4.82
O4 SIA N . 34.24 -61.66 -2.66
O6 SIA N . 35.67 -59.94 -6.13
O7 SIA N . 32.95 -60.06 -7.29
O8 SIA N . 35.10 -57.06 -7.17
O9 SIA N . 34.14 -56.75 -9.72
O10 SIA N . 31.09 -61.03 -4.51
C1 NAG O . 46.38 -20.43 -13.57
C2 NAG O . 46.66 -21.44 -14.70
C3 NAG O . 47.70 -22.51 -14.39
C4 NAG O . 48.87 -21.99 -13.56
C5 NAG O . 48.42 -21.04 -12.46
C6 NAG O . 49.55 -20.19 -11.89
C7 NAG O . 44.92 -21.85 -16.33
C8 NAG O . 43.49 -22.25 -16.49
N2 NAG O . 45.36 -21.98 -15.08
O3 NAG O . 48.23 -22.97 -15.66
O4 NAG O . 49.61 -23.10 -13.02
O5 NAG O . 47.62 -20.03 -13.00
O6 NAG O . 49.91 -19.27 -12.91
O7 NAG O . 45.59 -21.41 -17.25
C1 NAG O . 51.00 -22.92 -13.31
C2 NAG O . 51.84 -23.83 -12.40
C3 NAG O . 53.28 -24.08 -12.87
C4 NAG O . 53.44 -24.10 -14.39
C5 NAG O . 52.65 -22.92 -14.98
C6 NAG O . 52.79 -22.67 -16.48
C7 NAG O . 51.00 -23.53 -10.13
C8 NAG O . 51.14 -22.78 -8.83
N2 NAG O . 51.87 -23.21 -11.09
O3 NAG O . 53.73 -25.35 -12.39
O4 NAG O . 54.85 -24.10 -14.70
O5 NAG O . 51.27 -23.15 -14.69
O6 NAG O . 51.79 -21.73 -16.88
O7 NAG O . 50.11 -24.37 -10.28
C1 NAG P . -10.15 -38.42 -11.42
C2 NAG P . -9.05 -39.14 -12.24
C3 NAG P . -7.85 -39.64 -11.41
C4 NAG P . -7.53 -38.71 -10.23
C5 NAG P . -8.82 -38.51 -9.43
C6 NAG P . -8.64 -37.83 -8.07
C7 NAG P . -9.22 -41.09 -13.83
C8 NAG P . -10.11 -42.21 -14.30
N2 NAG P . -9.73 -40.29 -12.86
O1 NAG P . -10.77 -37.45 -12.27
O3 NAG P . -6.72 -39.76 -12.28
O4 NAG P . -6.50 -39.23 -9.38
O5 NAG P . -9.69 -37.73 -10.26
O6 NAG P . -7.99 -36.56 -8.17
O7 NAG P . -8.12 -40.94 -14.30
C1 GAL P . -5.29 -38.43 -9.35
C2 GAL P . -4.34 -38.79 -8.18
C3 GAL P . -3.03 -39.49 -8.59
C4 GAL P . -2.37 -38.91 -9.84
C5 GAL P . -3.35 -38.01 -10.62
C6 GAL P . -3.02 -37.81 -12.09
O2 GAL P . -3.94 -37.59 -7.51
O3 GAL P . -3.29 -40.89 -8.82
O4 GAL P . -1.91 -40.01 -10.64
O5 GAL P . -4.62 -38.61 -10.59
O6 GAL P . -4.19 -37.37 -12.79
C1 SIA P . -3.63 -35.25 -13.64
C2 SIA P . -3.92 -36.68 -14.02
C3 SIA P . -5.09 -36.75 -15.03
C4 SIA P . -4.65 -36.18 -16.39
C5 SIA P . -3.44 -36.97 -16.88
C6 SIA P . -2.30 -36.84 -15.86
C7 SIA P . -1.01 -37.59 -16.20
C8 SIA P . -0.01 -37.72 -15.03
C9 SIA P . 1.34 -38.26 -15.52
C10 SIA P . -2.51 -36.83 -19.14
C11 SIA P . -2.27 -35.91 -20.31
N5 SIA P . -3.10 -36.27 -18.10
O1A SIA P . -2.46 -34.93 -13.33
O1B SIA P . -4.56 -34.42 -13.61
O4 SIA P . -5.69 -36.16 -17.39
O6 SIA P . -2.78 -37.33 -14.61
O7 SIA P . -1.31 -38.91 -16.68
O8 SIA P . 0.26 -36.48 -14.37
O9 SIA P . 2.31 -38.15 -14.48
O10 SIA P . -2.18 -38.01 -19.16
C1 NAG Q . 28.04 -16.44 -1.17
C2 NAG Q . 27.81 -17.78 -0.48
C3 NAG Q . 26.36 -17.89 0.00
C4 NAG Q . 25.96 -16.74 0.93
C5 NAG Q . 26.44 -15.39 0.35
C6 NAG Q . 26.40 -14.27 1.38
C7 NAG Q . 28.89 -19.94 -1.08
C8 NAG Q . 28.86 -20.99 -2.15
N2 NAG Q . 28.07 -18.91 -1.36
O3 NAG Q . 26.22 -19.15 0.66
O4 NAG Q . 24.53 -16.74 1.13
O5 NAG Q . 27.78 -15.45 -0.16
O6 NAG Q . 27.16 -14.63 2.55
O7 NAG Q . 29.57 -20.05 -0.06
C1 NAG Q . 24.11 -16.70 2.53
C2 NAG Q . 22.69 -16.11 2.61
C3 NAG Q . 22.00 -16.32 3.95
C4 NAG Q . 22.11 -17.78 4.37
C5 NAG Q . 23.61 -18.09 4.46
C6 NAG Q . 23.91 -19.46 5.08
C7 NAG Q . 22.61 -14.18 1.09
C8 NAG Q . 22.75 -12.67 0.99
N2 NAG Q . 22.76 -14.68 2.32
O3 NAG Q . 20.61 -15.95 3.88
O4 NAG Q . 21.41 -18.00 5.60
O5 NAG Q . 24.17 -17.99 3.15
O6 NAG Q . 25.00 -19.36 5.98
O7 NAG Q . 22.40 -14.88 0.12
C1 NAG R . -35.09 -52.38 10.81
C2 NAG R . -36.30 -51.59 10.31
C3 NAG R . -36.03 -50.12 9.95
C4 NAG R . -34.78 -49.50 10.58
C5 NAG R . -33.72 -50.49 11.05
C6 NAG R . -32.66 -49.82 11.93
C7 NAG R . -36.17 -52.46 7.92
C8 NAG R . -34.72 -52.14 7.66
N2 NAG R . -36.79 -52.21 9.08
O1 NAG R . -35.57 -53.58 11.41
O3 NAG R . -37.17 -49.33 10.32
O4 NAG R . -34.20 -48.70 9.54
O5 NAG R . -34.33 -51.59 11.74
O6 NAG R . -33.24 -49.21 13.08
O7 NAG R . -36.78 -52.98 7.02
C1 GAL R . -34.68 -47.36 9.49
C2 GAL R . -34.02 -46.60 8.33
C3 GAL R . -34.37 -45.14 8.51
C4 GAL R . -35.89 -44.95 8.57
C5 GAL R . -36.55 -45.93 9.56
C6 GAL R . -38.09 -45.87 9.53
O2 GAL R . -32.60 -46.76 8.30
O3 GAL R . -33.77 -44.38 7.45
O4 GAL R . -36.47 -45.11 7.27
O5 GAL R . -36.09 -47.26 9.29
O6 GAL R . -38.65 -46.79 10.46
C1 SIA R . -38.91 -45.44 12.41
C2 SIA R . -39.65 -46.25 11.36
C3 SIA R . -40.46 -47.38 12.04
C4 SIA R . -41.64 -46.84 12.85
C5 SIA R . -42.52 -45.89 12.03
C6 SIA R . -41.64 -44.84 11.34
C7 SIA R . -42.34 -43.87 10.39
C8 SIA R . -41.33 -43.16 9.48
C9 SIA R . -41.98 -42.18 8.51
C10 SIA R . -44.52 -44.51 12.80
C11 SIA R . -45.24 -43.90 13.98
N5 SIA R . -43.39 -45.22 13.02
O1A SIA R . -38.32 -46.04 13.35
O1B SIA R . -38.88 -44.19 12.31
O4 SIA R . -42.43 -47.94 13.33
O6 SIA R . -40.58 -45.46 10.61
O7 SIA R . -43.33 -44.53 9.60
O8 SIA R . -40.38 -42.46 10.30
O9 SIA R . -41.03 -41.69 7.56
O10 SIA R . -44.98 -44.34 11.69
C1 NAG S . -30.60 -7.49 4.23
C2 NAG S . -30.30 -8.45 3.06
C3 NAG S . -29.29 -9.53 3.42
C4 NAG S . -28.03 -9.00 4.08
C5 NAG S . -28.29 -7.87 5.09
C6 NAG S . -26.98 -7.07 5.20
C7 NAG S . -31.87 -9.09 1.24
C8 NAG S . -33.23 -9.64 0.95
N2 NAG S . -31.53 -9.06 2.55
O3 NAG S . -28.84 -10.16 2.21
O4 NAG S . -27.38 -10.11 4.73
O5 NAG S . -29.36 -6.97 4.74
O6 NAG S . -27.14 -5.85 5.89
O7 NAG S . -31.17 -8.67 0.32
C1 NAG S . -25.94 -10.13 4.51
C2 NAG S . -25.23 -10.66 5.76
C3 NAG S . -23.72 -10.71 5.54
C4 NAG S . -23.40 -11.50 4.27
C5 NAG S . -24.19 -10.93 3.10
C6 NAG S . -23.94 -11.70 1.83
C7 NAG S . -26.21 -10.26 8.01
C8 NAG S . -26.21 -9.35 9.20
N2 NAG S . -25.47 -9.87 6.96
O3 NAG S . -23.05 -11.31 6.66
O4 NAG S . -21.98 -11.43 4.04
O5 NAG S . -25.59 -10.96 3.40
O6 NAG S . -24.01 -10.79 0.72
O7 NAG S . -26.84 -11.30 8.00
C1 NAG T . -49.56 -3.59 16.25
C2 NAG T . -49.91 -5.00 16.72
C3 NAG T . -51.34 -5.06 17.22
C4 NAG T . -51.58 -4.06 18.35
C5 NAG T . -51.07 -2.66 18.00
C6 NAG T . -50.96 -1.79 19.25
C7 NAG T . -48.97 -6.99 15.65
C8 NAG T . -49.13 -7.88 14.45
N2 NAG T . -49.82 -5.96 15.65
O3 NAG T . -51.59 -6.41 17.66
O4 NAG T . -52.99 -3.99 18.65
O5 NAG T . -49.80 -2.67 17.34
O6 NAG T . -49.59 -1.66 19.67
O7 NAG T . -48.16 -7.20 16.54
C1 NAG T . -53.43 -4.23 19.89
C2 NAG T . -54.60 -3.34 20.33
C3 NAG T . -55.04 -3.58 21.75
C4 NAG T . -55.24 -5.07 22.01
C5 NAG T . -53.93 -5.81 21.71
C6 NAG T . -54.05 -7.31 21.95
C7 NAG T . -54.51 -1.26 19.06
C8 NAG T . -54.30 0.22 19.12
N2 NAG T . -54.30 -1.92 20.19
O3 NAG T . -56.27 -2.87 21.92
O4 NAG T . -55.67 -5.26 23.36
O5 NAG T . -53.54 -5.58 20.35
O6 NAG T . -54.69 -7.97 20.85
O7 NAG T . -54.86 -1.84 18.03
C1 NAG U . 24.14 -41.53 -54.11
C2 NAG U . 24.29 -41.76 -52.58
C3 NAG U . 23.72 -40.64 -51.71
C4 NAG U . 24.03 -39.27 -52.28
C5 NAG U . 23.70 -39.20 -53.77
C6 NAG U . 23.94 -37.82 -54.38
C7 NAG U . 22.36 -43.46 -52.16
C8 NAG U . 21.21 -42.58 -52.55
N2 NAG U . 23.64 -43.05 -52.20
O1 NAG U . 25.00 -42.42 -54.82
O3 NAG U . 24.27 -40.75 -50.38
O4 NAG U . 23.23 -38.32 -51.57
O5 NAG U . 24.48 -40.18 -54.47
O6 NAG U . 25.23 -37.35 -54.01
O7 NAG U . 22.15 -44.60 -51.79
C1 GAL U . 23.88 -37.55 -50.57
C2 GAL U . 22.87 -37.06 -49.55
C3 GAL U . 23.57 -36.04 -48.66
C4 GAL U . 24.76 -36.70 -47.97
C5 GAL U . 25.60 -37.60 -48.89
C6 GAL U . 26.32 -38.63 -48.02
O2 GAL U . 21.73 -36.48 -50.18
O3 GAL U . 22.69 -35.54 -47.64
O4 GAL U . 24.22 -37.47 -46.90
O5 GAL U . 24.85 -38.32 -49.86
O6 GAL U . 27.43 -39.19 -48.72
C1 SIA U . 29.38 -38.44 -47.59
C2 SIA U . 28.50 -39.66 -47.88
C3 SIA U . 29.32 -40.73 -48.60
C4 SIA U . 30.38 -41.27 -47.66
C5 SIA U . 29.69 -41.87 -46.46
C6 SIA U . 28.87 -40.76 -45.79
C7 SIA U . 28.15 -41.12 -44.50
C8 SIA U . 27.15 -40.05 -44.06
C9 SIA U . 26.77 -40.35 -42.61
C10 SIA U . 30.71 -43.19 -44.67
C11 SIA U . 31.95 -43.45 -43.88
N5 SIA U . 30.80 -42.24 -45.59
O1A SIA U . 30.24 -38.11 -48.45
O1B SIA U . 29.24 -37.78 -46.53
O4 SIA U . 31.24 -42.21 -48.30
O6 SIA U . 27.91 -40.29 -46.73
O7 SIA U . 27.41 -42.32 -44.65
O8 SIA U . 27.69 -38.73 -44.20
O9 SIA U . 25.92 -39.31 -42.14
O10 SIA U . 29.67 -43.83 -44.48
C1 NAG V . 29.00 -8.42 -22.64
C2 NAG V . 27.73 -8.92 -23.30
C3 NAG V . 27.80 -8.69 -24.81
C4 NAG V . 28.27 -7.30 -25.20
C5 NAG V . 29.58 -7.01 -24.46
C6 NAG V . 30.21 -5.66 -24.75
C7 NAG V . 26.54 -10.93 -22.40
C8 NAG V . 26.56 -12.45 -22.45
N2 NAG V . 27.54 -10.36 -23.10
O3 NAG V . 26.52 -8.92 -25.38
O4 NAG V . 28.47 -7.24 -26.62
O5 NAG V . 29.27 -7.09 -23.08
O6 NAG V . 29.37 -4.62 -24.25
O7 NAG V . 25.69 -10.32 -21.78
C1 NAG V . 27.66 -6.25 -27.28
C2 NAG V . 28.36 -5.85 -28.58
C3 NAG V . 27.44 -5.09 -29.55
C4 NAG V . 26.02 -5.66 -29.64
C5 NAG V . 25.48 -5.88 -28.22
C6 NAG V . 24.06 -6.45 -28.19
C7 NAG V . 30.77 -5.27 -28.77
C8 NAG V . 31.83 -4.25 -28.43
N2 NAG V . 29.54 -5.02 -28.31
O3 NAG V . 28.03 -5.06 -30.86
O4 NAG V . 25.16 -4.78 -30.39
O5 NAG V . 26.35 -6.77 -27.51
O6 NAG V . 23.39 -5.94 -27.04
O7 NAG V . 31.07 -6.25 -29.45
CA CA W . -30.34 -6.80 -0.81
C1 NAG X . -47.93 3.88 -5.30
C2 NAG X . -49.16 3.29 -6.02
C3 NAG X . -49.14 3.48 -7.55
C4 NAG X . -48.90 4.93 -7.96
C5 NAG X . -47.67 5.43 -7.19
C6 NAG X . -47.44 6.93 -7.38
C7 NAG X . -50.32 1.37 -5.11
C8 NAG X . -50.36 -0.13 -5.10
N2 NAG X . -49.28 1.88 -5.76
O3 NAG X . -50.38 3.06 -8.12
O4 NAG X . -48.78 5.03 -9.40
O5 NAG X . -47.81 5.22 -5.78
O6 NAG X . -48.35 7.67 -6.56
O7 NAG X . -51.19 2.08 -4.57
C1 NAG Y . 1.46 47.60 10.33
C2 NAG Y . 2.84 46.96 10.09
C3 NAG Y . 4.04 47.91 10.19
C4 NAG Y . 3.68 49.34 9.79
C5 NAG Y . 2.42 49.73 10.58
C6 NAG Y . 2.12 51.24 10.62
C7 NAG Y . 3.25 44.61 10.80
C8 NAG Y . 3.43 43.71 12.00
N2 NAG Y . 3.04 45.90 11.09
O3 NAG Y . 5.09 47.44 9.34
O4 NAG Y . 4.78 50.20 10.07
O5 NAG Y . 1.34 48.99 10.00
O6 NAG Y . 2.76 51.93 9.54
O7 NAG Y . 3.28 44.19 9.66
C1 SIA Z . -81.02 -22.36 0.93
C2 SIA Z . -81.78 -23.59 0.46
C3 SIA Z . -83.03 -23.25 -0.32
C4 SIA Z . -82.67 -22.63 -1.66
C5 SIA Z . -81.70 -23.54 -2.43
C6 SIA Z . -80.48 -23.92 -1.58
C7 SIA Z . -79.58 -24.98 -2.23
C8 SIA Z . -78.61 -25.74 -1.30
C9 SIA Z . -77.23 -25.12 -1.20
C10 SIA Z . -81.13 -23.51 -4.84
C11 SIA Z . -80.70 -22.64 -5.99
N5 SIA Z . -81.31 -22.88 -3.68
O1A SIA Z . -79.81 -22.39 1.00
O1B SIA Z . -81.63 -21.36 1.24
O2 SIA Z . -82.14 -24.35 1.57
O4 SIA Z . -83.85 -22.39 -2.41
O6 SIA Z . -80.91 -24.45 -0.31
O7 SIA Z . -80.39 -25.96 -2.88
O8 SIA Z . -79.15 -25.82 0.02
O9 SIA Z . -77.12 -24.28 -0.06
O10 SIA Z . -81.30 -24.72 -4.98
CA CA AA . -52.13 3.63 -3.09
CA CA BA . 46.26 -19.51 -18.46
C1 NAG CA . 80.03 32.75 -8.51
C2 NAG CA . 81.31 33.59 -8.50
C3 NAG CA . 82.32 32.85 -9.38
C4 NAG CA . 82.55 31.43 -8.86
C5 NAG CA . 81.27 30.71 -8.38
C6 NAG CA . 81.64 29.57 -7.43
C7 NAG CA . 81.11 36.02 -8.09
C8 NAG CA . 81.49 37.39 -8.60
N2 NAG CA . 81.26 34.99 -8.93
O3 NAG CA . 83.55 33.59 -9.40
O4 NAG CA . 83.17 30.68 -9.91
O5 NAG CA . 80.31 31.57 -7.75
O6 NAG CA . 81.69 30.02 -6.07
O7 NAG CA . 80.77 35.89 -6.93
#